data_6TGB
#
_entry.id   6TGB
#
_cell.length_a   1.00
_cell.length_b   1.00
_cell.length_c   1.00
_cell.angle_alpha   90.00
_cell.angle_beta   90.00
_cell.angle_gamma   90.00
#
_symmetry.space_group_name_H-M   'P 1'
#
loop_
_entity.id
_entity.type
_entity.pdbx_description
1 polymer 'Dedicator of cytokinesis protein 2'
2 polymer 'Engulfment and cell motility protein 1'
#
loop_
_entity_poly.entity_id
_entity_poly.type
_entity_poly.pdbx_seq_one_letter_code
_entity_poly.pdbx_strand_id
1 'polypeptide(L)'
;MAPWRKADKERHGVAIYNFQGSGAPQLSLQIGDVVRIQETCGDWYRGYLIKHKMLQGIFPKSFIHIKEVTVEKRRNTENI
IPAEIPLAQEVTTTLWEWGSIWKQLYVASKKERFLQVQSMMYDLMEWRSQLLSGTLPKDELKELKQKVTSKIDYGNKILE
LDLIVRDEDGNILDPDNTSVISLFHAHEEATDKITERIKEEMSKDQP(UNK)(UNK)(UNK)(UNK)(UNK)(UNK)
(UNK)(UNK)(UNK)(UNK)(UNK)(UNK)(UNK)(UNK)(UNK)(UNK)(UNK)(UNK)(UNK)(UNK)(UNK)(UNK)
(UNK)(UNK)(UNK)(UNK)(UNK)(UNK)(UNK)(UNK)(UNK)(UNK)(UNK)(UNK)(UNK)(UNK)(UNK)(UNK)
(UNK)(UNK)(UNK)(UNK)(UNK)(UNK)(UNK)(UNK)(UNK)(UNK)(UNK)(UNK)(UNK)(UNK)(UNK)(UNK)
(UNK)(UNK)(UNK)(UNK)(UNK)(UNK)(UNK)(UNK)(UNK)(UNK)(UNK)(UNK)(UNK)(UNK)(UNK)(UNK)
(UNK)(UNK)(UNK)(UNK)(UNK)(UNK)(UNK)(UNK)(UNK)(UNK)(UNK)(UNK)(UNK)(UNK)(UNK)(UNK)
(UNK)(UNK)(UNK)(UNK)(UNK)(UNK)(UNK)(UNK)(UNK)(UNK)(UNK)(UNK)(UNK)(UNK)(UNK)(UNK)
(UNK)(UNK)(UNK)(UNK)(UNK)(UNK)(UNK)(UNK)(UNK)(UNK)(UNK)(UNK)(UNK)(UNK)(UNK)(UNK)
(UNK)(UNK)(UNK)(UNK)(UNK)(UNK)(UNK)(UNK)(UNK)(UNK)(UNK)(UNK)(UNK)(UNK)(UNK)(UNK)
(UNK)(UNK)(UNK)(UNK)(UNK)(UNK)(UNK)(UNK)(UNK)(UNK)(UNK)(UNK)(UNK)(UNK)(UNK)(UNK)
(UNK)(UNK)(UNK)(UNK)(UNK)(UNK)(UNK)(UNK)(UNK)(UNK)(UNK)(UNK)(UNK)(UNK)(UNK)(UNK)
(UNK)(UNK)(UNK)(UNK)(UNK)(UNK)(UNK)(UNK)(UNK)(UNK)(UNK)(UNK)(UNK)(UNK)(UNK)(UNK)
(UNK)(UNK)(UNK)(UNK)(UNK)(UNK)(UNK)(UNK)(UNK)(UNK)(UNK)(UNK)(UNK)(UNK)(UNK)(UNK)
(UNK)(UNK)(UNK)(UNK)(UNK)(UNK)GFPEIIMPGDVRNDIYITLLQGDFDKYNKTTQRNVEVIMCVCAEDGKTLP
NAICVGAGDKPMNEYRSVVYYQVKQPRWMETVKVAVPIEDMQRIHLRFMFRHRSSLESKDKGEKNFAMSYVKLMKEDGTT
LHDGFHDLVVLKGDSKKMEDASAYLTLPSYRHHVENKGATLSRSSSSVGGLSVSSRDVFSISTLVCST(UNK)(UNK)
(UNK)(UNK)(UNK)(UNK)(UNK)(UNK)(UNK)(UNK)(UNK)(UNK)(UNK)(UNK)(UNK)(UNK)(UNK)(UNK)
(UNK)(UNK)(UNK)(UNK)(UNK)(UNK)(UNK)(UNK)(UNK)(UNK)(UNK)(UNK)(UNK)(UNK)(UNK)(UNK)
(UNK)(UNK)(UNK)(UNK)(UNK)(UNK)(UNK)(UNK)(UNK)(UNK)(UNK)(UNK)(UNK)(UNK)(UNK)IMMEH
SQSDEYDILVFDALIYIIGLIADRKFQ(UNK)(UNK)(UNK)(UNK)(UNK)(UNK)(UNK)(UNK)(UNK)(UNK)
(UNK)(UNK)(UNK)(UNK)(UNK)(UNK)(UNK)(UNK)(UNK)(UNK)(UNK)(UNK)(UNK)(UNK)(UNK)(UNK)
(UNK)(UNK)(UNK)(UNK)(UNK)(UNK)(UNK)(UNK)(UNK)(UNK)(UNK)(UNK)(UNK)(UNK)(UNK)(UNK)
(UNK)(UNK)(UNK)(UNK)(UNK)(UNK)(UNK)(UNK)(UNK)(UNK)(UNK)(UNK)(UNK)(UNK)(UNK)(UNK)
(UNK)(UNK)(UNK)(UNK)(UNK)(UNK)(UNK)(UNK)(UNK)(UNK)(UNK)(UNK)(UNK)(UNK)(UNK)(UNK)
(UNK)(UNK)(UNK)(UNK)(UNK)(UNK)(UNK)(UNK)(UNK)(UNK)(UNK)(UNK)(UNK)(UNK)(UNK)(UNK)
(UNK)(UNK)(UNK)(UNK)(UNK)(UNK)(UNK)(UNK)(UNK)(UNK)(UNK)(UNK)(UNK)(UNK)(UNK)(UNK)
(UNK)(UNK)(UNK)(UNK)(UNK)(UNK)(UNK)(UNK)(UNK)(UNK)(UNK)(UNK)(UNK)(UNK)(UNK)(UNK)
(UNK)(UNK)(UNK)(UNK)(UNK)(UNK)(UNK)(UNK)(UNK)(UNK)(UNK)(UNK)(UNK)(UNK)(UNK)(UNK)
(UNK)(UNK)(UNK)(UNK)(UNK)(UNK)(UNK)(UNK)(UNK)(UNK)(UNK)(UNK)(UNK)(UNK)(UNK)(UNK)
(UNK)(UNK)(UNK)(UNK)(UNK)(UNK)(UNK)(UNK)(UNK)(UNK)(UNK)(UNK)(UNK)(UNK)(UNK)(UNK)
(UNK)(UNK)(UNK)(UNK)(UNK)(UNK)(UNK)(UNK)(UNK)(UNK)(UNK)(UNK)(UNK)(UNK)(UNK)(UNK)
(UNK)(UNK)(UNK)(UNK)(UNK)(UNK)(UNK)(UNK)(UNK)(UNK)(UNK)(UNK)(UNK)(UNK)(UNK)(UNK)
(UNK)(UNK)(UNK)(UNK)(UNK)(UNK)(UNK)(UNK)(UNK)(UNK)(UNK)(UNK)(UNK)(UNK)(UNK)(UNK)
(UNK)(UNK)(UNK)(UNK)(UNK)(UNK)(UNK)(UNK)(UNK)(UNK)(UNK)(UNK)(UNK)(UNK)(UNK)(UNK)
(UNK)(UNK)(UNK)(UNK)(UNK)(UNK)(UNK)(UNK)(UNK)(UNK)(UNK)(UNK)(UNK)(UNK)(UNK)(UNK)
(UNK)(UNK)(UNK)(UNK)(UNK)(UNK)(UNK)(UNK)(UNK)(UNK)(UNK)(UNK)(UNK)(UNK)(UNK)(UNK)
(UNK)(UNK)(UNK)(UNK)(UNK)SSELVDFLMETFIMFKDLIGKNVYPGDWMAMSMVQNRVFLRAINKFAETMNQKFL
EHTNFEFQLWNNYFHLAVAFITQDSLQLEQFSHAKYNKILNKYGDMRRLIGFSIRDMWYKLGQNKICFIPGMVGPILEMT
LIPEAELRKATIPIFFDMMLCEYQRSGDFKKFENEIILKLDHEVEGGRGDEQYMQLLESILMECAAEHPTIAKSVENFVN
LVKGLLEKLLDYRGVMTDESKDNRMSCTVNLLNFYKDNNREEMYIRYLYKLRDLHLDCDNYTEAAYTLLLHTWLLKWSDE
QCASQVMQTGQQHPQTHRQLKETLYETIIGYFDKGKMWEEAISLCKELAEQYEMEIFDYELLSQNLIQQAKFYESIMKIL
RPKPDYFAVGYYGQGFPSFLRNKVFIYRGKEYERREDFQMQLMTQFPNAEKMNTTSAPGDDVKNAPGQYIQCFTVQPVLD
EHPRFKNKPVPDQIINFYKSNYVQRFHYSRPVRRGTVDPENEFASMWIERTSFVTAYKLPGILRWFEVVHMSQTTISPLE
NAIETMSTANEKILMMINQYQSDETLPINPLSMLLNGIVDPAVMGGFAKYEKAFFTEEYVRDHPEDQDKLTHLKDLIAWQ
IPFLGAGIKIHEKRVSDNLRPFHDRMEECFKNLKMKVEKEYGVREMPDFDDRRVGRPRSMLRSYRQMSIISLASMNSDCS
TPSKPTSESFDLELASPKTPRVEQEEPISPGSTLPEVKLRRSKKRTKRSSVVFADEKAAAESDLKRLSRKHEFMSDTNLS
EHAAIPLKASVLSQMSFASQSMPTIPALALSVAGIPGLDEANTSPRLSQTFLQLSDGDKKTLTRKKVNQFFKTMLASKSA
EEGKQIPDSLSTDL
;
A,D
2 'polypeptide(L)'
;MPPPADIVKVAIEWPGAYPKLMEIDQKKPLSAIIKEVCDGWSLANHEYFALQHADSSNFYITEKNRNEIKNGTILRLTTS
PAQNAQQLHERIQSSSMDAKLEALKDLASLSRDVTFAQEFINLDGISLLTQMVESGTELYQKLQKIMKPCFGDMLSFTLT
AFVELMDHGIVSWDTFSVAFIKKIASFVNKSAIDISILQRSLAILESMVLNSHDLYQKVAQEITIGQLIPHLQGSDQEIQ
TYTIAVINALFLKAPDERRQEMANILAQKQLRSIILTHVIRAQRAINNEMAHQLYVLQVLTFNLLEDRMMTKMDPQDQAQ
RDIIFELRRIAFDAESEPNNSSGSMEKRKSMYTRDYKKLGFINHVNPAMDFTQTPPGMLALDNMLYFAKHHQDAYIRIVL
ENSSREDKHECPFGRSSIELTKMLCEILKVGELPSETCNDFHPMFFTHDRSFEEFFCICIQLLNKTWKEMRATSEDFNKV
MQVVKEQVMRALTTKPSSLDQFKSKLQNLSYTEILKIRQSERMNQEDFQSRPILELKEKIQPEILELIKQQRLNRLVEGT
CFRKLNARRRQDKFWYCRLSPNHKVLHYGDLEESPQGEVPHDSLQDKLPVADIKAVVTGKDCPHMKEKGALKQNKEVLEL
AFSILYDSNCQLNFIAPDKHEYCIWTDGLNALLGKDMMSDLTRNDLDTLLSMEIKLRLLDLENIQIPDAPPPIPKEPSNY
DFVYDCN
;
B
#
# COMPACT_ATOMS: atom_id res chain seq x y z
N MET A 1 52.58 -24.84 32.37
CA MET A 1 52.52 -23.61 33.15
C MET A 1 53.29 -22.49 32.44
N ALA A 2 52.75 -21.27 32.45
CA ALA A 2 53.49 -20.12 31.93
C ALA A 2 52.91 -18.84 32.47
N PRO A 3 53.72 -17.83 32.74
CA PRO A 3 53.16 -16.50 32.99
C PRO A 3 52.36 -16.05 31.77
N TRP A 4 51.47 -15.09 31.99
CA TRP A 4 50.57 -14.69 30.92
C TRP A 4 51.14 -13.45 30.22
N ARG A 5 52.00 -13.68 29.22
CA ARG A 5 52.66 -12.65 28.41
C ARG A 5 52.10 -12.68 26.97
N LYS A 6 51.70 -11.32 26.16
CA LYS A 6 50.89 -10.34 25.08
C LYS A 6 50.78 -10.59 23.57
N ALA A 7 49.59 -11.04 23.13
CA ALA A 7 49.32 -11.18 21.72
C ALA A 7 48.77 -9.88 21.20
N ASP A 8 49.44 -8.78 21.56
CA ASP A 8 49.12 -7.52 20.94
C ASP A 8 49.49 -7.53 19.47
N LYS A 9 50.59 -8.21 19.16
CA LYS A 9 51.14 -8.36 17.82
C LYS A 9 50.39 -9.41 17.02
N GLU A 10 50.09 -10.54 17.64
CA GLU A 10 49.26 -11.55 17.00
C GLU A 10 47.87 -10.99 16.89
N ARG A 11 47.70 -9.92 16.10
CA ARG A 11 46.51 -9.10 16.29
C ARG A 11 45.26 -9.90 16.01
N HIS A 12 45.00 -10.23 14.75
CA HIS A 12 43.75 -10.88 14.40
C HIS A 12 44.07 -12.16 13.67
N GLY A 13 43.90 -13.26 14.38
CA GLY A 13 44.25 -14.56 13.83
C GLY A 13 43.28 -14.95 12.74
N VAL A 14 43.80 -15.64 11.72
CA VAL A 14 42.99 -16.30 10.70
C VAL A 14 43.35 -17.77 10.70
N ALA A 15 42.35 -18.62 10.95
CA ALA A 15 42.58 -20.04 11.15
C ALA A 15 42.81 -20.70 9.80
N ILE A 16 44.08 -20.97 9.49
CA ILE A 16 44.39 -21.76 8.31
C ILE A 16 43.82 -23.16 8.44
N TYR A 17 43.24 -23.49 9.59
CA TYR A 17 42.52 -24.76 9.71
C TYR A 17 41.67 -24.80 10.98
N ASN A 18 41.00 -25.93 11.19
CA ASN A 18 39.97 -26.16 12.20
C ASN A 18 40.59 -26.69 13.48
N PHE A 19 40.70 -25.87 14.52
CA PHE A 19 41.07 -26.42 15.82
C PHE A 19 39.81 -26.76 16.59
N GLN A 20 39.47 -28.04 16.60
CA GLN A 20 38.34 -28.46 17.40
C GLN A 20 38.81 -28.68 18.83
N GLY A 21 38.76 -27.61 19.61
CA GLY A 21 39.12 -27.64 21.01
C GLY A 21 37.95 -27.89 21.91
N SER A 22 37.93 -27.15 23.02
CA SER A 22 36.96 -27.34 24.08
C SER A 22 36.09 -26.11 24.30
N GLY A 23 36.36 -25.01 23.63
CA GLY A 23 35.71 -23.80 24.07
C GLY A 23 36.57 -23.23 25.18
N ALA A 24 36.26 -23.62 26.40
CA ALA A 24 37.02 -23.18 27.56
C ALA A 24 38.02 -24.24 27.98
N PRO A 25 39.30 -23.90 28.10
CA PRO A 25 39.73 -22.62 27.54
C PRO A 25 40.10 -22.84 26.09
N GLN A 26 40.03 -24.07 25.60
CA GLN A 26 40.44 -24.38 24.22
C GLN A 26 39.38 -23.83 23.27
N LEU A 27 39.53 -22.56 22.87
CA LEU A 27 38.58 -22.01 21.93
C LEU A 27 38.63 -22.82 20.65
N SER A 28 37.62 -23.65 20.44
CA SER A 28 37.58 -24.50 19.27
C SER A 28 37.60 -23.64 18.01
N LEU A 29 38.61 -23.83 17.19
CA LEU A 29 38.72 -23.11 15.95
C LEU A 29 38.14 -23.94 14.82
N GLN A 30 37.30 -23.32 14.01
CA GLN A 30 36.99 -23.90 12.73
C GLN A 30 38.09 -23.44 11.77
N ILE A 31 37.93 -23.72 10.48
CA ILE A 31 38.93 -23.29 9.51
C ILE A 31 38.54 -21.92 9.00
N GLY A 32 39.48 -20.98 9.04
CA GLY A 32 39.21 -19.64 8.59
C GLY A 32 38.63 -18.72 9.63
N ASP A 33 39.16 -18.75 10.86
CA ASP A 33 38.54 -18.06 12.00
C ASP A 33 39.26 -16.73 12.24
N VAL A 34 38.67 -15.64 11.75
CA VAL A 34 39.29 -14.33 11.85
C VAL A 34 39.06 -13.79 13.26
N VAL A 35 40.08 -13.88 14.09
CA VAL A 35 39.92 -13.62 15.50
C VAL A 35 40.98 -12.63 15.93
N ARG A 36 40.55 -11.52 16.54
CA ARG A 36 41.57 -10.72 17.19
C ARG A 36 42.17 -11.60 18.26
N ILE A 37 43.39 -12.04 18.02
CA ILE A 37 44.12 -12.80 19.00
C ILE A 37 44.69 -11.78 19.97
N GLN A 38 43.98 -11.55 21.05
CA GLN A 38 44.52 -10.66 22.06
C GLN A 38 45.46 -11.39 23.01
N GLU A 39 45.31 -12.71 23.12
CA GLU A 39 46.12 -13.52 24.02
C GLU A 39 46.68 -14.69 23.23
N THR A 40 47.94 -15.05 23.50
CA THR A 40 48.47 -16.34 23.09
C THR A 40 48.59 -17.24 24.32
N CYS A 41 48.97 -18.50 24.09
CA CYS A 41 49.75 -19.26 25.09
C CYS A 41 50.61 -20.23 24.29
N GLY A 42 51.77 -19.77 23.86
CA GLY A 42 52.56 -20.57 22.94
C GLY A 42 51.68 -21.15 21.86
N ASP A 43 51.53 -22.45 21.88
CA ASP A 43 50.58 -23.12 21.00
C ASP A 43 49.25 -23.21 21.74
N TRP A 44 48.94 -22.18 22.50
CA TRP A 44 47.58 -21.83 22.82
C TRP A 44 47.41 -20.38 22.44
N TYR A 45 46.27 -19.81 22.82
CA TYR A 45 46.04 -18.42 22.52
C TYR A 45 45.08 -17.86 23.55
N ARG A 46 44.48 -16.72 23.23
CA ARG A 46 43.06 -16.53 23.42
C ARG A 46 42.71 -15.34 22.53
N GLY A 47 42.26 -15.63 21.31
CA GLY A 47 41.80 -14.64 20.38
C GLY A 47 40.32 -14.87 20.13
N TYR A 48 39.68 -13.85 19.59
CA TYR A 48 38.24 -13.95 19.52
C TYR A 48 37.75 -13.49 18.17
N LEU A 49 36.67 -14.12 17.75
CA LEU A 49 36.09 -13.84 16.46
C LEU A 49 35.80 -12.36 16.32
N ILE A 50 36.04 -11.87 15.11
CA ILE A 50 35.78 -10.48 14.80
C ILE A 50 34.33 -10.14 15.09
N LYS A 51 33.43 -11.09 14.89
CA LYS A 51 32.01 -10.82 15.10
C LYS A 51 31.43 -11.66 16.22
N HIS A 52 32.29 -12.26 17.03
CA HIS A 52 31.87 -13.08 18.16
C HIS A 52 32.77 -12.75 19.34
N LYS A 53 32.81 -11.47 19.67
CA LYS A 53 33.79 -10.82 20.55
C LYS A 53 34.16 -11.63 21.80
N MET A 54 33.23 -11.87 22.70
CA MET A 54 33.64 -12.55 23.92
C MET A 54 33.67 -14.06 23.76
N LEU A 55 33.27 -14.56 22.59
CA LEU A 55 33.48 -15.97 22.33
C LEU A 55 34.98 -16.17 22.16
N GLN A 56 35.66 -16.40 23.26
CA GLN A 56 37.11 -16.37 23.28
C GLN A 56 37.63 -17.33 24.34
N GLY A 57 38.44 -18.28 23.91
CA GLY A 57 39.26 -19.07 24.80
C GLY A 57 40.64 -19.23 24.21
N ILE A 58 41.50 -19.93 24.96
CA ILE A 58 42.80 -20.25 24.41
C ILE A 58 42.65 -21.21 23.24
N PHE A 59 43.58 -21.15 22.31
CA PHE A 59 43.53 -22.11 21.21
C PHE A 59 44.91 -22.22 20.60
N PRO A 60 45.31 -23.40 20.16
CA PRO A 60 46.71 -23.60 19.81
C PRO A 60 47.17 -22.65 18.72
N LYS A 61 48.44 -22.26 18.83
CA LYS A 61 49.10 -21.55 17.75
C LYS A 61 49.13 -22.35 16.47
N SER A 62 48.68 -23.61 16.53
CA SER A 62 48.76 -24.53 15.41
C SER A 62 48.26 -23.93 14.12
N PHE A 63 46.97 -23.66 14.05
CA PHE A 63 46.33 -23.26 12.82
C PHE A 63 46.33 -21.77 12.66
N ILE A 64 47.35 -21.11 13.18
CA ILE A 64 47.31 -19.70 13.37
C ILE A 64 48.34 -19.09 12.43
N HIS A 65 47.92 -18.83 11.20
CA HIS A 65 48.63 -17.94 10.30
C HIS A 65 48.33 -16.54 10.80
N ILE A 66 49.10 -16.08 11.78
CA ILE A 66 48.94 -14.72 12.24
C ILE A 66 49.26 -13.83 11.05
N LYS A 67 48.23 -13.23 10.48
CA LYS A 67 48.42 -12.18 9.50
C LYS A 67 48.29 -10.86 10.24
N GLU A 68 49.24 -9.97 10.02
CA GLU A 68 49.18 -8.67 10.64
C GLU A 68 48.14 -7.84 9.94
N VAL A 69 47.09 -7.45 10.69
CA VAL A 69 45.90 -6.85 10.10
C VAL A 69 45.94 -5.33 10.17
N ILE A 81 50.23 -2.94 7.40
CA ILE A 81 48.86 -2.79 6.96
C ILE A 81 48.70 -1.62 5.98
N PRO A 82 48.81 -1.91 4.68
CA PRO A 82 48.66 -0.86 3.67
C PRO A 82 47.22 -0.41 3.56
N ALA A 83 46.98 0.90 3.73
CA ALA A 83 45.63 1.43 3.81
C ALA A 83 44.72 0.85 2.75
N GLU A 84 45.30 0.47 1.62
CA GLU A 84 44.67 -0.46 0.70
C GLU A 84 44.07 -1.64 1.45
N ILE A 85 44.83 -2.21 2.37
CA ILE A 85 44.39 -3.41 3.07
C ILE A 85 43.27 -3.11 4.06
N PRO A 86 43.29 -1.98 4.78
CA PRO A 86 42.04 -1.55 5.42
C PRO A 86 40.95 -1.63 4.40
N LEU A 87 41.09 -0.81 3.36
CA LEU A 87 40.11 -0.81 2.27
C LEU A 87 39.68 -2.22 1.93
N ALA A 88 40.61 -3.15 1.97
CA ALA A 88 40.28 -4.53 1.72
C ALA A 88 39.34 -5.05 2.78
N GLN A 89 39.77 -4.95 4.03
CA GLN A 89 38.89 -5.26 5.15
C GLN A 89 37.54 -4.61 4.96
N GLU A 90 37.52 -3.52 4.24
CA GLU A 90 36.31 -2.74 4.26
C GLU A 90 35.38 -3.24 3.19
N VAL A 91 35.90 -3.37 1.98
CA VAL A 91 35.20 -4.14 0.97
C VAL A 91 34.73 -5.43 1.56
N THR A 92 35.49 -5.96 2.48
CA THR A 92 35.17 -7.21 3.12
C THR A 92 33.89 -7.03 3.88
N THR A 93 34.00 -6.33 5.01
CA THR A 93 32.85 -5.92 5.80
C THR A 93 31.66 -5.61 4.92
N THR A 94 31.94 -4.94 3.83
CA THR A 94 30.96 -4.48 2.89
C THR A 94 30.19 -5.68 2.42
N LEU A 95 30.88 -6.48 1.63
CA LEU A 95 30.20 -7.56 0.98
C LEU A 95 29.75 -8.60 1.99
N TRP A 96 30.31 -8.58 3.20
CA TRP A 96 29.70 -9.31 4.29
C TRP A 96 28.26 -8.91 4.41
N GLU A 97 28.06 -7.65 4.80
CA GLU A 97 26.73 -7.12 4.89
C GLU A 97 25.97 -7.38 3.61
N TRP A 98 26.67 -7.31 2.51
CA TRP A 98 26.01 -7.45 1.23
C TRP A 98 25.42 -8.83 1.11
N GLY A 99 26.20 -9.84 1.41
CA GLY A 99 25.68 -11.18 1.44
C GLY A 99 24.52 -11.28 2.39
N SER A 100 24.62 -10.62 3.52
CA SER A 100 23.52 -10.74 4.48
C SER A 100 22.27 -10.21 3.83
N ILE A 101 22.25 -8.91 3.61
CA ILE A 101 21.13 -8.25 2.95
C ILE A 101 20.75 -8.99 1.70
N TRP A 102 21.67 -9.75 1.21
CA TRP A 102 21.55 -10.21 -0.13
C TRP A 102 20.81 -11.51 -0.18
N LYS A 103 21.24 -12.46 0.63
CA LYS A 103 20.40 -13.55 1.05
C LYS A 103 19.03 -13.03 1.45
N GLN A 104 18.96 -11.81 1.96
CA GLN A 104 17.63 -11.33 2.27
C GLN A 104 16.85 -11.08 1.00
N LEU A 105 17.43 -10.37 0.04
CA LEU A 105 16.83 -10.30 -1.29
C LEU A 105 16.41 -11.69 -1.74
N TYR A 106 17.26 -12.67 -1.45
CA TYR A 106 16.96 -14.04 -1.82
C TYR A 106 15.61 -14.44 -1.27
N VAL A 107 15.48 -14.40 0.04
CA VAL A 107 14.17 -14.52 0.65
C VAL A 107 13.20 -13.57 -0.04
N ALA A 108 13.61 -12.31 -0.16
CA ALA A 108 12.76 -11.31 -0.78
C ALA A 108 12.55 -11.57 -2.25
N SER A 109 13.31 -12.49 -2.84
CA SER A 109 13.14 -12.86 -4.23
C SER A 109 13.49 -11.69 -5.14
N LYS A 110 14.24 -10.74 -4.61
CA LYS A 110 14.80 -9.69 -5.44
C LYS A 110 16.03 -10.22 -6.19
N LYS A 111 15.82 -11.36 -6.82
CA LYS A 111 16.93 -12.10 -7.39
C LYS A 111 17.61 -11.31 -8.46
N GLU A 112 16.85 -10.50 -9.18
CA GLU A 112 17.39 -9.54 -10.11
C GLU A 112 18.44 -8.66 -9.47
N ARG A 113 18.03 -7.82 -8.53
CA ARG A 113 19.02 -7.02 -7.82
C ARG A 113 19.97 -7.93 -7.08
N PHE A 114 19.51 -9.09 -6.70
CA PHE A 114 20.37 -10.01 -5.98
C PHE A 114 21.61 -10.32 -6.79
N LEU A 115 21.43 -11.07 -7.87
CA LEU A 115 22.51 -11.35 -8.79
C LEU A 115 23.23 -10.08 -9.17
N GLN A 116 22.50 -8.98 -9.23
CA GLN A 116 23.13 -7.73 -9.58
C GLN A 116 24.27 -7.47 -8.62
N VAL A 117 23.94 -7.43 -7.34
CA VAL A 117 24.97 -7.34 -6.31
C VAL A 117 26.01 -8.41 -6.52
N GLN A 118 25.56 -9.65 -6.69
CA GLN A 118 26.46 -10.79 -6.91
C GLN A 118 27.62 -10.37 -7.78
N SER A 119 27.28 -9.99 -8.99
CA SER A 119 28.26 -9.52 -9.96
C SER A 119 29.15 -8.44 -9.36
N MET A 120 28.52 -7.46 -8.72
CA MET A 120 29.27 -6.35 -8.17
C MET A 120 30.34 -6.86 -7.24
N MET A 121 29.92 -7.49 -6.18
CA MET A 121 30.84 -8.10 -5.25
C MET A 121 31.87 -8.94 -5.96
N TYR A 122 31.50 -9.61 -7.05
CA TYR A 122 32.46 -10.46 -7.74
C TYR A 122 33.62 -9.64 -8.25
N ASP A 123 33.32 -8.69 -9.11
CA ASP A 123 34.36 -7.81 -9.61
C ASP A 123 35.07 -7.11 -8.47
N LEU A 124 34.37 -6.92 -7.38
CA LEU A 124 34.98 -6.28 -6.23
C LEU A 124 36.05 -7.18 -5.67
N MET A 125 35.77 -8.46 -5.57
CA MET A 125 36.80 -9.43 -5.21
C MET A 125 37.96 -9.31 -6.16
N GLU A 126 37.64 -9.23 -7.44
CA GLU A 126 38.68 -9.07 -8.43
C GLU A 126 39.56 -7.89 -8.06
N TRP A 127 38.96 -6.73 -7.97
CA TRP A 127 39.80 -5.57 -7.77
C TRP A 127 40.42 -5.58 -6.41
N ARG A 128 39.84 -6.32 -5.47
CA ARG A 128 40.53 -6.57 -4.22
C ARG A 128 41.84 -7.26 -4.50
N SER A 129 41.82 -8.23 -5.39
CA SER A 129 43.05 -8.86 -5.85
C SER A 129 43.95 -7.83 -6.51
N GLN A 130 43.50 -7.30 -7.64
CA GLN A 130 44.25 -6.28 -8.37
C GLN A 130 44.92 -5.29 -7.45
N LEU A 131 44.21 -4.83 -6.45
CA LEU A 131 44.77 -3.88 -5.51
C LEU A 131 45.79 -4.56 -4.63
N LEU A 132 45.36 -5.52 -3.86
CA LEU A 132 46.32 -6.24 -3.05
C LEU A 132 47.17 -7.18 -3.87
N SER A 133 47.03 -7.16 -5.19
CA SER A 133 48.15 -7.62 -6.01
C SER A 133 49.36 -6.75 -5.78
N GLY A 134 49.14 -5.45 -5.57
CA GLY A 134 50.24 -4.52 -5.41
C GLY A 134 51.11 -4.40 -6.64
N THR A 135 50.58 -4.80 -7.77
CA THR A 135 51.32 -4.95 -9.00
C THR A 135 51.00 -3.86 -10.00
N LEU A 136 49.92 -3.14 -9.79
CA LEU A 136 49.41 -2.25 -10.79
C LEU A 136 50.09 -0.89 -10.71
N PRO A 137 50.34 -0.26 -11.85
CA PRO A 137 50.97 1.06 -11.82
C PRO A 137 50.14 2.06 -11.06
N LYS A 138 50.75 3.22 -10.83
CA LYS A 138 50.19 4.14 -9.85
C LYS A 138 48.90 4.74 -10.35
N ASP A 139 48.86 5.12 -11.62
CA ASP A 139 47.60 5.45 -12.26
C ASP A 139 46.61 4.32 -12.08
N GLU A 140 47.05 3.09 -12.38
CA GLU A 140 46.21 1.92 -12.22
C GLU A 140 45.70 1.83 -10.78
N LEU A 141 46.61 2.00 -9.82
CA LEU A 141 46.26 2.03 -8.41
C LEU A 141 45.10 2.97 -8.14
N LYS A 142 45.37 4.26 -8.28
CA LYS A 142 44.38 5.24 -7.90
C LYS A 142 43.11 4.98 -8.66
N GLU A 143 43.24 4.72 -9.96
CA GLU A 143 42.10 4.54 -10.84
C GLU A 143 41.15 3.51 -10.29
N LEU A 144 41.64 2.28 -10.18
CA LEU A 144 40.77 1.22 -9.72
C LEU A 144 40.11 1.64 -8.43
N LYS A 145 40.90 2.13 -7.48
CA LYS A 145 40.33 2.45 -6.18
C LYS A 145 39.18 3.43 -6.32
N GLN A 146 39.40 4.48 -7.08
CA GLN A 146 38.36 5.47 -7.28
C GLN A 146 37.11 4.78 -7.78
N LYS A 147 37.26 4.06 -8.87
CA LYS A 147 36.10 3.44 -9.47
C LYS A 147 35.41 2.54 -8.48
N VAL A 148 36.18 1.85 -7.66
CA VAL A 148 35.58 0.95 -6.69
C VAL A 148 34.73 1.74 -5.72
N THR A 149 35.30 2.78 -5.15
CA THR A 149 34.52 3.62 -4.26
C THR A 149 33.23 4.04 -4.94
N SER A 150 33.35 4.58 -6.14
CA SER A 150 32.17 5.06 -6.85
C SER A 150 31.11 3.99 -6.88
N LYS A 151 31.48 2.83 -7.41
CA LYS A 151 30.53 1.74 -7.53
C LYS A 151 29.93 1.38 -6.19
N ILE A 152 30.80 1.05 -5.24
CA ILE A 152 30.36 0.45 -4.00
C ILE A 152 29.46 1.40 -3.26
N ASP A 153 29.73 2.66 -3.36
CA ASP A 153 28.97 3.62 -2.62
C ASP A 153 27.69 3.97 -3.33
N TYR A 154 27.69 3.92 -4.66
CA TYR A 154 26.43 3.86 -5.36
C TYR A 154 25.61 2.71 -4.82
N GLY A 155 26.27 1.62 -4.50
CA GLY A 155 25.62 0.54 -3.82
C GLY A 155 25.01 1.09 -2.55
N ASN A 156 25.87 1.47 -1.63
CA ASN A 156 25.49 1.99 -0.32
C ASN A 156 24.27 2.86 -0.42
N LYS A 157 24.24 3.61 -1.50
CA LYS A 157 23.07 4.38 -1.87
C LYS A 157 21.93 3.41 -1.97
N ILE A 158 21.98 2.56 -2.98
CA ILE A 158 20.92 1.61 -3.20
C ILE A 158 21.04 0.55 -2.13
N LEU A 159 22.00 0.75 -1.22
CA LEU A 159 22.21 -0.14 -0.11
C LEU A 159 22.24 0.57 1.24
N GLU A 160 21.76 1.79 1.31
CA GLU A 160 21.32 2.36 2.58
C GLU A 160 22.42 2.33 3.62
N LEU A 161 23.66 2.39 3.19
CA LEU A 161 24.75 2.37 4.13
C LEU A 161 25.57 3.65 4.05
N ASP A 162 26.06 4.07 5.22
CA ASP A 162 26.74 5.34 5.35
C ASP A 162 28.16 5.24 4.81
N LEU A 163 28.70 6.35 4.33
CA LEU A 163 29.92 6.27 3.55
C LEU A 163 31.15 6.67 4.34
N ILE A 164 32.27 6.77 3.63
CA ILE A 164 33.60 6.80 4.23
C ILE A 164 34.36 8.00 3.70
N VAL A 165 35.07 8.68 4.60
CA VAL A 165 35.99 9.73 4.21
C VAL A 165 37.08 9.15 3.33
N ARG A 166 37.78 10.02 2.60
CA ARG A 166 38.98 9.57 1.91
C ARG A 166 40.02 9.22 2.96
N ASP A 167 40.23 7.94 3.19
CA ASP A 167 41.05 7.51 4.30
C ASP A 167 41.99 6.41 3.88
N PRO A 175 38.00 11.66 8.25
CA PRO A 175 38.22 10.53 9.13
C PRO A 175 38.00 10.97 10.56
N ASP A 176 37.29 12.08 10.70
CA ASP A 176 36.59 12.43 11.92
C ASP A 176 37.51 12.71 13.09
N ASN A 177 38.82 12.61 12.89
CA ASN A 177 39.70 13.12 13.92
C ASN A 177 39.38 14.58 14.16
N THR A 178 39.60 15.40 13.14
CA THR A 178 39.20 16.79 13.21
C THR A 178 39.13 17.34 11.80
N SER A 179 37.90 17.55 11.31
CA SER A 179 37.64 18.45 10.19
C SER A 179 36.61 19.51 10.53
N VAL A 180 35.42 19.10 10.96
CA VAL A 180 34.42 19.95 11.59
C VAL A 180 33.80 20.89 10.59
N ILE A 181 34.44 21.10 9.45
CA ILE A 181 33.72 21.64 8.32
C ILE A 181 34.20 20.96 7.07
N SER A 182 35.51 20.73 6.99
CA SER A 182 36.02 19.85 5.97
C SER A 182 35.16 18.62 5.98
N LEU A 183 34.89 18.14 7.18
CA LEU A 183 33.73 17.32 7.48
C LEU A 183 32.56 17.64 6.58
N PHE A 184 32.09 18.88 6.63
CA PHE A 184 30.93 19.17 5.84
C PHE A 184 31.20 18.84 4.40
N HIS A 185 32.23 19.47 3.85
CA HIS A 185 32.52 19.30 2.44
C HIS A 185 32.59 17.84 2.11
N ALA A 186 33.05 17.06 3.06
CA ALA A 186 33.07 15.63 2.87
C ALA A 186 31.68 15.15 2.57
N HIS A 187 30.79 15.27 3.54
CA HIS A 187 29.43 14.82 3.31
C HIS A 187 28.88 15.46 2.07
N GLU A 188 29.36 16.65 1.77
CA GLU A 188 28.83 17.43 0.68
C GLU A 188 29.08 16.69 -0.60
N GLU A 189 30.35 16.65 -0.99
CA GLU A 189 30.72 15.92 -2.17
C GLU A 189 30.27 14.49 -2.08
N ALA A 190 30.04 14.01 -0.87
CA ALA A 190 29.49 12.68 -0.70
C ALA A 190 28.13 12.61 -1.36
N THR A 191 27.20 13.41 -0.86
CA THR A 191 25.90 13.47 -1.48
C THR A 191 26.02 13.84 -2.95
N ASP A 192 27.03 14.63 -3.30
CA ASP A 192 27.19 15.06 -4.69
C ASP A 192 27.44 13.87 -5.60
N LYS A 193 28.49 13.12 -5.31
CA LYS A 193 28.74 11.88 -6.01
C LYS A 193 27.56 10.93 -5.88
N ILE A 194 26.92 10.93 -4.73
CA ILE A 194 25.79 10.05 -4.52
C ILE A 194 24.73 10.31 -5.56
N THR A 195 24.32 11.57 -5.68
CA THR A 195 23.31 11.92 -6.65
C THR A 195 23.80 11.69 -8.06
N GLU A 196 25.06 12.03 -8.30
CA GLU A 196 25.63 11.78 -9.62
C GLU A 196 25.45 10.32 -9.99
N ARG A 197 25.67 9.42 -9.04
CA ARG A 197 25.59 7.98 -9.32
C ARG A 197 24.15 7.51 -9.37
N ILE A 198 23.28 8.14 -8.59
CA ILE A 198 21.87 7.80 -8.70
C ILE A 198 21.36 8.10 -10.10
N LYS A 199 21.63 9.31 -10.59
CA LYS A 199 21.25 9.67 -11.94
C LYS A 199 22.02 8.83 -12.95
N GLU A 200 23.23 8.45 -12.61
CA GLU A 200 23.99 7.56 -13.47
C GLU A 200 23.29 6.22 -13.64
N GLU A 201 22.89 5.60 -12.53
CA GLU A 201 22.16 4.34 -12.61
C GLU A 201 20.81 4.56 -13.27
N MET A 202 20.19 5.70 -13.03
CA MET A 202 18.91 6.01 -13.65
C MET A 202 19.04 6.01 -15.17
N SER A 203 19.97 6.79 -15.69
CA SER A 203 20.26 6.72 -17.11
C SER A 203 20.70 5.32 -17.50
N LYS A 204 21.32 4.57 -16.59
CA LYS A 204 21.79 3.24 -16.91
C LYS A 204 20.63 2.31 -17.23
N ASP A 205 19.56 2.40 -16.45
CA ASP A 205 18.33 1.75 -16.86
C ASP A 205 17.70 2.49 -18.04
N GLN A 206 17.86 3.81 -18.10
CA GLN A 206 17.29 4.60 -19.18
C GLN A 206 17.97 4.34 -20.52
N PRO A 207 18.90 3.39 -20.59
CA PRO A 207 19.54 3.03 -21.84
C PRO A 207 18.51 2.40 -22.78
N UNK A 279 20.94 9.85 -21.99
CA UNK A 279 21.23 9.69 -23.41
C UNK A 279 22.51 8.92 -23.60
N UNK A 280 23.12 9.08 -24.76
CA UNK A 280 24.35 8.37 -25.11
C UNK A 280 24.94 9.04 -26.34
N UNK A 281 25.94 8.39 -26.95
CA UNK A 281 26.68 9.01 -28.04
C UNK A 281 27.22 7.93 -28.98
N UNK A 282 26.87 8.05 -30.26
CA UNK A 282 27.45 7.26 -31.34
C UNK A 282 27.18 8.02 -32.65
N UNK A 283 27.52 7.41 -33.78
CA UNK A 283 27.23 8.04 -35.06
C UNK A 283 27.44 7.05 -36.19
N UNK A 284 26.40 6.80 -36.93
CA UNK A 284 26.52 5.98 -38.12
C UNK A 284 27.01 6.89 -39.23
N UNK A 285 26.92 6.38 -40.45
CA UNK A 285 27.26 7.15 -41.64
C UNK A 285 26.89 6.29 -42.83
N UNK A 286 26.98 6.87 -44.02
CA UNK A 286 26.86 6.07 -45.23
C UNK A 286 28.25 6.01 -45.80
N UNK A 287 29.07 5.13 -45.26
CA UNK A 287 30.45 5.06 -45.67
C UNK A 287 30.54 4.64 -47.13
N UNK A 288 31.71 4.85 -47.72
CA UNK A 288 31.85 4.74 -49.16
C UNK A 288 32.84 3.68 -49.61
N UNK A 289 34.11 3.80 -49.24
CA UNK A 289 35.11 3.10 -50.04
C UNK A 289 36.50 3.25 -49.45
N UNK A 290 37.47 2.75 -50.22
CA UNK A 290 38.85 2.66 -49.81
C UNK A 290 39.70 2.67 -51.07
N UNK A 291 40.96 2.29 -50.93
CA UNK A 291 41.92 2.21 -52.03
C UNK A 291 42.17 0.74 -52.30
N UNK A 292 41.36 0.16 -53.19
CA UNK A 292 41.41 -1.28 -53.45
C UNK A 292 42.58 -1.60 -54.38
N UNK A 293 43.75 -1.09 -54.00
CA UNK A 293 44.96 -1.33 -54.78
C UNK A 293 45.14 -2.79 -55.09
N UNK A 294 44.69 -3.66 -54.19
CA UNK A 294 44.84 -5.10 -54.28
C UNK A 294 43.76 -5.67 -55.19
N UNK A 295 43.73 -7.00 -55.24
CA UNK A 295 42.65 -7.76 -55.85
C UNK A 295 42.36 -9.00 -55.03
N UNK A 296 42.52 -8.91 -53.71
CA UNK A 296 42.28 -10.04 -52.83
C UNK A 296 41.43 -9.63 -51.63
N UNK A 297 40.92 -10.65 -50.94
CA UNK A 297 39.80 -10.49 -50.04
C UNK A 297 40.23 -10.22 -48.61
N UNK A 298 39.60 -9.23 -47.96
CA UNK A 298 39.94 -8.89 -46.59
C UNK A 298 38.67 -8.58 -45.80
N UNK A 299 38.43 -9.36 -44.75
CA UNK A 299 37.42 -9.01 -43.77
C UNK A 299 38.04 -8.12 -42.70
N UNK A 300 37.41 -6.98 -42.46
CA UNK A 300 38.05 -5.91 -41.70
C UNK A 300 36.99 -5.05 -41.07
N UNK A 301 37.38 -4.22 -40.11
CA UNK A 301 36.50 -3.24 -39.50
C UNK A 301 37.31 -2.03 -39.03
N UNK A 302 36.62 -1.08 -38.40
CA UNK A 302 37.31 0.05 -37.76
C UNK A 302 37.54 -0.28 -36.28
N UNK A 303 38.26 0.59 -35.57
CA UNK A 303 38.79 0.23 -34.26
C UNK A 303 38.39 1.22 -33.18
N UNK A 304 38.48 0.76 -31.93
CA UNK A 304 38.28 1.56 -30.73
C UNK A 304 39.17 1.01 -29.62
N UNK A 305 39.54 1.87 -28.66
CA UNK A 305 40.45 1.53 -27.57
C UNK A 305 40.45 2.68 -26.57
N UNK A 306 41.39 2.65 -25.62
CA UNK A 306 41.59 3.71 -24.65
C UNK A 306 42.86 4.50 -24.97
N UNK A 307 42.94 5.71 -24.41
CA UNK A 307 44.20 6.46 -24.49
C UNK A 307 45.31 5.66 -23.84
N UNK A 308 44.97 4.93 -22.77
CA UNK A 308 45.86 3.90 -22.27
C UNK A 308 46.15 2.89 -23.36
N UNK A 309 45.10 2.39 -24.02
CA UNK A 309 45.29 1.42 -25.08
C UNK A 309 45.97 2.06 -26.28
N UNK A 310 45.30 3.04 -26.89
CA UNK A 310 45.83 3.82 -28.01
C UNK A 310 46.28 2.94 -29.18
N UNK A 311 45.99 1.65 -29.12
CA UNK A 311 46.26 0.72 -30.21
C UNK A 311 45.30 -0.45 -29.98
N UNK A 312 45.54 -1.56 -30.67
CA UNK A 312 44.54 -2.62 -30.67
C UNK A 312 44.36 -3.23 -29.29
N UNK A 313 43.58 -2.55 -28.43
CA UNK A 313 43.14 -3.11 -27.17
C UNK A 313 41.63 -3.09 -27.06
N UNK A 314 40.96 -3.03 -28.20
CA UNK A 314 39.62 -3.59 -28.36
C UNK A 314 39.59 -4.28 -29.71
N UNK A 315 38.41 -4.74 -30.16
CA UNK A 315 38.30 -5.70 -31.26
C UNK A 315 37.93 -5.04 -32.59
N UNK A 316 37.56 -5.87 -33.57
CA UNK A 316 37.07 -5.42 -34.87
C UNK A 316 35.57 -5.66 -34.96
N UNK A 317 34.83 -4.65 -35.43
CA UNK A 317 33.38 -4.65 -35.34
C UNK A 317 32.74 -5.54 -36.41
N UNK A 318 31.40 -5.61 -36.33
CA UNK A 318 30.59 -6.51 -37.14
C UNK A 318 30.56 -6.08 -38.60
N UNK A 319 31.67 -6.26 -39.29
CA UNK A 319 31.86 -5.66 -40.61
C UNK A 319 32.00 -6.72 -41.69
N UNK A 320 30.99 -6.78 -42.55
CA UNK A 320 31.04 -7.57 -43.77
C UNK A 320 32.10 -7.03 -44.72
N UNK A 321 33.21 -7.76 -44.86
CA UNK A 321 34.32 -7.27 -45.65
C UNK A 321 35.06 -8.44 -46.28
N UNK A 322 35.64 -8.15 -47.44
CA UNK A 322 36.36 -9.08 -48.30
C UNK A 322 36.90 -8.25 -49.45
N UNK A 323 37.44 -8.90 -50.47
CA UNK A 323 37.60 -8.22 -51.76
C UNK A 323 36.20 -7.95 -52.26
N UNK A 324 35.48 -9.02 -52.56
CA UNK A 324 34.04 -8.93 -52.68
C UNK A 324 33.54 -8.81 -51.25
N UNK A 325 33.68 -7.59 -50.73
CA UNK A 325 33.43 -7.24 -49.35
C UNK A 325 31.94 -7.16 -49.11
N UNK A 326 31.58 -6.31 -48.16
CA UNK A 326 30.24 -5.75 -48.15
C UNK A 326 29.72 -5.66 -49.57
N UNK A 327 30.52 -5.11 -50.48
CA UNK A 327 30.25 -5.09 -51.90
C UNK A 327 31.18 -6.07 -52.61
N UNK A 328 31.17 -6.06 -53.92
CA UNK A 328 32.16 -6.77 -54.73
C UNK A 328 33.47 -6.01 -54.70
N UNK A 329 34.28 -6.20 -55.73
CA UNK A 329 35.58 -5.52 -55.85
C UNK A 329 35.55 -4.39 -56.91
N UNK A 330 36.50 -3.42 -56.85
CA UNK A 330 36.67 -2.35 -57.84
C UNK A 330 38.14 -1.99 -58.07
N UNK A 331 38.45 -1.73 -59.35
CA UNK A 331 39.79 -1.89 -59.92
C UNK A 331 40.92 -1.53 -58.98
N UNK A 332 40.88 -0.33 -58.41
CA UNK A 332 41.57 -0.12 -57.15
C UNK A 332 40.84 0.83 -56.22
N UNK A 333 39.73 1.39 -56.62
CA UNK A 333 38.85 2.13 -55.73
C UNK A 333 37.67 1.21 -55.37
N UNK A 334 36.55 1.74 -54.85
CA UNK A 334 35.49 0.88 -54.30
C UNK A 334 34.09 1.52 -54.29
N UNK A 335 33.08 0.75 -54.73
CA UNK A 335 31.65 1.13 -54.69
C UNK A 335 31.02 0.64 -53.38
N UNK A 336 29.68 0.55 -53.31
CA UNK A 336 29.01 0.45 -52.00
C UNK A 336 28.11 -0.78 -51.88
N UNK A 337 28.21 -1.49 -50.74
CA UNK A 337 27.21 -2.42 -50.24
C UNK A 337 27.35 -2.62 -48.71
N UNK A 338 26.92 -3.78 -48.23
CA UNK A 338 26.47 -3.92 -46.85
C UNK A 338 27.59 -4.21 -45.84
N UNK A 339 27.91 -3.22 -45.00
CA UNK A 339 28.79 -3.40 -43.85
C UNK A 339 28.39 -2.38 -42.78
N UNK A 340 29.27 -2.20 -41.78
CA UNK A 340 29.06 -1.28 -40.65
C UNK A 340 30.41 -0.76 -40.14
N UNK A 341 30.41 0.40 -39.44
CA UNK A 341 31.61 1.24 -39.19
C UNK A 341 31.91 1.42 -37.68
N UNK A 342 33.20 1.65 -37.36
CA UNK A 342 33.69 1.60 -35.95
C UNK A 342 34.73 2.66 -35.56
N UNK A 343 34.45 3.94 -35.78
CA UNK A 343 35.28 4.96 -35.13
C UNK A 343 34.83 5.18 -33.67
N UNK A 344 35.30 6.27 -33.05
CA UNK A 344 34.92 6.60 -31.67
C UNK A 344 35.15 8.08 -31.40
N UNK A 345 34.59 8.57 -30.28
CA UNK A 345 34.84 9.96 -29.86
C UNK A 345 35.40 10.15 -28.46
N UNK A 346 34.66 9.71 -27.43
CA UNK A 346 35.17 9.81 -26.07
C UNK A 346 36.44 9.00 -25.93
N UNK A 347 36.73 8.17 -26.93
CA UNK A 347 38.04 7.60 -27.14
C UNK A 347 38.72 8.20 -28.36
N UNK A 348 38.08 8.12 -29.53
CA UNK A 348 38.79 8.55 -30.73
C UNK A 348 38.61 10.03 -31.04
N UNK A 349 37.97 10.79 -30.17
CA UNK A 349 38.09 12.24 -30.16
C UNK A 349 38.56 12.75 -28.80
N UNK A 350 38.66 11.86 -27.83
CA UNK A 350 39.23 12.19 -26.53
C UNK A 350 40.46 11.37 -26.21
N UNK A 351 40.36 10.04 -26.22
CA UNK A 351 41.53 9.22 -25.90
C UNK A 351 42.56 9.33 -27.02
N UNK A 352 43.72 8.72 -26.79
CA UNK A 352 44.82 8.87 -27.72
C UNK A 352 44.48 8.08 -28.98
N UNK A 353 43.56 8.64 -29.78
CA UNK A 353 42.96 7.88 -30.86
C UNK A 353 42.26 8.81 -31.86
N UNK A 354 41.76 8.18 -32.93
CA UNK A 354 41.05 8.85 -34.02
C UNK A 354 40.21 7.78 -34.72
N UNK A 355 39.71 8.07 -35.92
CA UNK A 355 38.76 7.14 -36.52
C UNK A 355 39.48 5.87 -36.92
N UNK A 356 39.79 5.05 -35.92
CA UNK A 356 40.76 3.98 -36.05
C UNK A 356 40.18 2.83 -36.88
N UNK A 357 40.98 1.79 -37.07
CA UNK A 357 40.67 0.69 -37.97
C UNK A 357 41.18 -0.61 -37.37
N UNK A 358 40.27 -1.51 -37.03
CA UNK A 358 40.60 -2.86 -36.59
C UNK A 358 40.30 -3.78 -37.77
N UNK A 359 41.30 -4.01 -38.60
CA UNK A 359 41.15 -4.69 -39.87
C UNK A 359 41.87 -6.01 -39.85
N UNK A 360 41.25 -7.06 -40.38
CA UNK A 360 41.95 -8.31 -40.66
C UNK A 360 42.22 -8.37 -42.16
N UNK A 361 43.22 -7.62 -42.59
CA UNK A 361 43.48 -7.39 -44.02
C UNK A 361 44.09 -8.63 -44.64
N UNK A 362 43.25 -9.52 -45.16
CA UNK A 362 43.69 -10.66 -45.94
C UNK A 362 43.71 -10.36 -47.43
N UNK A 363 43.68 -9.08 -47.81
CA UNK A 363 43.88 -8.73 -49.19
C UNK A 363 45.34 -8.96 -49.57
N UNK A 364 45.59 -8.92 -50.87
CA UNK A 364 46.87 -9.33 -51.42
C UNK A 364 48.06 -8.63 -50.77
N UNK A 365 47.85 -11.97 -49.60
CA UNK A 365 46.42 -12.12 -49.33
C UNK A 365 46.16 -12.73 -47.96
N UNK A 366 46.96 -12.31 -46.97
CA UNK A 366 46.97 -12.90 -45.64
C UNK A 366 46.52 -11.85 -44.63
N UNK A 367 45.61 -12.23 -43.74
CA UNK A 367 45.05 -11.33 -42.73
C UNK A 367 46.14 -10.63 -41.96
N UNK A 368 46.23 -9.31 -42.11
CA UNK A 368 47.21 -8.54 -41.39
C UNK A 368 46.48 -7.36 -40.74
N UNK A 369 46.61 -7.25 -39.43
CA UNK A 369 45.91 -6.22 -38.64
C UNK A 369 46.86 -5.08 -38.26
N UNK A 370 47.33 -4.36 -39.27
CA UNK A 370 48.31 -3.29 -39.06
C UNK A 370 47.69 -1.90 -39.02
N UNK A 371 46.37 -1.79 -38.93
CA UNK A 371 45.74 -0.53 -39.26
C UNK A 371 45.81 0.37 -38.04
N UNK A 372 46.77 1.29 -38.06
CA UNK A 372 46.86 2.37 -37.10
C UNK A 372 46.59 3.64 -37.89
N UNK A 373 45.30 3.94 -38.07
CA UNK A 373 44.87 4.98 -38.99
C UNK A 373 44.66 6.29 -38.25
N UNK A 374 45.38 7.35 -38.66
CA UNK A 374 45.16 8.68 -38.09
C UNK A 374 44.08 9.44 -38.87
N UNK A 375 42.98 8.76 -39.10
CA UNK A 375 41.78 9.42 -39.59
C UNK A 375 41.23 10.21 -38.42
N UNK A 376 41.57 11.49 -38.37
CA UNK A 376 41.54 12.19 -37.10
C UNK A 376 40.12 12.39 -36.59
N UNK A 377 39.49 11.30 -36.14
CA UNK A 377 38.23 11.46 -35.42
C UNK A 377 38.44 12.29 -34.17
N UNK A 378 39.63 12.17 -33.59
CA UNK A 378 40.07 13.18 -32.65
C UNK A 378 39.73 14.56 -33.18
N UNK A 379 40.38 14.92 -34.28
CA UNK A 379 40.09 16.19 -34.93
C UNK A 379 38.77 16.17 -35.67
N UNK A 380 37.96 15.13 -35.53
CA UNK A 380 36.63 15.15 -36.09
C UNK A 380 35.55 15.01 -35.02
N UNK A 381 35.62 13.98 -34.20
CA UNK A 381 34.44 13.60 -33.46
C UNK A 381 34.16 14.52 -32.29
N UNK A 382 35.18 15.19 -31.76
CA UNK A 382 34.95 16.01 -30.58
C UNK A 382 33.89 17.06 -30.85
N UNK A 383 33.81 17.53 -32.08
CA UNK A 383 32.82 18.52 -32.45
C UNK A 383 31.48 17.87 -32.73
N UNK A 384 30.45 18.70 -32.77
CA UNK A 384 29.16 18.30 -33.30
C UNK A 384 29.13 18.67 -34.79
N UNK A 385 30.17 18.25 -35.49
CA UNK A 385 30.44 18.67 -36.87
C UNK A 385 29.81 17.69 -37.84
N UNK A 386 28.59 18.00 -38.29
CA UNK A 386 27.80 17.14 -39.16
C UNK A 386 27.66 17.71 -40.58
N UNK A 387 28.71 18.31 -41.12
CA UNK A 387 28.61 19.06 -42.37
C UNK A 387 28.46 18.13 -43.57
N UNK A 388 28.48 18.71 -44.76
CA UNK A 388 28.29 17.94 -45.98
C UNK A 388 29.59 17.31 -46.46
N UNK A 389 30.32 16.66 -45.55
CA UNK A 389 31.23 15.61 -45.95
C UNK A 389 30.49 14.30 -46.06
N UNK A 390 29.27 14.26 -45.53
CA UNK A 390 28.30 13.23 -45.84
C UNK A 390 27.83 13.29 -47.27
N UNK A 391 28.36 14.23 -48.04
CA UNK A 391 27.99 14.39 -49.45
C UNK A 391 28.61 13.24 -50.25
N UNK A 392 28.51 13.34 -51.58
CA UNK A 392 28.96 12.28 -52.47
C UNK A 392 30.48 12.25 -52.42
N UNK A 393 31.00 11.78 -51.30
CA UNK A 393 32.42 11.58 -51.09
C UNK A 393 32.69 10.07 -51.05
N UNK A 394 33.39 9.56 -52.06
CA UNK A 394 33.52 8.12 -52.25
C UNK A 394 34.77 7.80 -53.05
N UNK A 395 35.12 6.51 -53.07
CA UNK A 395 36.37 6.00 -53.66
C UNK A 395 36.11 4.75 -54.51
N UNK A 396 35.26 4.86 -55.53
CA UNK A 396 34.87 3.73 -56.38
C UNK A 396 35.65 3.66 -57.69
N UNK A 397 36.22 2.49 -57.97
CA UNK A 397 36.78 2.21 -59.28
C UNK A 397 35.74 1.48 -60.10
N UNK A 398 34.52 2.01 -60.07
CA UNK A 398 33.39 1.37 -60.72
C UNK A 398 33.25 1.90 -62.13
N UNK A 399 44.11 0.76 -46.97
CA UNK A 399 43.39 1.36 -48.10
C UNK A 399 42.75 2.66 -47.67
N UNK A 400 42.04 3.31 -48.59
CA UNK A 400 41.45 4.61 -48.30
C UNK A 400 40.26 4.42 -47.39
N UNK A 401 39.49 5.48 -47.18
CA UNK A 401 38.37 5.43 -46.25
C UNK A 401 37.48 6.63 -46.50
N UNK A 402 36.25 6.55 -45.99
CA UNK A 402 35.25 7.59 -46.16
C UNK A 402 34.01 7.22 -45.36
N UNK A 403 33.10 8.20 -45.25
CA UNK A 403 31.80 7.98 -44.61
C UNK A 403 30.87 9.13 -44.94
N UNK A 404 29.57 8.86 -44.89
CA UNK A 404 28.54 9.89 -45.11
C UNK A 404 27.69 9.96 -43.86
N UNK A 405 27.98 10.95 -43.03
CA UNK A 405 27.64 10.96 -41.62
C UNK A 405 26.18 10.59 -41.37
N UNK A 406 25.99 9.76 -40.37
CA UNK A 406 24.72 9.61 -39.69
C UNK A 406 24.98 9.72 -38.20
N UNK A 407 24.67 10.87 -37.64
CA UNK A 407 25.07 11.22 -36.27
C UNK A 407 24.26 10.33 -35.33
N UNK A 408 24.37 9.03 -35.55
CA UNK A 408 23.54 8.05 -34.88
C UNK A 408 23.97 7.99 -33.42
N UNK A 409 23.67 9.10 -32.72
CA UNK A 409 24.03 9.22 -31.32
C UNK A 409 23.60 7.99 -30.52
N UNK A 410 22.45 7.41 -30.84
CA UNK A 410 21.96 6.21 -30.16
C UNK A 410 21.86 6.42 -28.66
N UNK A 411 21.10 7.43 -28.23
CA UNK A 411 21.02 7.85 -26.83
C UNK A 411 20.58 6.71 -25.90
N GLY A 412 41.42 13.22 -40.89
CA GLY A 412 40.00 13.52 -41.07
C GLY A 412 39.69 14.97 -41.48
N PHE A 413 39.96 15.96 -40.60
CA PHE A 413 39.64 17.36 -40.86
C PHE A 413 40.77 18.33 -40.50
N PRO A 414 41.70 17.94 -39.65
CA PRO A 414 42.77 18.81 -39.24
C PRO A 414 42.21 20.03 -38.50
N GLU A 415 41.61 19.77 -37.34
CA GLU A 415 41.13 20.87 -36.51
C GLU A 415 42.16 21.23 -35.45
N ILE A 416 42.72 20.21 -34.81
CA ILE A 416 43.63 20.36 -33.69
C ILE A 416 42.99 21.19 -32.59
N ILE A 417 41.67 21.16 -32.54
CA ILE A 417 40.94 21.85 -31.50
C ILE A 417 41.30 21.28 -30.14
N MET A 418 41.02 22.06 -29.08
CA MET A 418 41.49 21.73 -27.74
C MET A 418 42.98 21.40 -27.81
N PRO A 419 43.74 22.47 -28.00
CA PRO A 419 44.89 22.49 -28.90
C PRO A 419 45.64 21.18 -29.06
N GLY A 420 46.06 20.57 -27.98
CA GLY A 420 46.93 19.43 -28.13
C GLY A 420 48.26 19.87 -28.71
N ASP A 421 49.15 18.91 -29.00
CA ASP A 421 50.56 19.22 -29.18
C ASP A 421 51.17 18.28 -30.22
N VAL A 422 51.07 18.64 -31.51
CA VAL A 422 51.73 17.92 -32.59
C VAL A 422 52.09 18.92 -33.67
N ARG A 423 53.32 18.83 -34.17
CA ARG A 423 53.75 19.71 -35.24
C ARG A 423 53.63 19.00 -36.57
N ASN A 424 53.69 19.79 -37.63
CA ASN A 424 53.77 19.28 -39.01
C ASN A 424 52.61 18.35 -39.31
N ASP A 425 51.44 18.95 -39.19
CA ASP A 425 50.16 18.34 -39.46
C ASP A 425 49.54 19.26 -40.51
N ILE A 426 49.74 18.92 -41.78
CA ILE A 426 49.71 19.90 -42.86
C ILE A 426 48.92 19.34 -44.03
N TYR A 427 47.64 19.69 -44.11
CA TYR A 427 46.82 19.30 -45.26
C TYR A 427 47.39 19.85 -46.54
N ILE A 428 47.58 18.96 -47.49
CA ILE A 428 47.87 19.33 -48.86
C ILE A 428 46.94 18.49 -49.72
N THR A 429 46.50 19.05 -50.85
CA THR A 429 45.93 18.25 -51.93
C THR A 429 45.56 19.09 -53.14
N LEU A 430 45.89 18.63 -54.34
CA LEU A 430 45.31 19.20 -55.55
C LEU A 430 43.97 18.52 -55.83
N LEU A 431 43.08 19.28 -56.44
CA LEU A 431 41.67 18.97 -56.35
C LEU A 431 40.98 18.67 -57.67
N GLN A 432 41.63 18.86 -58.80
CA GLN A 432 40.88 18.81 -60.04
C GLN A 432 41.50 17.79 -60.99
N GLY A 433 40.65 17.24 -61.83
CA GLY A 433 41.09 16.33 -62.86
C GLY A 433 40.52 16.66 -64.23
N ASP A 434 41.40 17.01 -65.17
CA ASP A 434 41.03 17.15 -66.58
C ASP A 434 42.20 16.58 -67.36
N PHE A 435 42.13 15.28 -67.67
CA PHE A 435 43.30 14.41 -67.91
C PHE A 435 43.99 14.70 -69.24
N ASP A 436 44.90 15.69 -69.22
CA ASP A 436 45.80 16.04 -70.32
C ASP A 436 45.01 16.53 -71.53
N LYS A 437 43.69 16.37 -71.47
CA LYS A 437 42.64 17.04 -72.22
C LYS A 437 41.36 16.37 -71.73
N TYR A 438 40.23 17.03 -71.93
CA TYR A 438 39.00 16.30 -71.64
C TYR A 438 39.01 15.19 -72.68
N ASN A 439 39.49 14.03 -72.26
CA ASN A 439 40.13 13.13 -73.20
C ASN A 439 39.23 12.78 -74.36
N LYS A 440 39.55 13.33 -75.52
CA LYS A 440 39.24 12.59 -76.72
C LYS A 440 39.89 11.21 -76.70
N THR A 441 40.86 11.02 -75.82
CA THR A 441 41.72 9.85 -75.71
C THR A 441 41.28 8.99 -74.53
N THR A 442 42.13 8.02 -74.20
CA THR A 442 42.01 7.32 -72.93
C THR A 442 41.85 8.34 -71.83
N GLN A 443 40.73 8.28 -71.12
CA GLN A 443 40.52 9.22 -70.04
C GLN A 443 41.28 8.76 -68.82
N ARG A 444 42.55 8.39 -69.01
CA ARG A 444 43.56 8.40 -67.95
C ARG A 444 43.14 7.75 -66.63
N ASN A 445 43.17 6.42 -66.52
CA ASN A 445 43.38 5.93 -65.16
C ASN A 445 44.51 6.81 -64.65
N VAL A 446 44.21 7.65 -63.67
CA VAL A 446 45.15 8.72 -63.32
C VAL A 446 46.48 8.11 -62.94
N GLU A 447 47.55 8.84 -63.20
CA GLU A 447 48.82 8.45 -62.60
C GLU A 447 49.56 9.75 -62.34
N VAL A 448 49.29 10.33 -61.18
CA VAL A 448 49.94 11.57 -60.83
C VAL A 448 51.36 11.23 -60.41
N ILE A 449 52.32 11.75 -61.13
CA ILE A 449 53.66 11.46 -60.68
C ILE A 449 53.93 12.40 -59.54
N MET A 450 53.52 11.99 -58.35
CA MET A 450 53.76 12.77 -57.15
C MET A 450 55.22 12.62 -56.77
N CYS A 451 56.07 13.55 -57.19
CA CYS A 451 57.47 13.45 -56.83
C CYS A 451 57.80 14.63 -55.95
N VAL A 452 58.14 14.34 -54.70
CA VAL A 452 58.79 15.35 -53.88
C VAL A 452 60.20 15.53 -54.40
N CYS A 453 60.47 16.69 -54.97
CA CYS A 453 61.73 16.89 -55.65
C CYS A 453 62.33 18.18 -55.16
N ALA A 454 63.62 18.35 -55.37
CA ALA A 454 64.17 19.66 -55.06
C ALA A 454 63.61 20.70 -56.00
N GLU A 455 63.91 21.95 -55.69
CA GLU A 455 63.56 23.02 -56.62
C GLU A 455 64.29 22.86 -57.95
N ASP A 456 65.29 21.99 -58.01
CA ASP A 456 65.76 21.50 -59.29
C ASP A 456 65.31 20.09 -59.56
N GLY A 457 64.23 19.66 -58.93
CA GLY A 457 63.65 18.38 -59.25
C GLY A 457 64.32 17.18 -58.64
N LYS A 458 65.25 17.37 -57.73
CA LYS A 458 65.93 16.22 -57.14
C LYS A 458 64.89 15.48 -56.32
N THR A 459 64.34 14.41 -56.88
CA THR A 459 63.13 13.84 -56.32
C THR A 459 63.38 13.22 -54.96
N LEU A 460 63.17 14.00 -53.92
CA LEU A 460 63.22 13.51 -52.56
C LEU A 460 62.20 12.39 -52.39
N PRO A 461 62.62 11.19 -52.02
CA PRO A 461 61.66 10.11 -51.78
C PRO A 461 61.09 10.15 -50.37
N ASN A 462 59.90 9.58 -50.24
CA ASN A 462 59.21 9.45 -48.96
C ASN A 462 58.98 10.82 -48.33
N ALA A 463 58.16 11.64 -49.01
CA ALA A 463 57.84 12.94 -48.44
C ALA A 463 56.39 13.37 -48.72
N ILE A 464 55.48 12.43 -48.94
CA ILE A 464 54.03 12.66 -48.90
C ILE A 464 53.41 11.42 -48.28
N CYS A 465 52.08 11.44 -48.12
CA CYS A 465 51.35 10.31 -47.57
C CYS A 465 50.42 9.71 -48.62
N VAL A 466 49.87 8.55 -48.28
CA VAL A 466 48.79 7.93 -49.03
C VAL A 466 47.84 7.26 -48.07
N GLY A 467 46.55 7.52 -48.24
CA GLY A 467 45.54 6.78 -47.48
C GLY A 467 45.67 6.93 -45.98
N ALA A 468 46.26 8.03 -45.54
CA ALA A 468 46.30 8.38 -44.13
C ALA A 468 46.98 7.29 -43.29
N GLY A 469 48.29 7.20 -43.46
CA GLY A 469 49.09 6.44 -42.54
C GLY A 469 49.35 5.01 -42.96
N ASP A 470 49.45 4.81 -44.26
CA ASP A 470 49.66 3.48 -44.80
C ASP A 470 50.91 3.41 -45.66
N LYS A 471 51.08 4.35 -46.59
CA LYS A 471 52.18 4.29 -47.57
C LYS A 471 53.23 5.34 -47.31
N PRO A 472 54.39 4.97 -46.81
CA PRO A 472 55.54 5.89 -46.81
C PRO A 472 56.25 5.85 -48.15
N MET A 473 56.04 6.89 -48.95
CA MET A 473 56.82 7.17 -50.13
C MET A 473 56.62 8.65 -50.43
N ASN A 474 57.32 9.11 -51.45
CA ASN A 474 56.94 10.38 -52.03
C ASN A 474 56.19 10.16 -53.32
N GLU A 475 56.63 9.19 -54.09
CA GLU A 475 56.04 8.94 -55.39
C GLU A 475 54.73 8.21 -55.18
N TYR A 476 53.64 8.89 -55.50
CA TYR A 476 52.29 8.40 -55.25
C TYR A 476 51.43 8.64 -56.48
N ARG A 477 51.48 7.71 -57.43
CA ARG A 477 50.69 7.84 -58.64
C ARG A 477 49.26 7.35 -58.37
N SER A 478 48.48 7.15 -59.43
CA SER A 478 47.05 6.91 -59.27
C SER A 478 46.63 5.56 -59.88
N VAL A 479 45.31 5.39 -60.01
CA VAL A 479 44.57 4.16 -59.66
C VAL A 479 44.21 3.19 -60.79
N VAL A 480 44.13 1.89 -60.46
CA VAL A 480 43.41 0.89 -61.25
C VAL A 480 41.95 1.28 -61.20
N TYR A 481 41.42 1.74 -62.32
CA TYR A 481 40.19 2.51 -62.31
C TYR A 481 39.58 2.60 -63.70
N TYR A 482 38.27 2.77 -63.75
CA TYR A 482 37.55 2.84 -65.02
C TYR A 482 36.96 4.23 -65.32
N GLN A 483 37.83 5.20 -65.64
CA GLN A 483 37.52 6.33 -66.56
C GLN A 483 36.45 7.39 -66.23
N VAL A 484 36.65 8.25 -65.23
CA VAL A 484 35.90 9.51 -65.12
C VAL A 484 36.87 10.69 -65.28
N LYS A 485 36.53 11.58 -66.22
CA LYS A 485 37.47 12.63 -66.66
C LYS A 485 37.80 13.60 -65.54
N GLN A 486 36.79 14.11 -64.85
CA GLN A 486 37.04 14.96 -63.68
C GLN A 486 36.64 14.24 -62.41
N PRO A 487 37.59 13.65 -61.70
CA PRO A 487 37.27 13.00 -60.42
C PRO A 487 36.84 14.02 -59.38
N ARG A 488 36.12 13.52 -58.40
CA ARG A 488 35.70 14.35 -57.29
C ARG A 488 36.86 14.73 -56.39
N TRP A 489 37.92 13.92 -56.37
CA TRP A 489 39.22 14.27 -55.80
C TRP A 489 39.15 14.64 -54.31
N MET A 490 38.80 13.63 -53.50
CA MET A 490 39.05 13.71 -52.07
C MET A 490 40.39 13.12 -51.69
N GLU A 491 41.37 13.15 -52.60
CA GLU A 491 42.65 12.49 -52.42
C GLU A 491 43.49 13.27 -51.40
N THR A 492 43.16 13.07 -50.14
CA THR A 492 43.83 13.75 -49.04
C THR A 492 45.33 13.44 -49.03
N VAL A 493 46.17 14.47 -49.06
CA VAL A 493 47.61 14.30 -48.77
C VAL A 493 48.03 15.36 -47.76
N LYS A 494 47.90 15.04 -46.49
CA LYS A 494 48.60 15.82 -45.48
C LYS A 494 50.08 15.53 -45.61
N VAL A 495 50.91 16.56 -45.52
CA VAL A 495 52.33 16.33 -45.71
C VAL A 495 53.10 16.93 -44.53
N ALA A 496 54.31 16.42 -44.33
CA ALA A 496 55.20 16.93 -43.28
C ALA A 496 56.64 16.57 -43.62
N VAL A 497 57.47 17.59 -43.85
CA VAL A 497 58.91 17.45 -44.10
C VAL A 497 59.61 18.37 -43.12
N PRO A 498 60.82 18.02 -42.69
CA PRO A 498 61.61 18.99 -41.92
C PRO A 498 61.53 20.34 -42.60
N ILE A 499 60.86 21.26 -41.91
CA ILE A 499 60.56 22.58 -42.48
C ILE A 499 61.75 23.09 -43.26
N GLU A 500 62.96 22.88 -42.71
CA GLU A 500 64.16 23.18 -43.46
C GLU A 500 64.14 22.50 -44.81
N ASP A 501 64.05 21.17 -44.80
CA ASP A 501 64.01 20.45 -46.06
C ASP A 501 62.83 20.89 -46.88
N MET A 502 61.69 21.10 -46.21
CA MET A 502 60.49 21.60 -46.87
C MET A 502 60.79 22.79 -47.76
N GLN A 503 61.43 23.81 -47.21
CA GLN A 503 61.49 25.12 -47.84
C GLN A 503 61.97 25.02 -49.27
N ARG A 504 63.21 24.59 -49.45
CA ARG A 504 63.94 24.75 -50.70
C ARG A 504 63.78 23.57 -51.63
N ILE A 505 62.65 22.89 -51.58
CA ILE A 505 62.29 21.87 -52.55
C ILE A 505 60.90 22.18 -53.05
N HIS A 506 60.53 21.60 -54.19
CA HIS A 506 59.17 21.74 -54.69
C HIS A 506 58.65 20.39 -55.16
N LEU A 507 57.56 20.42 -55.91
CA LEU A 507 56.81 19.21 -56.25
C LEU A 507 56.58 19.16 -57.75
N ARG A 508 57.57 18.65 -58.48
CA ARG A 508 57.43 18.51 -59.93
C ARG A 508 56.56 17.30 -60.20
N PHE A 509 55.26 17.51 -60.32
CA PHE A 509 54.36 16.38 -60.50
C PHE A 509 54.09 16.17 -61.98
N MET A 510 53.99 14.92 -62.36
CA MET A 510 53.70 14.55 -63.73
C MET A 510 52.54 13.58 -63.73
N PHE A 511 52.02 13.31 -64.93
CA PHE A 511 50.64 12.87 -65.08
C PHE A 511 50.49 11.94 -66.27
N ARG A 512 50.10 10.70 -66.00
CA ARG A 512 50.10 9.63 -66.97
C ARG A 512 48.73 8.96 -67.05
N HIS A 513 48.44 8.40 -68.22
CA HIS A 513 47.20 7.64 -68.47
C HIS A 513 47.44 6.15 -68.26
N ARG A 514 47.60 5.76 -67.00
CA ARG A 514 47.63 4.35 -66.69
C ARG A 514 46.27 3.71 -66.99
N SER A 515 46.29 2.42 -67.27
CA SER A 515 45.08 1.62 -67.39
C SER A 515 45.30 0.27 -66.74
N SER A 516 44.21 -0.47 -66.57
CA SER A 516 44.32 -1.85 -66.11
C SER A 516 45.42 -2.58 -66.88
N LEU A 517 45.47 -2.36 -68.19
CA LEU A 517 46.58 -2.84 -69.02
C LEU A 517 46.48 -2.21 -70.40
N GLU A 518 47.63 -1.89 -70.98
CA GLU A 518 47.79 -1.66 -72.42
C GLU A 518 46.67 -0.77 -72.98
N SER A 519 46.69 0.48 -72.56
CA SER A 519 45.79 1.48 -73.13
C SER A 519 46.44 2.08 -74.37
N LYS A 520 46.74 1.19 -75.33
CA LYS A 520 47.42 1.42 -76.61
C LYS A 520 48.89 1.69 -76.33
N ASP A 521 49.18 1.92 -75.06
CA ASP A 521 50.48 2.17 -74.46
C ASP A 521 50.20 2.28 -72.98
N LYS A 522 51.16 2.72 -72.18
CA LYS A 522 50.95 2.95 -70.76
C LYS A 522 51.25 4.41 -70.46
N GLY A 523 50.27 5.13 -69.91
CA GLY A 523 50.55 6.44 -69.35
C GLY A 523 50.84 7.59 -70.31
N GLU A 524 49.82 8.11 -71.00
CA GLU A 524 49.98 9.27 -71.88
C GLU A 524 50.88 10.33 -71.24
N LYS A 525 51.88 10.75 -72.01
CA LYS A 525 53.17 11.11 -71.46
C LYS A 525 53.29 12.61 -71.22
N ASN A 526 53.41 12.99 -69.94
CA ASN A 526 53.80 14.32 -69.50
C ASN A 526 53.29 15.41 -70.40
N PHE A 527 51.99 15.51 -70.56
CA PHE A 527 51.55 16.72 -71.19
C PHE A 527 51.23 17.79 -70.16
N ALA A 528 51.77 17.63 -68.96
CA ALA A 528 51.60 18.60 -67.91
C ALA A 528 52.64 18.39 -66.83
N MET A 529 52.94 19.45 -66.11
CA MET A 529 53.81 19.41 -64.96
C MET A 529 53.63 20.72 -64.23
N SER A 530 54.02 20.76 -62.95
CA SER A 530 54.19 22.00 -62.21
C SER A 530 54.68 21.70 -60.81
N TYR A 531 54.84 22.77 -60.03
CA TYR A 531 55.26 22.70 -58.64
C TYR A 531 55.08 24.06 -58.01
N VAL A 532 55.33 24.16 -56.71
CA VAL A 532 55.58 25.45 -56.08
C VAL A 532 56.61 25.25 -55.00
N LYS A 533 57.36 26.30 -54.70
CA LYS A 533 58.20 26.31 -53.51
C LYS A 533 57.35 26.09 -52.27
N LEU A 534 57.62 24.99 -51.57
CA LEU A 534 56.87 24.57 -50.39
C LEU A 534 56.69 25.69 -49.39
N MET A 535 57.78 26.36 -49.05
CA MET A 535 57.66 27.60 -48.31
C MET A 535 57.67 28.74 -49.31
N LYS A 536 56.81 29.73 -49.10
CA LYS A 536 56.94 30.93 -49.92
C LYS A 536 58.36 31.44 -49.81
N GLU A 537 58.94 31.79 -50.95
CA GLU A 537 60.21 32.48 -50.89
C GLU A 537 60.13 33.65 -49.93
N ASP A 538 58.95 34.22 -49.78
CA ASP A 538 58.70 35.22 -48.76
C ASP A 538 58.90 34.67 -47.36
N GLY A 539 59.29 33.41 -47.22
CA GLY A 539 59.67 32.87 -45.94
C GLY A 539 58.60 32.06 -45.26
N THR A 540 57.37 32.10 -45.73
CA THR A 540 56.30 31.36 -45.08
C THR A 540 56.06 30.08 -45.85
N THR A 541 55.78 29.00 -45.13
CA THR A 541 55.22 27.84 -45.78
C THR A 541 54.20 28.30 -46.80
N LEU A 542 54.38 27.88 -48.06
CA LEU A 542 53.66 28.51 -49.16
C LEU A 542 52.19 28.67 -48.84
N HIS A 543 51.75 29.92 -48.77
CA HIS A 543 50.46 30.16 -48.13
C HIS A 543 49.34 29.49 -48.91
N ASP A 544 48.51 28.84 -48.11
CA ASP A 544 47.74 27.68 -48.51
C ASP A 544 46.50 28.05 -49.30
N GLY A 545 45.58 27.12 -49.37
CA GLY A 545 44.37 27.33 -50.07
C GLY A 545 44.48 26.83 -51.49
N PHE A 546 43.46 27.19 -52.25
CA PHE A 546 43.34 26.77 -53.63
C PHE A 546 44.51 27.21 -54.45
N HIS A 547 45.24 26.25 -54.96
CA HIS A 547 46.35 26.54 -55.84
C HIS A 547 46.05 25.83 -57.15
N ASP A 548 45.77 26.62 -58.16
CA ASP A 548 44.81 26.33 -59.20
C ASP A 548 45.45 26.43 -60.56
N LEU A 549 46.60 25.78 -60.68
CA LEU A 549 47.66 26.34 -61.51
C LEU A 549 47.45 26.07 -62.99
N VAL A 550 48.38 26.63 -63.77
CA VAL A 550 48.38 26.56 -65.22
C VAL A 550 49.26 25.40 -65.66
N VAL A 551 49.00 24.88 -66.85
CA VAL A 551 49.55 23.61 -67.29
C VAL A 551 50.90 23.81 -67.97
N LEU A 552 51.88 23.01 -67.57
CA LEU A 552 53.25 23.07 -68.08
C LEU A 552 53.56 21.78 -68.82
N LYS A 553 53.62 21.85 -70.15
CA LYS A 553 54.02 20.73 -70.99
C LYS A 553 55.29 21.14 -71.74
N GLY A 554 56.41 21.06 -71.05
CA GLY A 554 57.70 21.33 -71.63
C GLY A 554 58.40 20.05 -72.02
N ASP A 555 59.69 19.96 -71.71
CA ASP A 555 60.50 18.84 -72.14
C ASP A 555 60.69 17.87 -70.98
N SER A 556 61.52 16.86 -71.21
CA SER A 556 61.63 15.74 -70.29
C SER A 556 62.15 16.17 -68.93
N LYS A 557 63.41 16.54 -68.86
CA LYS A 557 63.96 17.03 -67.61
C LYS A 557 64.20 18.52 -67.67
N LYS A 558 63.87 19.16 -68.79
CA LYS A 558 63.60 20.57 -68.73
C LYS A 558 62.62 20.88 -67.61
N MET A 559 61.64 20.00 -67.41
CA MET A 559 60.89 19.99 -66.15
C MET A 559 61.84 19.91 -64.97
N GLU A 560 62.67 18.87 -64.93
CA GLU A 560 63.56 18.66 -63.79
C GLU A 560 64.45 19.85 -63.52
N ASP A 561 64.95 20.51 -64.56
CA ASP A 561 65.64 21.77 -64.36
C ASP A 561 64.90 22.66 -63.38
N ALA A 562 65.67 23.36 -62.56
CA ALA A 562 65.07 24.31 -61.63
C ALA A 562 64.23 25.34 -62.37
N SER A 563 64.88 26.14 -63.23
CA SER A 563 64.28 27.38 -63.74
C SER A 563 62.92 27.16 -64.39
N ALA A 564 62.65 25.95 -64.84
CA ALA A 564 61.32 25.64 -65.35
C ALA A 564 60.27 25.98 -64.31
N TYR A 565 59.28 26.77 -64.71
CA TYR A 565 58.22 27.29 -63.86
C TYR A 565 58.77 28.21 -62.79
N LEU A 566 60.09 28.37 -62.71
CA LEU A 566 60.69 29.29 -61.77
C LEU A 566 60.67 30.71 -62.29
N THR A 567 61.17 30.92 -63.51
CA THR A 567 60.95 32.19 -64.18
C THR A 567 59.47 32.53 -64.21
N LEU A 568 58.67 31.58 -64.29
CA LEU A 568 57.23 31.68 -64.16
C LEU A 568 56.87 31.94 -62.70
N PRO A 569 55.85 32.74 -62.44
CA PRO A 569 55.25 32.73 -61.11
C PRO A 569 54.72 31.34 -60.82
N SER A 570 54.75 30.96 -59.54
CA SER A 570 54.55 29.57 -59.18
C SER A 570 53.17 29.32 -58.58
N TYR A 571 52.18 30.13 -58.96
CA TYR A 571 50.78 29.72 -58.91
C TYR A 571 50.15 29.97 -60.26
N ARG A 572 48.84 29.78 -60.34
CA ARG A 572 48.02 30.48 -61.31
C ARG A 572 47.53 31.81 -60.76
N HIS A 573 47.32 31.85 -59.44
CA HIS A 573 47.05 33.07 -58.71
C HIS A 573 48.14 34.10 -58.93
N HIS A 574 49.29 33.66 -59.45
CA HIS A 574 50.49 34.47 -59.51
C HIS A 574 50.92 34.82 -60.92
N VAL A 575 50.75 33.91 -61.87
CA VAL A 575 51.22 34.12 -63.23
C VAL A 575 50.36 35.18 -63.88
N GLU A 576 49.40 35.70 -63.14
CA GLU A 576 48.55 36.77 -63.59
C GLU A 576 49.32 38.06 -63.84
N ASN A 577 50.63 38.09 -63.66
CA ASN A 577 51.42 39.24 -64.04
C ASN A 577 51.42 39.41 -65.55
N GLY A 590 61.93 31.36 -68.70
CA GLY A 590 63.11 30.55 -68.47
C GLY A 590 62.79 29.11 -68.14
N GLY A 591 61.70 28.61 -68.69
CA GLY A 591 61.36 27.22 -68.46
C GLY A 591 61.03 26.43 -69.71
N LEU A 592 60.70 27.13 -70.80
CA LEU A 592 60.44 26.51 -72.11
C LEU A 592 59.45 25.34 -71.99
N SER A 593 58.24 25.68 -71.55
CA SER A 593 57.17 24.71 -71.41
C SER A 593 55.91 25.19 -72.10
N VAL A 594 55.20 24.23 -72.70
CA VAL A 594 53.89 24.50 -73.27
C VAL A 594 52.98 25.03 -72.19
N SER A 595 52.56 26.28 -72.33
CA SER A 595 51.61 26.89 -71.40
C SER A 595 50.20 26.52 -71.84
N SER A 596 49.79 25.33 -71.41
CA SER A 596 48.40 24.95 -71.55
C SER A 596 47.66 25.51 -70.35
N ARG A 597 46.34 25.53 -70.42
CA ARG A 597 45.60 26.25 -69.38
C ARG A 597 45.39 25.41 -68.12
N ASP A 598 44.61 24.36 -68.25
CA ASP A 598 43.65 23.96 -67.24
C ASP A 598 44.10 24.16 -65.79
N VAL A 599 43.29 24.94 -65.06
CA VAL A 599 43.45 25.11 -63.64
C VAL A 599 43.36 23.77 -62.97
N PHE A 600 44.05 23.62 -61.84
CA PHE A 600 43.83 22.46 -60.98
C PHE A 600 44.11 22.91 -59.56
N SER A 601 43.03 23.11 -58.81
CA SER A 601 43.09 23.76 -57.52
C SER A 601 43.77 22.88 -56.50
N ILE A 602 44.13 23.48 -55.37
CA ILE A 602 44.84 22.71 -54.36
C ILE A 602 44.28 22.97 -52.97
N SER A 603 44.00 21.89 -52.24
CA SER A 603 43.74 21.99 -50.82
C SER A 603 45.06 22.03 -50.08
N THR A 604 45.11 22.84 -49.04
CA THR A 604 46.34 23.09 -48.34
C THR A 604 46.05 23.55 -46.92
N LEU A 605 47.12 23.77 -46.17
CA LEU A 605 46.99 24.12 -44.75
C LEU A 605 48.34 24.67 -44.27
N VAL A 606 48.48 26.01 -44.22
CA VAL A 606 49.77 26.70 -44.00
C VAL A 606 49.70 27.72 -42.87
N CYS A 607 50.61 27.57 -41.90
CA CYS A 607 51.14 28.49 -40.90
C CYS A 607 52.62 28.23 -40.61
N SER A 608 53.18 27.16 -41.17
CA SER A 608 54.45 26.56 -40.76
C SER A 608 54.37 25.88 -39.40
N THR A 609 53.61 24.78 -39.34
CA THR A 609 53.69 23.85 -38.22
C THR A 609 54.91 22.93 -38.32
N UNK A 642 49.37 39.40 -41.87
CA UNK A 642 48.94 39.89 -40.57
C UNK A 642 49.50 38.99 -39.49
N UNK A 643 48.78 37.89 -39.26
CA UNK A 643 49.31 36.83 -38.42
C UNK A 643 50.60 36.28 -39.01
N UNK A 644 50.62 36.02 -40.32
CA UNK A 644 51.89 35.70 -40.95
C UNK A 644 52.83 36.89 -40.89
N UNK A 645 52.28 38.09 -41.05
CA UNK A 645 53.10 39.29 -40.90
C UNK A 645 53.61 39.41 -39.49
N UNK A 646 52.75 39.15 -38.50
CA UNK A 646 53.23 39.18 -37.12
C UNK A 646 54.21 38.06 -36.83
N UNK A 647 54.13 36.98 -37.58
CA UNK A 647 55.06 35.88 -37.38
C UNK A 647 56.44 36.25 -37.86
N UNK A 648 56.55 36.63 -39.13
CA UNK A 648 57.80 37.20 -39.61
C UNK A 648 58.17 38.46 -38.84
N UNK A 649 57.24 39.04 -38.10
CA UNK A 649 57.63 40.14 -37.23
C UNK A 649 58.59 39.69 -36.15
N UNK A 650 58.70 38.38 -35.91
CA UNK A 650 59.83 37.88 -35.14
C UNK A 650 61.13 38.44 -35.69
N UNK A 651 61.30 38.36 -37.01
CA UNK A 651 62.42 39.04 -37.64
C UNK A 651 62.23 40.55 -37.60
N UNK A 652 61.05 41.03 -37.97
CA UNK A 652 60.83 42.48 -38.08
C UNK A 652 61.21 43.23 -36.81
N UNK A 653 61.26 42.51 -35.69
CA UNK A 653 61.87 43.03 -34.48
C UNK A 653 63.33 42.62 -34.39
N UNK A 654 63.64 41.36 -34.69
CA UNK A 654 65.03 40.97 -34.80
C UNK A 654 65.71 41.75 -35.91
N UNK A 655 65.31 41.51 -37.16
CA UNK A 655 65.69 42.36 -38.27
C UNK A 655 64.70 43.52 -38.30
N UNK A 656 65.05 44.61 -37.66
CA UNK A 656 64.09 45.66 -37.33
C UNK A 656 63.59 46.31 -38.61
N UNK A 657 62.41 45.90 -39.07
CA UNK A 657 61.80 46.59 -40.19
C UNK A 657 61.30 47.95 -39.75
N UNK A 658 60.33 47.97 -38.84
CA UNK A 658 59.83 49.19 -38.23
C UNK A 658 58.81 48.77 -37.17
N ILE A 659 58.14 49.77 -36.60
CA ILE A 659 56.86 49.48 -35.97
C ILE A 659 55.83 48.98 -36.97
N MET A 660 56.22 48.84 -38.24
CA MET A 660 55.48 47.96 -39.13
C MET A 660 55.44 46.55 -38.57
N MET A 661 56.46 46.17 -37.80
CA MET A 661 56.29 45.03 -36.92
C MET A 661 55.13 45.27 -35.97
N GLU A 662 55.09 46.44 -35.34
CA GLU A 662 53.95 46.78 -34.50
C GLU A 662 52.68 46.93 -35.31
N HIS A 663 52.80 47.24 -36.60
CA HIS A 663 51.63 47.20 -37.46
C HIS A 663 51.09 45.78 -37.56
N SER A 664 51.95 44.85 -37.99
CA SER A 664 51.61 43.44 -37.97
C SER A 664 51.16 43.00 -36.59
N GLN A 665 51.56 43.74 -35.56
CA GLN A 665 51.17 43.43 -34.20
C GLN A 665 49.73 43.83 -33.93
N SER A 666 49.34 45.03 -34.37
CA SER A 666 47.93 45.36 -34.39
C SER A 666 47.17 44.29 -35.16
N ASP A 667 47.75 43.84 -36.27
CA ASP A 667 47.14 42.79 -37.09
C ASP A 667 46.95 41.50 -36.29
N GLU A 668 47.96 41.10 -35.53
CA GLU A 668 47.89 39.86 -34.76
C GLU A 668 46.90 39.97 -33.61
N TYR A 669 47.02 41.04 -32.81
CA TYR A 669 46.01 41.33 -31.80
C TYR A 669 44.62 41.24 -32.41
N ASP A 670 44.49 41.58 -33.68
CA ASP A 670 43.27 41.22 -34.40
C ASP A 670 43.30 39.78 -34.89
N ILE A 671 44.46 39.27 -35.33
CA ILE A 671 44.48 38.00 -36.07
C ILE A 671 44.06 36.82 -35.20
N LEU A 672 44.85 36.52 -34.17
CA LEU A 672 44.45 35.58 -33.12
C LEU A 672 44.24 34.15 -33.63
N VAL A 673 44.84 33.80 -34.78
CA VAL A 673 44.89 32.39 -35.17
C VAL A 673 45.85 31.70 -34.22
N PHE A 674 45.32 30.91 -33.28
CA PHE A 674 46.13 30.25 -32.26
C PHE A 674 47.24 29.45 -32.91
N ASP A 675 47.13 29.27 -34.22
CA ASP A 675 48.26 28.92 -35.07
C ASP A 675 49.52 29.56 -34.53
N ALA A 676 49.47 30.87 -34.32
CA ALA A 676 50.57 31.55 -33.64
C ALA A 676 50.71 31.05 -32.22
N LEU A 677 49.60 30.90 -31.50
CA LEU A 677 49.65 30.59 -30.08
C LEU A 677 50.51 29.37 -29.81
N ILE A 678 50.70 28.53 -30.82
CA ILE A 678 51.70 27.49 -30.70
C ILE A 678 53.04 28.08 -30.34
N TYR A 679 53.60 28.87 -31.25
CA TYR A 679 54.98 29.28 -31.11
C TYR A 679 55.12 30.51 -30.24
N ILE A 680 53.99 31.09 -29.85
CA ILE A 680 53.99 32.30 -29.03
C ILE A 680 54.96 32.18 -27.86
N ILE A 681 55.05 30.99 -27.28
CA ILE A 681 55.89 30.74 -26.12
C ILE A 681 57.26 31.39 -26.29
N GLY A 682 57.89 31.19 -27.44
CA GLY A 682 59.13 31.86 -27.73
C GLY A 682 58.90 33.15 -28.50
N LEU A 683 57.85 33.19 -29.30
CA LEU A 683 57.65 34.33 -30.18
C LEU A 683 57.47 35.61 -29.39
N ILE A 684 56.43 35.67 -28.58
CA ILE A 684 56.18 36.86 -27.79
C ILE A 684 57.32 37.12 -26.83
N ALA A 685 57.95 36.06 -26.36
CA ALA A 685 59.11 36.25 -25.50
C ALA A 685 60.18 37.07 -26.23
N ASP A 686 60.61 36.59 -27.38
CA ASP A 686 61.61 37.31 -28.16
C ASP A 686 61.12 38.70 -28.52
N ARG A 687 59.83 38.82 -28.79
CA ARG A 687 59.26 40.12 -29.04
C ARG A 687 59.57 41.07 -27.89
N LYS A 688 59.23 40.65 -26.67
CA LYS A 688 59.55 41.42 -25.49
C LYS A 688 61.02 41.74 -25.43
N PHE A 689 61.87 40.77 -25.74
CA PHE A 689 63.30 41.04 -25.76
C PHE A 689 63.61 42.19 -26.70
N GLN A 690 63.11 42.11 -27.92
CA GLN A 690 63.25 43.20 -28.86
C GLN A 690 62.23 44.27 -28.51
N UNK A 708 55.10 52.46 -25.47
CA UNK A 708 55.39 51.87 -26.77
C UNK A 708 55.41 50.36 -26.63
N UNK A 709 56.53 49.84 -26.12
CA UNK A 709 56.52 48.45 -25.67
C UNK A 709 55.38 48.23 -24.71
N UNK A 710 55.22 49.15 -23.75
CA UNK A 710 54.06 49.15 -22.88
C UNK A 710 52.79 49.14 -23.69
N UNK A 711 52.71 50.01 -24.69
CA UNK A 711 51.61 49.94 -25.65
C UNK A 711 51.64 48.61 -26.39
N UNK A 712 52.82 48.20 -26.86
CA UNK A 712 52.94 46.85 -27.39
C UNK A 712 52.54 45.82 -26.36
N UNK A 713 52.73 46.13 -25.07
CA UNK A 713 52.26 45.25 -24.01
C UNK A 713 50.80 44.94 -24.18
N UNK A 714 50.02 45.95 -24.56
CA UNK A 714 48.59 45.75 -24.79
C UNK A 714 48.35 44.54 -25.68
N UNK A 715 49.21 44.33 -26.67
CA UNK A 715 49.07 43.18 -27.54
C UNK A 715 49.09 41.89 -26.74
N UNK A 716 50.16 41.71 -25.97
CA UNK A 716 50.20 40.59 -25.06
C UNK A 716 49.02 40.63 -24.11
N UNK A 717 48.54 41.82 -23.77
CA UNK A 717 47.30 41.94 -23.03
C UNK A 717 46.17 41.26 -23.78
N UNK A 718 45.97 41.66 -25.04
CA UNK A 718 45.06 40.90 -25.89
C UNK A 718 45.47 39.45 -25.96
N UNK A 719 46.77 39.18 -25.84
CA UNK A 719 47.22 37.81 -25.86
C UNK A 719 47.14 37.15 -24.48
N UNK A 720 47.03 37.94 -23.42
CA UNK A 720 47.25 37.42 -22.07
C UNK A 720 46.36 36.22 -21.77
N UNK A 721 45.05 36.42 -21.71
CA UNK A 721 44.13 35.33 -21.44
C UNK A 721 43.82 34.53 -22.70
N UNK A 722 44.66 34.63 -23.72
CA UNK A 722 44.36 34.10 -25.03
C UNK A 722 44.22 32.59 -25.03
N UNK A 723 44.34 31.97 -23.86
CA UNK A 723 44.25 30.52 -23.76
C UNK A 723 42.87 30.02 -23.41
N UNK A 724 41.84 30.87 -23.47
CA UNK A 724 40.51 30.46 -23.03
C UNK A 724 40.14 29.11 -23.62
N UNK A 725 40.11 29.01 -24.94
CA UNK A 725 39.94 27.71 -25.57
C UNK A 725 41.18 26.86 -25.36
N UNK A 726 42.29 27.26 -25.97
CA UNK A 726 43.50 26.46 -25.90
C UNK A 726 44.09 26.59 -24.50
N UNK A 727 43.34 26.13 -23.52
CA UNK A 727 43.82 26.18 -22.15
C UNK A 727 45.00 25.25 -21.94
N UNK A 728 45.22 24.30 -22.85
CA UNK A 728 46.30 23.36 -22.66
C UNK A 728 47.65 24.08 -22.66
N UNK A 729 48.02 24.65 -23.79
CA UNK A 729 49.32 25.28 -23.93
C UNK A 729 49.47 26.38 -22.89
N UNK A 730 48.37 26.76 -22.25
CA UNK A 730 48.42 27.79 -21.21
C UNK A 730 49.43 27.43 -20.14
N UNK A 731 49.53 26.16 -19.80
CA UNK A 731 50.51 25.78 -18.78
C UNK A 731 51.91 26.18 -19.20
N UNK A 732 52.21 26.03 -20.49
CA UNK A 732 53.51 26.40 -21.01
C UNK A 732 53.91 27.82 -20.65
N UNK A 733 52.93 28.65 -20.26
CA UNK A 733 53.24 29.99 -19.80
C UNK A 733 54.24 29.95 -18.66
N UNK A 734 53.94 29.18 -17.63
CA UNK A 734 54.91 28.97 -16.56
C UNK A 734 56.25 28.56 -17.14
N UNK A 735 56.22 27.65 -18.11
CA UNK A 735 57.42 27.28 -18.85
C UNK A 735 58.12 28.53 -19.36
N UNK A 736 57.41 29.31 -20.18
CA UNK A 736 57.93 30.60 -20.55
C UNK A 736 58.33 31.39 -19.32
N UNK A 737 57.44 31.46 -18.33
CA UNK A 737 57.78 32.11 -17.07
C UNK A 737 59.06 31.52 -16.51
N UNK A 738 59.18 30.22 -16.54
CA UNK A 738 60.41 29.60 -16.09
C UNK A 738 61.52 29.72 -17.12
N UNK A 739 61.18 29.75 -18.39
CA UNK A 739 62.18 29.72 -19.44
C UNK A 739 62.17 30.93 -20.35
N UNK A 740 60.99 31.42 -20.75
CA UNK A 740 60.96 32.45 -21.79
C UNK A 740 60.38 33.75 -21.28
N UNK A 741 60.81 34.21 -20.09
CA UNK A 741 60.34 35.49 -19.54
C UNK A 741 61.37 36.03 -18.56
N UNK A 742 62.16 37.01 -18.99
CA UNK A 742 63.15 37.65 -18.12
C UNK A 742 63.26 39.15 -18.42
N UNK A 743 62.11 39.82 -18.55
CA UNK A 743 62.12 41.22 -18.98
C UNK A 743 62.96 42.10 -18.07
N UNK A 744 62.82 41.92 -16.76
CA UNK A 744 63.42 42.81 -15.78
C UNK A 744 63.02 44.26 -16.04
N UNK A 745 61.86 44.46 -16.67
CA UNK A 745 61.40 45.79 -17.06
C UNK A 745 60.08 46.04 -16.36
N UNK A 746 60.16 46.47 -15.11
CA UNK A 746 58.97 46.65 -14.29
C UNK A 746 58.18 47.87 -14.70
N UNK A 747 58.71 48.70 -15.59
CA UNK A 747 58.01 49.91 -15.98
C UNK A 747 56.61 49.63 -16.49
N UNK A 748 56.36 48.40 -16.92
CA UNK A 748 54.99 48.03 -17.20
C UNK A 748 54.10 48.28 -15.99
N UNK A 749 54.65 48.17 -14.78
CA UNK A 749 53.87 48.56 -13.61
C UNK A 749 53.40 49.99 -13.73
N UNK A 750 54.10 50.79 -14.53
CA UNK A 750 53.63 52.14 -14.81
C UNK A 750 52.69 52.15 -16.00
N UNK A 751 52.93 51.29 -16.99
CA UNK A 751 51.92 51.12 -18.04
C UNK A 751 50.57 50.83 -17.41
N UNK A 752 50.60 50.25 -16.22
CA UNK A 752 49.40 50.03 -15.43
C UNK A 752 48.71 51.35 -15.16
N UNK A 753 49.36 52.21 -14.37
CA UNK A 753 48.79 53.52 -14.09
C UNK A 753 48.41 54.22 -15.38
N UNK A 754 49.14 53.91 -16.46
CA UNK A 754 48.77 54.42 -17.76
C UNK A 754 47.35 53.99 -18.11
N UNK A 755 47.02 52.73 -17.84
CA UNK A 755 45.64 52.32 -18.06
C UNK A 755 44.67 53.17 -17.26
N UNK A 756 45.11 53.70 -16.13
CA UNK A 756 44.22 54.51 -15.30
C UNK A 756 43.83 55.80 -16.02
N UNK A 757 40.36 48.23 -20.35
CA UNK A 757 39.74 47.47 -21.41
C UNK A 757 39.56 46.03 -20.98
N UNK A 758 40.50 45.19 -21.40
CA UNK A 758 40.55 43.80 -20.95
C UNK A 758 41.05 43.84 -19.51
N UNK A 759 40.17 44.26 -18.60
CA UNK A 759 40.56 44.58 -17.25
C UNK A 759 41.09 43.38 -16.49
N UNK A 760 40.80 42.17 -16.94
CA UNK A 760 41.29 40.97 -16.26
C UNK A 760 42.75 40.76 -16.64
N UNK A 761 43.25 39.54 -16.40
CA UNK A 761 44.60 39.08 -16.74
C UNK A 761 45.65 39.67 -15.82
N UNK A 762 45.21 40.45 -14.82
CA UNK A 762 46.15 40.99 -13.86
C UNK A 762 47.02 39.89 -13.27
N UNK A 763 46.44 38.71 -13.06
CA UNK A 763 47.24 37.62 -12.54
C UNK A 763 48.40 37.32 -13.48
N UNK A 764 48.11 36.96 -14.72
CA UNK A 764 49.18 36.63 -15.65
C UNK A 764 50.06 37.84 -15.90
N UNK A 765 49.47 39.03 -15.86
CA UNK A 765 50.26 40.24 -16.02
C UNK A 765 51.33 40.32 -14.95
N UNK A 766 50.90 40.48 -13.71
CA UNK A 766 51.83 40.51 -12.59
C UNK A 766 52.65 39.24 -12.53
N UNK A 767 52.22 38.18 -13.21
CA UNK A 767 53.02 36.98 -13.25
C UNK A 767 54.27 37.23 -14.08
N UNK A 768 54.09 37.66 -15.32
CA UNK A 768 55.24 38.09 -16.10
C UNK A 768 56.01 39.15 -15.35
N UNK A 769 55.30 39.95 -14.55
CA UNK A 769 55.98 40.97 -13.77
C UNK A 769 56.92 40.35 -12.76
N UNK A 770 56.41 39.42 -11.97
CA UNK A 770 57.26 38.72 -11.02
C UNK A 770 58.37 38.00 -11.74
N UNK A 771 58.14 37.62 -12.99
CA UNK A 771 59.23 37.07 -13.79
C UNK A 771 60.33 38.09 -13.96
N UNK A 772 59.97 39.30 -14.38
CA UNK A 772 60.93 40.38 -14.48
C UNK A 772 61.66 40.59 -13.16
N UNK A 773 60.93 40.44 -12.06
CA UNK A 773 61.53 40.62 -10.74
C UNK A 773 62.51 39.51 -10.43
N UNK A 774 62.17 38.28 -10.79
CA UNK A 774 63.13 37.20 -10.73
C UNK A 774 64.39 37.58 -11.48
N UNK A 775 64.23 38.10 -12.70
CA UNK A 775 65.37 38.62 -13.42
C UNK A 775 66.06 39.73 -12.66
N UNK A 776 65.33 40.44 -11.78
CA UNK A 776 65.90 41.60 -11.12
C UNK A 776 66.95 41.16 -10.11
N UNK A 777 68.19 41.64 -10.32
CA UNK A 777 69.27 41.51 -9.36
C UNK A 777 69.57 42.81 -8.63
N UNK A 778 68.95 43.91 -9.05
CA UNK A 778 68.99 45.17 -8.33
C UNK A 778 67.98 45.14 -7.19
N UNK A 779 67.68 46.31 -6.60
CA UNK A 779 66.74 46.36 -5.49
C UNK A 779 65.79 47.55 -5.51
N UNK A 780 65.78 48.36 -6.55
CA UNK A 780 64.99 49.59 -6.51
C UNK A 780 63.49 49.35 -6.52
N UNK A 781 63.03 48.17 -6.95
CA UNK A 781 61.60 47.94 -7.07
C UNK A 781 60.86 48.14 -5.77
N UNK A 782 61.57 48.21 -4.65
CA UNK A 782 60.94 48.53 -3.39
C UNK A 782 60.24 49.88 -3.45
N UNK A 783 60.90 50.86 -4.07
CA UNK A 783 60.21 52.09 -4.40
C UNK A 783 59.01 51.80 -5.28
N UNK A 784 59.22 51.00 -6.32
CA UNK A 784 58.13 50.52 -7.15
C UNK A 784 57.00 49.93 -6.33
N UNK A 785 57.25 49.71 -5.03
CA UNK A 785 56.20 49.42 -4.09
C UNK A 785 55.01 50.34 -4.27
N UNK A 786 55.21 51.62 -3.97
CA UNK A 786 54.11 52.57 -4.14
C UNK A 786 53.60 52.57 -5.57
N UNK A 787 54.39 52.01 -6.49
CA UNK A 787 53.99 51.92 -7.89
C UNK A 787 52.73 51.09 -8.06
N UNK A 788 52.66 49.96 -7.36
CA UNK A 788 51.42 49.21 -7.39
C UNK A 788 50.31 50.02 -6.73
N UNK A 789 50.68 50.84 -5.75
CA UNK A 789 49.75 51.83 -5.22
C UNK A 789 49.06 52.56 -6.35
N UNK A 790 49.81 52.87 -7.40
CA UNK A 790 49.23 53.37 -8.64
C UNK A 790 48.09 52.48 -9.10
N UNK A 791 48.43 51.27 -9.51
CA UNK A 791 47.40 50.28 -9.75
C UNK A 791 46.39 50.28 -8.63
N UNK A 792 46.86 50.33 -7.39
CA UNK A 792 45.96 50.32 -6.25
C UNK A 792 45.14 51.59 -6.18
N UNK A 793 45.75 52.73 -6.45
CA UNK A 793 44.96 53.93 -6.64
C UNK A 793 44.11 53.80 -7.90
N UNK A 794 44.61 53.09 -8.91
CA UNK A 794 43.74 52.66 -9.99
C UNK A 794 42.57 51.87 -9.41
N UNK A 795 42.87 51.01 -8.45
CA UNK A 795 41.80 50.42 -7.64
C UNK A 795 40.95 51.50 -6.98
N UNK A 796 41.61 52.45 -6.32
CA UNK A 796 40.88 53.62 -5.83
C UNK A 796 40.11 54.27 -6.96
N UNK A 797 40.72 54.35 -8.14
CA UNK A 797 39.96 54.72 -9.33
C UNK A 797 38.82 53.75 -9.55
N UNK A 798 39.14 52.47 -9.65
CA UNK A 798 38.11 51.46 -9.67
C UNK A 798 37.21 51.50 -8.46
N UNK A 799 37.63 52.18 -7.40
CA UNK A 799 36.77 52.30 -6.22
C UNK A 799 35.38 52.77 -6.60
N UNK A 800 35.29 53.98 -7.16
CA UNK A 800 34.01 54.54 -7.56
C UNK A 800 34.24 55.80 -8.35
N UNK A 801 33.34 56.07 -9.30
CA UNK A 801 33.42 57.19 -10.21
C UNK A 801 32.15 57.21 -11.05
N UNK A 802 32.04 58.22 -11.91
CA UNK A 802 30.87 58.35 -12.75
C UNK A 802 30.69 57.14 -13.64
N UNK A 803 31.79 56.56 -14.09
CA UNK A 803 31.74 55.40 -14.97
C UNK A 803 32.47 54.21 -14.33
N UNK A 804 32.31 54.03 -13.03
CA UNK A 804 33.01 52.98 -12.29
C UNK A 804 32.11 51.82 -11.88
N UNK A 805 31.06 51.55 -12.65
CA UNK A 805 30.21 50.40 -12.33
C UNK A 805 30.77 49.12 -12.94
N UNK A 806 30.83 49.05 -14.27
CA UNK A 806 31.16 47.80 -14.93
C UNK A 806 32.62 47.40 -14.74
N UNK A 807 33.53 48.37 -14.66
CA UNK A 807 34.90 48.01 -14.34
C UNK A 807 34.98 47.41 -12.94
N UNK A 808 34.37 48.09 -11.97
CA UNK A 808 34.30 47.56 -10.62
C UNK A 808 33.68 46.16 -10.62
N UNK A 809 32.81 45.88 -11.58
CA UNK A 809 32.22 44.55 -11.64
C UNK A 809 33.28 43.47 -11.73
N UNK A 810 34.23 43.60 -12.65
CA UNK A 810 35.25 42.57 -12.76
C UNK A 810 36.38 42.81 -11.76
N UNK A 811 36.40 44.00 -11.15
CA UNK A 811 37.49 44.35 -10.26
C UNK A 811 37.66 43.38 -9.10
N UNK A 812 36.62 42.61 -8.76
CA UNK A 812 36.65 41.81 -7.55
C UNK A 812 37.85 40.89 -7.52
N UNK A 813 37.86 39.89 -8.38
CA UNK A 813 39.03 39.03 -8.51
C UNK A 813 39.90 39.60 -9.61
N UNK A 814 39.33 39.72 -10.81
CA UNK A 814 40.05 40.21 -11.98
C UNK A 814 41.20 39.27 -12.29
N UNK A 815 41.23 38.14 -11.58
CA UNK A 815 42.36 37.23 -11.42
C UNK A 815 43.43 37.82 -10.51
N UNK A 816 43.23 39.09 -10.11
CA UNK A 816 44.33 39.86 -9.55
C UNK A 816 44.98 39.18 -8.36
N UNK A 817 44.23 38.95 -7.29
CA UNK A 817 44.81 38.49 -6.05
C UNK A 817 45.81 37.37 -6.28
N UNK A 818 45.61 36.62 -7.37
CA UNK A 818 46.41 35.42 -7.61
C UNK A 818 47.89 35.69 -7.48
N UNK A 819 48.34 36.81 -8.02
CA UNK A 819 49.78 37.00 -8.12
C UNK A 819 50.39 37.57 -6.86
N UNK A 820 49.77 37.36 -5.70
CA UNK A 820 50.33 37.87 -4.46
C UNK A 820 51.84 37.65 -4.38
N UNK A 821 52.28 36.43 -4.69
CA UNK A 821 53.69 36.13 -4.96
C UNK A 821 54.60 36.57 -3.81
N UNK A 822 54.00 36.87 -2.66
CA UNK A 822 54.73 37.25 -1.46
C UNK A 822 55.65 38.43 -1.71
N UNK A 823 55.19 39.37 -2.53
CA UNK A 823 55.99 40.57 -2.78
C UNK A 823 56.29 41.28 -1.48
N UNK A 824 55.25 41.77 -0.81
CA UNK A 824 55.44 42.50 0.44
C UNK A 824 54.16 42.34 1.23
N UNK A 825 54.21 41.48 2.25
CA UNK A 825 52.98 40.99 2.83
C UNK A 825 52.22 42.10 3.54
N UNK A 826 52.78 42.57 4.65
CA UNK A 826 52.09 43.59 5.42
C UNK A 826 51.79 44.78 4.55
N UNK A 827 52.67 45.07 3.60
CA UNK A 827 52.36 46.07 2.59
C UNK A 827 51.10 45.67 1.86
N UNK A 828 51.17 44.61 1.06
CA UNK A 828 49.98 44.16 0.37
C UNK A 828 48.83 44.03 1.33
N UNK A 829 49.12 43.82 2.61
CA UNK A 829 48.05 43.71 3.58
C UNK A 829 47.29 45.03 3.72
N UNK A 830 47.98 46.10 4.05
CA UNK A 830 47.29 47.36 4.13
C UNK A 830 46.74 47.75 2.77
N UNK A 831 47.48 47.40 1.72
CA UNK A 831 46.96 47.53 0.38
C UNK A 831 45.58 46.92 0.31
N UNK A 832 45.40 45.79 0.96
CA UNK A 832 44.10 45.17 1.00
C UNK A 832 43.16 45.95 1.89
N UNK A 833 43.67 46.47 3.01
CA UNK A 833 42.82 47.28 3.86
C UNK A 833 42.09 48.27 2.99
N UNK A 834 42.84 48.92 2.11
CA UNK A 834 42.24 49.76 1.10
C UNK A 834 41.34 48.96 0.17
N UNK A 835 41.92 47.97 -0.50
CA UNK A 835 41.23 47.28 -1.59
C UNK A 835 39.84 46.87 -1.16
N UNK A 836 39.75 46.33 0.05
CA UNK A 836 38.46 46.10 0.67
C UNK A 836 37.72 47.42 0.84
N UNK A 837 38.36 48.41 1.47
CA UNK A 837 37.64 49.64 1.72
C UNK A 837 37.15 50.31 0.44
N UNK A 838 37.66 49.88 -0.71
CA UNK A 838 37.48 50.63 -1.95
C UNK A 838 36.04 50.71 -2.44
N UNK A 839 35.06 50.29 -1.65
CA UNK A 839 33.68 50.40 -2.10
C UNK A 839 32.73 50.68 -0.94
N UNK A 840 31.45 50.77 -1.29
CA UNK A 840 30.34 50.90 -0.34
C UNK A 840 29.03 50.70 -1.10
N UNK A 841 28.03 50.23 -0.37
CA UNK A 841 26.67 50.06 -0.89
C UNK A 841 26.63 49.05 -2.04
N UNK A 842 27.05 47.82 -1.73
CA UNK A 842 26.97 46.71 -2.67
C UNK A 842 27.31 45.41 -1.98
N UNK A 843 26.54 44.36 -2.26
CA UNK A 843 26.81 43.04 -1.71
C UNK A 843 27.67 42.18 -2.61
N UNK A 844 27.61 42.39 -3.93
CA UNK A 844 28.52 41.68 -4.82
C UNK A 844 29.97 41.90 -4.42
N UNK A 845 30.22 42.85 -3.51
CA UNK A 845 31.47 42.86 -2.77
C UNK A 845 31.79 41.51 -2.18
N UNK A 846 30.80 40.63 -2.06
CA UNK A 846 31.06 39.27 -1.62
C UNK A 846 31.82 38.47 -2.66
N UNK A 847 31.68 38.80 -3.94
CA UNK A 847 32.53 38.15 -4.93
C UNK A 847 33.99 38.50 -4.69
N UNK A 848 34.25 39.78 -4.46
CA UNK A 848 35.56 40.21 -4.00
C UNK A 848 35.94 39.45 -2.75
N UNK A 849 34.98 39.29 -1.85
CA UNK A 849 35.23 38.54 -0.63
C UNK A 849 35.59 37.10 -0.94
N UNK A 850 35.08 36.54 -2.02
CA UNK A 850 35.36 35.14 -2.32
C UNK A 850 36.77 34.99 -2.87
N UNK A 851 37.10 35.81 -3.87
CA UNK A 851 38.49 35.93 -4.27
C UNK A 851 39.36 36.10 -3.03
N UNK A 852 38.86 36.87 -2.08
CA UNK A 852 39.58 37.12 -0.85
C UNK A 852 39.67 35.87 0.00
N UNK A 853 38.68 35.00 -0.06
CA UNK A 853 38.79 33.77 0.69
C UNK A 853 39.96 32.97 0.17
N UNK A 854 39.98 32.77 -1.15
CA UNK A 854 41.11 32.12 -1.77
C UNK A 854 42.40 32.82 -1.38
N UNK A 855 42.37 34.14 -1.37
CA UNK A 855 43.59 34.88 -1.11
C UNK A 855 44.00 34.79 0.35
N UNK A 856 43.03 34.69 1.26
CA UNK A 856 43.36 34.59 2.68
C UNK A 856 44.00 33.25 2.95
N UNK A 857 43.53 32.22 2.23
CA UNK A 857 44.29 30.99 2.16
C UNK A 857 45.70 31.29 1.68
N UNK A 858 45.83 32.10 0.63
CA UNK A 858 47.15 32.51 0.19
C UNK A 858 47.87 33.36 1.24
N UNK A 859 47.17 33.78 2.28
CA UNK A 859 47.73 34.64 3.31
C UNK A 859 48.11 33.83 4.54
N UNK A 860 47.11 33.19 5.16
CA UNK A 860 47.34 32.07 6.07
C UNK A 860 48.44 32.39 7.07
N UNK A 861 48.16 33.34 7.94
CA UNK A 861 49.19 33.88 8.80
C UNK A 861 48.55 34.68 9.91
N UNK A 862 49.39 35.07 10.87
CA UNK A 862 48.95 36.01 11.88
C UNK A 862 48.66 37.36 11.27
N UNK A 863 49.55 37.87 10.42
CA UNK A 863 49.20 39.05 9.66
C UNK A 863 48.02 38.76 8.76
N UNK A 864 47.93 37.52 8.26
CA UNK A 864 46.71 37.13 7.60
C UNK A 864 45.55 37.15 8.57
N UNK A 865 45.79 36.88 9.85
CA UNK A 865 44.71 37.07 10.80
C UNK A 865 44.39 38.54 10.99
N UNK A 866 45.34 39.42 10.70
CA UNK A 866 45.10 40.85 10.85
C UNK A 866 44.25 41.38 9.70
N UNK A 867 44.70 41.13 8.48
CA UNK A 867 43.84 41.41 7.34
C UNK A 867 42.54 40.63 7.46
N UNK A 868 42.55 39.53 8.21
CA UNK A 868 41.33 38.79 8.46
C UNK A 868 40.43 39.57 9.38
N UNK A 869 40.99 40.26 10.36
CA UNK A 869 40.21 41.22 11.10
C UNK A 869 39.61 42.24 10.16
N UNK A 870 40.39 42.66 9.17
CA UNK A 870 39.89 43.63 8.21
C UNK A 870 38.67 43.08 7.48
N UNK A 871 38.90 42.07 6.66
CA UNK A 871 37.78 41.45 5.99
C UNK A 871 36.80 40.83 6.97
N UNK A 872 37.09 40.86 8.25
CA UNK A 872 36.21 40.30 9.25
C UNK A 872 35.22 41.32 9.74
N UNK A 873 35.68 42.55 9.92
CA UNK A 873 34.73 43.63 9.92
C UNK A 873 33.90 43.59 8.64
N UNK A 874 34.57 43.32 7.52
CA UNK A 874 33.83 43.13 6.29
C UNK A 874 32.84 41.99 6.43
N UNK A 875 33.18 41.00 7.24
CA UNK A 875 32.25 39.91 7.47
C UNK A 875 31.13 40.33 8.38
N UNK A 876 31.41 41.26 9.29
CA UNK A 876 30.33 41.84 10.07
C UNK A 876 29.34 42.51 9.13
N UNK A 877 29.87 43.20 8.14
CA UNK A 877 29.04 43.70 7.07
C UNK A 877 28.37 42.56 6.32
N UNK A 878 29.07 41.45 6.18
CA UNK A 878 28.51 40.33 5.46
C UNK A 878 27.30 39.78 6.19
N UNK A 879 27.43 39.63 7.49
CA UNK A 879 26.29 39.23 8.31
C UNK A 879 25.23 40.30 8.30
N UNK A 880 25.64 41.56 8.16
CA UNK A 880 24.66 42.63 8.03
C UNK A 880 23.84 42.44 6.78
N UNK A 881 24.50 42.13 5.67
CA UNK A 881 23.78 41.77 4.46
C UNK A 881 22.93 40.54 4.71
N UNK A 882 23.48 39.57 5.43
CA UNK A 882 22.72 38.41 5.87
C UNK A 882 21.56 38.81 6.75
N UNK A 883 21.52 40.05 7.20
CA UNK A 883 20.48 40.54 8.10
C UNK A 883 19.39 41.30 7.36
N UNK A 884 19.74 42.42 6.73
CA UNK A 884 18.71 43.28 6.15
C UNK A 884 18.61 43.03 4.65
N UNK A 885 18.02 41.88 4.31
CA UNK A 885 17.79 41.54 2.92
C UNK A 885 16.80 40.38 2.87
N UNK A 886 15.77 40.53 2.04
CA UNK A 886 14.72 39.52 1.93
C UNK A 886 15.04 38.46 0.88
N UNK A 887 16.15 38.59 0.18
CA UNK A 887 16.49 37.76 -0.97
C UNK A 887 17.89 37.18 -0.81
N UNK A 888 18.16 36.53 0.31
CA UNK A 888 19.53 36.21 0.69
C UNK A 888 20.14 35.08 -0.11
N UNK A 889 19.56 34.72 -1.26
CA UNK A 889 19.91 33.46 -1.89
C UNK A 889 21.39 33.33 -2.23
N UNK A 890 21.85 34.05 -3.25
CA UNK A 890 23.29 34.03 -3.50
C UNK A 890 24.01 34.75 -2.39
N UNK A 891 23.31 35.65 -1.71
CA UNK A 891 23.87 36.31 -0.55
C UNK A 891 24.29 35.29 0.48
N UNK A 892 23.32 34.61 1.09
CA UNK A 892 23.66 33.61 2.08
C UNK A 892 24.56 32.54 1.48
N UNK A 893 24.48 32.34 0.17
CA UNK A 893 25.35 31.38 -0.48
C UNK A 893 26.80 31.75 -0.27
N UNK A 894 27.22 32.85 -0.87
CA UNK A 894 28.58 33.32 -0.68
C UNK A 894 28.88 33.52 0.79
N UNK A 895 27.85 33.80 1.59
CA UNK A 895 28.06 34.03 3.00
C UNK A 895 28.61 32.79 3.67
N UNK A 896 27.85 31.72 3.61
CA UNK A 896 28.37 30.45 4.06
C UNK A 896 29.68 30.13 3.38
N UNK A 897 29.86 30.54 2.14
CA UNK A 897 31.08 30.19 1.42
C UNK A 897 32.29 30.77 2.13
N UNK A 898 32.26 32.05 2.34
CA UNK A 898 33.28 32.65 3.16
C UNK A 898 33.31 31.99 4.51
N UNK A 899 32.18 31.96 5.19
CA UNK A 899 32.13 31.46 6.55
C UNK A 899 32.83 30.13 6.63
N UNK A 900 32.64 29.34 5.59
CA UNK A 900 33.43 28.17 5.42
C UNK A 900 34.91 28.51 5.40
N UNK A 901 35.35 29.27 4.41
CA UNK A 901 36.78 29.51 4.30
C UNK A 901 37.33 30.01 5.63
N UNK A 902 36.59 30.91 6.25
CA UNK A 902 36.85 31.32 7.61
C UNK A 902 37.16 30.11 8.46
N UNK A 903 36.24 29.17 8.51
CA UNK A 903 36.56 27.94 9.23
C UNK A 903 37.82 27.32 8.67
N UNK A 904 38.04 27.47 7.37
CA UNK A 904 39.14 26.81 6.69
C UNK A 904 40.42 27.37 7.27
N UNK A 905 40.25 28.28 8.22
CA UNK A 905 41.28 28.50 9.21
C UNK A 905 42.01 27.22 9.59
N UNK A 906 41.27 26.22 10.09
CA UNK A 906 41.87 25.00 10.62
C UNK A 906 42.89 25.31 11.70
N UNK A 907 49.25 30.86 15.88
CA UNK A 907 48.19 31.87 15.89
C UNK A 907 46.90 31.23 16.31
N UNK A 908 47.00 29.97 16.75
CA UNK A 908 45.83 29.31 17.30
C UNK A 908 45.13 30.21 18.30
N UNK A 909 45.91 30.85 19.18
CA UNK A 909 45.31 31.81 20.08
C UNK A 909 45.03 33.15 19.39
N UNK A 910 45.83 33.50 18.39
CA UNK A 910 45.42 34.64 17.58
C UNK A 910 44.14 34.32 16.84
N UNK A 911 44.01 33.07 16.40
CA UNK A 911 42.73 32.60 15.95
C UNK A 911 41.69 32.75 17.04
N UNK A 912 42.10 32.66 18.31
CA UNK A 912 41.15 32.89 19.39
C UNK A 912 40.72 34.34 19.42
N UNK A 913 41.65 35.25 19.16
CA UNK A 913 41.26 36.63 18.98
C UNK A 913 40.23 36.74 17.86
N UNK A 914 40.57 36.20 16.70
CA UNK A 914 39.64 36.16 15.58
C UNK A 914 38.34 35.48 15.97
N UNK A 915 38.42 34.59 16.94
CA UNK A 915 37.26 33.84 17.34
C UNK A 915 36.36 34.68 18.21
N UNK A 916 36.95 35.51 19.06
CA UNK A 916 36.14 36.49 19.76
C UNK A 916 35.46 37.38 18.76
N UNK A 917 36.23 37.83 17.77
CA UNK A 917 35.67 38.53 16.65
C UNK A 917 34.51 37.76 16.07
N UNK A 918 34.62 36.45 16.05
CA UNK A 918 33.58 35.64 15.45
C UNK A 918 32.37 35.55 16.35
N UNK A 919 32.58 35.20 17.61
CA UNK A 919 31.49 35.18 18.58
C UNK A 919 30.69 36.46 18.48
N UNK A 920 31.37 37.54 18.18
CA UNK A 920 30.66 38.71 17.71
C UNK A 920 29.98 38.44 16.38
N UNK A 921 30.73 37.88 15.43
CA UNK A 921 30.35 37.96 14.02
C UNK A 921 28.94 37.44 13.78
N UNK A 922 28.58 36.32 14.38
CA UNK A 922 27.17 35.97 14.51
C UNK A 922 26.93 35.57 15.95
N UNK A 923 26.85 36.56 16.82
CA UNK A 923 26.29 36.28 18.14
C UNK A 923 24.79 36.08 17.93
N UNK A 924 24.14 37.11 17.38
CA UNK A 924 22.76 36.96 17.00
C UNK A 924 22.59 36.45 15.57
N UNK A 925 23.50 36.82 14.66
CA UNK A 925 23.29 36.48 13.25
C UNK A 925 23.11 35.00 13.09
N UNK A 926 23.69 34.22 14.00
CA UNK A 926 23.36 32.82 14.08
C UNK A 926 21.85 32.61 14.12
N UNK A 927 21.22 33.03 15.22
CA UNK A 927 19.79 32.75 15.37
C UNK A 927 18.99 33.42 14.27
N UNK A 928 19.48 34.58 13.83
CA UNK A 928 18.91 35.20 12.65
C UNK A 928 18.77 34.16 11.55
N UNK A 929 19.89 33.55 11.18
CA UNK A 929 19.81 32.46 10.22
C UNK A 929 18.85 31.39 10.70
N UNK A 930 18.86 31.11 11.99
CA UNK A 930 18.11 29.98 12.51
C UNK A 930 16.64 30.10 12.18
N UNK A 931 16.06 31.27 12.39
CA UNK A 931 14.63 31.43 12.19
C UNK A 931 14.21 30.96 10.82
N UNK A 932 14.81 31.52 9.79
CA UNK A 932 14.59 30.97 8.47
C UNK A 932 15.04 29.52 8.47
N UNK A 933 14.21 28.66 7.87
CA UNK A 933 14.53 27.25 7.74
C UNK A 933 13.63 26.63 6.69
N UNK A 934 14.24 26.20 5.59
CA UNK A 934 13.50 25.53 4.56
C UNK A 934 13.10 24.16 5.08
N UNK A 935 18.40 26.55 1.43
CA UNK A 935 19.40 25.70 0.81
C UNK A 935 20.56 25.48 1.77
N UNK A 936 21.62 26.26 1.59
CA UNK A 936 22.74 26.18 2.51
C UNK A 936 22.34 26.51 3.92
N UNK A 937 21.06 26.81 4.14
CA UNK A 937 20.52 26.94 5.49
C UNK A 937 21.05 25.83 6.37
N UNK A 938 21.03 24.60 5.86
CA UNK A 938 21.84 23.59 6.48
C UNK A 938 23.27 24.07 6.60
N UNK A 939 23.96 24.21 5.46
CA UNK A 939 25.37 24.57 5.48
C UNK A 939 25.61 25.73 6.40
N UNK A 940 24.66 26.64 6.47
CA UNK A 940 24.71 27.64 7.50
C UNK A 940 24.79 26.98 8.87
N UNK A 941 23.70 26.32 9.26
CA UNK A 941 23.63 25.72 10.58
C UNK A 941 24.91 24.98 10.86
N UNK A 942 25.44 24.36 9.84
CA UNK A 942 26.74 23.74 9.93
C UNK A 942 27.78 24.73 10.40
N UNK A 943 27.98 25.79 9.62
CA UNK A 943 29.02 26.73 9.98
C UNK A 943 28.81 27.22 11.40
N UNK A 944 27.54 27.41 11.77
CA UNK A 944 27.21 27.71 13.15
C UNK A 944 27.85 26.71 14.08
N UNK A 945 27.63 25.44 13.77
CA UNK A 945 28.18 24.39 14.60
C UNK A 945 29.69 24.50 14.65
N UNK A 946 30.32 24.28 13.50
CA UNK A 946 31.78 24.26 13.43
C UNK A 946 32.35 25.44 14.17
N UNK A 947 31.72 26.59 14.06
CA UNK A 947 32.11 27.74 14.85
C UNK A 947 32.08 27.41 16.32
N UNK A 948 30.89 27.21 16.87
CA UNK A 948 30.77 27.01 18.30
C UNK A 948 31.68 25.89 18.77
N UNK A 949 31.99 24.96 17.88
CA UNK A 949 32.96 23.92 18.18
C UNK A 949 34.28 24.52 18.61
N UNK A 950 34.56 25.74 18.17
CA UNK A 950 35.80 26.41 18.49
C UNK A 950 35.59 27.43 19.62
N UNK A 951 36.70 28.02 20.05
CA UNK A 951 36.74 29.04 21.11
C UNK A 951 36.04 28.58 22.38
N UNK A 952 35.93 27.27 22.56
CA UNK A 952 35.07 26.76 23.62
C UNK A 952 35.48 27.30 24.98
N UNK A 953 36.69 26.97 25.43
CA UNK A 953 37.19 27.61 26.63
C UNK A 953 37.15 29.11 26.47
N UNK A 954 37.57 29.58 25.30
CA UNK A 954 37.57 31.01 25.05
C UNK A 954 36.17 31.58 25.12
N UNK A 955 35.33 31.24 24.15
CA UNK A 955 34.00 31.84 24.07
C UNK A 955 33.27 31.67 25.38
N UNK A 956 33.40 30.50 25.99
CA UNK A 956 32.88 30.30 27.33
C UNK A 956 33.33 31.43 28.24
N UNK A 957 34.65 31.59 28.37
CA UNK A 957 35.16 32.70 29.15
C UNK A 957 34.62 34.02 28.65
N UNK A 958 34.21 34.06 27.39
CA UNK A 958 34.13 35.33 26.68
C UNK A 958 32.75 35.96 26.76
N UNK A 959 31.76 35.29 26.19
CA UNK A 959 30.47 35.92 25.91
C UNK A 959 29.83 36.39 27.20
N UNK A 960 30.55 36.20 28.30
CA UNK A 960 30.31 36.99 29.50
C UNK A 960 30.08 38.43 29.10
N UNK A 961 28.87 38.92 29.36
CA UNK A 961 28.46 40.23 28.94
C UNK A 961 28.61 40.39 27.43
N SER A 962 26.42 41.39 31.07
CA SER A 962 25.53 42.39 30.50
C SER A 962 24.09 41.90 30.58
N SER A 963 23.38 41.99 29.46
CA SER A 963 22.00 41.55 29.44
C SER A 963 21.91 40.08 29.84
N GLU A 964 20.72 39.70 30.28
CA GLU A 964 20.49 38.31 30.67
C GLU A 964 20.81 37.37 29.52
N LEU A 965 20.53 37.80 28.28
CA LEU A 965 20.66 36.99 27.08
C LEU A 965 19.72 35.82 27.13
N VAL A 966 19.17 35.59 28.33
CA VAL A 966 18.34 34.43 28.59
C VAL A 966 17.29 34.29 27.53
N ASP A 967 16.87 35.42 26.97
CA ASP A 967 16.05 35.39 25.79
C ASP A 967 16.76 34.68 24.64
N PHE A 968 17.88 35.25 24.20
CA PHE A 968 18.59 34.67 23.07
C PHE A 968 19.02 33.26 23.40
N LEU A 969 19.50 33.07 24.63
CA LEU A 969 19.89 31.74 25.07
C LEU A 969 18.73 30.77 24.87
N MET A 970 17.56 31.16 25.35
CA MET A 970 16.38 30.31 25.23
C MET A 970 16.11 29.97 23.77
N GLU A 971 16.11 31.00 22.92
CA GLU A 971 15.85 30.80 21.51
C GLU A 971 16.77 29.72 20.97
N THR A 972 18.06 29.89 21.23
CA THR A 972 19.03 28.91 20.80
C THR A 972 18.66 27.52 21.26
N PHE A 973 18.31 27.39 22.54
CA PHE A 973 18.05 26.06 23.07
C PHE A 973 16.94 25.40 22.28
N ILE A 974 15.85 26.13 22.11
CA ILE A 974 14.71 25.59 21.41
C ILE A 974 15.12 25.19 20.01
N MET A 975 15.95 26.02 19.38
CA MET A 975 16.49 25.64 18.08
C MET A 975 17.13 24.27 18.15
N PHE A 976 17.92 24.05 19.18
CA PHE A 976 18.62 22.78 19.27
C PHE A 976 17.63 21.65 19.34
N LYS A 977 16.62 21.83 20.17
CA LYS A 977 15.59 20.82 20.24
C LYS A 977 15.09 20.52 18.86
N ASP A 978 14.61 21.56 18.19
CA ASP A 978 14.14 21.43 16.82
C ASP A 978 15.11 20.60 16.01
N LEU A 979 16.38 20.82 16.24
CA LEU A 979 17.37 20.18 15.41
C LEU A 979 17.45 18.71 15.71
N ILE A 980 17.43 18.36 16.99
CA ILE A 980 17.33 16.96 17.32
C ILE A 980 16.09 16.39 16.71
N GLY A 981 15.11 17.24 16.41
CA GLY A 981 13.93 16.78 15.72
C GLY A 981 14.11 16.80 14.22
N LYS A 982 15.17 17.43 13.73
CA LYS A 982 15.31 17.66 12.29
C LYS A 982 16.78 17.72 11.92
N ASN A 983 17.25 16.73 11.17
CA ASN A 983 18.62 16.74 10.71
C ASN A 983 18.74 17.57 9.44
N VAL A 984 19.60 18.58 9.49
CA VAL A 984 20.06 19.16 8.26
C VAL A 984 20.71 18.12 7.39
N TYR A 985 21.33 17.22 7.94
CA TYR A 985 21.91 16.33 6.96
C TYR A 985 20.91 15.25 6.58
N PRO A 986 21.09 14.67 5.41
CA PRO A 986 20.34 13.46 5.07
C PRO A 986 20.73 12.33 6.00
N GLY A 987 20.00 11.24 5.86
CA GLY A 987 20.38 10.01 6.51
C GLY A 987 21.79 9.63 6.13
N ASP A 988 22.34 8.62 6.81
CA ASP A 988 23.68 8.12 6.60
C ASP A 988 24.73 9.13 6.96
N TRP A 989 24.36 10.36 7.32
CA TRP A 989 25.36 11.28 7.83
C TRP A 989 25.36 11.28 9.35
N MET A 990 25.26 10.08 9.89
CA MET A 990 25.16 9.93 11.32
C MET A 990 26.49 10.15 11.96
N ALA A 991 27.53 10.11 11.15
CA ALA A 991 28.70 10.88 11.50
C ALA A 991 28.33 12.36 11.58
N MET A 992 28.09 12.98 10.42
CA MET A 992 27.84 14.42 10.37
C MET A 992 26.97 14.86 11.53
N SER A 993 25.88 14.15 11.72
CA SER A 993 25.00 14.46 12.84
C SER A 993 25.64 14.07 14.15
N MET A 994 26.37 12.98 14.19
CA MET A 994 26.82 12.50 15.47
C MET A 994 27.77 13.49 16.07
N VAL A 995 28.74 13.90 15.28
CA VAL A 995 29.55 15.02 15.69
C VAL A 995 28.67 16.21 15.98
N GLN A 996 27.65 16.42 15.16
CA GLN A 996 26.84 17.59 15.35
C GLN A 996 26.38 17.64 16.79
N ASN A 997 25.52 16.69 17.12
CA ASN A 997 25.02 16.55 18.48
C ASN A 997 26.16 16.61 19.47
N ARG A 998 27.27 15.97 19.13
CA ARG A 998 28.34 15.86 20.09
C ARG A 998 28.79 17.22 20.53
N VAL A 999 29.13 18.05 19.57
CA VAL A 999 29.65 19.33 19.96
C VAL A 999 28.55 20.16 20.55
N PHE A 1000 27.35 20.07 19.98
CA PHE A 1000 26.27 20.86 20.52
C PHE A 1000 26.21 20.64 21.99
N LEU A 1001 26.06 19.38 22.35
CA LEU A 1001 26.30 18.84 23.66
C LEU A 1001 27.38 19.63 24.33
N ARG A 1002 28.61 19.42 23.90
CA ARG A 1002 29.74 19.99 24.57
C ARG A 1002 29.44 21.40 25.00
N ALA A 1003 28.95 22.15 24.03
CA ALA A 1003 28.72 23.57 24.22
C ALA A 1003 27.68 23.80 25.30
N ILE A 1004 26.57 23.09 25.19
CA ILE A 1004 25.51 23.47 26.07
C ILE A 1004 25.84 22.97 27.44
N ASN A 1005 26.69 21.95 27.52
CA ASN A 1005 27.20 21.54 28.80
C ASN A 1005 27.91 22.70 29.45
N LYS A 1006 28.75 23.37 28.67
CA LYS A 1006 29.32 24.60 29.15
C LYS A 1006 28.22 25.50 29.68
N PHE A 1007 27.32 25.87 28.78
CA PHE A 1007 26.25 26.78 29.14
C PHE A 1007 25.56 26.34 30.39
N ALA A 1008 25.47 25.03 30.58
CA ALA A 1008 24.90 24.51 31.79
C ALA A 1008 25.68 25.01 32.97
N GLU A 1009 26.94 24.62 33.05
CA GLU A 1009 27.79 25.09 34.12
C GLU A 1009 27.61 26.58 34.30
N THR A 1010 27.65 27.30 33.21
CA THR A 1010 27.59 28.73 33.25
C THR A 1010 26.38 29.13 34.05
N MET A 1011 25.23 28.83 33.49
CA MET A 1011 23.99 29.17 34.12
C MET A 1011 23.96 28.72 35.56
N ASN A 1012 24.59 27.59 35.83
CA ASN A 1012 24.68 27.10 37.18
C ASN A 1012 25.23 28.16 38.09
N GLN A 1013 26.24 28.88 37.63
CA GLN A 1013 26.82 29.85 38.55
C GLN A 1013 25.95 31.07 38.72
N LYS A 1014 24.87 31.19 37.94
CA LYS A 1014 24.01 32.35 38.07
C LYS A 1014 22.56 31.99 38.38
N PHE A 1015 21.99 31.02 37.67
CA PHE A 1015 20.55 30.90 37.61
C PHE A 1015 19.92 30.66 38.97
N LEU A 1016 20.70 30.13 39.91
CA LEU A 1016 20.20 29.85 41.25
C LEU A 1016 20.01 31.17 41.98
N GLU A 1017 19.78 31.07 43.29
CA GLU A 1017 19.39 32.22 44.10
C GLU A 1017 18.17 32.88 43.47
N HIS A 1018 17.27 32.04 42.98
CA HIS A 1018 15.99 32.44 42.38
C HIS A 1018 16.17 33.40 41.21
N THR A 1019 17.41 33.60 40.76
CA THR A 1019 17.72 34.76 39.95
C THR A 1019 16.87 34.84 38.70
N ASN A 1020 17.01 33.87 37.81
CA ASN A 1020 16.25 33.88 36.57
C ASN A 1020 14.83 33.40 36.78
N PHE A 1021 14.35 33.48 38.03
CA PHE A 1021 13.28 32.64 38.53
C PHE A 1021 13.82 31.23 38.51
N GLU A 1022 15.04 31.09 38.00
CA GLU A 1022 15.72 29.82 37.86
C GLU A 1022 14.80 28.76 37.27
N PHE A 1023 13.86 29.13 36.42
CA PHE A 1023 13.03 28.04 35.95
C PHE A 1023 12.76 27.92 34.46
N GLN A 1024 12.36 28.99 33.79
CA GLN A 1024 11.91 28.73 32.43
C GLN A 1024 13.08 28.35 31.56
N LEU A 1025 14.10 29.18 31.53
CA LEU A 1025 15.31 28.77 30.86
C LEU A 1025 15.66 27.37 31.27
N TRP A 1026 15.54 27.09 32.57
CA TRP A 1026 15.70 25.74 33.06
C TRP A 1026 14.79 24.79 32.32
N ASN A 1027 13.52 25.17 32.17
CA ASN A 1027 12.58 24.26 31.55
C ASN A 1027 13.10 23.88 30.20
N ASN A 1028 13.19 24.87 29.32
CA ASN A 1028 13.76 24.73 28.00
C ASN A 1028 14.95 23.80 28.06
N TYR A 1029 15.81 24.04 29.04
CA TYR A 1029 16.94 23.17 29.27
C TYR A 1029 16.52 21.72 29.36
N PHE A 1030 15.84 21.38 30.44
CA PHE A 1030 15.52 20.00 30.72
C PHE A 1030 14.94 19.34 29.50
N HIS A 1031 14.04 20.05 28.86
CA HIS A 1031 13.43 19.54 27.64
C HIS A 1031 14.51 19.11 26.70
N LEU A 1032 15.35 20.05 26.34
CA LEU A 1032 16.42 19.77 25.40
C LEU A 1032 17.23 18.58 25.88
N ALA A 1033 17.48 18.52 27.18
CA ALA A 1033 18.37 17.51 27.74
C ALA A 1033 17.85 16.13 27.44
N VAL A 1034 16.66 15.85 27.94
CA VAL A 1034 16.06 14.56 27.67
C VAL A 1034 15.94 14.35 26.18
N ALA A 1035 15.58 15.40 25.45
CA ALA A 1035 15.38 15.27 24.01
C ALA A 1035 16.58 14.59 23.38
N PHE A 1036 17.73 15.23 23.49
CA PHE A 1036 18.95 14.66 22.94
C PHE A 1036 19.16 13.26 23.46
N ILE A 1037 19.30 13.12 24.77
CA ILE A 1037 19.80 11.86 25.32
C ILE A 1037 18.91 10.73 24.86
N THR A 1038 17.62 11.00 24.79
CA THR A 1038 16.67 10.08 24.22
C THR A 1038 16.90 9.91 22.75
N GLN A 1039 17.59 10.84 22.13
CA GLN A 1039 17.62 10.79 20.68
C GLN A 1039 19.07 10.67 20.24
N ASP A 1040 19.81 9.72 20.83
CA ASP A 1040 21.21 9.53 20.48
C ASP A 1040 21.25 8.89 19.11
N SER A 1041 20.52 9.50 18.18
CA SER A 1041 20.22 9.00 16.85
C SER A 1041 19.43 7.73 17.01
N LEU A 1042 19.40 7.24 18.23
CA LEU A 1042 19.25 5.83 18.54
C LEU A 1042 19.42 5.72 20.04
N GLN A 1043 19.18 4.53 20.54
CA GLN A 1043 19.95 4.03 21.65
C GLN A 1043 21.04 3.16 21.05
N LEU A 1044 21.66 2.32 21.84
CA LEU A 1044 22.42 1.26 21.23
C LEU A 1044 21.45 0.18 20.79
N GLU A 1045 22.00 -0.96 20.38
CA GLU A 1045 21.25 -2.03 19.75
C GLU A 1045 20.77 -1.64 18.38
N GLN A 1046 21.56 -0.87 17.66
CA GLN A 1046 21.31 -0.61 16.26
C GLN A 1046 22.61 -0.80 15.49
N PHE A 1047 22.53 -0.74 14.16
CA PHE A 1047 23.66 -1.00 13.28
C PHE A 1047 24.31 -2.33 13.63
N SER A 1048 23.52 -3.39 13.45
CA SER A 1048 23.43 -4.49 14.41
C SER A 1048 24.72 -4.64 15.17
N HIS A 1049 25.78 -4.79 14.43
CA HIS A 1049 27.07 -4.83 15.04
C HIS A 1049 28.05 -3.88 14.42
N ALA A 1050 28.03 -3.74 13.10
CA ALA A 1050 29.17 -3.17 12.40
C ALA A 1050 29.42 -1.73 12.82
N LYS A 1051 28.56 -0.81 12.38
CA LYS A 1051 28.74 0.55 12.84
C LYS A 1051 28.67 0.56 14.35
N TYR A 1052 27.73 -0.21 14.88
CA TYR A 1052 27.51 -0.32 16.29
C TYR A 1052 28.82 -0.42 17.03
N ASN A 1053 29.55 -1.49 16.79
CA ASN A 1053 30.83 -1.59 17.44
C ASN A 1053 31.74 -0.48 16.99
N LYS A 1054 31.68 -0.15 15.69
CA LYS A 1054 32.60 0.84 15.16
C LYS A 1054 32.46 2.15 15.88
N ILE A 1055 31.30 2.75 15.73
CA ILE A 1055 31.04 4.02 16.38
C ILE A 1055 31.34 3.90 17.86
N LEU A 1056 31.06 2.72 18.43
CA LEU A 1056 31.44 2.51 19.80
C LEU A 1056 32.93 2.74 19.98
N ASN A 1057 33.70 2.20 19.06
CA ASN A 1057 35.14 2.33 19.15
C ASN A 1057 35.52 3.79 19.10
N LYS A 1058 34.91 4.53 18.20
CA LYS A 1058 35.21 5.96 18.19
C LYS A 1058 34.54 6.66 19.35
N TYR A 1059 33.41 6.14 19.83
CA TYR A 1059 32.67 6.84 20.87
C TYR A 1059 31.90 5.87 21.74
N GLY A 1060 31.89 6.11 23.04
CA GLY A 1060 30.98 5.44 23.93
C GLY A 1060 30.36 6.41 24.91
N ASP A 1061 29.09 6.17 25.23
CA ASP A 1061 28.51 6.57 26.51
C ASP A 1061 28.14 8.03 26.74
N MET A 1062 27.81 8.78 25.69
CA MET A 1062 27.49 10.19 25.86
C MET A 1062 26.33 10.40 26.82
N ARG A 1063 25.23 9.71 26.53
CA ARG A 1063 24.04 9.85 27.34
C ARG A 1063 24.39 9.74 28.82
N ARG A 1064 25.32 8.84 29.15
CA ARG A 1064 25.74 8.72 30.53
C ARG A 1064 26.03 10.07 31.10
N LEU A 1065 26.98 10.72 30.49
CA LEU A 1065 27.54 11.88 31.13
C LEU A 1065 26.53 12.99 31.14
N ILE A 1066 25.81 13.14 30.04
CA ILE A 1066 24.81 14.18 30.05
C ILE A 1066 23.81 13.90 31.14
N GLY A 1067 23.53 12.64 31.41
CA GLY A 1067 22.62 12.36 32.50
C GLY A 1067 23.20 12.77 33.82
N PHE A 1068 24.48 12.50 34.02
CA PHE A 1068 25.09 12.94 35.25
C PHE A 1068 24.98 14.43 35.37
N SER A 1069 25.06 15.11 34.25
CA SER A 1069 24.78 16.54 34.25
C SER A 1069 23.38 16.82 34.72
N ILE A 1070 22.43 16.06 34.21
CA ILE A 1070 21.09 16.48 34.57
C ILE A 1070 20.88 16.22 36.02
N ARG A 1071 21.53 15.21 36.57
CA ARG A 1071 21.41 15.01 38.00
C ARG A 1071 22.10 16.13 38.75
N ASP A 1072 23.15 16.67 38.15
CA ASP A 1072 23.72 17.88 38.69
C ASP A 1072 22.63 18.90 38.87
N MET A 1073 21.86 19.12 37.81
CA MET A 1073 20.65 19.92 37.93
C MET A 1073 19.78 19.39 39.04
N TRP A 1074 19.60 18.08 39.06
CA TRP A 1074 18.59 17.45 39.87
C TRP A 1074 18.74 17.87 41.30
N TYR A 1075 19.78 17.39 41.93
CA TYR A 1075 20.02 17.87 43.28
C TYR A 1075 20.40 19.33 43.28
N LYS A 1076 20.75 19.88 42.13
CA LYS A 1076 21.09 21.28 42.06
C LYS A 1076 19.82 22.11 42.19
N LEU A 1077 18.68 21.43 42.25
CA LEU A 1077 17.43 22.15 42.41
C LEU A 1077 17.40 22.89 43.74
N GLY A 1078 16.67 24.00 43.75
CA GLY A 1078 16.36 24.72 44.95
C GLY A 1078 14.93 24.44 45.34
N GLN A 1079 14.06 24.25 44.35
CA GLN A 1079 12.68 23.88 44.61
C GLN A 1079 12.14 23.24 43.33
N ASN A 1080 12.07 21.92 43.32
CA ASN A 1080 11.69 21.24 42.10
C ASN A 1080 10.19 21.37 41.81
N LYS A 1081 9.35 21.29 42.85
CA LYS A 1081 7.91 21.09 42.69
C LYS A 1081 7.33 22.00 41.63
N ILE A 1082 8.03 23.08 41.35
CA ILE A 1082 7.56 24.06 40.37
C ILE A 1082 7.41 23.41 39.02
N CYS A 1083 8.51 23.05 38.41
CA CYS A 1083 8.46 22.38 37.13
C CYS A 1083 8.44 20.87 37.30
N PHE A 1084 8.26 20.41 38.53
CA PHE A 1084 8.26 18.97 38.76
C PHE A 1084 7.09 18.32 38.07
N ILE A 1085 5.94 18.97 38.09
CA ILE A 1085 4.83 18.50 37.31
C ILE A 1085 5.28 18.18 35.89
N PRO A 1086 5.96 19.08 35.18
CA PRO A 1086 6.76 18.59 34.05
C PRO A 1086 7.89 17.69 34.51
N GLY A 1087 8.54 18.05 35.60
CA GLY A 1087 9.82 17.50 35.99
C GLY A 1087 9.90 16.02 36.16
N MET A 1088 8.85 15.31 35.86
CA MET A 1088 9.04 13.88 35.72
C MET A 1088 9.12 13.47 34.28
N VAL A 1089 8.64 14.31 33.37
CA VAL A 1089 8.37 13.90 32.00
C VAL A 1089 9.54 13.13 31.44
N GLY A 1090 10.65 13.81 31.29
CA GLY A 1090 11.87 13.17 30.90
C GLY A 1090 12.26 12.07 31.86
N PRO A 1091 12.48 12.44 33.13
CA PRO A 1091 13.03 11.49 34.10
C PRO A 1091 12.51 10.11 33.86
N ILE A 1092 11.20 10.04 33.68
CA ILE A 1092 10.57 8.83 33.23
C ILE A 1092 11.38 8.21 32.12
N LEU A 1093 11.53 8.99 31.07
CA LEU A 1093 12.09 8.45 29.84
C LEU A 1093 13.51 8.02 30.08
N GLU A 1094 14.24 8.88 30.79
CA GLU A 1094 15.55 8.51 31.29
C GLU A 1094 15.52 7.13 31.88
N MET A 1095 14.49 6.86 32.67
CA MET A 1095 14.42 5.60 33.37
C MET A 1095 14.39 4.49 32.36
N THR A 1096 14.22 4.84 31.09
CA THR A 1096 13.94 3.84 30.08
C THR A 1096 14.98 3.89 28.97
N LEU A 1097 15.04 2.77 28.27
CA LEU A 1097 15.60 2.50 26.95
C LEU A 1097 17.10 2.24 26.92
N ILE A 1098 17.84 2.45 27.99
CA ILE A 1098 19.26 2.11 27.93
C ILE A 1098 19.66 1.78 29.37
N PRO A 1099 19.17 0.66 29.87
CA PRO A 1099 19.19 0.43 31.32
C PRO A 1099 20.54 0.59 31.99
N GLU A 1100 21.62 0.15 31.32
CA GLU A 1100 22.94 0.40 31.87
C GLU A 1100 23.04 1.81 32.38
N ALA A 1101 22.63 2.77 31.54
CA ALA A 1101 22.53 4.13 31.99
C ALA A 1101 21.52 4.25 33.12
N GLU A 1102 20.32 3.75 32.88
CA GLU A 1102 19.26 3.89 33.87
C GLU A 1102 19.70 3.37 35.23
N LEU A 1103 20.84 2.69 35.32
CA LEU A 1103 21.43 2.32 36.59
C LEU A 1103 21.28 3.50 37.53
N ARG A 1104 21.68 4.67 37.07
CA ARG A 1104 21.30 5.88 37.76
C ARG A 1104 19.86 6.15 37.37
N LYS A 1105 18.96 6.09 38.34
CA LYS A 1105 17.59 6.45 38.06
C LYS A 1105 16.94 7.15 39.24
N ALA A 1106 17.67 7.38 40.28
CA ALA A 1106 17.08 7.73 41.55
C ALA A 1106 16.57 9.07 41.60
N THR A 1107 16.40 9.73 40.46
CA THR A 1107 15.82 11.06 40.48
C THR A 1107 14.51 11.05 41.25
N ILE A 1108 13.84 9.92 41.19
CA ILE A 1108 12.42 9.83 41.48
C ILE A 1108 12.15 9.69 42.96
N PRO A 1109 12.87 8.83 43.69
CA PRO A 1109 12.64 8.78 45.15
C PRO A 1109 12.61 10.15 45.73
N ILE A 1110 13.55 10.97 45.29
CA ILE A 1110 13.65 12.28 45.84
C ILE A 1110 12.64 13.20 45.23
N PHE A 1111 12.26 12.94 43.99
CA PHE A 1111 11.08 13.62 43.46
C PHE A 1111 9.94 13.50 44.45
N PHE A 1112 9.59 12.26 44.75
CA PHE A 1112 8.50 12.03 45.69
C PHE A 1112 8.81 12.64 47.04
N ASP A 1113 10.05 12.48 47.50
CA ASP A 1113 10.43 13.05 48.78
C ASP A 1113 10.09 14.52 48.83
N MET A 1114 10.51 15.26 47.81
CA MET A 1114 10.06 16.62 47.64
C MET A 1114 8.56 16.69 47.71
N MET A 1115 7.91 15.84 46.94
CA MET A 1115 6.47 15.90 46.81
C MET A 1115 5.77 15.69 48.15
N LEU A 1116 6.50 15.21 49.15
CA LEU A 1116 5.88 14.72 50.37
C LEU A 1116 4.96 15.74 51.02
N CYS A 1117 5.12 17.01 50.68
CA CYS A 1117 4.25 18.03 51.25
C CYS A 1117 2.79 17.78 50.94
N ASP A 1124 -1.36 14.60 47.20
CA ASP A 1124 -0.71 15.77 46.62
C ASP A 1124 0.29 15.33 45.58
N PHE A 1125 1.48 15.08 46.11
CA PHE A 1125 2.50 14.26 45.48
C PHE A 1125 1.94 13.25 44.51
N LYS A 1126 0.79 12.68 44.82
CA LYS A 1126 0.13 11.74 43.95
C LYS A 1126 -0.32 12.44 42.68
N LYS A 1127 -0.34 13.77 42.69
CA LYS A 1127 -0.48 14.46 41.41
C LYS A 1127 0.54 13.89 40.44
N PHE A 1128 1.76 13.75 40.93
CA PHE A 1128 2.75 12.88 40.35
C PHE A 1128 2.13 11.56 39.91
N GLU A 1129 1.65 10.78 40.87
CA GLU A 1129 0.84 9.62 40.53
C GLU A 1129 -0.10 10.01 39.42
N ASN A 1130 -0.90 11.03 39.67
CA ASN A 1130 -1.75 11.52 38.62
C ASN A 1130 -0.93 11.73 37.36
N GLU A 1131 0.04 12.62 37.47
CA GLU A 1131 0.99 12.81 36.39
C GLU A 1131 1.51 11.49 35.87
N ILE A 1132 2.00 10.64 36.77
CA ILE A 1132 2.67 9.42 36.35
C ILE A 1132 1.81 8.69 35.34
N ILE A 1133 0.51 8.82 35.50
CA ILE A 1133 -0.45 8.00 34.78
C ILE A 1133 -0.27 8.11 33.29
N LEU A 1134 -0.51 9.29 32.75
CA LEU A 1134 -0.30 9.46 31.33
C LEU A 1134 1.11 9.05 30.99
N LYS A 1135 2.04 9.50 31.83
CA LYS A 1135 3.39 8.99 31.79
C LYS A 1135 3.33 7.48 31.67
N LEU A 1136 2.83 6.87 32.73
CA LEU A 1136 2.52 5.45 32.69
C LEU A 1136 1.91 5.06 31.37
N ASP A 1137 0.81 5.72 31.01
CA ASP A 1137 0.18 5.44 29.73
C ASP A 1137 1.16 5.36 28.60
N HIS A 1138 1.80 6.48 28.35
CA HIS A 1138 2.65 6.48 27.20
C HIS A 1138 3.89 5.69 27.48
N GLU A 1139 4.18 5.48 28.76
CA GLU A 1139 5.15 4.49 29.13
C GLU A 1139 5.00 3.28 28.24
N VAL A 1140 3.80 2.74 28.15
CA VAL A 1140 3.62 1.59 27.30
C VAL A 1140 2.90 1.94 26.02
N GLU A 1141 2.65 3.22 25.74
CA GLU A 1141 2.14 3.57 24.41
C GLU A 1141 2.95 2.87 23.34
N GLY A 1142 4.19 2.53 23.66
CA GLY A 1142 5.03 1.68 22.84
C GLY A 1142 6.38 1.57 23.50
N GLY A 1143 7.38 1.22 22.70
CA GLY A 1143 8.74 1.52 23.08
C GLY A 1143 9.38 0.58 24.06
N ARG A 1144 9.46 1.00 25.32
CA ARG A 1144 10.33 0.40 26.31
C ARG A 1144 10.32 -1.12 26.26
N GLY A 1145 9.15 -1.72 26.44
CA GLY A 1145 9.12 -3.14 26.69
C GLY A 1145 10.09 -3.47 27.79
N ASP A 1146 10.77 -4.61 27.70
CA ASP A 1146 11.78 -4.96 28.68
C ASP A 1146 11.21 -4.95 30.08
N GLU A 1147 10.36 -5.94 30.35
CA GLU A 1147 9.85 -6.11 31.69
C GLU A 1147 10.95 -5.86 32.71
N GLN A 1148 12.15 -6.31 32.36
CA GLN A 1148 13.32 -5.92 33.12
C GLN A 1148 13.33 -4.44 33.42
N TYR A 1149 12.67 -3.62 32.62
CA TYR A 1149 12.51 -2.22 33.01
C TYR A 1149 11.82 -2.11 34.35
N MET A 1150 10.58 -2.57 34.42
CA MET A 1150 9.92 -2.57 35.71
C MET A 1150 10.76 -3.28 36.73
N GLN A 1151 11.47 -4.31 36.31
CA GLN A 1151 12.39 -4.95 37.22
C GLN A 1151 13.28 -3.92 37.86
N LEU A 1152 13.91 -3.11 37.02
CA LEU A 1152 14.72 -2.01 37.52
C LEU A 1152 13.93 -1.25 38.55
N LEU A 1153 12.70 -0.95 38.17
CA LEU A 1153 11.95 0.05 38.89
C LEU A 1153 11.69 -0.46 40.29
N GLU A 1154 10.88 -1.50 40.38
CA GLU A 1154 10.50 -2.08 41.66
C GLU A 1154 11.67 -2.03 42.62
N SER A 1155 12.82 -2.47 42.13
CA SER A 1155 14.04 -2.41 42.92
C SER A 1155 14.26 -1.00 43.39
N ILE A 1156 14.66 -0.14 42.47
CA ILE A 1156 15.15 1.18 42.88
C ILE A 1156 14.15 1.85 43.78
N LEU A 1157 12.88 1.68 43.48
CA LEU A 1157 11.84 2.39 44.18
C LEU A 1157 11.71 1.88 45.60
N MET A 1158 11.66 0.56 45.76
CA MET A 1158 11.52 0.04 47.11
C MET A 1158 12.76 0.31 47.93
N GLU A 1159 13.92 0.33 47.28
CA GLU A 1159 15.14 0.44 48.05
C GLU A 1159 15.42 1.87 48.45
N CYS A 1160 15.27 2.79 47.52
CA CYS A 1160 15.23 4.20 47.87
C CYS A 1160 14.05 4.51 48.75
N ALA A 1161 13.08 3.60 48.81
CA ALA A 1161 11.79 3.94 49.39
C ALA A 1161 11.88 4.18 50.88
N ALA A 1162 12.77 3.48 51.56
CA ALA A 1162 13.07 3.83 52.93
C ALA A 1162 13.62 5.24 52.97
N GLU A 1163 14.01 5.68 54.16
CA GLU A 1163 14.65 6.98 54.37
C GLU A 1163 13.92 8.08 53.57
N HIS A 1164 12.63 8.18 53.81
CA HIS A 1164 11.93 7.62 54.94
C HIS A 1164 10.89 6.60 54.47
N PRO A 1165 10.76 5.49 55.20
CA PRO A 1165 9.87 4.43 54.75
C PRO A 1165 8.36 4.74 54.80
N THR A 1166 7.89 5.82 55.44
CA THR A 1166 6.47 6.13 55.33
C THR A 1166 6.15 6.44 53.88
N ILE A 1167 6.96 7.31 53.30
CA ILE A 1167 6.92 7.50 51.88
C ILE A 1167 7.17 6.17 51.16
N ALA A 1168 7.91 5.24 51.78
CA ALA A 1168 8.06 3.93 51.14
C ALA A 1168 6.70 3.27 50.98
N LYS A 1169 5.85 3.36 52.00
CA LYS A 1169 4.51 2.83 51.85
C LYS A 1169 3.74 3.62 50.80
N SER A 1170 3.95 4.91 50.75
CA SER A 1170 3.20 5.70 49.78
C SER A 1170 3.53 5.25 48.37
N VAL A 1171 4.76 5.54 47.95
CA VAL A 1171 5.24 5.07 46.67
C VAL A 1171 5.16 3.58 46.59
N GLU A 1172 4.86 2.92 47.69
CA GLU A 1172 4.61 1.50 47.59
C GLU A 1172 3.21 1.25 47.11
N ASN A 1173 2.26 1.98 47.63
CA ASN A 1173 0.93 1.95 47.06
C ASN A 1173 1.07 2.12 45.58
N PHE A 1174 1.86 3.11 45.21
CA PHE A 1174 2.35 3.23 43.86
C PHE A 1174 2.85 1.90 43.36
N VAL A 1175 3.77 1.29 44.09
CA VAL A 1175 4.35 0.05 43.63
C VAL A 1175 3.25 -0.89 43.22
N ASN A 1176 2.34 -1.10 44.11
CA ASN A 1176 1.32 -2.09 43.96
C ASN A 1176 0.61 -1.79 42.67
N LEU A 1177 -0.08 -0.67 42.66
CA LEU A 1177 -0.97 -0.38 41.55
C LEU A 1177 -0.17 -0.08 40.31
N VAL A 1178 0.60 0.99 40.39
CA VAL A 1178 1.40 1.44 39.26
C VAL A 1178 2.09 0.25 38.66
N LYS A 1179 2.81 -0.48 39.49
CA LYS A 1179 3.77 -1.46 39.04
C LYS A 1179 3.09 -2.66 38.47
N GLY A 1180 2.19 -3.27 39.24
CA GLY A 1180 1.35 -4.31 38.67
C GLY A 1180 0.88 -3.89 37.31
N LEU A 1181 0.08 -2.83 37.26
CA LEU A 1181 -0.34 -2.26 35.99
C LEU A 1181 0.74 -2.32 34.97
N LEU A 1182 1.91 -1.84 35.34
CA LEU A 1182 2.96 -1.71 34.37
C LEU A 1182 3.24 -3.04 33.73
N GLU A 1183 3.50 -4.02 34.56
CA GLU A 1183 3.82 -5.29 33.94
C GLU A 1183 2.62 -5.76 33.19
N LYS A 1184 1.44 -5.32 33.58
CA LYS A 1184 0.29 -5.73 32.79
C LYS A 1184 0.35 -5.14 31.41
N LEU A 1185 0.69 -3.88 31.35
CA LEU A 1185 0.95 -3.24 30.09
C LEU A 1185 1.89 -4.11 29.31
N LEU A 1186 2.85 -4.67 30.01
CA LEU A 1186 3.88 -5.47 29.36
C LEU A 1186 3.34 -6.80 28.94
N ASP A 1187 2.40 -7.30 29.70
CA ASP A 1187 1.69 -8.48 29.25
C ASP A 1187 1.09 -8.18 27.91
N TYR A 1188 0.36 -7.08 27.85
CA TYR A 1188 -0.18 -6.66 26.57
C TYR A 1188 0.92 -6.54 25.55
N ARG A 1189 1.98 -5.84 25.94
CA ARG A 1189 3.15 -5.63 25.13
C ARG A 1189 3.58 -6.91 24.46
N GLY A 1190 4.01 -7.87 25.25
CA GLY A 1190 4.42 -9.15 24.75
C GLY A 1190 3.33 -9.85 23.99
N VAL A 1191 2.09 -9.43 24.19
CA VAL A 1191 1.01 -10.10 23.49
C VAL A 1191 0.38 -9.22 22.47
N MET A 1192 0.86 -8.00 22.31
CA MET A 1192 0.44 -7.33 21.10
C MET A 1192 1.08 -8.07 19.94
N THR A 1193 0.51 -9.22 19.61
CA THR A 1193 1.03 -10.17 18.64
C THR A 1193 0.08 -11.35 18.64
N ASP A 1194 0.26 -12.23 17.65
CA ASP A 1194 -0.45 -13.51 17.57
C ASP A 1194 -1.92 -13.29 17.25
N GLU A 1195 -2.32 -12.03 17.16
CA GLU A 1195 -3.70 -11.56 17.07
C GLU A 1195 -4.41 -11.81 18.38
N SER A 1196 -3.81 -12.63 19.26
CA SER A 1196 -4.02 -12.65 20.70
C SER A 1196 -5.43 -12.33 21.14
N LYS A 1197 -6.41 -12.54 20.27
CA LYS A 1197 -7.75 -12.09 20.55
C LYS A 1197 -8.14 -12.51 21.94
N ASP A 1198 -8.03 -13.81 22.19
CA ASP A 1198 -8.01 -14.31 23.54
C ASP A 1198 -7.25 -13.39 24.44
N ASN A 1199 -5.97 -13.25 24.17
CA ASN A 1199 -5.14 -12.69 25.19
C ASN A 1199 -5.19 -11.18 25.13
N ARG A 1200 -5.45 -10.67 23.93
CA ARG A 1200 -5.78 -9.26 23.77
C ARG A 1200 -6.81 -8.86 24.79
N MET A 1201 -7.92 -9.58 24.81
CA MET A 1201 -8.85 -9.39 25.89
C MET A 1201 -8.16 -9.59 27.23
N SER A 1202 -7.63 -10.79 27.44
CA SER A 1202 -7.17 -11.25 28.74
C SER A 1202 -6.40 -10.19 29.47
N CYS A 1203 -5.72 -9.35 28.73
CA CYS A 1203 -5.19 -8.14 29.29
C CYS A 1203 -6.30 -7.12 29.46
N THR A 1204 -6.89 -6.71 28.33
CA THR A 1204 -7.76 -5.54 28.32
C THR A 1204 -8.70 -5.54 29.51
N VAL A 1205 -9.11 -6.72 29.91
CA VAL A 1205 -9.90 -6.87 31.11
C VAL A 1205 -9.11 -6.34 32.28
N ASN A 1206 -8.03 -7.05 32.63
CA ASN A 1206 -7.19 -6.69 33.75
C ASN A 1206 -6.93 -5.20 33.72
N LEU A 1207 -6.68 -4.72 32.51
CA LEU A 1207 -6.59 -3.30 32.24
C LEU A 1207 -7.72 -2.53 32.89
N LEU A 1208 -8.93 -2.68 32.36
CA LEU A 1208 -10.02 -1.90 32.90
C LEU A 1208 -10.25 -2.22 34.37
N ASN A 1209 -9.96 -3.46 34.78
CA ASN A 1209 -10.13 -3.87 36.17
C ASN A 1209 -9.29 -3.00 37.08
N PHE A 1210 -8.12 -2.67 36.63
CA PHE A 1210 -7.21 -1.99 37.52
C PHE A 1210 -7.39 -0.51 37.36
N TYR A 1211 -7.78 -0.10 36.16
CA TYR A 1211 -8.38 1.18 36.00
C TYR A 1211 -9.37 1.39 37.10
N LYS A 1212 -10.47 0.67 37.10
CA LYS A 1212 -11.44 0.90 38.16
C LYS A 1212 -10.78 0.71 39.50
N ASP A 1213 -9.91 -0.28 39.61
CA ASP A 1213 -9.09 -0.39 40.80
C ASP A 1213 -8.43 0.92 41.15
N ASN A 1214 -8.26 1.79 40.18
CA ASN A 1214 -7.89 3.17 40.46
C ASN A 1214 -8.92 4.15 39.93
N ASN A 1215 -9.74 3.73 38.97
CA ASN A 1215 -10.79 4.52 38.32
C ASN A 1215 -10.26 5.47 37.26
N ARG A 1216 -9.45 5.01 36.31
CA ARG A 1216 -9.02 5.96 35.29
C ARG A 1216 -10.17 6.18 34.33
N GLU A 1217 -11.13 6.89 34.89
CA GLU A 1217 -12.49 6.92 34.40
C GLU A 1217 -12.54 7.23 32.91
N GLU A 1218 -11.73 8.16 32.43
CA GLU A 1218 -11.85 8.44 31.01
C GLU A 1218 -10.79 7.68 30.24
N MET A 1219 -9.67 7.36 30.89
CA MET A 1219 -8.87 6.28 30.36
C MET A 1219 -9.67 5.00 30.35
N TYR A 1220 -10.36 4.75 31.46
CA TYR A 1220 -11.37 3.72 31.47
C TYR A 1220 -12.16 3.82 30.19
N ILE A 1221 -12.84 4.94 30.03
CA ILE A 1221 -13.64 5.23 28.84
C ILE A 1221 -12.94 4.70 27.61
N ARG A 1222 -11.74 5.19 27.39
CA ARG A 1222 -11.05 4.82 26.18
C ARG A 1222 -10.85 3.34 26.10
N TYR A 1223 -10.69 2.67 27.22
CA TYR A 1223 -10.21 1.32 27.09
C TYR A 1223 -11.36 0.34 27.08
N LEU A 1224 -12.41 0.74 27.75
CA LEU A 1224 -13.72 0.33 27.32
C LEU A 1224 -13.78 0.35 25.82
N TYR A 1225 -13.40 1.46 25.23
CA TYR A 1225 -13.58 1.57 23.79
C TYR A 1225 -12.73 0.58 23.06
N LYS A 1226 -11.44 0.61 23.33
CA LYS A 1226 -10.52 -0.33 22.73
C LYS A 1226 -11.06 -1.73 22.86
N LEU A 1227 -11.48 -2.07 24.05
CA LEU A 1227 -11.97 -3.41 24.31
C LEU A 1227 -13.26 -3.67 23.56
N ARG A 1228 -14.05 -2.63 23.31
CA ARG A 1228 -15.28 -2.84 22.59
C ARG A 1228 -14.96 -3.16 21.16
N ASP A 1229 -13.97 -2.48 20.63
CA ASP A 1229 -13.40 -2.88 19.36
C ASP A 1229 -12.93 -4.31 19.45
N LEU A 1230 -12.35 -4.66 20.59
CA LEU A 1230 -11.81 -6.00 20.76
C LEU A 1230 -12.89 -7.05 20.59
N HIS A 1231 -14.09 -6.78 21.06
CA HIS A 1231 -15.15 -7.75 20.76
C HIS A 1231 -15.68 -7.55 19.35
N LEU A 1232 -15.74 -6.31 18.90
CA LEU A 1232 -16.06 -6.02 17.51
C LEU A 1232 -15.22 -6.85 16.57
N ASP A 1233 -14.11 -7.36 17.08
CA ASP A 1233 -13.28 -8.23 16.27
C ASP A 1233 -14.05 -9.41 15.72
N CYS A 1234 -15.05 -9.91 16.42
CA CYS A 1234 -15.72 -11.09 15.90
C CYS A 1234 -17.22 -11.02 16.08
N ASP A 1235 -17.83 -9.88 15.76
CA ASP A 1235 -19.28 -9.73 15.80
C ASP A 1235 -19.85 -10.04 17.18
N ASN A 1236 -19.03 -9.84 18.20
CA ASN A 1236 -19.43 -10.13 19.56
C ASN A 1236 -20.06 -8.91 20.18
N TYR A 1237 -20.99 -8.32 19.42
CA TYR A 1237 -21.76 -7.21 19.91
C TYR A 1237 -22.44 -7.59 21.20
N THR A 1238 -22.58 -8.88 21.40
CA THR A 1238 -22.93 -9.41 22.69
C THR A 1238 -22.13 -8.73 23.79
N GLU A 1239 -20.85 -9.05 23.84
CA GLU A 1239 -20.05 -8.50 24.92
C GLU A 1239 -19.82 -7.04 24.69
N ALA A 1240 -19.94 -6.60 23.45
CA ALA A 1240 -19.82 -5.18 23.20
C ALA A 1240 -20.86 -4.43 23.99
N ALA A 1241 -22.12 -4.64 23.67
CA ALA A 1241 -23.19 -4.03 24.41
C ALA A 1241 -22.98 -4.25 25.90
N TYR A 1242 -22.48 -5.44 26.27
CA TYR A 1242 -22.10 -5.64 27.65
C TYR A 1242 -21.28 -4.46 28.15
N THR A 1243 -20.17 -4.21 27.47
CA THR A 1243 -19.35 -3.04 27.77
C THR A 1243 -20.17 -1.79 27.80
N LEU A 1244 -20.99 -1.62 26.77
CA LEU A 1244 -21.71 -0.38 26.60
C LEU A 1244 -22.49 -0.06 27.85
N LEU A 1245 -23.08 -1.09 28.43
CA LEU A 1245 -23.75 -0.89 29.69
C LEU A 1245 -22.76 -0.66 30.80
N LEU A 1246 -21.63 -1.34 30.77
CA LEU A 1246 -20.65 -1.05 31.81
C LEU A 1246 -20.37 0.42 31.83
N HIS A 1247 -20.28 0.99 30.66
CA HIS A 1247 -20.08 2.40 30.48
C HIS A 1247 -21.23 3.19 31.07
N THR A 1248 -22.36 3.11 30.38
CA THR A 1248 -23.51 3.89 30.76
C THR A 1248 -23.85 3.67 32.19
N TRP A 1249 -23.60 2.45 32.63
CA TRP A 1249 -23.67 2.01 33.98
C TRP A 1249 -23.11 3.02 34.95
N LEU A 1250 -22.20 3.86 34.50
CA LEU A 1250 -21.81 5.01 35.28
C LEU A 1250 -22.08 6.28 34.51
N LEU A 1251 -23.27 6.36 33.95
CA LEU A 1251 -23.76 7.58 33.37
C LEU A 1251 -24.93 8.09 34.20
N LYS A 1252 -25.12 9.40 34.21
CA LYS A 1252 -26.11 10.03 35.08
C LYS A 1252 -27.05 10.88 34.26
N TRP A 1253 -28.10 11.33 34.91
CA TRP A 1253 -29.08 12.15 34.19
C TRP A 1253 -28.90 13.63 34.50
N SER A 1254 -27.71 14.16 34.22
CA SER A 1254 -27.44 15.59 34.35
C SER A 1254 -26.65 16.03 33.13
N ASP A 1255 -27.34 16.40 32.07
CA ASP A 1255 -26.68 16.75 30.81
C ASP A 1255 -25.82 17.99 30.99
N GLU A 1256 -24.51 17.82 30.79
CA GLU A 1256 -23.56 18.83 31.22
C GLU A 1256 -22.29 18.82 30.39
N GLN A 1271 -21.43 19.06 27.04
CA GLN A 1271 -22.50 18.64 26.14
C GLN A 1271 -23.48 17.78 26.93
N THR A 1272 -24.66 17.48 26.36
CA THR A 1272 -25.76 17.00 27.19
C THR A 1272 -25.56 15.59 27.71
N HIS A 1273 -24.69 15.48 28.70
CA HIS A 1273 -24.34 14.21 29.31
C HIS A 1273 -25.51 13.23 29.46
N ARG A 1274 -26.60 13.65 30.06
CA ARG A 1274 -27.68 12.69 30.23
C ARG A 1274 -28.30 12.31 28.89
N GLN A 1275 -28.50 13.29 28.03
CA GLN A 1275 -29.02 12.97 26.70
C GLN A 1275 -28.05 12.07 25.97
N LEU A 1276 -26.81 12.48 25.86
CA LEU A 1276 -25.90 11.66 25.09
C LEU A 1276 -25.75 10.31 25.75
N LYS A 1277 -25.97 10.25 27.05
CA LYS A 1277 -26.04 8.99 27.76
C LYS A 1277 -27.15 8.13 27.20
N GLU A 1278 -28.32 8.73 27.01
CA GLU A 1278 -29.36 8.07 26.24
C GLU A 1278 -28.82 7.55 24.94
N THR A 1279 -28.04 8.37 24.25
CA THR A 1279 -27.63 7.99 22.92
C THR A 1279 -26.71 6.79 23.01
N LEU A 1280 -25.96 6.74 24.09
CA LEU A 1280 -25.21 5.56 24.42
C LEU A 1280 -26.13 4.38 24.55
N TYR A 1281 -27.27 4.59 25.21
CA TYR A 1281 -28.26 3.53 25.26
C TYR A 1281 -28.62 3.11 23.86
N GLU A 1282 -28.66 4.04 22.95
CA GLU A 1282 -29.03 3.67 21.60
C GLU A 1282 -27.96 2.77 20.99
N THR A 1283 -26.75 3.27 20.92
CA THR A 1283 -25.63 2.45 20.49
C THR A 1283 -25.71 1.07 21.13
N ILE A 1284 -26.08 1.05 22.40
CA ILE A 1284 -26.33 -0.19 23.11
C ILE A 1284 -27.32 -1.02 22.34
N ILE A 1285 -28.39 -0.38 21.90
CA ILE A 1285 -29.37 -1.12 21.12
C ILE A 1285 -28.69 -1.76 19.95
N GLY A 1286 -27.94 -0.96 19.20
CA GLY A 1286 -27.22 -1.49 18.06
C GLY A 1286 -26.50 -2.76 18.42
N TYR A 1287 -25.62 -2.68 19.41
CA TYR A 1287 -24.82 -3.84 19.74
C TYR A 1287 -25.69 -4.98 20.23
N PHE A 1288 -26.31 -4.81 21.38
CA PHE A 1288 -27.12 -5.85 21.98
C PHE A 1288 -27.92 -6.59 20.93
N ASP A 1289 -28.63 -5.82 20.12
CA ASP A 1289 -29.47 -6.44 19.11
C ASP A 1289 -28.64 -7.25 18.13
N LYS A 1290 -27.60 -6.65 17.59
CA LYS A 1290 -26.78 -7.43 16.68
C LYS A 1290 -26.23 -8.65 17.38
N GLY A 1291 -26.28 -8.67 18.70
CA GLY A 1291 -26.03 -9.86 19.46
C GLY A 1291 -27.26 -10.70 19.69
N LYS A 1292 -28.45 -10.18 19.40
CA LYS A 1292 -29.69 -10.94 19.40
C LYS A 1292 -30.10 -11.43 20.78
N MET A 1293 -29.62 -10.80 21.85
CA MET A 1293 -29.98 -11.20 23.21
C MET A 1293 -31.23 -10.47 23.68
N TRP A 1294 -32.05 -10.07 22.70
CA TRP A 1294 -32.93 -8.91 22.82
C TRP A 1294 -33.57 -8.76 24.21
N GLU A 1295 -33.76 -9.86 24.92
CA GLU A 1295 -34.57 -9.86 26.13
C GLU A 1295 -34.38 -8.58 26.90
N GLU A 1296 -33.15 -8.28 27.22
CA GLU A 1296 -32.88 -7.11 28.01
C GLU A 1296 -33.35 -5.87 27.31
N ALA A 1297 -33.10 -5.81 26.00
CA ALA A 1297 -33.37 -4.60 25.25
C ALA A 1297 -34.74 -4.11 25.63
N ILE A 1298 -35.60 -5.05 25.93
CA ILE A 1298 -36.94 -4.70 26.34
C ILE A 1298 -36.88 -3.92 27.64
N SER A 1299 -36.10 -4.42 28.59
CA SER A 1299 -35.98 -3.72 29.86
C SER A 1299 -35.51 -2.31 29.60
N LEU A 1300 -34.50 -2.22 28.75
CA LEU A 1300 -34.03 -0.94 28.27
C LEU A 1300 -35.22 -0.10 27.89
N CYS A 1301 -35.96 -0.58 26.91
CA CYS A 1301 -37.06 0.15 26.36
C CYS A 1301 -38.03 0.60 27.42
N LYS A 1302 -38.30 -0.28 28.36
CA LYS A 1302 -39.20 0.09 29.43
C LYS A 1302 -38.66 1.31 30.13
N GLU A 1303 -37.38 1.27 30.44
CA GLU A 1303 -36.78 2.44 31.06
C GLU A 1303 -36.89 3.63 30.12
N LEU A 1304 -36.78 3.36 28.84
CA LEU A 1304 -36.85 4.44 27.89
C LEU A 1304 -38.16 5.15 28.07
N ALA A 1305 -39.23 4.38 28.00
CA ALA A 1305 -40.56 4.88 28.30
C ALA A 1305 -40.56 5.64 29.60
N GLU A 1306 -39.81 5.16 30.57
CA GLU A 1306 -39.76 5.88 31.83
C GLU A 1306 -39.32 7.31 31.58
N GLN A 1307 -38.21 7.48 30.90
CA GLN A 1307 -37.80 8.82 30.50
C GLN A 1307 -38.89 9.50 29.72
N TYR A 1308 -39.28 8.85 28.63
CA TYR A 1308 -40.30 9.34 27.73
C TYR A 1308 -41.47 9.91 28.46
N GLU A 1309 -41.76 9.38 29.62
CA GLU A 1309 -42.85 9.89 30.42
C GLU A 1309 -42.35 11.05 31.25
N MET A 1310 -41.40 10.75 32.10
CA MET A 1310 -41.36 11.44 33.36
C MET A 1310 -40.58 12.71 33.24
N GLU A 1311 -39.67 12.73 32.29
CA GLU A 1311 -38.75 13.83 32.20
C GLU A 1311 -38.86 14.55 30.87
N ILE A 1312 -38.66 13.82 29.80
CA ILE A 1312 -38.78 14.43 28.49
C ILE A 1312 -40.22 14.55 28.08
N PHE A 1313 -41.08 13.70 28.63
CA PHE A 1313 -42.46 13.70 28.22
C PHE A 1313 -42.56 13.41 26.74
N ASP A 1314 -41.63 12.60 26.22
CA ASP A 1314 -41.59 12.31 24.79
C ASP A 1314 -42.41 11.08 24.48
N TYR A 1315 -43.01 11.10 23.30
CA TYR A 1315 -43.91 10.04 22.87
C TYR A 1315 -43.53 9.44 21.55
N GLU A 1316 -42.90 10.22 20.67
CA GLU A 1316 -42.69 9.81 19.30
C GLU A 1316 -41.50 8.87 19.25
N LEU A 1317 -40.34 9.37 19.63
CA LEU A 1317 -39.24 8.46 19.86
C LEU A 1317 -39.66 7.34 20.79
N LEU A 1318 -40.44 7.68 21.80
CA LEU A 1318 -41.06 6.68 22.65
C LEU A 1318 -41.81 5.66 21.83
N SER A 1319 -42.55 6.14 20.85
CA SER A 1319 -43.29 5.21 20.02
C SER A 1319 -42.37 4.18 19.41
N GLN A 1320 -41.36 4.63 18.67
CA GLN A 1320 -40.52 3.68 17.97
C GLN A 1320 -39.76 2.83 18.96
N ASN A 1321 -39.52 3.36 20.14
CA ASN A 1321 -38.97 2.54 21.20
C ASN A 1321 -39.86 1.33 21.43
N LEU A 1322 -41.10 1.61 21.82
CA LEU A 1322 -42.10 0.57 21.93
C LEU A 1322 -42.05 -0.35 20.74
N ILE A 1323 -41.84 0.22 19.57
CA ILE A 1323 -41.86 -0.57 18.36
C ILE A 1323 -40.69 -1.52 18.37
N GLN A 1324 -39.56 -1.06 18.85
CA GLN A 1324 -38.41 -1.93 18.95
C GLN A 1324 -38.73 -3.07 19.88
N GLN A 1325 -39.39 -2.75 20.98
CA GLN A 1325 -39.84 -3.78 21.88
C GLN A 1325 -40.58 -4.84 21.12
N ALA A 1326 -41.53 -4.42 20.29
CA ALA A 1326 -42.17 -5.38 19.42
C ALA A 1326 -41.14 -6.13 18.59
N LYS A 1327 -40.41 -5.38 17.77
CA LYS A 1327 -39.62 -5.96 16.71
C LYS A 1327 -38.63 -6.95 17.24
N PHE A 1328 -38.43 -6.94 18.54
CA PHE A 1328 -37.66 -8.00 19.14
C PHE A 1328 -38.56 -9.05 19.75
N TYR A 1329 -39.53 -8.62 20.54
CA TYR A 1329 -40.63 -9.50 20.90
C TYR A 1329 -41.08 -10.25 19.68
N GLU A 1330 -41.11 -9.56 18.54
CA GLU A 1330 -41.06 -10.23 17.27
C GLU A 1330 -40.13 -11.43 17.29
N SER A 1331 -38.89 -11.22 17.61
CA SER A 1331 -37.91 -12.22 17.31
C SER A 1331 -37.99 -13.44 18.20
N ILE A 1332 -38.99 -13.56 19.06
CA ILE A 1332 -38.76 -14.50 20.15
C ILE A 1332 -39.81 -15.59 20.32
N MET A 1333 -41.00 -15.24 20.80
CA MET A 1333 -42.01 -16.28 20.93
C MET A 1333 -42.47 -16.71 19.56
N LYS A 1334 -42.42 -15.79 18.63
CA LYS A 1334 -42.73 -16.04 17.25
C LYS A 1334 -41.63 -16.87 16.60
N ILE A 1335 -39.75 -14.34 15.58
CA ILE A 1335 -38.75 -15.36 15.32
C ILE A 1335 -38.64 -16.18 16.58
N LEU A 1336 -38.04 -17.35 16.51
CA LEU A 1336 -37.66 -18.09 17.70
C LEU A 1336 -36.32 -17.52 18.15
N ARG A 1337 -35.61 -18.22 19.03
CA ARG A 1337 -34.22 -17.85 19.31
C ARG A 1337 -33.30 -19.01 18.95
N PRO A 1338 -32.69 -19.01 17.74
CA PRO A 1338 -31.71 -20.05 17.41
C PRO A 1338 -30.71 -20.30 18.53
N LYS A 1339 -30.21 -21.51 18.59
CA LYS A 1339 -29.74 -22.05 19.86
C LYS A 1339 -28.23 -22.11 19.93
N PRO A 1340 -27.67 -21.72 21.06
CA PRO A 1340 -26.21 -21.64 21.22
C PRO A 1340 -25.63 -22.94 21.73
N ASP A 1341 -24.36 -22.90 22.12
CA ASP A 1341 -23.78 -24.01 22.85
C ASP A 1341 -22.64 -23.53 23.73
N TYR A 1342 -22.28 -24.36 24.70
CA TYR A 1342 -21.23 -24.03 25.65
C TYR A 1342 -20.32 -25.23 25.85
N PHE A 1343 -19.05 -25.03 25.56
CA PHE A 1343 -18.07 -26.11 25.61
C PHE A 1343 -16.96 -25.64 26.55
N ALA A 1344 -16.58 -26.48 27.49
CA ALA A 1344 -15.45 -26.13 28.34
C ALA A 1344 -14.13 -26.43 27.64
N VAL A 1345 -13.09 -25.74 28.12
CA VAL A 1345 -11.75 -25.88 27.59
C VAL A 1345 -10.73 -25.58 28.69
N GLY A 1346 -9.87 -26.56 28.96
CA GLY A 1346 -8.75 -26.40 29.86
C GLY A 1346 -7.46 -26.17 29.10
N TYR A 1347 -6.74 -25.12 29.52
CA TYR A 1347 -5.48 -24.69 28.93
C TYR A 1347 -4.35 -25.09 29.87
N TYR A 1348 -3.46 -25.95 29.41
CA TYR A 1348 -2.64 -26.67 30.37
C TYR A 1348 -1.24 -26.92 29.82
N GLY A 1349 -0.32 -27.06 30.75
CA GLY A 1349 1.10 -27.03 30.44
C GLY A 1349 1.62 -25.62 30.42
N GLN A 1350 2.91 -25.48 30.66
CA GLN A 1350 3.53 -24.21 30.36
C GLN A 1350 3.32 -23.81 28.93
N GLY A 1351 2.91 -24.76 28.07
CA GLY A 1351 2.64 -24.49 26.68
C GLY A 1351 1.82 -23.24 26.45
N PHE A 1352 1.03 -22.84 27.43
CA PHE A 1352 0.34 -21.57 27.33
C PHE A 1352 0.84 -20.64 28.42
N PRO A 1353 0.75 -19.33 28.22
CA PRO A 1353 1.30 -18.40 29.21
C PRO A 1353 0.69 -18.57 30.58
N SER A 1354 1.34 -17.93 31.55
CA SER A 1354 1.07 -18.15 32.95
C SER A 1354 -0.40 -17.94 33.27
N PHE A 1355 -0.84 -16.71 33.14
CA PHE A 1355 -2.22 -16.37 33.45
C PHE A 1355 -3.21 -17.18 32.64
N LEU A 1356 -2.74 -17.88 31.62
CA LEU A 1356 -3.53 -18.88 30.92
C LEU A 1356 -3.04 -20.27 31.25
N ARG A 1357 -1.88 -20.38 31.87
CA ARG A 1357 -1.32 -21.66 32.24
C ARG A 1357 -2.19 -22.28 33.34
N ASN A 1358 -2.89 -23.36 32.98
CA ASN A 1358 -3.67 -24.11 33.95
C ASN A 1358 -4.87 -23.31 34.44
N LYS A 1359 -5.69 -22.87 33.49
CA LYS A 1359 -6.98 -22.25 33.75
C LYS A 1359 -7.95 -22.73 32.70
N VAL A 1360 -9.24 -22.71 33.03
CA VAL A 1360 -10.24 -23.39 32.23
C VAL A 1360 -11.45 -22.51 32.02
N PHE A 1361 -11.73 -22.22 30.76
CA PHE A 1361 -12.92 -21.46 30.43
C PHE A 1361 -14.07 -22.38 30.11
N ILE A 1362 -15.25 -21.79 30.12
CA ILE A 1362 -16.39 -22.26 29.36
C ILE A 1362 -16.63 -21.27 28.27
N TYR A 1363 -16.75 -21.75 27.04
CA TYR A 1363 -17.02 -20.93 25.88
C TYR A 1363 -18.44 -21.14 25.41
N ARG A 1364 -19.25 -20.09 25.51
CA ARG A 1364 -20.46 -20.05 24.70
C ARG A 1364 -19.94 -19.78 23.31
N GLY A 1365 -19.59 -20.86 22.62
CA GLY A 1365 -19.27 -20.72 21.22
C GLY A 1365 -20.36 -19.97 20.50
N LYS A 1366 -19.97 -19.20 19.49
CA LYS A 1366 -20.97 -18.49 18.72
C LYS A 1366 -21.95 -19.50 18.14
N GLU A 1367 -23.14 -19.01 17.84
CA GLU A 1367 -24.27 -19.90 17.65
C GLU A 1367 -24.00 -20.97 16.60
N TYR A 1368 -24.50 -22.17 16.87
CA TYR A 1368 -24.63 -23.20 15.83
C TYR A 1368 -23.28 -23.58 15.25
N GLU A 1369 -22.30 -23.78 16.12
CA GLU A 1369 -21.00 -24.26 15.70
C GLU A 1369 -20.59 -25.40 16.59
N ARG A 1370 -19.86 -26.35 16.03
CA ARG A 1370 -19.67 -27.65 16.66
C ARG A 1370 -18.36 -27.70 17.43
N ARG A 1371 -18.24 -28.76 18.24
CA ARG A 1371 -17.03 -28.98 19.02
C ARG A 1371 -15.81 -28.99 18.13
N GLU A 1372 -16.03 -29.23 16.86
CA GLU A 1372 -14.92 -29.35 15.95
C GLU A 1372 -14.31 -28.00 15.69
N ASP A 1373 -15.14 -26.99 15.46
CA ASP A 1373 -14.63 -25.63 15.43
C ASP A 1373 -13.91 -25.33 16.74
N PHE A 1374 -14.50 -25.74 17.86
CA PHE A 1374 -13.89 -25.49 19.16
C PHE A 1374 -12.46 -26.01 19.18
N GLN A 1375 -12.31 -27.32 19.02
CA GLN A 1375 -10.99 -27.90 19.15
C GLN A 1375 -10.07 -27.39 18.06
N MET A 1376 -10.46 -27.57 16.81
CA MET A 1376 -9.60 -27.13 15.73
C MET A 1376 -9.25 -25.68 15.90
N GLN A 1377 -10.10 -24.91 16.56
CA GLN A 1377 -9.83 -23.49 16.63
C GLN A 1377 -8.95 -23.16 17.82
N LEU A 1378 -8.85 -24.07 18.78
CA LEU A 1378 -7.77 -23.90 19.75
C LEU A 1378 -6.47 -24.44 19.18
N MET A 1379 -6.58 -25.51 18.40
CA MET A 1379 -5.50 -25.86 17.48
C MET A 1379 -5.10 -24.65 16.68
N THR A 1380 -6.06 -23.77 16.41
CA THR A 1380 -5.80 -22.59 15.62
C THR A 1380 -5.13 -21.51 16.45
N GLN A 1381 -5.73 -21.16 17.58
CA GLN A 1381 -5.22 -20.10 18.43
C GLN A 1381 -3.85 -20.47 18.95
N PHE A 1382 -3.35 -21.60 18.53
CA PHE A 1382 -2.01 -21.98 18.89
C PHE A 1382 -1.35 -22.72 17.76
N PRO A 1383 -0.34 -22.14 17.14
CA PRO A 1383 0.49 -22.95 16.25
C PRO A 1383 0.97 -24.20 16.94
N ASN A 1384 1.65 -24.05 18.06
CA ASN A 1384 2.10 -25.24 18.77
C ASN A 1384 0.95 -26.00 19.40
N ALA A 1385 -0.28 -25.59 19.14
CA ALA A 1385 -1.43 -26.27 19.71
C ALA A 1385 -1.28 -27.77 19.59
N GLU A 1386 -1.59 -28.46 20.68
CA GLU A 1386 -1.39 -29.89 20.70
C GLU A 1386 -2.47 -30.49 21.59
N LYS A 1387 -3.33 -31.32 21.01
CA LYS A 1387 -4.51 -31.84 21.69
C LYS A 1387 -4.14 -32.64 22.94
N MET A 1388 -4.94 -32.48 23.99
CA MET A 1388 -4.99 -33.47 25.04
C MET A 1388 -6.02 -34.53 24.67
N ASN A 1389 -6.03 -35.62 25.42
CA ASN A 1389 -7.06 -36.66 25.26
C ASN A 1389 -8.22 -36.43 26.21
N THR A 1390 -7.93 -36.52 27.51
CA THR A 1390 -8.91 -36.14 28.51
C THR A 1390 -9.20 -34.67 28.31
N THR A 1391 -10.42 -34.36 27.87
CA THR A 1391 -10.83 -32.97 27.71
C THR A 1391 -10.82 -32.21 29.03
N SER A 1392 -10.43 -32.89 30.12
CA SER A 1392 -10.22 -32.35 31.47
C SER A 1392 -9.18 -33.17 32.22
N ALA A 1393 -9.23 -33.10 33.55
CA ALA A 1393 -8.33 -33.85 34.43
C ALA A 1393 -6.90 -33.62 33.98
N PRO A 1394 -6.47 -32.38 33.86
CA PRO A 1394 -5.17 -32.09 33.26
C PRO A 1394 -4.06 -32.54 34.19
N GLY A 1395 -3.11 -33.28 33.65
CA GLY A 1395 -2.00 -33.76 34.47
C GLY A 1395 -1.18 -32.59 34.98
N ASP A 1396 -0.59 -32.78 36.16
CA ASP A 1396 0.17 -31.67 36.75
C ASP A 1396 1.33 -31.25 35.88
N ASP A 1397 2.01 -32.21 35.27
CA ASP A 1397 2.92 -31.84 34.20
C ASP A 1397 2.14 -31.24 33.04
N VAL A 1398 1.06 -31.89 32.64
CA VAL A 1398 0.20 -31.37 31.59
C VAL A 1398 -0.28 -30.00 32.03
N LYS A 1399 -0.20 -29.72 33.32
CA LYS A 1399 -0.44 -28.36 33.77
C LYS A 1399 0.81 -27.51 33.62
N ASN A 1400 1.97 -28.11 33.81
CA ASN A 1400 3.18 -27.35 34.03
C ASN A 1400 4.33 -27.84 33.18
N ALA A 1401 4.03 -28.57 32.11
CA ALA A 1401 5.03 -28.85 31.12
C ALA A 1401 4.99 -27.76 30.05
N PRO A 1402 6.11 -27.53 29.38
CA PRO A 1402 6.12 -26.58 28.26
C PRO A 1402 5.13 -26.89 27.17
N GLY A 1403 4.39 -27.99 27.27
CA GLY A 1403 3.58 -28.45 26.18
C GLY A 1403 2.28 -27.68 26.08
N GLN A 1404 2.01 -27.19 24.89
CA GLN A 1404 0.69 -26.66 24.61
C GLN A 1404 -0.29 -27.79 24.74
N TYR A 1405 -1.03 -27.80 25.84
CA TYR A 1405 -1.97 -28.86 26.15
C TYR A 1405 -3.38 -28.29 26.10
N ILE A 1406 -4.15 -28.77 25.13
CA ILE A 1406 -5.48 -28.26 24.83
C ILE A 1406 -6.47 -29.34 25.19
N GLN A 1407 -7.49 -29.00 26.00
CA GLN A 1407 -8.58 -29.93 26.23
C GLN A 1407 -9.91 -29.23 26.07
N CYS A 1408 -10.69 -29.66 25.08
CA CYS A 1408 -11.91 -28.96 24.70
C CYS A 1408 -13.04 -29.97 24.53
N PHE A 1409 -14.24 -29.57 24.90
CA PHE A 1409 -15.38 -30.47 24.80
C PHE A 1409 -16.62 -29.73 25.23
N THR A 1410 -17.73 -30.03 24.60
CA THR A 1410 -18.98 -29.43 24.98
C THR A 1410 -19.23 -29.58 26.47
N VAL A 1411 -19.95 -28.61 27.04
CA VAL A 1411 -20.50 -28.73 28.39
C VAL A 1411 -21.93 -28.19 28.40
N GLN A 1412 -22.51 -28.19 29.56
CA GLN A 1412 -23.90 -27.81 29.63
C GLN A 1412 -24.07 -26.52 30.39
N PRO A 1413 -25.21 -25.85 30.26
CA PRO A 1413 -25.53 -24.78 31.19
C PRO A 1413 -25.94 -25.36 32.53
N VAL A 1414 -26.35 -24.47 33.43
CA VAL A 1414 -27.25 -24.85 34.52
C VAL A 1414 -28.53 -24.07 34.32
N LEU A 1415 -29.66 -24.76 34.32
CA LEU A 1415 -30.93 -24.08 34.21
C LEU A 1415 -31.22 -23.35 35.50
N ASP A 1416 -31.18 -22.04 35.45
CA ASP A 1416 -31.47 -21.26 36.64
C ASP A 1416 -32.92 -20.79 36.58
N GLU A 1417 -33.32 -20.03 37.59
CA GLU A 1417 -34.70 -19.64 37.73
C GLU A 1417 -35.05 -18.52 36.77
N HIS A 1418 -36.24 -18.62 36.18
CA HIS A 1418 -36.78 -17.54 35.37
C HIS A 1418 -38.06 -17.14 36.07
N PRO A 1419 -37.93 -16.52 37.25
CA PRO A 1419 -39.02 -16.48 38.22
C PRO A 1419 -40.35 -16.15 37.58
N ARG A 1420 -40.36 -15.05 36.83
CA ARG A 1420 -41.60 -14.63 36.20
C ARG A 1420 -42.27 -15.79 35.50
N PHE A 1421 -41.61 -16.35 34.52
CA PHE A 1421 -42.28 -17.39 33.77
C PHE A 1421 -42.13 -18.73 34.44
N LYS A 1422 -41.20 -18.85 35.38
CA LYS A 1422 -41.25 -19.98 36.29
C LYS A 1422 -42.53 -19.96 37.10
N ASN A 1423 -43.05 -18.78 37.40
CA ASN A 1423 -44.25 -18.73 38.22
C ASN A 1423 -45.47 -19.21 37.51
N LYS A 1424 -45.40 -19.70 36.26
CA LYS A 1424 -46.61 -19.86 35.52
C LYS A 1424 -46.45 -20.86 34.39
N PRO A 1425 -47.48 -21.59 34.03
CA PRO A 1425 -47.40 -22.46 32.85
C PRO A 1425 -47.28 -21.64 31.59
N VAL A 1426 -46.17 -20.93 31.45
CA VAL A 1426 -46.06 -19.98 30.35
C VAL A 1426 -45.98 -20.73 29.05
N PRO A 1427 -46.72 -20.33 28.02
CA PRO A 1427 -46.39 -20.74 26.66
C PRO A 1427 -44.90 -20.55 26.45
N ASP A 1428 -44.20 -21.66 26.36
CA ASP A 1428 -42.76 -21.73 26.50
C ASP A 1428 -41.94 -20.73 25.70
N GLN A 1429 -42.11 -20.74 24.38
CA GLN A 1429 -41.01 -20.48 23.46
C GLN A 1429 -40.01 -19.50 24.03
N ILE A 1430 -40.49 -18.36 24.50
CA ILE A 1430 -39.59 -17.40 25.09
C ILE A 1430 -38.76 -18.03 26.18
N ILE A 1431 -39.32 -19.00 26.89
CA ILE A 1431 -38.58 -19.59 27.99
C ILE A 1431 -37.52 -20.56 27.51
N ASN A 1432 -37.59 -20.97 26.25
CA ASN A 1432 -36.59 -21.91 25.76
C ASN A 1432 -35.22 -21.26 25.74
N PHE A 1433 -35.14 -20.04 25.24
CA PHE A 1433 -33.91 -19.28 25.40
C PHE A 1433 -33.48 -19.24 26.86
N TYR A 1434 -34.42 -18.91 27.74
CA TYR A 1434 -34.10 -18.81 29.14
C TYR A 1434 -33.45 -20.07 29.64
N LYS A 1435 -33.81 -21.19 29.04
CA LYS A 1435 -32.88 -22.31 29.15
C LYS A 1435 -31.53 -21.94 28.58
N SER A 1436 -31.51 -21.51 27.32
CA SER A 1436 -30.24 -21.49 26.61
C SER A 1436 -29.21 -20.62 27.30
N ASN A 1437 -29.51 -19.34 27.52
CA ASN A 1437 -28.49 -18.35 27.81
C ASN A 1437 -28.87 -17.53 29.03
N TYR A 1438 -28.12 -16.45 29.23
CA TYR A 1438 -28.15 -15.68 30.46
C TYR A 1438 -27.94 -16.61 31.64
N VAL A 1439 -26.75 -17.17 31.71
CA VAL A 1439 -26.45 -18.24 32.65
C VAL A 1439 -24.99 -18.15 33.02
N GLN A 1440 -24.70 -18.43 34.29
CA GLN A 1440 -23.32 -18.45 34.74
C GLN A 1440 -22.93 -19.78 35.32
N ARG A 1441 -23.82 -20.46 36.00
CA ARG A 1441 -23.57 -21.83 36.36
C ARG A 1441 -23.82 -22.71 35.15
N PHE A 1442 -22.97 -23.70 35.00
CA PHE A 1442 -22.99 -24.53 33.81
C PHE A 1442 -22.76 -25.97 34.20
N HIS A 1443 -22.99 -26.89 33.28
CA HIS A 1443 -22.97 -28.30 33.61
C HIS A 1443 -22.15 -29.12 32.63
N TYR A 1444 -21.72 -30.30 33.09
CA TYR A 1444 -21.25 -31.35 32.20
C TYR A 1444 -21.08 -32.63 32.97
N SER A 1445 -21.83 -33.66 32.59
CA SER A 1445 -21.75 -34.96 33.23
C SER A 1445 -20.78 -35.87 32.50
N ARG A 1446 -20.47 -37.01 33.12
CA ARG A 1446 -19.60 -37.98 32.48
C ARG A 1446 -19.79 -39.39 33.05
N PRO A 1447 -20.15 -40.36 32.22
CA PRO A 1447 -20.41 -41.71 32.71
C PRO A 1447 -19.16 -42.47 33.10
N VAL A 1448 -19.34 -43.35 34.08
CA VAL A 1448 -18.28 -44.10 34.76
C VAL A 1448 -18.86 -45.38 35.32
N ARG A 1449 -18.36 -46.53 34.87
CA ARG A 1449 -19.00 -47.83 35.13
C ARG A 1449 -18.64 -48.32 36.52
N ARG A 1450 -19.67 -48.49 37.35
CA ARG A 1450 -19.45 -48.71 38.78
C ARG A 1450 -19.28 -50.18 39.13
N GLY A 1451 -20.34 -50.97 38.95
CA GLY A 1451 -20.26 -52.39 39.21
C GLY A 1451 -20.26 -53.16 37.91
N THR A 1452 -20.20 -54.48 38.04
CA THR A 1452 -20.35 -55.31 36.85
C THR A 1452 -21.80 -55.20 36.40
N VAL A 1453 -22.03 -54.37 35.38
CA VAL A 1453 -23.38 -53.98 34.98
C VAL A 1453 -23.99 -55.19 34.28
N ASP A 1454 -25.17 -55.57 34.68
CA ASP A 1454 -25.87 -56.70 34.10
C ASP A 1454 -26.47 -56.34 32.74
N PRO A 1455 -26.57 -57.32 31.82
CA PRO A 1455 -27.11 -57.02 30.49
C PRO A 1455 -28.58 -56.64 30.47
N GLU A 1456 -29.25 -56.55 31.62
CA GLU A 1456 -30.69 -56.37 31.64
C GLU A 1456 -31.09 -54.92 31.40
N ASN A 1457 -30.76 -54.03 32.34
CA ASN A 1457 -31.00 -52.60 32.20
C ASN A 1457 -29.76 -51.94 32.76
N GLU A 1458 -28.92 -51.42 31.86
CA GLU A 1458 -27.61 -50.90 32.25
C GLU A 1458 -27.74 -49.81 33.29
N PHE A 1459 -28.91 -49.19 33.36
CA PHE A 1459 -29.08 -47.94 34.10
C PHE A 1459 -28.94 -48.11 35.59
N ALA A 1460 -28.51 -49.27 36.09
CA ALA A 1460 -28.45 -49.44 37.53
C ALA A 1460 -27.04 -49.23 38.09
N SER A 1461 -26.04 -49.85 37.48
CA SER A 1461 -24.69 -49.90 38.04
C SER A 1461 -23.82 -48.73 37.66
N MET A 1462 -23.54 -48.55 36.37
CA MET A 1462 -22.72 -47.43 35.93
C MET A 1462 -23.34 -46.11 36.39
N TRP A 1463 -22.49 -45.17 36.77
CA TRP A 1463 -22.88 -43.88 37.30
C TRP A 1463 -22.32 -42.76 36.43
N ILE A 1464 -22.41 -41.54 36.91
CA ILE A 1464 -21.82 -40.39 36.23
C ILE A 1464 -21.18 -39.48 37.27
N GLU A 1465 -19.99 -39.01 36.98
CA GLU A 1465 -19.45 -37.85 37.68
C GLU A 1465 -19.74 -36.63 36.82
N ARG A 1466 -20.53 -35.72 37.34
CA ARG A 1466 -20.76 -34.43 36.69
C ARG A 1466 -19.98 -33.34 37.38
N THR A 1467 -19.52 -32.38 36.60
CA THR A 1467 -19.00 -31.15 37.13
C THR A 1467 -19.88 -30.01 36.63
N SER A 1468 -20.28 -29.14 37.54
CA SER A 1468 -20.88 -27.88 37.19
C SER A 1468 -19.88 -26.76 37.40
N PHE A 1469 -20.26 -25.55 37.06
CA PHE A 1469 -19.27 -24.53 36.84
C PHE A 1469 -19.80 -23.15 37.15
N VAL A 1470 -18.96 -22.31 37.75
CA VAL A 1470 -19.27 -20.92 38.06
C VAL A 1470 -18.06 -20.07 37.73
N THR A 1471 -18.27 -18.96 37.04
CA THR A 1471 -17.15 -18.16 36.59
C THR A 1471 -17.23 -16.74 37.13
N ALA A 1472 -16.41 -15.88 36.55
CA ALA A 1472 -16.35 -14.48 36.95
C ALA A 1472 -17.65 -13.73 36.70
N TYR A 1473 -18.39 -14.06 35.65
CA TYR A 1473 -19.57 -13.25 35.32
C TYR A 1473 -20.63 -14.12 34.67
N LYS A 1474 -21.86 -13.62 34.69
CA LYS A 1474 -22.93 -14.32 34.02
C LYS A 1474 -22.66 -14.37 32.52
N LEU A 1475 -22.79 -15.52 31.95
CA LEU A 1475 -22.67 -15.66 30.52
C LEU A 1475 -24.04 -15.46 29.88
N PRO A 1476 -24.10 -14.79 28.74
CA PRO A 1476 -22.95 -14.16 28.11
C PRO A 1476 -22.48 -13.03 28.96
N GLY A 1477 -21.22 -12.69 28.86
CA GLY A 1477 -20.67 -11.59 29.64
C GLY A 1477 -19.77 -10.71 28.79
N ILE A 1478 -18.71 -10.20 29.39
CA ILE A 1478 -17.83 -9.28 28.69
C ILE A 1478 -17.00 -10.04 27.67
N LEU A 1479 -17.04 -11.36 27.74
CA LEU A 1479 -16.20 -12.20 26.92
C LEU A 1479 -17.02 -13.30 26.30
N ARG A 1480 -16.62 -13.74 25.12
CA ARG A 1480 -17.31 -14.83 24.45
C ARG A 1480 -17.31 -16.07 25.32
N TRP A 1481 -16.74 -15.96 26.51
CA TRP A 1481 -16.61 -17.09 27.39
C TRP A 1481 -16.01 -16.60 28.68
N PHE A 1482 -15.99 -17.44 29.68
CA PHE A 1482 -15.43 -16.99 30.94
C PHE A 1482 -14.87 -18.15 31.72
N GLU A 1483 -13.90 -17.84 32.57
CA GLU A 1483 -13.16 -18.89 33.22
C GLU A 1483 -13.87 -19.27 34.49
N VAL A 1484 -14.18 -20.55 34.60
CA VAL A 1484 -14.98 -21.04 35.72
C VAL A 1484 -14.25 -20.71 37.01
N VAL A 1485 -14.82 -19.80 37.79
CA VAL A 1485 -14.25 -19.51 39.10
C VAL A 1485 -14.16 -20.79 39.91
N HIS A 1486 -15.16 -21.65 39.78
CA HIS A 1486 -15.14 -22.94 40.46
C HIS A 1486 -15.96 -23.95 39.69
N MET A 1487 -15.33 -25.07 39.37
CA MET A 1487 -16.04 -26.24 38.90
C MET A 1487 -16.30 -27.18 40.06
N SER A 1488 -17.30 -28.02 39.88
CA SER A 1488 -17.90 -28.82 40.94
C SER A 1488 -18.00 -30.24 40.43
N GLN A 1489 -17.06 -31.06 40.82
CA GLN A 1489 -17.05 -32.48 40.48
C GLN A 1489 -17.85 -33.25 41.54
N THR A 1490 -18.72 -34.16 41.08
CA THR A 1490 -19.62 -34.86 41.97
C THR A 1490 -20.25 -36.03 41.23
N THR A 1491 -20.24 -37.21 41.84
CA THR A 1491 -20.72 -38.42 41.21
C THR A 1491 -22.09 -38.82 41.76
N ILE A 1492 -22.87 -39.48 40.91
CA ILE A 1492 -24.32 -39.57 41.01
C ILE A 1492 -24.76 -41.02 40.86
N SER A 1493 -25.86 -41.36 41.53
CA SER A 1493 -26.55 -42.63 41.36
C SER A 1493 -27.69 -42.49 40.34
N PRO A 1494 -28.04 -43.57 39.63
CA PRO A 1494 -28.99 -43.44 38.50
C PRO A 1494 -30.41 -43.08 38.91
N LEU A 1495 -30.69 -42.91 40.20
CA LEU A 1495 -32.04 -42.59 40.62
C LEU A 1495 -32.54 -41.33 39.93
N GLU A 1496 -31.88 -40.20 40.19
CA GLU A 1496 -32.35 -38.97 39.61
C GLU A 1496 -32.24 -38.99 38.11
N ASN A 1497 -31.31 -39.79 37.58
CA ASN A 1497 -31.34 -40.11 36.16
C ASN A 1497 -32.75 -40.48 35.73
N ALA A 1498 -33.20 -41.67 36.09
CA ALA A 1498 -34.52 -42.10 35.63
C ALA A 1498 -35.58 -41.07 35.97
N ILE A 1499 -35.43 -40.41 37.13
CA ILE A 1499 -36.44 -39.47 37.59
C ILE A 1499 -36.62 -38.38 36.56
N GLU A 1500 -35.54 -37.66 36.25
CA GLU A 1500 -35.64 -36.63 35.24
C GLU A 1500 -36.10 -37.19 33.92
N THR A 1501 -35.59 -38.36 33.53
CA THR A 1501 -35.99 -38.91 32.24
C THR A 1501 -37.50 -38.87 32.11
N MET A 1502 -38.18 -39.65 32.94
CA MET A 1502 -39.62 -39.76 32.78
C MET A 1502 -40.31 -38.45 33.08
N SER A 1503 -39.94 -37.79 34.17
CA SER A 1503 -40.61 -36.56 34.56
C SER A 1503 -40.52 -35.53 33.45
N THR A 1504 -39.30 -35.09 33.14
CA THR A 1504 -39.10 -34.16 32.05
C THR A 1504 -39.79 -34.59 30.77
N ALA A 1505 -39.89 -35.89 30.49
CA ALA A 1505 -40.77 -36.30 29.41
C ALA A 1505 -42.16 -35.76 29.64
N ASN A 1506 -42.69 -36.02 30.83
CA ASN A 1506 -44.03 -35.57 31.18
C ASN A 1506 -44.13 -34.07 31.11
N GLU A 1507 -43.02 -33.38 31.29
CA GLU A 1507 -43.06 -31.93 31.35
C GLU A 1507 -43.07 -31.35 29.95
N LYS A 1508 -42.26 -31.91 29.05
CA LYS A 1508 -42.45 -31.64 27.64
C LYS A 1508 -43.92 -31.79 27.33
N ILE A 1509 -44.47 -32.91 27.76
CA ILE A 1509 -45.88 -33.19 27.54
C ILE A 1509 -46.74 -32.07 28.10
N LEU A 1510 -46.43 -31.65 29.32
CA LEU A 1510 -47.25 -30.68 30.01
C LEU A 1510 -47.29 -29.37 29.25
N MET A 1511 -46.13 -28.89 28.85
CA MET A 1511 -46.11 -27.69 28.02
C MET A 1511 -46.87 -27.94 26.72
N MET A 1512 -46.65 -29.12 26.12
CA MET A 1512 -47.33 -29.48 24.89
C MET A 1512 -48.82 -29.25 25.01
N ILE A 1513 -49.39 -29.67 26.14
CA ILE A 1513 -50.84 -29.64 26.24
C ILE A 1513 -51.32 -28.27 26.66
N ASN A 1514 -50.59 -27.62 27.58
CA ASN A 1514 -50.90 -26.22 27.85
C ASN A 1514 -50.95 -25.44 26.55
N GLN A 1515 -50.11 -25.83 25.60
CA GLN A 1515 -50.04 -25.17 24.30
C GLN A 1515 -51.22 -25.54 23.42
N TYR A 1516 -51.30 -26.79 23.01
CA TYR A 1516 -52.32 -27.13 22.03
C TYR A 1516 -53.70 -27.04 22.63
N GLN A 1517 -53.81 -26.74 23.93
CA GLN A 1517 -55.03 -26.17 24.48
C GLN A 1517 -55.44 -24.95 23.68
N SER A 1518 -54.45 -24.20 23.17
CA SER A 1518 -54.73 -22.98 22.44
C SER A 1518 -54.51 -23.14 20.93
N ASP A 1519 -53.45 -23.84 20.52
CA ASP A 1519 -53.10 -23.93 19.10
C ASP A 1519 -52.81 -25.37 18.73
N GLU A 1520 -53.64 -25.90 17.83
CA GLU A 1520 -53.39 -27.16 17.16
C GLU A 1520 -52.58 -27.00 15.89
N THR A 1521 -52.68 -25.84 15.22
CA THR A 1521 -52.06 -25.59 13.93
C THR A 1521 -50.59 -25.93 13.90
N LEU A 1522 -49.98 -25.98 15.04
CA LEU A 1522 -48.63 -26.45 15.18
C LEU A 1522 -48.56 -27.87 14.67
N PRO A 1523 -47.69 -28.14 13.70
CA PRO A 1523 -47.51 -29.52 13.26
C PRO A 1523 -47.34 -30.45 14.45
N ILE A 1524 -47.89 -31.64 14.31
CA ILE A 1524 -48.00 -32.53 15.45
C ILE A 1524 -46.87 -33.55 15.48
N ASN A 1525 -46.19 -33.77 14.35
CA ASN A 1525 -44.95 -34.51 14.42
C ASN A 1525 -44.11 -34.14 15.62
N PRO A 1526 -44.02 -32.87 16.02
CA PRO A 1526 -43.49 -32.59 17.35
C PRO A 1526 -44.28 -33.33 18.40
N LEU A 1527 -45.56 -33.01 18.47
CA LEU A 1527 -46.39 -33.55 19.53
C LEU A 1527 -46.65 -35.03 19.31
N SER A 1528 -47.11 -35.40 18.12
CA SER A 1528 -47.43 -36.80 17.86
C SER A 1528 -46.19 -37.66 17.95
N MET A 1529 -45.05 -37.12 17.55
CA MET A 1529 -43.82 -37.89 17.60
C MET A 1529 -43.37 -38.06 19.05
N LEU A 1530 -43.49 -36.99 19.84
CA LEU A 1530 -43.44 -37.13 21.29
C LEU A 1530 -44.31 -38.28 21.75
N LEU A 1531 -45.57 -38.27 21.34
CA LEU A 1531 -46.53 -39.25 21.81
C LEU A 1531 -46.09 -40.66 21.45
N ASN A 1532 -45.70 -40.87 20.20
CA ASN A 1532 -45.34 -42.21 19.76
C ASN A 1532 -44.07 -42.69 20.43
N GLY A 1533 -43.10 -41.79 20.61
CA GLY A 1533 -41.94 -42.15 21.39
C GLY A 1533 -42.33 -42.60 22.79
N ILE A 1534 -43.22 -41.85 23.45
CA ILE A 1534 -43.67 -42.23 24.78
C ILE A 1534 -44.31 -43.60 24.74
N VAL A 1535 -45.17 -43.82 23.74
CA VAL A 1535 -46.06 -44.98 23.73
C VAL A 1535 -45.37 -46.17 23.12
N ASP A 1536 -44.06 -46.13 22.99
CA ASP A 1536 -43.34 -47.17 22.28
C ASP A 1536 -42.53 -48.02 23.23
N PRO A 1537 -43.13 -48.98 23.95
CA PRO A 1537 -42.32 -50.01 24.56
C PRO A 1537 -42.11 -51.12 23.56
N ALA A 1538 -42.00 -50.70 22.31
CA ALA A 1538 -41.53 -51.59 21.26
C ALA A 1538 -40.12 -51.20 20.88
N VAL A 1539 -39.92 -49.90 20.64
CA VAL A 1539 -38.55 -49.42 20.60
C VAL A 1539 -37.94 -49.60 21.98
N MET A 1540 -38.72 -49.41 23.04
CA MET A 1540 -38.16 -49.51 24.37
C MET A 1540 -39.24 -49.55 25.42
N GLY A 1541 -39.22 -50.61 26.22
CA GLY A 1541 -40.00 -50.61 27.43
C GLY A 1541 -39.56 -49.57 28.43
N GLY A 1542 -38.30 -49.15 28.37
CA GLY A 1542 -37.87 -47.95 29.07
C GLY A 1542 -38.20 -47.97 30.54
N PHE A 1543 -39.27 -47.25 30.86
CA PHE A 1543 -39.99 -47.42 32.11
C PHE A 1543 -39.97 -48.88 32.50
N ALA A 1544 -40.39 -49.76 31.58
CA ALA A 1544 -40.32 -51.18 31.85
C ALA A 1544 -38.90 -51.60 32.15
N LYS A 1545 -37.98 -51.31 31.23
CA LYS A 1545 -36.56 -51.46 31.52
C LYS A 1545 -36.22 -50.81 32.84
N TYR A 1546 -36.78 -49.63 33.09
CA TYR A 1546 -36.71 -49.08 34.42
C TYR A 1546 -37.27 -50.05 35.43
N GLU A 1547 -38.58 -50.33 35.34
CA GLU A 1547 -39.13 -51.40 36.16
C GLU A 1547 -38.26 -52.64 36.11
N LYS A 1548 -37.74 -52.97 34.93
CA LYS A 1548 -36.83 -54.10 34.81
C LYS A 1548 -35.49 -53.84 35.46
N ALA A 1549 -35.26 -52.66 36.00
CA ALA A 1549 -34.10 -52.53 36.87
C ALA A 1549 -34.43 -51.83 38.17
N PHE A 1550 -35.46 -51.00 38.21
CA PHE A 1550 -35.67 -50.07 39.30
C PHE A 1550 -36.96 -50.34 40.08
N PHE A 1551 -38.06 -50.67 39.40
CA PHE A 1551 -39.10 -51.32 40.17
C PHE A 1551 -38.80 -52.78 40.42
N THR A 1552 -37.73 -53.31 39.82
CA THR A 1552 -37.30 -54.64 40.23
C THR A 1552 -37.00 -54.66 41.70
N GLU A 1553 -37.22 -55.82 42.30
CA GLU A 1553 -36.82 -56.05 43.68
C GLU A 1553 -35.34 -55.75 43.90
N GLU A 1554 -34.50 -55.93 42.89
CA GLU A 1554 -33.09 -55.58 43.06
C GLU A 1554 -32.97 -54.19 43.61
N TYR A 1555 -33.43 -53.21 42.84
CA TYR A 1555 -33.37 -51.82 43.25
C TYR A 1555 -34.13 -51.59 44.54
N VAL A 1556 -35.27 -52.25 44.69
CA VAL A 1556 -36.08 -52.03 45.88
C VAL A 1556 -35.29 -52.43 47.12
N ARG A 1557 -34.95 -53.70 47.23
CA ARG A 1557 -34.24 -54.21 48.40
C ARG A 1557 -32.93 -53.51 48.61
N ASP A 1558 -32.15 -53.34 47.55
CA ASP A 1558 -30.83 -52.75 47.68
C ASP A 1558 -30.91 -51.24 47.82
N HIS A 1559 -32.12 -50.71 47.78
CA HIS A 1559 -32.37 -49.31 48.08
C HIS A 1559 -33.60 -49.23 48.96
N PRO A 1560 -33.48 -49.67 50.22
CA PRO A 1560 -34.56 -49.41 51.17
C PRO A 1560 -34.80 -47.93 51.33
N GLU A 1561 -33.87 -47.12 50.85
CA GLU A 1561 -33.90 -45.67 50.99
C GLU A 1561 -34.45 -44.96 49.77
N ASP A 1562 -34.59 -45.64 48.63
CA ASP A 1562 -34.82 -44.97 47.36
C ASP A 1562 -36.18 -45.24 46.74
N GLN A 1563 -36.65 -46.48 46.78
CA GLN A 1563 -37.85 -46.87 46.05
C GLN A 1563 -38.98 -45.87 46.24
N ASP A 1564 -38.93 -45.09 47.32
CA ASP A 1564 -39.86 -44.01 47.60
C ASP A 1564 -40.16 -43.19 46.35
N LYS A 1565 -39.15 -42.52 45.81
CA LYS A 1565 -39.45 -41.68 44.65
C LYS A 1565 -39.83 -42.51 43.45
N LEU A 1566 -39.30 -43.73 43.38
CA LEU A 1566 -39.77 -44.73 42.43
C LEU A 1566 -41.28 -44.72 42.36
N THR A 1567 -41.90 -44.76 43.53
CA THR A 1567 -43.35 -44.63 43.64
C THR A 1567 -43.82 -43.38 42.91
N HIS A 1568 -43.38 -42.23 43.41
CA HIS A 1568 -43.68 -40.97 42.75
C HIS A 1568 -43.47 -41.07 41.26
N LEU A 1569 -42.46 -41.81 40.84
CA LEU A 1569 -42.19 -42.08 39.44
C LEU A 1569 -43.47 -42.42 38.69
N LYS A 1570 -44.09 -43.53 39.06
CA LYS A 1570 -45.31 -43.93 38.36
C LYS A 1570 -46.35 -42.84 38.45
N ASP A 1571 -46.44 -42.21 39.62
CA ASP A 1571 -47.30 -41.05 39.81
C ASP A 1571 -47.18 -40.09 38.64
N LEU A 1572 -45.95 -39.69 38.34
CA LEU A 1572 -45.71 -38.84 37.19
C LEU A 1572 -46.39 -39.44 35.98
N ILE A 1573 -45.94 -40.63 35.62
CA ILE A 1573 -46.56 -41.41 34.59
C ILE A 1573 -48.07 -41.37 34.75
N ALA A 1574 -48.54 -41.65 35.96
CA ALA A 1574 -49.98 -41.69 36.22
C ALA A 1574 -50.64 -40.37 35.88
N TRP A 1575 -50.10 -39.27 36.38
CA TRP A 1575 -50.68 -37.99 36.01
C TRP A 1575 -50.33 -37.65 34.58
N GLN A 1576 -49.25 -38.21 34.08
CA GLN A 1576 -48.99 -38.23 32.65
C GLN A 1576 -50.18 -38.76 31.88
N ILE A 1577 -50.87 -39.73 32.44
CA ILE A 1577 -51.85 -40.53 31.71
C ILE A 1577 -53.03 -39.70 31.19
N PRO A 1578 -53.93 -39.21 32.04
CA PRO A 1578 -55.25 -38.78 31.54
C PRO A 1578 -55.14 -37.69 30.51
N PHE A 1579 -53.93 -37.22 30.28
CA PHE A 1579 -53.68 -36.05 29.47
C PHE A 1579 -52.67 -36.34 28.38
N LEU A 1580 -51.81 -37.34 28.60
CA LEU A 1580 -51.30 -38.09 27.47
C LEU A 1580 -52.46 -38.28 26.53
N GLY A 1581 -53.44 -39.00 27.04
CA GLY A 1581 -54.73 -39.15 26.41
C GLY A 1581 -55.21 -37.81 25.93
N ALA A 1582 -55.30 -36.82 26.81
CA ALA A 1582 -55.78 -35.51 26.37
C ALA A 1582 -54.92 -35.03 25.22
N GLY A 1583 -53.61 -35.10 25.40
CA GLY A 1583 -52.74 -34.82 24.27
C GLY A 1583 -53.02 -35.75 23.12
N ILE A 1584 -53.04 -37.04 23.40
CA ILE A 1584 -53.55 -37.98 22.42
C ILE A 1584 -54.91 -37.54 21.94
N LYS A 1585 -55.78 -37.14 22.85
CA LYS A 1585 -57.04 -36.51 22.46
C LYS A 1585 -56.78 -35.42 21.45
N ILE A 1586 -55.97 -34.44 21.86
CA ILE A 1586 -55.55 -33.42 20.92
C ILE A 1586 -55.01 -34.06 19.66
N HIS A 1587 -54.15 -35.04 19.81
CA HIS A 1587 -53.68 -35.76 18.64
C HIS A 1587 -54.79 -36.57 18.01
N GLU A 1588 -55.67 -37.16 18.82
CA GLU A 1588 -56.89 -37.76 18.33
C GLU A 1588 -57.59 -36.78 17.40
N LYS A 1589 -57.46 -35.49 17.71
CA LYS A 1589 -57.91 -34.48 16.78
C LYS A 1589 -56.85 -34.23 15.72
N ARG A 1590 -55.63 -33.94 16.12
CA ARG A 1590 -54.60 -33.53 15.18
C ARG A 1590 -54.08 -34.70 14.38
N VAL A 1591 -54.67 -35.85 14.51
CA VAL A 1591 -54.26 -37.02 13.75
C VAL A 1591 -54.60 -36.81 12.29
N SER A 1592 -53.79 -37.40 11.41
CA SER A 1592 -54.06 -37.36 9.98
C SER A 1592 -55.00 -38.50 9.59
N ASP A 1593 -55.11 -38.71 8.28
CA ASP A 1593 -56.02 -39.69 7.72
C ASP A 1593 -55.48 -41.12 7.84
N ASN A 1594 -54.37 -41.40 7.18
CA ASN A 1594 -53.75 -42.72 7.20
C ASN A 1594 -53.01 -42.95 8.51
N LEU A 1595 -52.88 -41.91 9.32
CA LEU A 1595 -52.40 -42.04 10.69
C LEU A 1595 -53.54 -42.28 11.66
N ARG A 1596 -54.75 -41.88 11.29
CA ARG A 1596 -55.93 -42.22 12.08
C ARG A 1596 -55.91 -43.70 12.43
N PRO A 1597 -55.57 -44.60 11.51
CA PRO A 1597 -55.31 -45.97 11.94
C PRO A 1597 -54.01 -46.09 12.70
N PHE A 1598 -52.96 -45.40 12.24
CA PHE A 1598 -51.71 -45.44 12.96
C PHE A 1598 -51.86 -44.88 14.37
N HIS A 1599 -52.43 -43.69 14.48
CA HIS A 1599 -52.68 -43.13 15.81
C HIS A 1599 -53.69 -43.97 16.57
N ASP A 1600 -54.59 -44.64 15.87
CA ASP A 1600 -55.51 -45.49 16.60
C ASP A 1600 -54.75 -46.62 17.26
N ARG A 1601 -53.90 -47.28 16.49
CA ARG A 1601 -52.95 -48.23 17.04
C ARG A 1601 -52.24 -47.63 18.23
N MET A 1602 -51.83 -46.39 18.09
CA MET A 1602 -51.19 -45.67 19.18
C MET A 1602 -52.10 -45.64 20.40
N GLU A 1603 -53.34 -45.20 20.23
CA GLU A 1603 -54.26 -45.10 21.34
C GLU A 1603 -54.53 -46.47 21.92
N GLU A 1604 -54.45 -47.49 21.09
CA GLU A 1604 -54.64 -48.84 21.57
C GLU A 1604 -53.57 -49.18 22.57
N CYS A 1605 -52.33 -49.33 22.09
CA CYS A 1605 -51.25 -49.65 23.01
C CYS A 1605 -51.18 -48.64 24.12
N PHE A 1606 -51.65 -47.43 23.85
CA PHE A 1606 -51.71 -46.38 24.83
C PHE A 1606 -52.61 -46.76 25.99
N LYS A 1607 -53.89 -47.00 25.69
CA LYS A 1607 -54.77 -47.52 26.70
C LYS A 1607 -54.22 -48.77 27.34
N ASN A 1608 -53.48 -49.57 26.56
CA ASN A 1608 -52.93 -50.80 27.09
C ASN A 1608 -51.96 -50.52 28.21
N LEU A 1609 -50.85 -49.90 27.86
CA LEU A 1609 -49.86 -49.47 28.85
C LEU A 1609 -50.52 -48.65 29.92
N LYS A 1610 -51.57 -47.95 29.57
CA LYS A 1610 -52.29 -47.10 30.50
C LYS A 1610 -52.94 -47.93 31.59
N MET A 1611 -53.72 -48.93 31.20
CA MET A 1611 -54.28 -49.86 32.16
C MET A 1611 -53.19 -50.52 32.96
N LYS A 1612 -52.11 -50.90 32.28
CA LYS A 1612 -51.01 -51.58 32.93
C LYS A 1612 -50.50 -50.77 34.11
N VAL A 1613 -50.24 -49.49 33.89
CA VAL A 1613 -49.68 -48.67 34.95
C VAL A 1613 -50.74 -48.28 35.96
N GLU A 1614 -51.95 -47.95 35.51
CA GLU A 1614 -52.99 -47.57 36.45
C GLU A 1614 -53.22 -48.67 37.44
N LYS A 1615 -53.34 -49.90 36.94
CA LYS A 1615 -53.34 -51.04 37.84
C LYS A 1615 -52.04 -51.12 38.63
N GLU A 1616 -50.92 -50.76 38.02
CA GLU A 1616 -49.63 -50.96 38.68
C GLU A 1616 -49.60 -50.25 40.02
N TYR A 1617 -50.02 -49.00 40.06
CA TYR A 1617 -50.00 -48.29 41.33
C TYR A 1617 -51.21 -47.40 41.54
N GLY A 1618 -52.19 -47.44 40.67
CA GLY A 1618 -53.27 -46.48 40.74
C GLY A 1618 -53.18 -45.48 39.62
N VAL A 1619 -54.06 -44.49 39.71
CA VAL A 1619 -54.20 -43.48 38.67
C VAL A 1619 -53.88 -42.13 39.30
N ARG A 1620 -53.95 -41.08 38.50
CA ARG A 1620 -53.79 -39.74 39.02
C ARG A 1620 -54.88 -38.82 38.50
N ALA B 5 -17.31 -41.84 11.01
CA ALA B 5 -18.20 -40.75 11.40
C ALA B 5 -19.50 -40.85 10.63
N ASP B 6 -20.18 -41.98 10.78
CA ASP B 6 -21.34 -42.26 9.93
C ASP B 6 -22.55 -41.48 10.41
N ILE B 7 -22.31 -40.18 10.62
CA ILE B 7 -23.29 -39.24 11.14
C ILE B 7 -22.88 -37.88 10.58
N VAL B 8 -23.86 -36.99 10.43
CA VAL B 8 -23.55 -35.59 10.15
C VAL B 8 -24.54 -34.66 10.83
N LYS B 9 -24.01 -33.71 11.60
CA LYS B 9 -24.85 -32.74 12.28
C LYS B 9 -25.36 -31.71 11.28
N VAL B 10 -26.62 -31.30 11.42
CA VAL B 10 -27.17 -30.32 10.51
C VAL B 10 -28.33 -29.59 11.16
N ALA B 11 -28.44 -28.31 10.81
CA ALA B 11 -29.67 -27.56 10.99
C ALA B 11 -30.50 -27.67 9.71
N ILE B 12 -31.81 -27.65 9.86
CA ILE B 12 -32.70 -28.12 8.81
C ILE B 12 -33.86 -27.18 8.63
N GLU B 13 -34.19 -26.91 7.37
CA GLU B 13 -35.25 -25.97 7.00
C GLU B 13 -36.51 -26.67 6.56
N TRP B 14 -37.53 -25.83 6.37
CA TRP B 14 -38.82 -26.15 5.76
C TRP B 14 -39.61 -24.87 5.65
N PRO B 15 -40.44 -24.68 4.61
CA PRO B 15 -41.34 -23.53 4.63
C PRO B 15 -42.30 -23.60 5.80
N GLY B 16 -42.08 -22.75 6.78
CA GLY B 16 -42.93 -22.71 7.96
C GLY B 16 -42.44 -23.54 9.14
N ALA B 17 -41.25 -23.28 9.65
CA ALA B 17 -40.75 -24.00 10.82
C ALA B 17 -39.50 -23.31 11.36
N TYR B 18 -38.83 -24.01 12.24
CA TYR B 18 -37.48 -23.82 12.72
C TYR B 18 -36.64 -25.04 12.34
N PRO B 19 -35.32 -24.99 12.45
CA PRO B 19 -34.51 -26.06 11.87
C PRO B 19 -34.69 -27.36 12.63
N LYS B 20 -35.20 -28.37 11.96
CA LYS B 20 -34.99 -29.71 12.46
C LYS B 20 -33.49 -29.94 12.48
N LEU B 21 -32.97 -30.48 13.55
CA LEU B 21 -31.54 -30.65 13.66
C LEU B 21 -31.23 -32.14 13.56
N MET B 22 -30.55 -32.55 12.50
CA MET B 22 -30.25 -33.96 12.30
C MET B 22 -28.75 -34.19 12.33
N GLU B 23 -28.28 -34.88 13.36
CA GLU B 23 -27.03 -35.60 13.24
C GLU B 23 -27.40 -36.88 12.51
N ILE B 24 -27.65 -36.73 11.23
CA ILE B 24 -28.05 -37.84 10.38
C ILE B 24 -27.13 -39.00 10.62
N ASP B 25 -27.68 -40.14 10.94
CA ASP B 25 -26.85 -41.31 10.84
C ASP B 25 -26.44 -41.43 9.38
N GLN B 26 -25.17 -41.18 9.06
CA GLN B 26 -24.76 -41.43 7.67
C GLN B 26 -24.87 -42.89 7.32
N LYS B 27 -24.58 -43.79 8.26
CA LYS B 27 -24.91 -45.18 8.03
C LYS B 27 -26.40 -45.38 7.84
N LYS B 28 -27.21 -44.43 8.27
CA LYS B 28 -28.60 -44.51 7.85
C LYS B 28 -28.79 -43.83 6.50
N PRO B 29 -29.60 -44.42 5.64
CA PRO B 29 -29.64 -44.02 4.24
C PRO B 29 -30.03 -42.57 4.06
N LEU B 30 -29.75 -42.08 2.84
CA LEU B 30 -30.29 -40.84 2.35
C LEU B 30 -31.77 -40.84 2.66
N SER B 31 -32.48 -41.76 2.01
CA SER B 31 -33.92 -41.71 2.01
C SER B 31 -34.51 -42.16 3.34
N ALA B 32 -33.82 -43.03 4.06
CA ALA B 32 -34.37 -43.46 5.34
C ALA B 32 -34.50 -42.28 6.28
N ILE B 33 -33.39 -41.61 6.53
CA ILE B 33 -33.47 -40.41 7.33
C ILE B 33 -34.24 -39.32 6.58
N ILE B 34 -34.34 -39.41 5.25
CA ILE B 34 -35.20 -38.48 4.52
C ILE B 34 -36.61 -38.59 5.02
N LYS B 35 -37.12 -39.82 5.08
CA LYS B 35 -38.47 -40.02 5.55
C LYS B 35 -38.58 -39.68 7.01
N GLU B 36 -37.58 -40.06 7.80
CA GLU B 36 -37.47 -39.54 9.15
C GLU B 36 -37.83 -38.07 9.14
N VAL B 37 -37.17 -37.32 8.27
CA VAL B 37 -37.47 -35.91 8.14
C VAL B 37 -38.91 -35.71 7.75
N CYS B 38 -39.22 -36.07 6.52
CA CYS B 38 -40.41 -35.57 5.88
C CYS B 38 -41.66 -36.02 6.59
N ASP B 39 -41.59 -37.13 7.28
CA ASP B 39 -42.65 -37.55 8.16
C ASP B 39 -42.40 -37.13 9.59
N GLY B 40 -41.29 -36.46 9.85
CA GLY B 40 -41.16 -35.67 11.05
C GLY B 40 -41.53 -34.28 10.62
N TRP B 41 -42.12 -34.23 9.43
CA TRP B 41 -42.43 -32.99 8.75
C TRP B 41 -43.72 -33.10 7.96
N SER B 42 -44.41 -34.24 8.07
CA SER B 42 -45.67 -34.47 7.40
C SER B 42 -45.52 -34.39 5.89
N LEU B 43 -44.29 -34.32 5.41
CA LEU B 43 -44.12 -34.23 3.97
C LEU B 43 -44.51 -35.58 3.41
N ALA B 44 -45.80 -35.74 3.19
CA ALA B 44 -46.35 -36.97 2.66
C ALA B 44 -45.61 -37.35 1.40
N ASN B 45 -45.26 -38.63 1.31
CA ASN B 45 -44.40 -39.14 0.25
C ASN B 45 -43.01 -38.56 0.40
N HIS B 46 -42.46 -38.76 1.60
CA HIS B 46 -41.14 -38.27 1.98
C HIS B 46 -40.15 -38.36 0.84
N GLU B 47 -40.29 -39.43 0.06
CA GLU B 47 -39.48 -39.64 -1.13
C GLU B 47 -39.81 -38.69 -2.27
N TYR B 48 -40.81 -37.83 -2.13
CA TYR B 48 -41.07 -36.89 -3.21
C TYR B 48 -40.29 -35.62 -3.06
N PHE B 49 -39.27 -35.65 -2.19
CA PHE B 49 -38.61 -34.45 -1.73
C PHE B 49 -37.12 -34.71 -1.68
N ALA B 50 -36.42 -33.91 -2.45
CA ALA B 50 -34.99 -34.04 -2.62
C ALA B 50 -34.29 -32.88 -1.93
N LEU B 51 -33.00 -33.07 -1.71
CA LEU B 51 -32.21 -32.18 -0.86
C LEU B 51 -31.02 -31.65 -1.62
N GLN B 52 -30.99 -30.35 -1.76
CA GLN B 52 -29.86 -29.61 -2.23
C GLN B 52 -29.33 -28.83 -1.05
N HIS B 53 -28.39 -27.96 -1.33
CA HIS B 53 -28.11 -26.93 -0.38
C HIS B 53 -29.31 -26.02 -0.28
N ALA B 54 -29.62 -25.59 0.93
CA ALA B 54 -30.53 -24.47 1.04
C ALA B 54 -29.91 -23.25 0.40
N ASP B 55 -28.59 -23.20 0.41
CA ASP B 55 -27.80 -22.08 -0.07
C ASP B 55 -27.58 -22.18 -1.58
N SER B 56 -26.55 -21.49 -2.07
CA SER B 56 -26.30 -21.28 -3.49
C SER B 56 -26.33 -22.58 -4.27
N SER B 57 -26.22 -22.49 -5.59
CA SER B 57 -27.08 -23.17 -6.55
C SER B 57 -27.45 -24.60 -6.23
N ASN B 58 -27.02 -25.10 -5.09
CA ASN B 58 -27.89 -26.04 -4.40
C ASN B 58 -28.11 -27.27 -5.23
N PHE B 59 -27.06 -28.05 -5.39
CA PHE B 59 -27.19 -29.26 -6.17
C PHE B 59 -27.41 -30.46 -5.27
N TYR B 60 -28.16 -31.42 -5.78
CA TYR B 60 -28.66 -32.47 -4.94
C TYR B 60 -27.54 -33.36 -4.47
N ILE B 61 -27.87 -34.21 -3.53
CA ILE B 61 -26.90 -34.85 -2.67
C ILE B 61 -27.04 -36.35 -2.87
N THR B 62 -26.27 -36.89 -3.80
CA THR B 62 -26.27 -38.32 -4.05
C THR B 62 -25.01 -38.93 -3.50
N GLU B 63 -24.89 -40.25 -3.68
CA GLU B 63 -23.75 -41.02 -3.21
C GLU B 63 -22.50 -40.17 -3.26
N LYS B 64 -22.27 -39.54 -4.41
CA LYS B 64 -21.15 -38.64 -4.57
C LYS B 64 -21.42 -37.29 -3.92
N ASN B 65 -22.57 -36.70 -4.21
CA ASN B 65 -22.85 -35.44 -3.57
C ASN B 65 -23.15 -35.62 -2.09
N ARG B 66 -23.66 -36.80 -1.72
CA ARG B 66 -23.67 -37.21 -0.33
C ARG B 66 -22.29 -37.68 0.10
N ASN B 67 -21.47 -38.13 -0.84
CA ASN B 67 -20.06 -38.06 -0.52
C ASN B 67 -19.64 -36.61 -0.38
N GLU B 68 -20.27 -35.73 -1.13
CA GLU B 68 -20.09 -34.30 -0.96
C GLU B 68 -20.89 -33.78 0.16
N ILE B 69 -21.25 -34.64 1.11
CA ILE B 69 -21.84 -34.16 2.35
C ILE B 69 -20.81 -33.40 3.16
N LYS B 70 -21.25 -32.32 3.80
CA LYS B 70 -20.48 -31.57 4.80
C LYS B 70 -21.41 -31.07 5.90
N ASN B 71 -20.82 -30.54 6.96
CA ASN B 71 -21.56 -29.99 8.10
C ASN B 71 -21.20 -28.53 8.36
N GLY B 72 -22.21 -27.77 8.80
CA GLY B 72 -22.05 -26.37 9.10
C GLY B 72 -22.99 -25.42 8.41
N THR B 73 -24.11 -25.91 7.85
CA THR B 73 -25.15 -25.07 7.25
C THR B 73 -26.51 -25.79 7.23
N ILE B 74 -27.40 -25.29 6.37
CA ILE B 74 -28.76 -25.79 6.25
C ILE B 74 -29.05 -26.08 4.78
N LEU B 75 -30.05 -26.92 4.53
CA LEU B 75 -30.22 -27.52 3.22
C LEU B 75 -31.64 -27.29 2.70
N ARG B 76 -31.80 -27.52 1.40
CA ARG B 76 -33.05 -27.25 0.70
C ARG B 76 -33.75 -28.55 0.37
N LEU B 77 -34.83 -28.83 1.08
CA LEU B 77 -35.74 -29.90 0.72
C LEU B 77 -36.80 -29.36 -0.21
N THR B 78 -37.16 -30.15 -1.22
CA THR B 78 -38.12 -29.70 -2.21
C THR B 78 -38.72 -30.91 -2.92
N THR B 79 -39.44 -30.66 -4.00
CA THR B 79 -40.04 -31.75 -4.75
C THR B 79 -38.96 -32.73 -5.19
N SER B 80 -39.40 -33.89 -5.60
CA SER B 80 -38.45 -34.81 -6.19
C SER B 80 -37.84 -34.16 -7.43
N PRO B 81 -36.61 -34.53 -7.77
CA PRO B 81 -35.99 -33.97 -8.97
C PRO B 81 -36.77 -34.30 -10.23
N ALA B 82 -37.27 -35.51 -10.35
CA ALA B 82 -38.19 -35.80 -11.45
C ALA B 82 -39.52 -35.11 -11.21
N GLN B 83 -39.92 -34.96 -9.95
CA GLN B 83 -41.08 -34.13 -9.66
C GLN B 83 -40.82 -32.73 -10.16
N ASN B 84 -39.72 -32.13 -9.68
CA ASN B 84 -39.28 -30.85 -10.20
C ASN B 84 -39.32 -30.87 -11.72
N ALA B 85 -38.92 -32.00 -12.29
CA ALA B 85 -38.81 -32.11 -13.73
C ALA B 85 -40.16 -31.96 -14.39
N GLN B 86 -41.11 -32.82 -14.04
CA GLN B 86 -42.44 -32.73 -14.64
C GLN B 86 -43.07 -31.38 -14.35
N GLN B 87 -42.73 -30.79 -13.23
CA GLN B 87 -43.20 -29.44 -12.96
C GLN B 87 -42.72 -28.48 -14.03
N LEU B 88 -41.47 -28.57 -14.39
CA LEU B 88 -41.02 -27.65 -15.42
C LEU B 88 -41.50 -28.09 -16.79
N HIS B 89 -41.53 -29.41 -17.01
CA HIS B 89 -42.19 -30.04 -18.14
C HIS B 89 -43.64 -29.64 -18.21
N GLU B 90 -44.09 -28.91 -17.21
CA GLU B 90 -45.29 -28.12 -17.34
C GLU B 90 -44.93 -26.67 -17.65
N ARG B 91 -44.14 -26.04 -16.80
CA ARG B 91 -44.00 -24.59 -16.81
C ARG B 91 -43.31 -24.12 -18.08
N ILE B 92 -42.06 -24.50 -18.25
CA ILE B 92 -41.39 -24.19 -19.51
C ILE B 92 -42.13 -24.86 -20.64
N GLN B 93 -42.49 -26.12 -20.45
CA GLN B 93 -43.35 -26.78 -21.42
C GLN B 93 -44.70 -26.10 -21.52
N SER B 94 -44.97 -25.11 -20.69
CA SER B 94 -46.09 -24.20 -20.94
C SER B 94 -45.58 -22.93 -21.58
N SER B 95 -46.45 -22.29 -22.37
CA SER B 95 -46.18 -20.93 -22.79
C SER B 95 -46.49 -19.92 -21.72
N SER B 96 -46.61 -20.36 -20.47
CA SER B 96 -46.86 -19.44 -19.36
C SER B 96 -45.60 -18.64 -19.06
N MET B 97 -45.51 -17.45 -19.63
CA MET B 97 -44.29 -16.67 -19.52
C MET B 97 -43.86 -16.49 -18.08
N ASP B 98 -44.80 -16.47 -17.15
CA ASP B 98 -44.42 -16.55 -15.75
C ASP B 98 -43.82 -17.91 -15.44
N ALA B 99 -44.60 -18.98 -15.63
CA ALA B 99 -44.12 -20.31 -15.29
C ALA B 99 -42.88 -20.65 -16.10
N LYS B 100 -43.01 -20.59 -17.42
CA LYS B 100 -41.86 -20.83 -18.27
C LYS B 100 -40.69 -19.95 -17.87
N LEU B 101 -40.91 -18.67 -17.62
CA LEU B 101 -39.81 -17.75 -17.35
C LEU B 101 -39.09 -18.11 -16.06
N GLU B 102 -39.79 -18.08 -14.94
CA GLU B 102 -39.13 -18.32 -13.67
C GLU B 102 -38.55 -19.71 -13.63
N ALA B 103 -39.41 -20.72 -13.87
CA ALA B 103 -38.93 -22.08 -13.89
C ALA B 103 -37.78 -22.25 -14.86
N LEU B 104 -37.67 -21.37 -15.86
CA LEU B 104 -36.67 -21.55 -16.89
C LEU B 104 -35.33 -21.00 -16.47
N LYS B 105 -35.34 -19.80 -15.91
CA LYS B 105 -34.15 -19.34 -15.22
C LYS B 105 -33.67 -20.42 -14.28
N ASP B 106 -34.60 -20.98 -13.51
CA ASP B 106 -34.25 -22.06 -12.61
C ASP B 106 -33.58 -23.21 -13.35
N LEU B 107 -34.22 -23.69 -14.41
CA LEU B 107 -33.71 -24.87 -15.10
C LEU B 107 -32.35 -24.61 -15.69
N ALA B 108 -32.15 -23.43 -16.26
CA ALA B 108 -30.84 -23.04 -16.71
C ALA B 108 -29.83 -23.23 -15.60
N SER B 109 -30.17 -22.76 -14.41
CA SER B 109 -29.29 -23.03 -13.29
C SER B 109 -29.10 -24.53 -13.11
N LEU B 110 -30.21 -25.25 -12.98
CA LEU B 110 -30.16 -26.65 -12.59
C LEU B 110 -29.23 -27.43 -13.48
N SER B 111 -29.33 -27.19 -14.78
CA SER B 111 -28.72 -28.06 -15.77
C SER B 111 -27.25 -28.31 -15.52
N ARG B 112 -26.63 -27.51 -14.66
CA ARG B 112 -25.43 -28.01 -14.01
C ARG B 112 -25.70 -29.37 -13.42
N ASP B 113 -26.95 -29.65 -13.06
CA ASP B 113 -27.36 -31.00 -12.71
C ASP B 113 -27.08 -31.93 -13.87
N VAL B 114 -26.39 -33.01 -13.57
CA VAL B 114 -26.22 -34.07 -14.54
C VAL B 114 -27.14 -35.24 -14.22
N THR B 115 -27.49 -35.42 -12.96
CA THR B 115 -28.46 -36.44 -12.60
C THR B 115 -29.80 -36.15 -13.23
N PHE B 116 -30.47 -35.11 -12.77
CA PHE B 116 -31.69 -34.69 -13.41
C PHE B 116 -31.49 -34.48 -14.89
N ALA B 117 -30.27 -34.23 -15.32
CA ALA B 117 -30.01 -34.28 -16.76
C ALA B 117 -30.35 -35.66 -17.29
N GLN B 118 -29.82 -36.70 -16.66
CA GLN B 118 -30.25 -38.04 -17.05
C GLN B 118 -31.76 -38.15 -16.95
N GLU B 119 -32.29 -37.77 -15.79
CA GLU B 119 -33.73 -37.74 -15.54
C GLU B 119 -34.48 -37.04 -16.66
N PHE B 120 -33.84 -36.09 -17.31
CA PHE B 120 -34.58 -35.09 -18.05
C PHE B 120 -34.41 -35.26 -19.53
N ILE B 121 -33.29 -35.84 -19.91
CA ILE B 121 -33.21 -36.76 -21.01
C ILE B 121 -34.48 -37.55 -20.94
N ASN B 122 -34.72 -38.13 -19.79
CA ASN B 122 -35.90 -38.96 -19.68
C ASN B 122 -37.17 -38.13 -19.62
N LEU B 123 -37.08 -36.85 -19.32
CA LEU B 123 -38.17 -35.95 -19.63
C LEU B 123 -37.98 -35.31 -20.98
N ASP B 124 -37.00 -35.81 -21.74
CA ASP B 124 -36.79 -35.36 -23.11
C ASP B 124 -36.64 -33.85 -23.16
N GLY B 125 -35.89 -33.32 -22.19
CA GLY B 125 -35.64 -31.89 -22.20
C GLY B 125 -35.26 -31.34 -23.56
N ILE B 126 -34.53 -32.12 -24.35
CA ILE B 126 -34.02 -31.64 -25.64
C ILE B 126 -35.14 -31.40 -26.63
N SER B 127 -36.06 -32.34 -26.74
CA SER B 127 -37.21 -32.06 -27.58
C SER B 127 -37.84 -30.76 -27.15
N LEU B 128 -37.92 -30.55 -25.84
CA LEU B 128 -38.50 -29.32 -25.32
C LEU B 128 -37.73 -28.11 -25.79
N LEU B 129 -36.41 -28.22 -25.82
CA LEU B 129 -35.61 -27.05 -26.17
C LEU B 129 -35.64 -26.82 -27.66
N THR B 130 -35.34 -27.85 -28.42
CA THR B 130 -35.47 -27.80 -29.86
C THR B 130 -36.78 -27.16 -30.23
N GLN B 131 -37.83 -27.52 -29.52
CA GLN B 131 -39.09 -26.82 -29.69
C GLN B 131 -38.90 -25.35 -29.36
N MET B 132 -38.74 -25.04 -28.07
CA MET B 132 -38.71 -23.66 -27.61
C MET B 132 -37.78 -22.80 -28.43
N VAL B 133 -36.95 -23.42 -29.25
CA VAL B 133 -35.91 -22.79 -30.02
C VAL B 133 -36.39 -22.59 -31.45
N GLU B 134 -36.65 -23.71 -32.12
CA GLU B 134 -37.14 -23.69 -33.48
C GLU B 134 -38.52 -23.06 -33.55
N SER B 135 -39.12 -22.76 -32.42
CA SER B 135 -40.55 -22.59 -32.35
C SER B 135 -40.96 -21.29 -31.69
N GLY B 136 -40.17 -20.74 -30.78
CA GLY B 136 -40.51 -19.47 -30.18
C GLY B 136 -40.54 -18.35 -31.20
N THR B 137 -41.62 -17.58 -31.19
CA THR B 137 -41.91 -16.63 -32.26
C THR B 137 -40.87 -15.53 -32.24
N GLU B 138 -39.84 -15.67 -33.07
CA GLU B 138 -38.74 -14.72 -33.08
C GLU B 138 -38.30 -14.44 -31.65
N LEU B 139 -37.92 -15.51 -30.96
CA LEU B 139 -37.57 -15.48 -29.55
C LEU B 139 -36.78 -14.26 -29.10
N ASP B 153 -32.50 -14.58 -24.02
CA ASP B 153 -33.38 -14.02 -23.00
C ASP B 153 -33.75 -15.10 -22.00
N MET B 154 -35.03 -15.42 -21.92
CA MET B 154 -35.38 -16.69 -21.30
C MET B 154 -34.84 -17.83 -22.12
N LEU B 155 -34.79 -17.64 -23.44
CA LEU B 155 -34.10 -18.60 -24.28
C LEU B 155 -32.61 -18.59 -23.99
N SER B 156 -32.08 -17.51 -23.43
CA SER B 156 -30.74 -17.59 -22.88
C SER B 156 -30.69 -18.66 -21.80
N PHE B 157 -31.72 -18.72 -20.97
CA PHE B 157 -31.79 -19.83 -20.02
C PHE B 157 -31.86 -21.15 -20.77
N THR B 158 -32.68 -21.18 -21.82
CA THR B 158 -32.87 -22.39 -22.59
C THR B 158 -31.54 -22.94 -23.04
N LEU B 159 -30.78 -22.12 -23.74
CA LEU B 159 -29.46 -22.53 -24.19
C LEU B 159 -28.58 -22.84 -23.01
N THR B 160 -28.69 -22.06 -21.94
CA THR B 160 -27.86 -22.29 -20.79
C THR B 160 -27.99 -23.73 -20.34
N ALA B 161 -29.23 -24.11 -20.08
CA ALA B 161 -29.55 -25.45 -19.71
C ALA B 161 -28.97 -26.35 -20.76
N PHE B 162 -29.50 -26.21 -21.96
CA PHE B 162 -29.16 -27.05 -23.07
C PHE B 162 -27.69 -27.34 -23.08
N VAL B 163 -26.93 -26.28 -22.82
CA VAL B 163 -25.50 -26.34 -22.76
C VAL B 163 -25.18 -27.36 -21.70
N GLU B 164 -25.43 -26.99 -20.45
CA GLU B 164 -24.83 -27.78 -19.38
C GLU B 164 -25.25 -29.23 -19.52
N LEU B 165 -26.40 -29.44 -20.13
CA LEU B 165 -26.83 -30.78 -20.48
C LEU B 165 -25.87 -31.41 -21.45
N MET B 166 -25.83 -30.91 -22.67
CA MET B 166 -24.95 -31.49 -23.66
C MET B 166 -23.55 -31.61 -23.12
N ASP B 167 -23.13 -30.61 -22.35
CA ASP B 167 -21.93 -30.71 -21.55
C ASP B 167 -21.87 -32.03 -20.86
N HIS B 168 -22.92 -32.34 -20.10
CA HIS B 168 -22.92 -33.58 -19.36
C HIS B 168 -22.67 -34.77 -20.26
N GLY B 169 -22.70 -34.58 -21.57
CA GLY B 169 -22.00 -35.47 -22.46
C GLY B 169 -22.57 -36.86 -22.48
N ILE B 170 -23.37 -37.17 -21.46
CA ILE B 170 -24.22 -38.34 -21.50
C ILE B 170 -24.89 -38.25 -22.84
N VAL B 171 -25.19 -37.02 -23.20
CA VAL B 171 -25.90 -36.68 -24.40
C VAL B 171 -25.21 -37.37 -25.56
N SER B 172 -26.00 -38.12 -26.31
CA SER B 172 -25.78 -38.14 -27.74
C SER B 172 -26.09 -36.77 -28.28
N TRP B 173 -26.04 -36.63 -29.59
CA TRP B 173 -26.07 -35.30 -30.15
C TRP B 173 -26.95 -35.20 -31.37
N ASP B 174 -27.18 -36.30 -32.07
CA ASP B 174 -27.83 -36.29 -33.36
C ASP B 174 -29.21 -35.66 -33.28
N THR B 175 -29.87 -35.82 -32.14
CA THR B 175 -31.20 -35.27 -31.96
C THR B 175 -31.25 -33.79 -32.26
N PHE B 176 -30.17 -33.07 -32.02
CA PHE B 176 -30.11 -31.75 -32.59
C PHE B 176 -30.10 -31.95 -34.09
N SER B 177 -31.27 -31.79 -34.68
CA SER B 177 -31.42 -32.25 -36.04
C SER B 177 -30.61 -31.35 -36.95
N VAL B 178 -29.96 -31.97 -37.93
CA VAL B 178 -29.28 -31.18 -38.95
C VAL B 178 -30.18 -30.06 -39.44
N ALA B 179 -31.49 -30.29 -39.43
CA ALA B 179 -32.42 -29.23 -39.77
C ALA B 179 -32.52 -28.22 -38.64
N PHE B 180 -32.81 -28.70 -37.44
CA PHE B 180 -32.67 -27.84 -36.28
C PHE B 180 -31.29 -27.21 -36.27
N ILE B 181 -30.31 -27.92 -36.80
CA ILE B 181 -29.00 -27.34 -36.93
C ILE B 181 -29.01 -26.18 -37.92
N LYS B 182 -29.81 -26.30 -38.96
CA LYS B 182 -29.91 -25.18 -39.88
C LYS B 182 -30.59 -24.02 -39.19
N LYS B 183 -31.58 -24.33 -38.38
CA LYS B 183 -32.10 -23.34 -37.46
C LYS B 183 -30.95 -22.69 -36.73
N ILE B 184 -29.98 -23.48 -36.32
CA ILE B 184 -28.81 -22.90 -35.66
C ILE B 184 -28.05 -22.02 -36.63
N ALA B 185 -27.85 -22.51 -37.85
CA ALA B 185 -27.08 -21.78 -38.84
C ALA B 185 -27.72 -20.45 -39.12
N SER B 186 -29.02 -20.36 -38.88
CA SER B 186 -29.71 -19.09 -38.93
C SER B 186 -29.47 -18.28 -37.67
N PHE B 187 -29.67 -18.90 -36.51
CA PHE B 187 -29.49 -18.21 -35.24
C PHE B 187 -28.16 -17.49 -35.24
N VAL B 188 -27.15 -18.21 -35.64
CA VAL B 188 -25.85 -17.62 -35.82
C VAL B 188 -25.84 -16.69 -37.02
N ASN B 189 -26.37 -17.16 -38.15
CA ASN B 189 -26.46 -16.32 -39.34
C ASN B 189 -27.36 -15.13 -39.11
N LYS B 190 -28.18 -15.18 -38.07
CA LYS B 190 -28.94 -14.02 -37.67
C LYS B 190 -28.00 -12.87 -37.34
N SER B 191 -28.59 -11.71 -37.13
CA SER B 191 -27.87 -10.71 -36.38
C SER B 191 -27.13 -11.42 -35.27
N ALA B 192 -25.81 -11.26 -35.26
CA ALA B 192 -24.96 -11.99 -34.35
C ALA B 192 -25.50 -11.91 -32.93
N ILE B 193 -25.93 -13.05 -32.40
CA ILE B 193 -26.64 -13.10 -31.15
C ILE B 193 -25.69 -12.76 -30.01
N ASP B 194 -26.26 -12.44 -28.85
CA ASP B 194 -25.50 -11.86 -27.75
C ASP B 194 -24.31 -12.74 -27.41
N ILE B 195 -23.28 -12.10 -26.85
CA ILE B 195 -22.06 -12.82 -26.47
C ILE B 195 -22.44 -14.13 -25.82
N SER B 196 -23.21 -14.05 -24.74
CA SER B 196 -23.85 -15.24 -24.21
C SER B 196 -24.43 -16.07 -25.34
N ILE B 197 -25.39 -15.50 -26.06
CA ILE B 197 -26.25 -16.29 -26.92
C ILE B 197 -25.45 -16.96 -28.02
N LEU B 198 -24.98 -16.15 -28.98
CA LEU B 198 -24.35 -16.76 -30.14
C LEU B 198 -23.05 -17.40 -29.74
N GLN B 199 -22.45 -16.94 -28.66
CA GLN B 199 -21.23 -17.55 -28.18
C GLN B 199 -21.48 -19.00 -27.84
N ARG B 200 -22.44 -19.25 -26.95
CA ARG B 200 -22.72 -20.63 -26.58
C ARG B 200 -23.16 -21.43 -27.79
N SER B 201 -23.97 -20.81 -28.65
CA SER B 201 -24.29 -21.44 -29.91
C SER B 201 -23.03 -22.02 -30.51
N LEU B 202 -22.11 -21.13 -30.86
CA LEU B 202 -20.80 -21.51 -31.35
C LEU B 202 -20.23 -22.67 -30.59
N ALA B 203 -20.22 -22.54 -29.28
CA ALA B 203 -19.52 -23.51 -28.45
C ALA B 203 -20.03 -24.89 -28.76
N ILE B 204 -21.34 -25.06 -28.66
CA ILE B 204 -21.93 -26.37 -28.88
C ILE B 204 -21.74 -26.76 -30.32
N LEU B 205 -21.79 -25.80 -31.22
CA LEU B 205 -21.55 -26.08 -32.62
C LEU B 205 -20.24 -26.83 -32.76
N GLU B 206 -19.17 -26.17 -32.36
CA GLU B 206 -17.85 -26.78 -32.42
C GLU B 206 -17.84 -28.10 -31.71
N SER B 207 -18.60 -28.23 -30.64
CA SER B 207 -18.65 -29.52 -29.98
C SER B 207 -19.15 -30.58 -30.94
N MET B 208 -20.38 -30.43 -31.39
CA MET B 208 -20.99 -31.36 -32.32
C MET B 208 -20.03 -31.65 -33.44
N VAL B 209 -19.34 -30.62 -33.89
CA VAL B 209 -18.17 -30.83 -34.72
C VAL B 209 -17.31 -31.94 -34.14
N LEU B 210 -16.81 -31.70 -32.94
CA LEU B 210 -15.93 -32.67 -32.32
C LEU B 210 -16.52 -34.04 -32.32
N ASN B 211 -17.83 -34.16 -32.42
CA ASN B 211 -18.40 -35.48 -32.31
C ASN B 211 -18.10 -36.30 -33.55
N SER B 212 -18.61 -35.89 -34.70
CA SER B 212 -18.51 -36.78 -35.85
C SER B 212 -18.34 -36.06 -37.15
N HIS B 213 -18.05 -36.87 -38.18
CA HIS B 213 -17.77 -36.38 -39.51
C HIS B 213 -18.96 -35.62 -40.07
N ASP B 214 -20.05 -36.34 -40.34
CA ASP B 214 -21.23 -35.71 -40.92
C ASP B 214 -21.52 -34.38 -40.26
N LEU B 215 -21.38 -34.35 -38.93
CA LEU B 215 -21.68 -33.16 -38.18
C LEU B 215 -20.82 -32.01 -38.66
N TYR B 216 -19.52 -32.20 -38.60
CA TYR B 216 -18.58 -31.20 -39.09
C TYR B 216 -18.91 -30.81 -40.51
N GLN B 217 -19.11 -31.79 -41.38
CA GLN B 217 -19.35 -31.52 -42.79
C GLN B 217 -20.49 -30.54 -42.94
N LYS B 218 -21.66 -30.96 -42.48
CA LYS B 218 -22.83 -30.15 -42.69
C LYS B 218 -22.77 -28.90 -41.85
N VAL B 219 -21.92 -28.88 -40.84
CA VAL B 219 -21.65 -27.63 -40.15
C VAL B 219 -21.02 -26.66 -41.13
N ALA B 220 -19.97 -27.09 -41.81
CA ALA B 220 -19.50 -26.33 -42.94
C ALA B 220 -20.66 -26.05 -43.87
N GLN B 221 -21.42 -27.09 -44.18
CA GLN B 221 -22.64 -26.87 -44.95
C GLN B 221 -23.68 -26.10 -44.16
N GLU B 222 -23.36 -25.67 -42.95
CA GLU B 222 -24.19 -24.71 -42.25
C GLU B 222 -23.55 -23.33 -42.15
N ILE B 223 -22.29 -23.20 -42.53
CA ILE B 223 -21.56 -21.98 -42.23
C ILE B 223 -20.87 -21.45 -43.48
N THR B 224 -20.40 -20.22 -43.36
CA THR B 224 -19.33 -19.70 -44.16
C THR B 224 -18.25 -19.17 -43.24
N ILE B 225 -17.03 -19.13 -43.75
CA ILE B 225 -16.03 -18.31 -43.09
C ILE B 225 -16.46 -16.86 -43.14
N GLY B 226 -16.81 -16.38 -44.34
CA GLY B 226 -17.33 -15.03 -44.48
C GLY B 226 -18.29 -14.69 -43.37
N GLN B 227 -19.18 -15.61 -43.03
CA GLN B 227 -19.85 -15.51 -41.76
C GLN B 227 -18.82 -15.32 -40.65
N LEU B 228 -17.96 -16.31 -40.44
CA LEU B 228 -17.14 -16.38 -39.25
C LEU B 228 -16.35 -15.10 -39.00
N ILE B 229 -16.09 -14.34 -40.04
CA ILE B 229 -15.00 -13.37 -40.03
C ILE B 229 -15.34 -12.20 -39.11
N PRO B 230 -16.39 -11.43 -39.40
CA PRO B 230 -16.66 -10.26 -38.56
C PRO B 230 -16.74 -10.57 -37.08
N HIS B 231 -17.20 -11.76 -36.72
CA HIS B 231 -17.43 -12.07 -35.33
C HIS B 231 -16.13 -12.03 -34.56
N LEU B 232 -15.12 -12.68 -35.10
CA LEU B 232 -13.79 -12.48 -34.60
C LEU B 232 -13.35 -11.05 -34.75
N GLN B 233 -13.76 -10.38 -35.82
CA GLN B 233 -13.46 -8.96 -35.86
C GLN B 233 -14.14 -8.21 -34.73
N GLY B 234 -15.09 -8.83 -34.04
CA GLY B 234 -15.53 -8.28 -32.78
C GLY B 234 -14.43 -8.31 -31.75
N SER B 235 -14.45 -7.33 -30.85
CA SER B 235 -13.36 -7.13 -29.91
C SER B 235 -13.34 -8.13 -28.77
N ASP B 236 -14.48 -8.72 -28.43
CA ASP B 236 -14.60 -9.52 -27.22
C ASP B 236 -13.59 -10.66 -27.20
N GLN B 237 -12.63 -10.58 -26.29
CA GLN B 237 -11.70 -11.67 -26.06
C GLN B 237 -12.43 -12.99 -26.01
N GLU B 238 -13.57 -13.02 -25.35
CA GLU B 238 -14.36 -14.23 -25.26
C GLU B 238 -14.88 -14.65 -26.63
N ILE B 239 -15.61 -13.75 -27.31
CA ILE B 239 -16.20 -14.07 -28.61
C ILE B 239 -15.14 -14.53 -29.58
N GLN B 240 -14.05 -13.79 -29.63
CA GLN B 240 -12.92 -14.21 -30.44
C GLN B 240 -12.52 -15.60 -30.05
N THR B 241 -12.01 -15.78 -28.83
CA THR B 241 -11.62 -17.10 -28.32
C THR B 241 -12.53 -18.16 -28.85
N TYR B 242 -13.82 -17.89 -28.82
CA TYR B 242 -14.80 -18.85 -29.29
C TYR B 242 -14.58 -19.16 -30.75
N THR B 243 -14.87 -18.21 -31.62
CA THR B 243 -14.85 -18.54 -33.05
C THR B 243 -13.45 -18.91 -33.48
N ILE B 244 -12.47 -18.45 -32.73
CA ILE B 244 -11.11 -18.93 -32.88
C ILE B 244 -11.06 -20.43 -32.77
N ALA B 245 -11.30 -20.95 -31.56
CA ALA B 245 -11.24 -22.39 -31.36
C ALA B 245 -12.12 -23.09 -32.36
N VAL B 246 -13.19 -22.43 -32.78
CA VAL B 246 -14.02 -22.96 -33.83
C VAL B 246 -13.19 -23.23 -35.05
N ILE B 247 -12.52 -22.21 -35.55
CA ILE B 247 -11.81 -22.38 -36.80
C ILE B 247 -10.67 -23.33 -36.62
N ASN B 248 -10.09 -23.33 -35.43
CA ASN B 248 -9.16 -24.36 -35.07
C ASN B 248 -9.75 -25.71 -35.42
N ALA B 249 -10.93 -26.01 -34.89
CA ALA B 249 -11.57 -27.28 -35.19
C ALA B 249 -11.83 -27.42 -36.67
N LEU B 250 -12.22 -26.32 -37.30
CA LEU B 250 -12.46 -26.30 -38.72
C LEU B 250 -11.33 -27.00 -39.43
N PHE B 251 -10.13 -26.53 -39.18
CA PHE B 251 -9.01 -27.21 -39.79
C PHE B 251 -8.74 -28.56 -39.15
N LEU B 252 -9.20 -28.75 -37.92
CA LEU B 252 -8.94 -30.03 -37.27
C LEU B 252 -9.45 -31.18 -38.11
N LYS B 253 -10.65 -31.05 -38.62
CA LYS B 253 -11.28 -32.28 -39.08
C LYS B 253 -11.18 -32.53 -40.58
N ALA B 254 -10.88 -31.53 -41.39
CA ALA B 254 -11.19 -31.58 -42.82
C ALA B 254 -10.44 -32.67 -43.57
N PRO B 255 -10.73 -32.85 -44.86
CA PRO B 255 -9.77 -33.47 -45.75
C PRO B 255 -8.82 -32.42 -46.25
N ASP B 256 -7.52 -32.72 -46.14
CA ASP B 256 -6.50 -31.81 -46.62
C ASP B 256 -6.87 -31.23 -47.97
N GLU B 257 -7.22 -32.11 -48.91
CA GLU B 257 -7.72 -31.67 -50.20
C GLU B 257 -8.70 -30.53 -50.02
N ARG B 258 -9.83 -30.82 -49.38
CA ARG B 258 -10.73 -29.74 -48.99
C ARG B 258 -9.97 -28.71 -48.16
N ARG B 259 -9.24 -29.20 -47.17
CA ARG B 259 -8.60 -28.30 -46.24
C ARG B 259 -7.57 -27.42 -46.93
N GLN B 260 -7.09 -27.82 -48.10
CA GLN B 260 -6.20 -26.91 -48.78
C GLN B 260 -6.98 -25.67 -49.15
N GLU B 261 -7.90 -25.81 -50.09
CA GLU B 261 -8.74 -24.69 -50.47
C GLU B 261 -9.19 -23.92 -49.26
N MET B 262 -9.40 -24.64 -48.17
CA MET B 262 -9.75 -24.02 -46.91
C MET B 262 -8.71 -23.01 -46.48
N ALA B 263 -7.50 -23.48 -46.19
CA ALA B 263 -6.42 -22.58 -45.79
C ALA B 263 -6.23 -21.48 -46.82
N ASN B 264 -6.43 -21.84 -48.08
CA ASN B 264 -6.23 -20.91 -49.18
C ASN B 264 -7.11 -19.69 -49.01
N ILE B 265 -8.41 -19.91 -49.00
CA ILE B 265 -9.32 -18.80 -48.72
C ILE B 265 -8.92 -18.15 -47.41
N LEU B 266 -8.52 -18.96 -46.45
CA LEU B 266 -8.37 -18.48 -45.10
C LEU B 266 -7.39 -17.32 -45.04
N ALA B 267 -6.12 -17.65 -45.27
CA ALA B 267 -5.14 -16.58 -45.31
C ALA B 267 -5.51 -15.59 -46.39
N GLN B 268 -6.07 -16.10 -47.49
CA GLN B 268 -6.50 -15.25 -48.57
C GLN B 268 -7.42 -14.15 -48.09
N LYS B 269 -7.92 -14.24 -46.87
CA LYS B 269 -8.56 -13.10 -46.24
C LYS B 269 -7.57 -12.22 -45.55
N GLN B 270 -6.32 -12.17 -46.02
CA GLN B 270 -5.25 -11.48 -45.31
C GLN B 270 -5.28 -11.87 -43.85
N LEU B 271 -5.83 -13.05 -43.62
CA LEU B 271 -6.26 -13.51 -42.32
C LEU B 271 -5.33 -13.04 -41.22
N ARG B 272 -4.04 -13.18 -41.46
CA ARG B 272 -3.05 -12.81 -40.47
C ARG B 272 -3.13 -11.34 -40.14
N SER B 273 -3.58 -10.52 -41.08
CA SER B 273 -3.81 -9.12 -40.76
C SER B 273 -4.79 -9.00 -39.63
N ILE B 274 -5.89 -9.74 -39.71
CA ILE B 274 -6.88 -9.70 -38.65
C ILE B 274 -6.27 -10.21 -37.37
N ILE B 275 -5.59 -11.34 -37.47
CA ILE B 275 -4.80 -11.83 -36.35
C ILE B 275 -4.05 -10.67 -35.73
N LEU B 276 -3.27 -10.00 -36.56
CA LEU B 276 -2.45 -8.91 -36.12
C LEU B 276 -3.26 -7.90 -35.35
N THR B 277 -4.21 -7.29 -36.04
CA THR B 277 -4.95 -6.18 -35.50
C THR B 277 -5.64 -6.55 -34.20
N HIS B 278 -6.57 -7.47 -34.27
CA HIS B 278 -7.44 -7.63 -33.14
C HIS B 278 -6.89 -8.60 -32.12
N VAL B 279 -5.77 -9.24 -32.41
CA VAL B 279 -5.27 -10.25 -31.51
C VAL B 279 -3.85 -9.92 -31.12
N ILE B 280 -2.97 -9.99 -32.11
CA ILE B 280 -1.62 -9.54 -31.85
C ILE B 280 -1.65 -8.10 -31.38
N ARG B 281 -2.19 -7.24 -32.21
CA ARG B 281 -2.40 -5.88 -31.78
C ARG B 281 -3.50 -5.76 -30.77
N ALA B 282 -4.07 -6.86 -30.30
CA ALA B 282 -4.86 -6.74 -29.10
C ALA B 282 -3.94 -6.45 -27.93
N GLN B 283 -3.86 -5.18 -27.56
CA GLN B 283 -3.23 -4.82 -26.29
C GLN B 283 -3.99 -5.44 -25.15
N ARG B 284 -5.30 -5.24 -25.11
CA ARG B 284 -6.15 -6.07 -24.29
C ARG B 284 -5.82 -7.51 -24.62
N ALA B 285 -5.19 -8.16 -23.65
CA ALA B 285 -4.42 -9.37 -23.93
C ALA B 285 -5.34 -10.50 -24.31
N ILE B 286 -4.75 -11.66 -24.48
CA ILE B 286 -5.43 -12.77 -25.12
C ILE B 286 -5.59 -13.91 -24.12
N ASN B 287 -6.82 -14.41 -24.00
CA ASN B 287 -7.09 -15.47 -23.06
C ASN B 287 -6.05 -16.56 -23.24
N ASN B 288 -5.27 -16.80 -22.19
CA ASN B 288 -4.41 -17.96 -22.20
C ASN B 288 -5.18 -19.18 -22.67
N GLU B 289 -6.48 -19.18 -22.43
CA GLU B 289 -7.37 -19.99 -23.23
C GLU B 289 -7.18 -19.70 -24.69
N MET B 290 -7.70 -18.57 -25.14
CA MET B 290 -7.56 -18.14 -26.52
C MET B 290 -6.13 -18.35 -26.94
N ALA B 291 -5.20 -17.63 -26.30
CA ALA B 291 -3.78 -17.74 -26.60
C ALA B 291 -3.35 -19.17 -26.77
N HIS B 292 -4.00 -20.08 -26.06
CA HIS B 292 -3.65 -21.47 -26.20
C HIS B 292 -4.17 -22.01 -27.52
N GLN B 293 -5.45 -21.77 -27.77
CA GLN B 293 -6.03 -22.06 -29.08
C GLN B 293 -5.13 -21.54 -30.16
N LEU B 294 -4.33 -20.55 -29.82
CA LEU B 294 -3.52 -19.90 -30.83
C LEU B 294 -2.20 -20.62 -31.00
N TYR B 295 -1.52 -20.88 -29.90
CA TYR B 295 -0.55 -21.97 -29.82
C TYR B 295 -0.94 -23.06 -30.81
N VAL B 296 -2.14 -23.58 -30.62
CA VAL B 296 -2.67 -24.60 -31.50
C VAL B 296 -2.67 -24.13 -32.93
N LEU B 297 -3.48 -23.12 -33.21
CA LEU B 297 -3.66 -22.63 -34.56
C LEU B 297 -2.35 -22.56 -35.29
N GLN B 298 -1.38 -21.94 -34.65
CA GLN B 298 -0.01 -21.98 -35.10
C GLN B 298 0.35 -23.37 -35.54
N VAL B 299 0.42 -24.28 -34.57
CA VAL B 299 0.85 -25.65 -34.86
C VAL B 299 0.21 -26.12 -36.14
N LEU B 300 -1.08 -25.85 -36.29
CA LEU B 300 -1.83 -26.37 -37.41
C LEU B 300 -1.30 -25.78 -38.69
N THR B 301 -1.51 -24.49 -38.83
CA THR B 301 -1.00 -23.70 -39.92
C THR B 301 0.32 -24.24 -40.37
N PHE B 302 1.14 -24.58 -39.39
CA PHE B 302 2.43 -25.15 -39.66
C PHE B 302 2.28 -26.48 -40.36
N ASN B 303 1.80 -27.45 -39.61
CA ASN B 303 1.79 -28.83 -40.07
C ASN B 303 1.14 -28.98 -41.40
N LEU B 304 0.29 -28.02 -41.78
CA LEU B 304 -0.38 -28.01 -43.07
C LEU B 304 0.56 -28.44 -44.17
N LEU B 305 1.82 -28.16 -43.94
CA LEU B 305 2.84 -28.07 -44.94
C LEU B 305 3.86 -29.18 -44.78
N GLU B 306 3.88 -29.78 -43.59
CA GLU B 306 4.60 -31.01 -43.30
C GLU B 306 4.46 -31.96 -44.48
N ASP B 307 3.28 -31.93 -45.12
CA ASP B 307 3.07 -32.64 -46.37
C ASP B 307 4.26 -32.48 -47.32
N ARG B 308 4.61 -31.24 -47.63
CA ARG B 308 5.78 -31.03 -48.45
C ARG B 308 7.03 -31.42 -47.71
N MET B 309 7.09 -31.03 -46.44
CA MET B 309 8.11 -31.60 -45.57
C MET B 309 8.08 -33.11 -45.64
N MET B 310 6.91 -33.68 -45.91
CA MET B 310 6.78 -35.11 -46.16
C MET B 310 7.00 -35.45 -47.62
N THR B 311 7.02 -34.48 -48.50
CA THR B 311 7.07 -34.78 -49.92
C THR B 311 8.51 -34.93 -50.37
N LYS B 312 8.85 -36.13 -50.82
CA LYS B 312 10.17 -36.45 -51.32
C LYS B 312 10.25 -36.14 -52.81
N MET B 313 11.33 -36.60 -53.47
CA MET B 313 11.66 -36.18 -54.80
C MET B 313 11.78 -37.35 -55.79
N ASP B 314 11.65 -37.00 -57.07
CA ASP B 314 11.95 -37.85 -58.22
C ASP B 314 13.15 -37.25 -58.95
N PRO B 315 14.36 -37.57 -58.56
CA PRO B 315 15.54 -36.97 -59.20
C PRO B 315 15.62 -37.26 -60.69
N GLN B 316 15.30 -38.49 -61.10
CA GLN B 316 15.32 -38.83 -62.52
C GLN B 316 14.47 -37.89 -63.35
N ASP B 317 13.48 -37.25 -62.75
CA ASP B 317 12.70 -36.22 -63.43
C ASP B 317 13.59 -35.07 -63.86
N GLN B 318 13.13 -34.31 -64.87
CA GLN B 318 13.84 -33.10 -65.28
C GLN B 318 13.25 -31.85 -64.63
N ALA B 319 11.92 -31.72 -64.62
CA ALA B 319 11.28 -30.47 -64.22
C ALA B 319 11.89 -29.92 -62.94
N GLN B 320 12.11 -30.78 -61.97
CA GLN B 320 12.89 -30.38 -60.82
C GLN B 320 14.24 -29.84 -61.24
N ARG B 321 14.85 -30.48 -62.23
CA ARG B 321 16.16 -30.01 -62.65
C ARG B 321 16.06 -28.66 -63.34
N ASP B 322 14.93 -28.37 -63.98
CA ASP B 322 14.71 -27.01 -64.43
C ASP B 322 14.70 -26.07 -63.25
N ILE B 323 13.92 -26.44 -62.24
CA ILE B 323 13.85 -25.67 -61.01
C ILE B 323 15.25 -25.34 -60.54
N ILE B 324 16.01 -26.39 -60.25
CA ILE B 324 17.26 -26.23 -59.56
C ILE B 324 18.30 -25.61 -60.46
N PHE B 325 18.30 -25.94 -61.76
CA PHE B 325 19.27 -25.31 -62.63
C PHE B 325 18.99 -23.83 -62.76
N GLU B 326 17.76 -23.46 -63.10
CA GLU B 326 17.48 -22.06 -63.27
C GLU B 326 17.75 -21.31 -61.98
N LEU B 327 17.55 -21.97 -60.85
CA LEU B 327 17.89 -21.33 -59.59
C LEU B 327 19.39 -21.10 -59.50
N ARG B 328 20.17 -22.17 -59.71
CA ARG B 328 21.62 -22.04 -59.80
C ARG B 328 22.01 -20.97 -60.80
N ARG B 329 21.21 -20.84 -61.85
CA ARG B 329 21.54 -19.94 -62.93
C ARG B 329 21.32 -18.51 -62.48
N ILE B 330 20.13 -18.21 -61.95
CA ILE B 330 19.93 -16.96 -61.27
C ILE B 330 21.07 -16.70 -60.31
N ALA B 331 21.43 -17.74 -59.55
CA ALA B 331 22.53 -17.66 -58.62
C ALA B 331 23.87 -17.53 -59.31
N PHE B 332 23.89 -17.67 -60.64
CA PHE B 332 25.09 -17.56 -61.46
C PHE B 332 24.91 -16.60 -62.62
N ASP B 333 23.68 -16.37 -63.04
CA ASP B 333 23.37 -15.58 -64.21
C ASP B 333 22.16 -14.68 -63.91
N ARG B 354 28.99 -30.65 -60.76
CA ARG B 354 29.84 -30.11 -61.81
C ARG B 354 29.02 -29.25 -62.73
N ASP B 355 29.38 -27.97 -62.76
CA ASP B 355 28.45 -26.85 -62.94
C ASP B 355 27.66 -26.82 -61.64
N TYR B 356 27.97 -27.78 -60.79
CA TYR B 356 27.38 -28.01 -59.49
C TYR B 356 28.41 -28.45 -58.48
N LYS B 357 29.64 -28.68 -58.91
CA LYS B 357 30.70 -28.99 -57.98
C LYS B 357 30.92 -27.84 -57.02
N LYS B 358 31.10 -26.64 -57.56
CA LYS B 358 31.16 -25.45 -56.71
C LYS B 358 29.95 -25.41 -55.80
N LEU B 359 28.85 -25.94 -56.28
CA LEU B 359 27.60 -25.82 -55.57
C LEU B 359 27.56 -26.64 -54.31
N GLY B 360 28.69 -27.15 -53.87
CA GLY B 360 28.88 -27.67 -52.53
C GLY B 360 27.71 -28.40 -51.91
N PHE B 361 27.01 -29.20 -52.70
CA PHE B 361 26.05 -30.12 -52.12
C PHE B 361 26.77 -31.23 -51.38
N ILE B 362 25.99 -32.22 -50.97
CA ILE B 362 26.56 -33.55 -50.78
C ILE B 362 26.94 -34.14 -52.14
N ASN B 363 26.07 -34.00 -53.13
CA ASN B 363 26.30 -34.56 -54.45
C ASN B 363 26.26 -33.47 -55.50
N HIS B 364 27.24 -33.47 -56.40
CA HIS B 364 27.24 -32.55 -57.53
C HIS B 364 26.88 -33.23 -58.83
N VAL B 365 26.47 -34.48 -58.78
CA VAL B 365 26.02 -35.19 -59.97
C VAL B 365 24.52 -35.33 -59.86
N ASN B 366 24.03 -35.46 -58.64
CA ASN B 366 22.60 -35.48 -58.40
C ASN B 366 22.31 -35.34 -56.91
N PRO B 367 22.42 -34.15 -56.32
CA PRO B 367 21.95 -33.98 -54.93
C PRO B 367 20.45 -34.09 -54.80
N ALA B 368 19.73 -34.23 -55.92
CA ALA B 368 18.28 -34.35 -55.89
C ALA B 368 17.83 -35.56 -55.10
N MET B 369 18.67 -36.60 -55.06
CA MET B 369 18.37 -37.76 -54.22
C MET B 369 18.15 -37.37 -52.77
N ASP B 370 18.96 -36.43 -52.26
CA ASP B 370 18.80 -35.99 -50.89
C ASP B 370 17.42 -35.45 -50.60
N PHE B 371 16.64 -35.17 -51.64
CA PHE B 371 15.32 -34.59 -51.49
C PHE B 371 14.25 -35.57 -51.87
N THR B 372 14.64 -36.72 -52.29
CA THR B 372 13.81 -37.88 -52.17
C THR B 372 13.80 -38.36 -50.84
N GLN B 373 14.32 -37.50 -49.97
CA GLN B 373 14.36 -37.74 -48.54
C GLN B 373 13.60 -36.61 -47.87
N THR B 374 12.46 -36.96 -47.32
CA THR B 374 11.83 -36.14 -46.33
C THR B 374 12.19 -36.70 -44.97
N PRO B 375 12.64 -35.88 -44.04
CA PRO B 375 12.79 -34.44 -44.22
C PRO B 375 13.98 -34.10 -45.07
N PRO B 376 13.85 -33.07 -45.89
CA PRO B 376 12.59 -32.34 -46.01
C PRO B 376 11.84 -32.76 -47.24
N GLY B 377 12.55 -33.52 -48.07
CA GLY B 377 12.11 -33.71 -49.42
C GLY B 377 12.06 -32.36 -50.10
N MET B 378 10.96 -32.12 -50.82
CA MET B 378 10.84 -30.91 -51.62
C MET B 378 10.97 -29.64 -50.79
N LEU B 379 10.79 -29.76 -49.48
CA LEU B 379 10.68 -28.61 -48.62
C LEU B 379 11.91 -27.71 -48.70
N ALA B 380 13.11 -28.29 -48.61
CA ALA B 380 14.30 -27.45 -48.65
C ALA B 380 14.43 -26.72 -49.98
N LEU B 381 14.12 -27.40 -51.09
CA LEU B 381 14.17 -26.73 -52.38
C LEU B 381 13.25 -25.52 -52.38
N ASP B 382 12.03 -25.71 -51.88
CA ASP B 382 11.13 -24.59 -51.74
C ASP B 382 11.81 -23.45 -51.00
N ASN B 383 12.47 -23.79 -49.91
CA ASN B 383 13.07 -22.77 -49.07
C ASN B 383 14.11 -21.98 -49.83
N MET B 384 14.98 -22.67 -50.54
CA MET B 384 16.01 -21.95 -51.27
C MET B 384 15.37 -21.04 -52.29
N LEU B 385 14.36 -21.54 -52.99
CA LEU B 385 13.63 -20.68 -53.89
C LEU B 385 13.12 -19.46 -53.16
N TYR B 386 12.76 -19.65 -51.89
CA TYR B 386 12.15 -18.58 -51.12
C TYR B 386 13.17 -17.51 -50.76
N PHE B 387 14.28 -17.92 -50.16
CA PHE B 387 15.35 -16.96 -49.94
C PHE B 387 15.70 -16.26 -51.22
N ALA B 388 15.67 -16.99 -52.33
CA ALA B 388 16.05 -16.43 -53.59
C ALA B 388 15.14 -15.29 -53.96
N LYS B 389 13.91 -15.64 -54.31
CA LYS B 389 13.01 -14.65 -54.83
C LYS B 389 12.75 -13.59 -53.79
N HIS B 390 12.88 -13.98 -52.53
CA HIS B 390 12.84 -13.02 -51.45
C HIS B 390 14.08 -12.16 -51.43
N HIS B 391 15.25 -12.74 -51.66
CA HIS B 391 16.47 -11.96 -51.47
C HIS B 391 17.54 -12.36 -52.45
N GLN B 392 17.15 -12.49 -53.73
CA GLN B 392 18.09 -12.85 -54.79
C GLN B 392 19.45 -12.17 -54.61
N ASP B 393 19.47 -10.92 -54.16
CA ASP B 393 20.74 -10.24 -53.93
C ASP B 393 21.57 -10.96 -52.89
N ALA B 394 21.12 -10.90 -51.64
CA ALA B 394 21.83 -11.62 -50.59
C ALA B 394 21.89 -13.09 -50.92
N TYR B 395 20.89 -13.59 -51.65
CA TYR B 395 20.83 -15.01 -51.97
C TYR B 395 22.02 -15.45 -52.79
N ILE B 396 22.10 -14.96 -54.03
CA ILE B 396 23.25 -15.25 -54.89
C ILE B 396 24.53 -14.83 -54.21
N ARG B 397 24.48 -13.78 -53.37
CA ARG B 397 25.64 -13.42 -52.59
C ARG B 397 26.17 -14.63 -51.85
N ILE B 398 25.31 -15.24 -51.04
CA ILE B 398 25.69 -16.46 -50.33
C ILE B 398 26.12 -17.52 -51.32
N VAL B 399 25.32 -17.69 -52.37
CA VAL B 399 25.57 -18.73 -53.37
C VAL B 399 27.04 -18.78 -53.71
N LEU B 400 27.56 -17.63 -54.09
CA LEU B 400 28.95 -17.54 -54.46
C LEU B 400 29.87 -17.30 -53.28
N GLU B 401 29.30 -17.02 -52.10
CA GLU B 401 30.12 -16.75 -50.93
C GLU B 401 31.07 -17.90 -50.66
N ASN B 402 30.54 -19.06 -50.35
CA ASN B 402 31.37 -20.16 -49.93
C ASN B 402 31.64 -21.14 -51.03
N SER B 403 30.79 -21.21 -52.05
CA SER B 403 31.07 -22.01 -53.23
C SER B 403 32.36 -21.57 -53.93
N SER B 404 33.02 -20.56 -53.37
CA SER B 404 34.22 -19.99 -53.92
C SER B 404 35.46 -20.28 -53.11
N ARG B 405 35.38 -20.25 -51.80
CA ARG B 405 36.55 -20.37 -50.94
C ARG B 405 36.97 -21.83 -50.85
N GLU B 406 38.25 -22.10 -51.11
CA GLU B 406 38.80 -23.43 -50.95
C GLU B 406 39.56 -23.58 -49.65
N ASP B 407 39.37 -22.64 -48.72
CA ASP B 407 39.79 -22.84 -47.36
C ASP B 407 38.93 -23.92 -46.73
N LYS B 408 39.02 -24.07 -45.42
CA LYS B 408 38.15 -25.00 -44.73
C LYS B 408 36.81 -24.39 -44.41
N HIS B 409 36.38 -23.37 -45.16
CA HIS B 409 35.21 -22.61 -44.76
C HIS B 409 34.29 -22.24 -45.91
N GLU B 410 34.25 -23.07 -46.95
CA GLU B 410 33.09 -23.18 -47.81
C GLU B 410 32.00 -23.97 -47.09
N CYS B 411 30.74 -23.87 -47.60
CA CYS B 411 29.66 -24.48 -46.82
C CYS B 411 29.07 -25.67 -47.53
N PRO B 412 28.72 -26.75 -46.82
CA PRO B 412 28.10 -27.90 -47.48
C PRO B 412 26.66 -27.58 -47.81
N PHE B 413 26.44 -27.20 -49.05
CA PHE B 413 25.26 -26.41 -49.36
C PHE B 413 24.01 -27.28 -49.35
N GLY B 414 23.97 -28.32 -50.18
CA GLY B 414 22.89 -29.27 -50.03
C GLY B 414 22.82 -29.79 -48.62
N ARG B 415 23.98 -30.12 -48.05
CA ARG B 415 24.02 -30.60 -46.69
C ARG B 415 23.43 -29.57 -45.74
N SER B 416 24.01 -28.38 -45.69
CA SER B 416 23.54 -27.36 -44.76
C SER B 416 22.06 -27.09 -44.96
N SER B 417 21.63 -27.13 -46.20
CA SER B 417 20.26 -26.80 -46.54
C SER B 417 19.31 -27.76 -45.87
N ILE B 418 19.37 -29.02 -46.30
CA ILE B 418 18.47 -30.00 -45.72
C ILE B 418 18.65 -30.05 -44.22
N GLU B 419 19.87 -29.83 -43.76
CA GLU B 419 20.15 -29.86 -42.34
C GLU B 419 19.29 -28.84 -41.62
N LEU B 420 19.43 -27.58 -42.00
CA LEU B 420 18.64 -26.52 -41.42
C LEU B 420 17.19 -26.90 -41.50
N THR B 421 16.78 -27.35 -42.67
CA THR B 421 15.38 -27.61 -42.95
C THR B 421 14.81 -28.53 -41.89
N LYS B 422 15.28 -29.77 -41.91
CA LYS B 422 14.78 -30.76 -40.97
C LYS B 422 14.95 -30.32 -39.53
N MET B 423 16.12 -29.76 -39.19
CA MET B 423 16.38 -29.43 -37.81
C MET B 423 15.36 -28.46 -37.28
N LEU B 424 15.03 -27.46 -38.10
CA LEU B 424 13.89 -26.63 -37.84
C LEU B 424 12.75 -27.54 -37.53
N CYS B 425 12.31 -28.23 -38.58
CA CYS B 425 11.05 -28.95 -38.55
C CYS B 425 10.83 -29.57 -37.19
N GLU B 426 11.83 -30.32 -36.74
CA GLU B 426 11.69 -31.02 -35.49
C GLU B 426 11.71 -30.04 -34.32
N ILE B 427 12.68 -29.12 -34.32
CA ILE B 427 12.67 -28.06 -33.33
C ILE B 427 11.29 -27.44 -33.29
N LEU B 428 10.62 -27.43 -34.42
CA LEU B 428 9.24 -27.05 -34.45
C LEU B 428 8.34 -28.22 -34.15
N LYS B 429 8.75 -29.41 -34.56
CA LYS B 429 7.91 -30.61 -34.54
C LYS B 429 6.66 -30.38 -35.40
N VAL B 430 6.91 -30.20 -36.70
CA VAL B 430 5.83 -29.94 -37.64
C VAL B 430 5.10 -31.23 -37.96
N GLY B 431 3.84 -31.10 -38.36
CA GLY B 431 3.04 -32.29 -38.56
C GLY B 431 2.51 -32.88 -37.28
N GLU B 432 2.41 -32.08 -36.22
CA GLU B 432 2.16 -32.62 -34.89
C GLU B 432 0.76 -32.29 -34.39
N LEU B 433 0.36 -32.98 -33.32
CA LEU B 433 -0.89 -32.69 -32.65
C LEU B 433 -0.63 -32.27 -31.22
N PRO B 434 -0.82 -31.01 -30.87
CA PRO B 434 -0.74 -30.63 -29.47
C PRO B 434 -1.97 -31.10 -28.73
N SER B 435 -1.99 -30.78 -27.47
CA SER B 435 -3.18 -30.88 -26.67
C SER B 435 -3.54 -29.48 -26.26
N GLU B 436 -4.44 -29.39 -25.29
CA GLU B 436 -4.77 -28.10 -24.72
C GLU B 436 -3.61 -27.56 -23.90
N THR B 437 -2.44 -28.18 -24.08
CA THR B 437 -1.29 -27.98 -23.22
C THR B 437 -0.92 -26.53 -23.00
N CYS B 438 -0.58 -25.78 -24.04
CA CYS B 438 0.20 -24.56 -23.86
C CYS B 438 -0.54 -23.37 -24.43
N ASN B 439 -0.27 -22.20 -23.85
CA ASN B 439 -0.99 -20.98 -24.19
C ASN B 439 -0.03 -19.96 -24.75
N ASP B 440 0.95 -20.44 -25.51
CA ASP B 440 2.09 -19.64 -25.94
C ASP B 440 2.48 -20.00 -27.37
N PHE B 441 3.32 -19.14 -27.98
CA PHE B 441 3.34 -19.05 -29.44
C PHE B 441 4.51 -18.19 -29.88
N HIS B 442 4.49 -17.82 -31.15
CA HIS B 442 5.43 -16.86 -31.71
C HIS B 442 4.78 -15.89 -32.66
N PRO B 443 4.57 -14.65 -32.22
CA PRO B 443 3.99 -13.63 -33.10
C PRO B 443 4.90 -13.33 -34.27
N MET B 444 6.19 -13.60 -34.13
CA MET B 444 7.08 -13.50 -35.26
C MET B 444 6.65 -14.38 -36.40
N PHE B 445 6.05 -15.52 -36.09
CA PHE B 445 5.62 -16.34 -37.19
C PHE B 445 4.33 -15.84 -37.78
N PHE B 446 3.71 -14.89 -37.12
CA PHE B 446 2.69 -14.08 -37.73
C PHE B 446 3.25 -12.83 -38.37
N THR B 447 4.48 -12.45 -38.03
CA THR B 447 5.06 -11.27 -38.67
C THR B 447 5.39 -11.52 -40.12
N HIS B 448 5.02 -12.69 -40.62
CA HIS B 448 4.83 -12.88 -42.03
C HIS B 448 3.97 -14.12 -42.20
N ASP B 449 3.30 -14.19 -43.34
CA ASP B 449 2.54 -15.38 -43.65
C ASP B 449 3.47 -16.58 -43.76
N ARG B 450 4.48 -16.47 -44.58
CA ARG B 450 5.50 -17.49 -44.63
C ARG B 450 6.62 -17.14 -43.69
N SER B 451 6.24 -16.52 -42.57
CA SER B 451 7.21 -16.02 -41.60
C SER B 451 8.24 -17.05 -41.26
N PHE B 452 7.93 -18.33 -41.46
CA PHE B 452 9.00 -19.29 -41.46
C PHE B 452 10.08 -18.83 -42.41
N GLU B 453 9.76 -18.77 -43.70
CA GLU B 453 10.83 -18.62 -44.67
C GLU B 453 11.69 -17.43 -44.31
N GLU B 454 11.10 -16.45 -43.65
CA GLU B 454 11.90 -15.44 -42.99
C GLU B 454 12.84 -16.10 -41.99
N PHE B 455 12.29 -16.91 -41.09
CA PHE B 455 13.13 -17.56 -40.09
C PHE B 455 14.21 -18.39 -40.77
N PHE B 456 13.81 -19.17 -41.76
CA PHE B 456 14.70 -19.89 -42.65
C PHE B 456 15.90 -19.05 -43.06
N CYS B 457 15.64 -17.94 -43.72
CA CYS B 457 16.75 -17.17 -44.26
C CYS B 457 17.56 -16.53 -43.15
N ILE B 458 16.91 -16.09 -42.08
CA ILE B 458 17.63 -15.54 -40.93
C ILE B 458 18.58 -16.57 -40.38
N CYS B 459 18.11 -17.80 -40.34
CA CYS B 459 18.93 -18.89 -39.87
C CYS B 459 20.13 -19.08 -40.77
N ILE B 460 19.92 -18.98 -42.07
CA ILE B 460 21.07 -19.16 -42.95
C ILE B 460 22.04 -18.00 -42.78
N GLN B 461 21.51 -16.82 -42.48
CA GLN B 461 22.34 -15.65 -42.25
C GLN B 461 23.25 -15.90 -41.06
N LEU B 462 22.65 -15.96 -39.88
CA LEU B 462 23.38 -16.31 -38.67
C LEU B 462 24.18 -17.57 -38.87
N LEU B 463 23.76 -18.41 -39.80
CA LEU B 463 24.41 -19.69 -40.03
C LEU B 463 25.80 -19.51 -40.58
N ASN B 464 25.90 -18.94 -41.78
CA ASN B 464 27.22 -18.65 -42.29
C ASN B 464 27.93 -17.73 -41.31
N LYS B 465 27.17 -16.81 -40.73
CA LYS B 465 27.72 -15.82 -39.82
C LYS B 465 28.49 -16.48 -38.69
N THR B 466 27.90 -17.47 -38.07
CA THR B 466 28.50 -18.06 -36.90
C THR B 466 29.39 -19.22 -37.26
N TRP B 467 29.03 -19.92 -38.34
CA TRP B 467 29.98 -20.73 -39.06
C TRP B 467 31.32 -20.07 -39.00
N LYS B 468 31.35 -18.81 -39.39
CA LYS B 468 32.58 -18.05 -39.33
C LYS B 468 32.89 -17.58 -37.93
N GLU B 469 31.88 -17.27 -37.11
CA GLU B 469 32.17 -17.11 -35.70
C GLU B 469 32.85 -18.36 -35.17
N MET B 470 32.52 -19.49 -35.75
CA MET B 470 33.28 -20.69 -35.53
C MET B 470 34.44 -20.81 -36.50
N ARG B 471 34.39 -20.12 -37.63
CA ARG B 471 35.21 -20.48 -38.77
C ARG B 471 35.20 -21.99 -38.90
N ALA B 472 34.00 -22.53 -39.04
CA ALA B 472 33.88 -23.96 -38.90
C ALA B 472 34.45 -24.67 -40.11
N THR B 473 34.41 -25.99 -40.07
CA THR B 473 34.79 -26.86 -41.17
C THR B 473 33.73 -27.95 -41.30
N SER B 474 33.70 -28.60 -42.47
CA SER B 474 32.54 -29.38 -42.89
C SER B 474 32.14 -30.46 -41.89
N GLU B 475 33.06 -30.89 -41.05
CA GLU B 475 32.76 -31.95 -40.10
C GLU B 475 31.93 -31.41 -38.94
N ASP B 476 32.46 -30.43 -38.22
CA ASP B 476 31.85 -29.80 -37.05
C ASP B 476 30.44 -29.35 -37.29
N PHE B 477 30.08 -29.27 -38.57
CA PHE B 477 28.87 -28.71 -39.12
C PHE B 477 27.68 -29.04 -38.23
N ASN B 478 27.43 -30.33 -38.09
CA ASN B 478 26.32 -30.82 -37.29
C ASN B 478 26.28 -30.16 -35.92
N LYS B 479 27.36 -30.33 -35.15
CA LYS B 479 27.46 -29.67 -33.86
C LYS B 479 27.16 -28.20 -33.99
N VAL B 480 27.76 -27.58 -35.00
CA VAL B 480 27.40 -26.23 -35.36
C VAL B 480 25.89 -26.11 -35.44
N MET B 481 25.31 -26.80 -36.40
CA MET B 481 23.87 -26.94 -36.47
C MET B 481 23.29 -27.18 -35.10
N GLN B 482 23.83 -28.20 -34.44
CA GLN B 482 23.42 -28.50 -33.08
C GLN B 482 23.46 -27.25 -32.23
N VAL B 483 24.64 -26.64 -32.10
CA VAL B 483 24.72 -25.40 -31.36
C VAL B 483 23.82 -24.36 -31.99
N VAL B 484 23.81 -24.31 -33.32
CA VAL B 484 22.85 -23.47 -34.02
C VAL B 484 21.47 -23.68 -33.46
N LYS B 485 21.04 -24.94 -33.43
CA LYS B 485 19.78 -25.27 -32.78
C LYS B 485 19.75 -24.67 -31.39
N GLU B 486 20.75 -25.02 -30.57
CA GLU B 486 20.95 -24.39 -29.28
C GLU B 486 20.71 -22.92 -29.43
N GLN B 487 21.49 -22.32 -30.31
CA GLN B 487 21.35 -20.92 -30.63
C GLN B 487 19.89 -20.56 -30.71
N VAL B 488 19.25 -21.08 -31.75
CA VAL B 488 17.86 -20.75 -31.98
C VAL B 488 17.05 -21.12 -30.76
N MET B 489 17.29 -22.30 -30.22
CA MET B 489 16.68 -22.67 -28.96
C MET B 489 16.91 -21.59 -27.93
N ARG B 490 18.18 -21.33 -27.64
CA ARG B 490 18.49 -20.19 -26.80
C ARG B 490 17.98 -18.90 -27.40
N ALA B 491 17.97 -18.79 -28.72
CA ALA B 491 17.34 -17.63 -29.33
C ALA B 491 15.84 -17.68 -29.10
N LEU B 492 15.25 -18.86 -29.17
CA LEU B 492 13.87 -18.97 -28.79
C LEU B 492 13.69 -19.04 -27.29
N THR B 493 14.76 -19.30 -26.54
CA THR B 493 14.73 -18.94 -25.13
C THR B 493 14.46 -17.46 -24.96
N THR B 494 14.64 -16.67 -26.00
CA THR B 494 14.28 -15.26 -25.98
C THR B 494 12.78 -15.06 -25.85
N LYS B 495 11.98 -16.11 -26.06
CA LYS B 495 10.56 -15.91 -26.32
C LYS B 495 10.35 -14.65 -27.12
N PRO B 496 11.05 -14.51 -28.24
CA PRO B 496 11.00 -13.25 -28.96
C PRO B 496 9.61 -13.01 -29.51
N SER B 497 9.41 -11.80 -30.00
CA SER B 497 8.12 -11.49 -30.60
C SER B 497 8.21 -11.17 -32.09
N SER B 498 9.32 -10.56 -32.53
CA SER B 498 9.47 -10.17 -33.92
C SER B 498 10.65 -10.87 -34.56
N LEU B 499 10.43 -11.38 -35.77
CA LEU B 499 11.52 -11.92 -36.57
C LEU B 499 12.68 -10.94 -36.63
N ASP B 500 12.37 -9.66 -36.59
CA ASP B 500 13.39 -8.63 -36.62
C ASP B 500 13.82 -8.22 -35.23
N GLN B 501 12.91 -8.24 -34.26
CA GLN B 501 13.40 -8.39 -32.91
C GLN B 501 14.24 -9.65 -32.79
N PHE B 502 13.92 -10.68 -33.57
CA PHE B 502 14.71 -11.89 -33.52
C PHE B 502 16.05 -11.71 -34.24
N LYS B 503 16.13 -10.74 -35.13
CA LYS B 503 17.44 -10.37 -35.64
C LYS B 503 18.19 -9.51 -34.64
N SER B 504 17.45 -8.69 -33.89
CA SER B 504 18.00 -8.09 -32.69
C SER B 504 18.49 -9.19 -31.74
N LYS B 505 17.90 -10.38 -31.86
CA LYS B 505 18.32 -11.49 -31.03
C LYS B 505 19.58 -12.14 -31.61
N LEU B 506 19.60 -12.33 -32.92
CA LEU B 506 20.84 -12.63 -33.63
C LEU B 506 21.96 -11.77 -33.09
N GLN B 507 21.67 -10.49 -32.90
CA GLN B 507 22.59 -9.61 -32.21
C GLN B 507 22.83 -10.08 -30.78
N ASN B 508 21.75 -10.20 -30.00
CA ASN B 508 21.87 -10.56 -28.59
C ASN B 508 22.65 -11.84 -28.36
N LEU B 509 22.88 -12.61 -29.41
CA LEU B 509 23.61 -13.86 -29.33
C LEU B 509 25.00 -13.63 -28.74
N SER B 510 25.52 -14.67 -28.10
CA SER B 510 26.95 -14.80 -27.86
C SER B 510 27.49 -16.00 -28.60
N TYR B 511 28.66 -15.85 -29.18
CA TYR B 511 29.26 -16.98 -29.86
C TYR B 511 29.56 -18.09 -28.88
N THR B 512 30.30 -17.79 -27.82
CA THR B 512 30.66 -18.82 -26.87
C THR B 512 30.62 -18.35 -25.43
N GLU B 513 30.15 -17.14 -25.14
CA GLU B 513 30.04 -16.77 -23.73
C GLU B 513 29.04 -17.66 -23.03
N ILE B 514 28.24 -18.38 -23.79
CA ILE B 514 27.16 -19.16 -23.21
C ILE B 514 27.70 -20.43 -22.54
N LEU B 515 28.30 -21.28 -23.36
CA LEU B 515 29.09 -22.38 -22.83
C LEU B 515 30.07 -21.89 -21.79
N LYS B 516 30.55 -20.65 -21.95
CA LYS B 516 31.33 -20.04 -20.90
C LYS B 516 30.54 -20.05 -19.58
N ILE B 517 29.33 -19.50 -19.59
CA ILE B 517 28.55 -19.42 -18.35
C ILE B 517 28.37 -20.82 -17.75
N ARG B 518 27.85 -21.75 -18.55
CA ARG B 518 27.52 -23.07 -18.04
C ARG B 518 28.75 -23.79 -17.49
N GLN B 519 29.65 -24.13 -18.39
CA GLN B 519 30.78 -24.94 -17.98
C GLN B 519 31.72 -24.16 -17.07
N SER B 520 31.54 -22.85 -16.95
CA SER B 520 32.28 -22.09 -15.97
C SER B 520 31.76 -22.39 -14.58
N GLU B 521 30.44 -22.36 -14.41
CA GLU B 521 29.88 -22.82 -13.14
C GLU B 521 30.45 -24.19 -12.80
N ARG B 522 30.50 -25.07 -13.81
CA ARG B 522 31.07 -26.39 -13.59
C ARG B 522 32.49 -26.30 -13.03
N MET B 523 33.39 -25.62 -13.75
CA MET B 523 34.80 -25.68 -13.40
C MET B 523 35.09 -24.97 -12.09
N ASN B 524 34.34 -23.93 -11.78
CA ASN B 524 34.51 -23.30 -10.48
C ASN B 524 34.08 -24.23 -9.37
N GLN B 525 32.99 -24.99 -9.58
CA GLN B 525 32.65 -26.02 -8.62
C GLN B 525 33.82 -26.98 -8.45
N GLU B 526 34.44 -27.35 -9.57
CA GLU B 526 35.60 -28.24 -9.52
C GLU B 526 36.70 -27.65 -8.65
N ASP B 527 37.05 -26.39 -8.89
CA ASP B 527 38.07 -25.75 -8.09
C ASP B 527 37.72 -25.78 -6.60
N PHE B 528 36.51 -25.34 -6.27
CA PHE B 528 36.10 -25.28 -4.87
C PHE B 528 36.13 -26.64 -4.22
N GLN B 529 36.03 -27.69 -5.03
CA GLN B 529 36.18 -29.03 -4.49
C GLN B 529 37.58 -29.30 -3.96
N SER B 530 38.54 -28.42 -4.18
CA SER B 530 39.85 -28.62 -3.59
C SER B 530 39.69 -28.79 -2.09
N ARG B 531 40.44 -29.74 -1.54
CA ARG B 531 40.20 -30.25 -0.22
C ARG B 531 39.90 -29.21 0.83
N PRO B 532 40.89 -28.38 1.17
CA PRO B 532 40.63 -27.33 2.15
C PRO B 532 39.55 -26.39 1.71
N ILE B 533 39.45 -26.13 0.41
CA ILE B 533 38.31 -25.40 -0.10
C ILE B 533 37.05 -26.22 0.10
N LEU B 534 37.14 -27.51 -0.15
CA LEU B 534 35.97 -28.35 -0.05
C LEU B 534 35.45 -28.46 1.38
N GLU B 535 36.29 -28.23 2.38
CA GLU B 535 35.99 -28.64 3.75
C GLU B 535 34.66 -28.10 4.22
N LEU B 536 34.62 -26.79 4.44
CA LEU B 536 33.43 -26.17 4.99
C LEU B 536 32.31 -26.15 3.99
N LYS B 537 32.60 -26.39 2.72
CA LYS B 537 31.53 -26.50 1.74
C LYS B 537 30.49 -27.48 2.25
N GLU B 538 30.88 -28.74 2.40
CA GLU B 538 29.97 -29.72 2.95
C GLU B 538 29.33 -29.28 4.25
N LYS B 539 30.10 -28.64 5.12
CA LYS B 539 29.57 -28.36 6.44
C LYS B 539 28.43 -27.37 6.37
N ILE B 540 28.65 -26.25 5.70
CA ILE B 540 27.61 -25.24 5.70
C ILE B 540 26.55 -25.54 4.67
N GLN B 541 26.92 -26.17 3.56
CA GLN B 541 25.96 -26.39 2.49
C GLN B 541 24.59 -26.83 2.98
N PRO B 542 24.47 -27.67 4.02
CA PRO B 542 23.13 -27.93 4.57
C PRO B 542 22.34 -26.69 4.87
N GLU B 543 22.83 -25.79 5.73
CA GLU B 543 22.00 -24.64 6.04
C GLU B 543 21.91 -23.67 4.87
N ILE B 544 22.85 -23.73 3.94
CA ILE B 544 22.68 -23.02 2.68
C ILE B 544 21.36 -23.45 2.05
N LEU B 545 21.27 -24.74 1.79
CA LEU B 545 19.99 -25.34 1.44
C LEU B 545 18.90 -24.88 2.36
N GLU B 546 19.21 -24.70 3.63
CA GLU B 546 18.15 -24.27 4.52
C GLU B 546 17.59 -22.96 4.05
N LEU B 547 18.47 -22.00 3.79
CA LEU B 547 18.07 -20.70 3.30
C LEU B 547 17.13 -20.87 2.13
N ILE B 548 17.56 -21.72 1.20
CA ILE B 548 16.71 -22.13 0.11
C ILE B 548 15.34 -22.44 0.69
N LYS B 549 15.33 -23.31 1.68
CA LYS B 549 14.08 -23.84 2.16
C LYS B 549 13.23 -22.75 2.78
N GLN B 550 13.85 -21.79 3.44
CA GLN B 550 13.08 -20.68 3.94
C GLN B 550 12.37 -19.99 2.81
N GLN B 551 13.09 -19.73 1.73
CA GLN B 551 12.40 -19.06 0.65
C GLN B 551 11.28 -19.94 0.16
N ARG B 552 11.53 -21.23 0.09
CA ARG B 552 10.47 -22.16 -0.26
C ARG B 552 9.27 -21.94 0.63
N LEU B 553 9.51 -21.73 1.92
CA LEU B 553 8.43 -21.50 2.85
C LEU B 553 7.59 -20.35 2.37
N ASN B 554 8.28 -19.24 2.11
CA ASN B 554 7.59 -18.08 1.56
C ASN B 554 6.73 -18.52 0.41
N ARG B 555 7.34 -19.25 -0.51
CA ARG B 555 6.68 -19.58 -1.76
C ARG B 555 5.38 -20.31 -1.48
N LEU B 556 5.46 -21.41 -0.74
CA LEU B 556 4.29 -22.22 -0.52
C LEU B 556 3.24 -21.44 0.23
N VAL B 557 3.66 -20.45 1.01
CA VAL B 557 2.69 -19.59 1.65
C VAL B 557 1.96 -18.73 0.64
N GLU B 558 2.73 -18.10 -0.27
CA GLU B 558 2.13 -17.30 -1.31
C GLU B 558 1.09 -18.09 -2.07
N GLY B 559 1.44 -19.32 -2.41
CA GLY B 559 0.52 -20.19 -3.10
C GLY B 559 0.34 -19.79 -4.54
N THR B 560 0.10 -20.76 -5.40
CA THR B 560 0.17 -20.53 -6.82
C THR B 560 -1.08 -21.05 -7.51
N CYS B 561 -1.22 -20.65 -8.77
CA CYS B 561 -2.25 -21.19 -9.62
C CYS B 561 -2.04 -22.68 -9.86
N PHE B 562 -3.09 -23.32 -10.40
CA PHE B 562 -3.05 -24.70 -10.83
C PHE B 562 -4.03 -24.86 -11.99
N ARG B 563 -3.56 -25.44 -13.09
CA ARG B 563 -4.42 -25.76 -14.23
C ARG B 563 -5.02 -27.13 -13.93
N LYS B 564 -6.34 -27.18 -13.78
CA LYS B 564 -7.01 -28.45 -13.54
C LYS B 564 -6.99 -29.31 -14.79
N LEU B 565 -7.76 -30.39 -14.75
CA LEU B 565 -7.88 -31.32 -15.88
C LEU B 565 -9.32 -31.45 -16.32
N ASN B 566 -9.52 -31.50 -17.64
CA ASN B 566 -10.86 -31.57 -18.24
C ASN B 566 -11.78 -30.53 -17.67
N ALA B 567 -11.19 -29.50 -17.08
CA ALA B 567 -11.87 -28.30 -16.67
C ALA B 567 -11.74 -27.23 -17.74
N ARG B 568 -12.02 -27.58 -18.99
CA ARG B 568 -12.06 -26.58 -20.05
C ARG B 568 -13.35 -25.81 -19.89
N ARG B 569 -13.76 -25.07 -20.92
CA ARG B 569 -15.10 -24.49 -20.99
C ARG B 569 -15.52 -23.83 -19.66
N ARG B 570 -14.69 -22.88 -19.21
CA ARG B 570 -14.98 -21.89 -18.18
C ARG B 570 -15.11 -22.47 -16.77
N GLN B 571 -14.54 -23.65 -16.52
CA GLN B 571 -14.30 -24.09 -15.16
C GLN B 571 -12.94 -23.60 -14.71
N ASP B 572 -12.78 -23.41 -13.41
CA ASP B 572 -11.50 -22.91 -12.93
C ASP B 572 -10.45 -23.98 -13.10
N LYS B 573 -10.19 -24.37 -14.34
CA LYS B 573 -9.04 -25.21 -14.62
C LYS B 573 -7.84 -24.62 -13.92
N PHE B 574 -7.55 -23.37 -14.25
CA PHE B 574 -6.68 -22.60 -13.39
C PHE B 574 -7.27 -22.48 -12.01
N TRP B 575 -6.42 -22.65 -11.00
CA TRP B 575 -6.87 -22.42 -9.65
C TRP B 575 -5.67 -22.18 -8.76
N TYR B 576 -5.70 -21.08 -8.01
CA TYR B 576 -4.46 -20.60 -7.43
C TYR B 576 -4.34 -21.07 -5.99
N CYS B 577 -3.40 -20.46 -5.27
CA CYS B 577 -3.18 -20.84 -3.90
C CYS B 577 -2.64 -19.67 -3.09
N ARG B 578 -2.76 -19.82 -1.76
CA ARG B 578 -2.13 -19.04 -0.72
C ARG B 578 -1.95 -20.00 0.45
N LEU B 579 -1.39 -19.53 1.54
CA LEU B 579 -1.21 -20.46 2.64
C LEU B 579 -1.00 -19.73 3.94
N SER B 580 -1.59 -20.28 4.98
CA SER B 580 -1.42 -19.75 6.33
C SER B 580 0.03 -19.89 6.77
N PRO B 581 0.55 -18.90 7.50
CA PRO B 581 1.93 -18.98 7.96
C PRO B 581 2.19 -20.17 8.82
N ASN B 582 1.15 -20.73 9.43
CA ASN B 582 1.32 -22.03 10.05
C ASN B 582 2.02 -22.97 9.10
N HIS B 583 1.76 -22.78 7.81
CA HIS B 583 2.08 -23.70 6.73
C HIS B 583 1.19 -24.93 6.78
N LYS B 584 0.25 -24.97 7.70
CA LYS B 584 -0.35 -26.21 8.15
C LYS B 584 -1.76 -26.44 7.66
N VAL B 585 -2.43 -25.42 7.16
CA VAL B 585 -3.59 -25.62 6.30
C VAL B 585 -3.36 -24.80 5.06
N LEU B 586 -3.14 -25.48 3.96
CA LEU B 586 -3.02 -24.78 2.70
C LEU B 586 -4.29 -23.99 2.44
N HIS B 587 -4.12 -22.77 1.97
CA HIS B 587 -5.28 -21.96 1.69
C HIS B 587 -5.22 -21.67 0.20
N TYR B 588 -5.65 -22.66 -0.57
CA TYR B 588 -5.55 -22.71 -2.01
C TYR B 588 -6.72 -21.94 -2.62
N GLY B 589 -6.75 -21.81 -3.94
CA GLY B 589 -7.74 -20.95 -4.57
C GLY B 589 -8.07 -21.37 -5.97
N ASP B 590 -8.81 -20.52 -6.70
CA ASP B 590 -9.21 -20.81 -8.06
C ASP B 590 -8.94 -19.64 -9.00
N LEU B 591 -8.62 -19.96 -10.25
CA LEU B 591 -8.27 -18.99 -11.28
C LEU B 591 -8.92 -19.39 -12.58
N GLU B 592 -8.45 -18.78 -13.67
CA GLU B 592 -8.87 -19.15 -15.01
C GLU B 592 -7.78 -18.76 -16.00
N GLU B 593 -7.81 -19.44 -17.17
CA GLU B 593 -6.81 -19.33 -18.24
C GLU B 593 -7.08 -18.07 -19.07
N SER B 594 -6.45 -16.98 -18.69
CA SER B 594 -6.99 -15.66 -18.96
C SER B 594 -6.08 -14.80 -19.84
N PRO B 595 -6.60 -13.70 -20.36
CA PRO B 595 -5.75 -12.78 -21.11
C PRO B 595 -4.74 -12.02 -20.27
N GLN B 596 -5.23 -11.31 -19.24
CA GLN B 596 -4.49 -10.18 -18.68
C GLN B 596 -3.68 -10.50 -17.42
N GLY B 597 -4.33 -10.87 -16.32
CA GLY B 597 -3.67 -10.85 -15.02
C GLY B 597 -4.24 -11.80 -13.98
N GLU B 598 -3.99 -11.50 -12.72
CA GLU B 598 -4.41 -12.43 -11.69
C GLU B 598 -5.93 -12.48 -11.61
N VAL B 599 -6.42 -13.47 -10.91
CA VAL B 599 -7.84 -13.58 -10.67
C VAL B 599 -8.00 -14.45 -9.42
N PRO B 600 -7.39 -14.07 -8.31
CA PRO B 600 -7.40 -14.95 -7.14
C PRO B 600 -8.79 -15.00 -6.52
N HIS B 601 -9.69 -15.80 -7.12
CA HIS B 601 -11.06 -15.93 -6.60
C HIS B 601 -11.15 -17.20 -5.76
N ASP B 602 -11.38 -17.01 -4.46
CA ASP B 602 -11.38 -18.12 -3.50
C ASP B 602 -12.36 -19.19 -3.92
N SER B 603 -11.95 -20.43 -3.75
CA SER B 603 -12.78 -21.58 -4.06
C SER B 603 -12.87 -22.48 -2.84
N LEU B 604 -13.80 -23.44 -2.90
CA LEU B 604 -13.71 -24.56 -1.97
C LEU B 604 -12.35 -25.20 -2.08
N GLN B 605 -11.73 -25.05 -3.25
CA GLN B 605 -10.31 -25.24 -3.31
C GLN B 605 -9.75 -24.10 -2.50
N ASP B 606 -9.98 -24.16 -1.18
CA ASP B 606 -9.40 -23.23 -0.24
C ASP B 606 -8.53 -23.93 0.80
N LYS B 607 -9.07 -24.87 1.56
CA LYS B 607 -8.51 -25.15 2.87
C LYS B 607 -8.36 -26.63 3.10
N LEU B 608 -7.23 -27.02 3.66
CA LEU B 608 -6.85 -28.40 3.89
C LEU B 608 -5.71 -28.49 4.87
N PRO B 609 -5.87 -29.24 5.95
CA PRO B 609 -4.77 -29.45 6.89
C PRO B 609 -3.61 -30.11 6.17
N VAL B 610 -2.41 -29.62 6.45
CA VAL B 610 -1.28 -29.98 5.60
C VAL B 610 -0.62 -31.28 6.08
N ALA B 611 0.03 -31.25 7.25
CA ALA B 611 0.94 -32.33 7.62
C ALA B 611 0.29 -33.69 7.51
N ASP B 612 -1.04 -33.76 7.57
CA ASP B 612 -1.76 -34.99 7.33
C ASP B 612 -1.40 -35.59 5.98
N ILE B 613 -0.98 -34.75 5.05
CA ILE B 613 -0.75 -35.22 3.69
C ILE B 613 0.34 -36.27 3.70
N LYS B 614 0.14 -37.30 2.90
CA LYS B 614 1.13 -38.37 2.84
C LYS B 614 2.35 -37.94 2.06
N ALA B 615 2.20 -37.69 0.76
CA ALA B 615 3.32 -37.33 -0.10
C ALA B 615 2.76 -36.82 -1.42
N VAL B 616 3.64 -36.64 -2.40
CA VAL B 616 3.23 -36.26 -3.75
C VAL B 616 4.04 -37.06 -4.75
N VAL B 617 3.39 -37.41 -5.85
CA VAL B 617 4.03 -38.02 -6.96
C VAL B 617 4.10 -36.99 -8.08
N THR B 618 4.80 -37.34 -9.15
CA THR B 618 4.83 -36.52 -10.35
C THR B 618 4.56 -37.39 -11.56
N GLY B 619 3.98 -36.76 -12.57
CA GLY B 619 3.86 -37.41 -13.86
C GLY B 619 2.86 -38.55 -13.88
N LYS B 620 3.38 -39.74 -14.16
CA LYS B 620 2.56 -40.90 -14.45
C LYS B 620 1.47 -41.12 -13.42
N ASP B 621 1.77 -40.87 -12.16
CA ASP B 621 0.84 -41.25 -11.12
C ASP B 621 -0.32 -40.28 -11.02
N CYS B 622 -0.18 -39.07 -11.56
CA CYS B 622 -1.37 -38.45 -12.10
C CYS B 622 -1.75 -39.43 -13.19
N PRO B 623 -2.74 -40.29 -12.93
CA PRO B 623 -2.70 -41.64 -13.53
C PRO B 623 -3.37 -41.76 -14.90
N HIS B 624 -4.44 -41.00 -15.15
CA HIS B 624 -5.08 -40.84 -16.45
C HIS B 624 -4.22 -41.04 -17.70
N ASN B 634 -1.53 -34.82 -25.42
CA ASN B 634 -0.08 -34.73 -25.40
C ASN B 634 0.54 -35.67 -24.40
N LYS B 635 1.81 -35.43 -24.10
CA LYS B 635 2.46 -36.09 -22.99
C LYS B 635 3.24 -35.11 -22.12
N GLU B 636 3.73 -34.05 -22.73
CA GLU B 636 4.74 -33.21 -22.08
C GLU B 636 4.23 -32.69 -20.75
N VAL B 637 2.92 -32.59 -20.59
CA VAL B 637 2.36 -32.09 -19.35
C VAL B 637 2.56 -33.07 -18.21
N LEU B 638 2.73 -34.36 -18.50
CA LEU B 638 3.10 -35.29 -17.45
C LEU B 638 4.25 -34.75 -16.66
N GLU B 639 5.26 -34.26 -17.38
CA GLU B 639 6.39 -33.61 -16.77
C GLU B 639 5.97 -32.46 -15.87
N LEU B 640 4.79 -31.90 -16.09
CA LEU B 640 4.23 -30.96 -15.13
C LEU B 640 3.08 -31.56 -14.35
N ALA B 641 2.75 -32.82 -14.59
CA ALA B 641 1.71 -33.47 -13.82
C ALA B 641 2.33 -34.08 -12.57
N PHE B 642 1.58 -34.06 -11.49
CA PHE B 642 2.07 -34.51 -10.21
C PHE B 642 0.89 -34.59 -9.27
N SER B 643 0.73 -35.72 -8.62
CA SER B 643 -0.48 -35.94 -7.86
C SER B 643 -0.12 -35.89 -6.38
N ILE B 644 -0.71 -34.93 -5.68
CA ILE B 644 -0.55 -34.85 -4.26
C ILE B 644 -1.48 -35.85 -3.62
N LEU B 645 -0.91 -36.87 -2.99
CA LEU B 645 -1.72 -37.91 -2.36
C LEU B 645 -1.58 -37.84 -0.85
N TYR B 646 -2.70 -38.06 -0.20
CA TYR B 646 -2.76 -38.11 1.25
C TYR B 646 -3.85 -39.11 1.57
N ASP B 647 -4.46 -38.94 2.72
CA ASP B 647 -5.38 -39.88 3.35
C ASP B 647 -6.18 -40.68 2.34
N SER B 648 -6.37 -41.98 2.63
CA SER B 648 -6.01 -43.07 1.72
C SER B 648 -6.08 -42.72 0.25
N ASN B 649 -7.23 -42.25 -0.23
CA ASN B 649 -7.29 -41.76 -1.59
C ASN B 649 -7.61 -40.28 -1.68
N CYS B 650 -8.09 -39.69 -0.61
CA CYS B 650 -8.22 -38.25 -0.58
C CYS B 650 -6.88 -37.66 -1.01
N GLN B 651 -6.90 -37.06 -2.19
CA GLN B 651 -5.71 -36.67 -2.93
C GLN B 651 -6.19 -35.91 -4.16
N LEU B 652 -5.25 -35.43 -4.95
CA LEU B 652 -5.63 -34.78 -6.21
C LEU B 652 -4.48 -34.87 -7.18
N ASN B 653 -4.81 -35.03 -8.46
CA ASN B 653 -3.82 -34.82 -9.51
C ASN B 653 -3.56 -33.32 -9.69
N PHE B 654 -2.40 -32.98 -10.24
CA PHE B 654 -1.98 -31.60 -10.14
C PHE B 654 -1.09 -31.21 -11.30
N ILE B 655 -1.06 -29.91 -11.56
CA ILE B 655 -0.41 -29.34 -12.73
C ILE B 655 0.35 -28.10 -12.30
N ALA B 656 1.61 -28.05 -12.63
CA ALA B 656 2.33 -26.84 -12.26
C ALA B 656 2.27 -25.82 -13.38
N PRO B 657 2.43 -24.53 -13.07
CA PRO B 657 2.57 -23.54 -14.14
C PRO B 657 3.94 -23.51 -14.74
N ASP B 658 4.96 -24.06 -14.09
CA ASP B 658 6.22 -24.31 -14.78
C ASP B 658 7.07 -25.26 -13.97
N LYS B 659 8.02 -25.88 -14.68
CA LYS B 659 9.08 -26.63 -14.02
C LYS B 659 9.59 -25.86 -12.85
N HIS B 660 9.74 -24.55 -13.03
CA HIS B 660 10.05 -23.74 -11.88
C HIS B 660 9.05 -24.11 -10.81
N GLU B 661 7.78 -23.82 -11.06
CA GLU B 661 6.80 -24.13 -10.03
C GLU B 661 6.76 -25.59 -9.70
N TYR B 662 7.10 -26.45 -10.66
CA TYR B 662 7.20 -27.86 -10.34
C TYR B 662 8.15 -28.05 -9.17
N CYS B 663 9.45 -27.92 -9.45
CA CYS B 663 10.46 -27.87 -8.41
C CYS B 663 9.98 -27.13 -7.18
N ILE B 664 9.35 -25.98 -7.39
CA ILE B 664 8.94 -25.16 -6.28
C ILE B 664 8.10 -25.98 -5.33
N TRP B 665 6.99 -26.48 -5.82
CA TRP B 665 6.12 -27.25 -4.94
C TRP B 665 6.78 -28.53 -4.54
N THR B 666 7.15 -29.35 -5.51
CA THR B 666 7.84 -30.61 -5.20
C THR B 666 8.73 -30.44 -3.99
N ASP B 667 9.67 -29.53 -4.09
CA ASP B 667 10.74 -29.42 -3.13
C ASP B 667 10.33 -28.71 -1.85
N GLY B 668 9.63 -27.59 -1.95
CA GLY B 668 9.10 -27.00 -0.74
C GLY B 668 8.31 -28.02 0.03
N LEU B 669 7.44 -28.74 -0.66
CA LEU B 669 6.76 -29.88 -0.10
C LEU B 669 7.73 -30.81 0.58
N ASN B 670 8.78 -31.23 -0.14
CA ASN B 670 9.79 -32.09 0.46
C ASN B 670 10.15 -31.57 1.83
N ALA B 671 10.49 -30.29 1.87
CA ALA B 671 10.77 -29.65 3.15
C ALA B 671 9.62 -29.88 4.11
N LEU B 672 8.39 -29.68 3.64
CA LEU B 672 7.25 -29.85 4.54
C LEU B 672 7.21 -31.26 5.09
N LEU B 673 7.56 -32.22 4.25
CA LEU B 673 7.74 -33.59 4.69
C LEU B 673 9.15 -33.85 5.18
N GLY B 674 9.88 -32.80 5.54
CA GLY B 674 11.23 -32.98 6.03
C GLY B 674 12.10 -33.65 5.00
N LYS B 675 11.63 -33.67 3.76
CA LYS B 675 12.34 -34.35 2.70
C LYS B 675 13.26 -33.39 1.98
N ASP B 676 14.31 -33.94 1.41
CA ASP B 676 15.28 -33.12 0.71
C ASP B 676 14.71 -32.65 -0.62
N MET B 677 15.25 -31.55 -1.11
CA MET B 677 14.80 -30.96 -2.35
C MET B 677 15.57 -31.56 -3.51
N MET B 678 14.93 -31.58 -4.67
CA MET B 678 15.37 -32.44 -5.75
C MET B 678 15.93 -31.70 -6.96
N SER B 679 15.16 -30.79 -7.55
CA SER B 679 15.61 -30.18 -8.80
C SER B 679 16.92 -29.48 -8.57
N ASP B 680 17.96 -30.06 -9.09
CA ASP B 680 19.22 -29.46 -8.72
C ASP B 680 19.43 -28.20 -9.32
N LEU B 681 18.45 -27.60 -9.98
CA LEU B 681 18.38 -26.15 -9.95
C LEU B 681 18.55 -25.66 -8.52
N THR B 682 17.86 -26.33 -7.58
CA THR B 682 18.04 -25.99 -6.17
C THR B 682 19.50 -26.10 -5.77
N ARG B 683 20.19 -27.11 -6.28
CA ARG B 683 21.59 -27.29 -5.95
C ARG B 683 22.44 -26.20 -6.60
N ASN B 684 22.11 -25.88 -7.84
CA ASN B 684 22.64 -24.69 -8.49
C ASN B 684 22.62 -23.54 -7.51
N ASP B 685 21.44 -23.24 -6.97
CA ASP B 685 21.33 -22.17 -6.00
C ASP B 685 22.34 -22.41 -4.89
N LEU B 686 22.14 -23.51 -4.16
CA LEU B 686 22.97 -23.89 -3.04
C LEU B 686 24.41 -23.51 -3.29
N ASP B 687 24.92 -23.93 -4.44
CA ASP B 687 26.32 -23.75 -4.73
C ASP B 687 26.61 -22.31 -5.07
N THR B 688 25.69 -21.62 -5.72
CA THR B 688 25.90 -20.20 -5.93
C THR B 688 26.05 -19.50 -4.59
N LEU B 689 25.20 -19.87 -3.67
CA LEU B 689 25.15 -19.27 -2.34
C LEU B 689 26.50 -19.55 -1.73
N LEU B 690 26.77 -20.84 -1.60
CA LEU B 690 28.03 -21.43 -1.22
C LEU B 690 29.18 -20.60 -1.72
N SER B 691 29.16 -20.29 -3.00
CA SER B 691 30.29 -19.76 -3.70
C SER B 691 30.73 -18.49 -3.02
N MET B 692 29.92 -17.46 -3.12
CA MET B 692 30.32 -16.20 -2.53
C MET B 692 30.45 -16.32 -1.02
N GLU B 693 29.61 -17.14 -0.38
CA GLU B 693 29.72 -17.29 1.06
C GLU B 693 31.14 -17.61 1.44
N ILE B 694 31.66 -18.66 0.84
CA ILE B 694 32.97 -19.05 1.22
C ILE B 694 34.00 -18.14 0.60
N LYS B 695 33.61 -17.42 -0.46
CA LYS B 695 34.47 -16.33 -0.90
C LYS B 695 34.79 -15.47 0.29
N LEU B 696 33.80 -15.20 1.12
CA LEU B 696 34.03 -14.47 2.34
C LEU B 696 35.15 -15.10 3.12
N ARG B 697 35.26 -16.41 3.03
CA ARG B 697 36.25 -17.08 3.85
C ARG B 697 37.61 -17.09 3.18
N LEU B 698 37.62 -17.05 1.86
CA LEU B 698 38.86 -16.77 1.16
C LEU B 698 39.38 -15.42 1.58
N LEU B 699 38.46 -14.47 1.72
CA LEU B 699 38.83 -13.16 2.19
C LEU B 699 39.61 -13.24 3.48
N ASP B 700 39.18 -14.15 4.37
CA ASP B 700 39.91 -14.35 5.61
C ASP B 700 41.39 -14.48 5.37
N LEU B 701 41.78 -15.10 4.27
CA LEU B 701 43.19 -15.21 3.92
C LEU B 701 43.38 -14.96 2.45
N GLU B 702 42.82 -13.86 1.94
CA GLU B 702 43.00 -13.52 0.54
C GLU B 702 44.47 -13.53 0.15
N ASN B 703 44.74 -13.96 -1.09
CA ASN B 703 46.10 -14.01 -1.63
C ASN B 703 47.08 -14.68 -0.69
N ILE B 704 46.61 -15.69 0.04
CA ILE B 704 47.45 -16.49 0.92
C ILE B 704 47.34 -17.94 0.50
N GLN B 705 48.48 -18.63 0.51
CA GLN B 705 48.58 -19.96 -0.05
C GLN B 705 47.59 -20.93 0.58
N ILE B 706 46.96 -21.74 -0.28
CA ILE B 706 46.03 -22.80 0.08
C ILE B 706 46.75 -23.98 0.73
N PRO B 707 46.52 -24.26 2.02
CA PRO B 707 47.05 -25.52 2.58
C PRO B 707 46.19 -26.72 2.24
N ASP B 708 46.64 -27.51 1.26
CA ASP B 708 46.00 -28.79 0.96
C ASP B 708 46.39 -29.82 2.00
N ALA B 709 47.69 -30.01 2.19
CA ALA B 709 48.21 -30.83 3.28
C ALA B 709 48.17 -30.01 4.56
N PRO B 710 47.19 -30.24 5.42
CA PRO B 710 46.98 -29.37 6.56
C PRO B 710 48.09 -29.55 7.57
N PRO B 711 48.76 -28.47 7.95
CA PRO B 711 49.68 -28.51 9.08
C PRO B 711 48.94 -28.99 10.33
N PRO B 712 49.55 -29.87 11.10
CA PRO B 712 48.85 -30.43 12.26
C PRO B 712 48.65 -29.41 13.38
N ILE B 713 48.04 -29.89 14.45
CA ILE B 713 47.97 -29.13 15.70
C ILE B 713 49.10 -29.59 16.61
N PRO B 714 50.14 -28.79 16.79
CA PRO B 714 51.14 -29.10 17.81
C PRO B 714 50.50 -29.35 19.16
N LYS B 715 51.24 -30.07 20.00
CA LYS B 715 50.74 -30.45 21.31
C LYS B 715 50.28 -29.24 22.08
N GLU B 716 49.17 -29.39 22.77
CA GLU B 716 48.66 -28.28 23.56
C GLU B 716 49.63 -27.97 24.69
N PRO B 717 50.19 -26.78 24.73
CA PRO B 717 51.05 -26.42 25.86
C PRO B 717 50.27 -26.48 27.15
N SER B 718 50.76 -27.25 28.10
CA SER B 718 50.04 -27.42 29.36
C SER B 718 49.94 -26.12 30.14
N ASN B 719 50.40 -25.01 29.56
CA ASN B 719 50.37 -23.77 30.30
C ASN B 719 48.93 -23.27 30.40
N TYR B 720 48.22 -23.79 31.39
CA TYR B 720 46.93 -23.26 31.81
C TYR B 720 47.12 -22.34 32.99
N ASP B 721 48.36 -22.23 33.45
CA ASP B 721 48.95 -20.91 33.63
C ASP B 721 49.20 -20.43 32.20
N PHE B 722 48.17 -19.86 31.63
CA PHE B 722 48.05 -19.22 30.34
C PHE B 722 49.20 -18.28 30.04
N VAL B 723 49.29 -17.87 28.79
CA VAL B 723 49.97 -16.60 28.56
C VAL B 723 48.85 -15.67 28.10
N TYR B 724 49.15 -14.41 27.80
CA TYR B 724 48.42 -13.24 28.33
C TYR B 724 46.97 -13.34 28.79
N ASP B 725 46.66 -12.65 29.89
CA ASP B 725 45.30 -12.59 30.40
C ASP B 725 44.34 -12.11 29.30
N CYS B 726 43.05 -12.35 29.50
CA CYS B 726 42.04 -12.01 28.49
C CYS B 726 40.65 -12.19 29.07
N SER C 1196 -85.12 14.10 27.63
CA SER C 1196 -85.55 13.59 26.34
C SER C 1196 -85.12 12.15 26.17
N LYS C 1197 -84.45 11.90 25.03
CA LYS C 1197 -83.85 10.59 24.79
C LYS C 1197 -83.08 10.12 25.99
N ASP C 1198 -82.56 11.04 26.80
CA ASP C 1198 -81.69 10.72 27.90
C ASP C 1198 -82.37 10.88 29.25
N ASN C 1199 -83.63 11.35 29.28
CA ASN C 1199 -84.31 11.50 30.56
C ASN C 1199 -84.61 10.15 31.20
N ARG C 1200 -85.24 9.26 30.44
CA ARG C 1200 -85.44 7.91 30.96
C ARG C 1200 -84.08 7.22 31.14
N MET C 1201 -83.04 7.68 30.45
CA MET C 1201 -81.70 7.23 30.82
C MET C 1201 -81.37 7.68 32.24
N SER C 1202 -81.68 8.92 32.57
CA SER C 1202 -81.43 9.43 33.91
C SER C 1202 -82.16 8.59 34.95
N CYS C 1203 -83.39 8.22 34.63
CA CYS C 1203 -84.14 7.45 35.60
C CYS C 1203 -83.63 6.01 35.68
N THR C 1204 -83.28 5.40 34.54
CA THR C 1204 -82.80 4.03 34.55
C THR C 1204 -81.42 3.94 35.14
N VAL C 1205 -80.70 5.05 35.20
CA VAL C 1205 -79.45 5.02 35.95
C VAL C 1205 -79.71 5.30 37.41
N ASN C 1206 -80.71 6.14 37.73
CA ASN C 1206 -81.21 6.14 39.09
C ASN C 1206 -81.42 4.70 39.54
N LEU C 1207 -82.14 3.93 38.73
CA LEU C 1207 -82.50 2.58 39.12
C LEU C 1207 -81.34 1.61 38.96
N LEU C 1208 -80.43 1.89 38.04
CA LEU C 1208 -79.16 1.19 38.03
C LEU C 1208 -78.53 1.30 39.40
N ASN C 1209 -78.20 2.52 39.82
CA ASN C 1209 -77.74 2.74 41.19
C ASN C 1209 -78.59 2.01 42.20
N PHE C 1210 -79.90 1.98 42.01
CA PHE C 1210 -80.75 1.36 43.01
C PHE C 1210 -80.61 -0.16 42.99
N TYR C 1211 -80.12 -0.73 41.90
CA TYR C 1211 -79.74 -2.14 41.92
C TYR C 1211 -78.58 -2.35 42.85
N LYS C 1212 -77.51 -1.58 42.68
CA LYS C 1212 -76.34 -1.74 43.54
C LYS C 1212 -76.64 -1.34 44.97
N ASP C 1213 -77.64 -0.48 45.19
CA ASP C 1213 -78.14 -0.24 46.53
C ASP C 1213 -78.84 -1.48 47.06
N ASN C 1214 -79.63 -2.13 46.21
CA ASN C 1214 -80.02 -3.50 46.47
C ASN C 1214 -78.89 -4.48 46.21
N ASN C 1215 -77.79 -4.00 45.61
CA ASN C 1215 -76.67 -4.85 45.20
C ASN C 1215 -77.14 -5.92 44.23
N ARG C 1216 -78.03 -5.52 43.32
CA ARG C 1216 -78.65 -6.41 42.36
C ARG C 1216 -77.68 -6.71 41.25
N GLU C 1217 -77.24 -7.97 41.12
CA GLU C 1217 -76.21 -8.31 40.15
C GLU C 1217 -76.70 -8.11 38.71
N GLU C 1218 -77.59 -9.00 38.26
CA GLU C 1218 -77.85 -9.11 36.83
C GLU C 1218 -78.87 -8.11 36.32
N MET C 1219 -79.79 -7.63 37.16
CA MET C 1219 -80.62 -6.52 36.72
C MET C 1219 -79.78 -5.29 36.53
N TYR C 1220 -78.87 -5.03 37.47
CA TYR C 1220 -77.84 -4.03 37.22
C TYR C 1220 -77.19 -4.29 35.88
N ILE C 1221 -76.69 -5.51 35.68
CA ILE C 1221 -75.94 -5.87 34.46
C ILE C 1221 -76.73 -5.48 33.22
N ARG C 1222 -77.96 -5.93 33.15
CA ARG C 1222 -78.68 -5.66 31.94
C ARG C 1222 -79.00 -4.19 31.83
N TYR C 1223 -79.14 -3.49 32.95
CA TYR C 1223 -79.36 -2.05 32.81
C TYR C 1223 -78.10 -1.33 32.42
N LEU C 1224 -76.96 -1.92 32.73
CA LEU C 1224 -75.74 -1.50 32.09
C LEU C 1224 -75.90 -1.62 30.59
N TYR C 1225 -76.42 -2.76 30.14
CA TYR C 1225 -76.70 -2.88 28.72
C TYR C 1225 -77.69 -1.84 28.24
N LYS C 1226 -78.62 -1.47 29.12
CA LYS C 1226 -79.68 -0.55 28.75
C LYS C 1226 -79.12 0.85 28.56
N LEU C 1227 -78.63 1.45 29.63
CA LEU C 1227 -77.89 2.69 29.50
C LEU C 1227 -76.76 2.58 28.50
N ARG C 1228 -76.31 1.37 28.20
CA ARG C 1228 -75.27 1.17 27.21
C ARG C 1228 -75.75 1.58 25.84
N ASP C 1229 -76.79 0.91 25.36
CA ASP C 1229 -77.43 1.38 24.15
C ASP C 1229 -77.89 2.83 24.31
N LEU C 1230 -78.16 3.25 25.54
CA LEU C 1230 -78.69 4.59 25.75
C LEU C 1230 -77.67 5.65 25.36
N HIS C 1231 -76.52 5.70 26.02
CA HIS C 1231 -75.47 6.59 25.57
C HIS C 1231 -74.96 6.19 24.17
N LEU C 1232 -75.19 4.94 23.77
CA LEU C 1232 -74.92 4.57 22.39
C LEU C 1232 -75.70 5.46 21.44
N ASP C 1233 -76.85 5.92 21.90
CA ASP C 1233 -77.57 6.98 21.18
C ASP C 1233 -76.89 8.29 21.27
N CYS C 1234 -75.66 8.39 21.78
CA CYS C 1234 -75.02 9.69 21.91
C CYS C 1234 -73.59 9.71 21.43
N ASP C 1235 -72.97 8.55 21.22
CA ASP C 1235 -71.58 8.46 20.78
C ASP C 1235 -70.64 9.01 21.85
N ASN C 1236 -71.05 8.90 23.11
CA ASN C 1236 -70.23 9.35 24.24
C ASN C 1236 -69.44 8.18 24.81
N TYR C 1237 -68.70 7.53 23.91
CA TYR C 1237 -68.00 6.30 24.25
C TYR C 1237 -67.17 6.46 25.50
N THR C 1238 -66.87 7.71 25.85
CA THR C 1238 -66.42 8.01 27.20
C THR C 1238 -67.31 7.33 28.23
N GLU C 1239 -68.57 7.76 28.29
CA GLU C 1239 -69.55 7.10 29.14
C GLU C 1239 -69.52 5.60 28.95
N ALA C 1240 -69.47 5.16 27.70
CA ALA C 1240 -69.66 3.76 27.38
C ALA C 1240 -68.60 2.90 28.02
N ALA C 1241 -67.36 3.13 27.64
CA ALA C 1241 -66.27 2.36 28.22
C ALA C 1241 -66.19 2.54 29.71
N TYR C 1242 -66.33 3.78 30.20
CA TYR C 1242 -66.23 3.99 31.64
C TYR C 1242 -67.25 3.14 32.36
N THR C 1243 -68.39 2.94 31.72
CA THR C 1243 -69.40 2.10 32.31
C THR C 1243 -69.08 0.62 32.09
N LEU C 1244 -68.49 0.28 30.95
CA LEU C 1244 -67.94 -1.06 30.78
C LEU C 1244 -66.90 -1.36 31.82
N LEU C 1245 -66.35 -0.31 32.41
CA LEU C 1245 -65.41 -0.46 33.50
C LEU C 1245 -66.15 -0.60 34.81
N LEU C 1246 -67.07 0.34 35.09
CA LEU C 1246 -68.05 0.17 36.17
C LEU C 1246 -68.56 -1.26 36.20
N HIS C 1247 -68.63 -1.87 35.03
CA HIS C 1247 -68.78 -3.28 34.87
C HIS C 1247 -67.53 -4.04 35.29
N THR C 1248 -66.46 -3.92 34.51
CA THR C 1248 -65.28 -4.72 34.77
C THR C 1248 -64.52 -4.21 35.99
N TRP C 1249 -65.02 -3.15 36.61
CA TRP C 1249 -64.98 -2.92 38.05
C TRP C 1249 -65.24 -4.25 38.73
N LEU C 1250 -66.11 -5.04 38.10
CA LEU C 1250 -66.55 -6.33 38.60
C LEU C 1250 -66.17 -7.49 37.69
N LEU C 1251 -66.31 -7.36 36.37
CA LEU C 1251 -65.72 -8.37 35.52
C LEU C 1251 -64.22 -8.39 35.77
N LYS C 1252 -63.67 -9.59 35.89
CA LYS C 1252 -62.29 -9.67 36.23
C LYS C 1252 -61.52 -10.24 35.07
N TRP C 1253 -60.26 -10.45 35.33
CA TRP C 1253 -59.45 -11.37 34.55
C TRP C 1253 -59.37 -12.69 35.28
N SER C 1254 -60.55 -13.26 35.45
CA SER C 1254 -60.69 -14.54 36.11
C SER C 1254 -61.20 -15.52 35.09
N ASP C 1255 -61.34 -16.76 35.50
CA ASP C 1255 -61.96 -17.72 34.61
C ASP C 1255 -63.39 -17.97 35.06
N GLU C 1256 -64.20 -16.91 35.08
CA GLU C 1256 -65.57 -17.04 35.56
C GLU C 1256 -66.57 -16.42 34.61
N GLN C 1271 -68.71 -17.06 31.01
CA GLN C 1271 -67.81 -18.19 30.83
C GLN C 1271 -66.55 -18.04 31.68
N THR C 1272 -65.62 -17.21 31.24
CA THR C 1272 -64.38 -16.98 31.97
C THR C 1272 -63.97 -15.52 31.86
N HIS C 1273 -63.92 -14.83 33.01
CA HIS C 1273 -63.66 -13.40 33.01
C HIS C 1273 -62.48 -13.01 32.15
N ARG C 1274 -61.58 -13.94 31.88
CA ARG C 1274 -60.36 -13.59 31.18
C ARG C 1274 -60.65 -13.06 29.79
N GLN C 1275 -61.09 -13.94 28.88
CA GLN C 1275 -61.43 -13.46 27.55
C GLN C 1275 -62.68 -12.60 27.58
N LEU C 1276 -63.47 -12.72 28.64
CA LEU C 1276 -64.59 -11.81 28.85
C LEU C 1276 -64.11 -10.36 28.86
N LYS C 1277 -63.33 -10.00 29.87
CA LYS C 1277 -62.78 -8.66 29.94
C LYS C 1277 -61.88 -8.37 28.75
N GLU C 1278 -61.17 -9.38 28.26
CA GLU C 1278 -60.37 -9.25 27.05
C GLU C 1278 -61.18 -8.63 25.93
N THR C 1279 -62.23 -9.30 25.56
CA THR C 1279 -63.07 -8.83 24.50
C THR C 1279 -63.72 -7.52 24.89
N LEU C 1280 -64.16 -7.42 26.14
CA LEU C 1280 -64.78 -6.18 26.59
C LEU C 1280 -63.86 -5.01 26.38
N TYR C 1281 -62.57 -5.25 26.48
CA TYR C 1281 -61.64 -4.17 26.34
C TYR C 1281 -61.20 -4.02 24.91
N GLU C 1282 -61.18 -5.10 24.15
CA GLU C 1282 -61.12 -4.95 22.73
C GLU C 1282 -62.37 -4.32 22.16
N THR C 1283 -63.32 -3.95 23.01
CA THR C 1283 -64.38 -3.01 22.66
C THR C 1283 -64.08 -1.61 23.15
N ILE C 1284 -63.81 -1.52 24.45
CA ILE C 1284 -63.44 -0.24 25.03
C ILE C 1284 -62.32 0.42 24.24
N ILE C 1285 -61.56 -0.37 23.46
CA ILE C 1285 -60.52 0.21 22.62
C ILE C 1285 -61.13 1.21 21.66
N GLY C 1286 -62.06 0.76 20.83
CA GLY C 1286 -62.74 1.69 19.96
C GLY C 1286 -63.51 2.72 20.74
N TYR C 1287 -64.03 2.34 21.91
CA TYR C 1287 -64.73 3.30 22.75
C TYR C 1287 -63.88 4.55 22.94
N PHE C 1288 -62.74 4.38 23.58
CA PHE C 1288 -61.89 5.51 23.85
C PHE C 1288 -61.21 6.02 22.60
N ASP C 1289 -61.10 5.21 21.55
CA ASP C 1289 -60.63 5.73 20.28
C ASP C 1289 -61.50 6.89 19.84
N LYS C 1290 -62.77 6.59 19.59
CA LYS C 1290 -63.75 7.63 19.33
C LYS C 1290 -63.87 8.61 20.50
N GLY C 1291 -63.30 8.25 21.65
CA GLY C 1291 -63.11 9.25 22.69
C GLY C 1291 -61.76 9.92 22.64
N LYS C 1292 -60.78 9.29 22.00
CA LYS C 1292 -59.40 9.77 21.92
C LYS C 1292 -58.76 9.96 23.29
N MET C 1293 -59.48 9.61 24.36
CA MET C 1293 -59.05 9.83 25.74
C MET C 1293 -58.14 8.70 26.22
N TRP C 1294 -57.06 8.46 25.47
CA TRP C 1294 -56.23 7.29 25.69
C TRP C 1294 -55.59 7.31 27.07
N GLU C 1295 -55.86 8.39 27.82
CA GLU C 1295 -55.36 8.56 29.18
C GLU C 1295 -55.26 7.25 29.93
N GLU C 1296 -56.33 6.48 29.92
CA GLU C 1296 -56.28 5.19 30.57
C GLU C 1296 -56.13 4.07 29.58
N ALA C 1297 -56.64 4.27 28.36
CA ALA C 1297 -56.57 3.24 27.33
C ALA C 1297 -55.17 2.72 27.18
N ILE C 1298 -54.20 3.62 27.23
CA ILE C 1298 -52.81 3.20 27.17
C ILE C 1298 -52.52 2.26 28.31
N SER C 1299 -52.86 2.65 29.53
CA SER C 1299 -52.68 1.76 30.67
C SER C 1299 -53.30 0.42 30.38
N LEU C 1300 -54.47 0.43 29.77
CA LEU C 1300 -55.14 -0.80 29.46
C LEU C 1300 -54.24 -1.65 28.58
N CYS C 1301 -53.79 -1.07 27.48
CA CYS C 1301 -52.89 -1.78 26.61
C CYS C 1301 -51.68 -2.29 27.38
N LYS C 1302 -51.27 -1.53 28.38
CA LYS C 1302 -50.17 -1.97 29.20
C LYS C 1302 -50.52 -3.29 29.86
N GLU C 1303 -51.63 -3.32 30.56
CA GLU C 1303 -51.97 -4.55 31.25
C GLU C 1303 -52.19 -5.65 30.25
N LEU C 1304 -52.63 -5.30 29.06
CA LEU C 1304 -52.65 -6.26 28.00
C LEU C 1304 -51.31 -6.91 27.86
N ALA C 1305 -50.30 -6.10 27.60
CA ALA C 1305 -48.93 -6.60 27.58
C ALA C 1305 -48.61 -7.36 28.85
N GLU C 1306 -49.04 -6.84 29.98
CA GLU C 1306 -48.91 -7.56 31.21
C GLU C 1306 -49.42 -8.97 31.05
N GLN C 1307 -50.36 -9.16 30.17
CA GLN C 1307 -50.77 -10.52 29.90
C GLN C 1307 -49.87 -11.11 28.84
N TYR C 1308 -49.70 -10.36 27.78
CA TYR C 1308 -49.02 -10.73 26.57
C TYR C 1308 -47.62 -11.14 26.85
N GLU C 1309 -47.18 -10.92 28.07
CA GLU C 1309 -45.83 -11.18 28.47
C GLU C 1309 -45.90 -11.73 29.87
N MET C 1310 -47.04 -11.59 30.49
CA MET C 1310 -47.14 -11.96 31.89
C MET C 1310 -48.31 -12.88 32.17
N GLU C 1311 -49.35 -12.85 31.35
CA GLU C 1311 -50.43 -13.80 31.51
C GLU C 1311 -50.66 -14.64 30.28
N ILE C 1312 -50.45 -14.05 29.11
CA ILE C 1312 -50.67 -14.78 27.88
C ILE C 1312 -49.41 -14.90 27.07
N PHE C 1313 -48.44 -14.05 27.29
CA PHE C 1313 -47.14 -14.26 26.69
C PHE C 1313 -47.27 -14.35 25.18
N ASP C 1314 -48.20 -13.59 24.63
CA ASP C 1314 -48.43 -13.57 23.19
C ASP C 1314 -47.56 -12.47 22.60
N TYR C 1315 -46.29 -12.80 22.38
CA TYR C 1315 -45.38 -11.85 21.77
C TYR C 1315 -45.95 -11.26 20.51
N GLU C 1316 -46.78 -12.01 19.82
CA GLU C 1316 -47.39 -11.57 18.59
C GLU C 1316 -48.38 -10.46 18.90
N LEU C 1317 -49.49 -10.78 19.57
CA LEU C 1317 -50.39 -9.70 19.95
C LEU C 1317 -49.71 -8.74 20.91
N LEU C 1318 -48.70 -9.19 21.62
CA LEU C 1318 -47.89 -8.22 22.32
C LEU C 1318 -47.42 -7.16 21.35
N SER C 1319 -46.66 -7.57 20.35
CA SER C 1319 -46.12 -6.68 19.34
C SER C 1319 -47.22 -5.79 18.83
N GLN C 1320 -48.40 -6.38 18.66
CA GLN C 1320 -49.48 -5.65 18.00
C GLN C 1320 -50.04 -4.55 18.92
N ASN C 1321 -50.43 -4.93 20.13
CA ASN C 1321 -50.87 -3.93 21.11
C ASN C 1321 -49.79 -2.89 21.35
N LEU C 1322 -48.54 -3.29 21.26
CA LEU C 1322 -47.47 -2.32 21.21
C LEU C 1322 -47.77 -1.30 20.13
N ILE C 1323 -47.76 -1.76 18.88
CA ILE C 1323 -48.06 -0.88 17.76
C ILE C 1323 -49.22 0.03 18.12
N GLN C 1324 -50.22 -0.53 18.79
CA GLN C 1324 -51.35 0.26 19.23
C GLN C 1324 -50.89 1.46 20.05
N GLN C 1325 -50.25 1.20 21.18
CA GLN C 1325 -49.88 2.30 22.06
C GLN C 1325 -48.92 3.22 21.35
N ALA C 1326 -48.08 2.66 20.50
CA ALA C 1326 -47.29 3.47 19.59
C ALA C 1326 -48.15 4.50 18.94
N LYS C 1327 -49.16 4.04 18.22
CA LYS C 1327 -50.06 4.95 17.53
C LYS C 1327 -50.57 6.02 18.47
N PHE C 1328 -51.06 5.60 19.62
CA PHE C 1328 -51.57 6.58 20.56
C PHE C 1328 -50.56 7.69 20.76
N TYR C 1329 -49.33 7.32 21.06
CA TYR C 1329 -48.39 8.32 21.49
C TYR C 1329 -47.83 9.08 20.32
N GLU C 1330 -47.88 8.48 19.13
CA GLU C 1330 -47.66 9.28 17.93
C GLU C 1330 -48.67 10.39 17.89
N SER C 1331 -49.93 10.05 18.15
CA SER C 1331 -51.04 10.92 17.79
C SER C 1331 -51.16 12.08 18.75
N ILE C 1332 -50.91 11.86 20.03
CA ILE C 1332 -51.43 12.75 21.07
C ILE C 1332 -51.00 14.21 20.84
N MET C 1333 -49.71 14.53 21.08
CA MET C 1333 -49.28 15.93 21.19
C MET C 1333 -49.52 16.74 19.93
N LYS C 1334 -49.84 16.08 18.82
CA LYS C 1334 -50.15 16.79 17.60
C LYS C 1334 -51.64 16.89 17.36
N ILE C 1335 -52.44 15.97 17.88
CA ILE C 1335 -53.89 16.05 17.77
C ILE C 1335 -54.33 17.31 18.50
N LEU C 1336 -55.09 18.15 17.82
CA LEU C 1336 -55.64 19.33 18.48
C LEU C 1336 -56.94 18.93 19.15
N ARG C 1337 -56.84 18.61 20.43
CA ARG C 1337 -58.03 18.21 21.18
C ARG C 1337 -59.00 19.37 21.30
N PRO C 1338 -60.28 19.11 21.23
CA PRO C 1338 -61.26 20.20 21.27
C PRO C 1338 -61.34 20.88 22.63
N LYS C 1339 -62.27 21.82 22.79
CA LYS C 1339 -62.54 22.39 24.10
C LYS C 1339 -63.98 22.12 24.51
N PRO C 1340 -64.23 21.48 25.66
CA PRO C 1340 -65.59 21.30 26.13
C PRO C 1340 -66.02 22.51 26.94
N ASP C 1341 -67.30 22.82 26.89
CA ASP C 1341 -67.77 23.94 27.69
C ASP C 1341 -68.48 23.43 28.94
N TYR C 1342 -68.63 24.33 29.91
CA TYR C 1342 -69.21 24.00 31.21
C TYR C 1342 -70.41 24.88 31.45
N PHE C 1343 -71.54 24.50 30.87
CA PHE C 1343 -72.69 25.38 30.83
C PHE C 1343 -73.51 25.21 32.11
N ALA C 1344 -73.41 26.22 32.97
CA ALA C 1344 -74.19 26.28 34.19
C ALA C 1344 -75.67 26.36 33.87
N VAL C 1345 -76.43 25.46 34.47
CA VAL C 1345 -77.83 25.21 34.15
C VAL C 1345 -78.56 24.96 35.47
N GLY C 1346 -79.37 25.93 35.88
CA GLY C 1346 -80.07 25.86 37.16
C GLY C 1346 -81.54 26.12 36.99
N TYR C 1347 -82.34 25.47 37.81
CA TYR C 1347 -83.76 25.33 37.58
C TYR C 1347 -84.53 25.52 38.88
N TYR C 1348 -85.66 26.22 38.80
CA TYR C 1348 -86.53 26.36 39.97
C TYR C 1348 -87.98 26.29 39.51
N GLY C 1349 -88.85 25.81 40.38
CA GLY C 1349 -90.26 25.80 40.07
C GLY C 1349 -90.96 24.52 40.50
N GLN C 1350 -92.28 24.65 40.56
CA GLN C 1350 -93.11 23.57 41.09
C GLN C 1350 -93.34 22.47 40.07
N GLY C 1351 -93.55 22.83 38.80
CA GLY C 1351 -93.84 21.84 37.79
C GLY C 1351 -92.81 20.75 37.67
N PHE C 1352 -91.62 20.97 38.22
CA PHE C 1352 -90.61 19.94 38.12
C PHE C 1352 -91.00 18.71 38.91
N PRO C 1353 -90.56 17.57 38.48
CA PRO C 1353 -90.61 16.39 39.34
C PRO C 1353 -89.57 16.51 40.43
N SER C 1354 -89.43 15.44 41.21
CA SER C 1354 -88.55 15.47 42.37
C SER C 1354 -87.13 15.84 42.01
N PHE C 1355 -86.45 14.95 41.31
CA PHE C 1355 -85.03 15.17 41.07
C PHE C 1355 -84.79 16.01 39.85
N LEU C 1356 -85.79 16.82 39.49
CA LEU C 1356 -85.66 17.79 38.42
C LEU C 1356 -85.96 19.20 38.88
N ARG C 1357 -86.06 19.46 40.17
CA ARG C 1357 -86.46 20.77 40.68
C ARG C 1357 -85.45 21.34 41.64
N ASN C 1358 -85.22 22.65 41.52
CA ASN C 1358 -84.47 23.42 42.50
C ASN C 1358 -83.08 22.85 42.73
N LYS C 1359 -82.42 22.44 41.64
CA LYS C 1359 -81.09 21.86 41.69
C LYS C 1359 -80.26 22.44 40.55
N VAL C 1360 -78.94 22.24 40.63
CA VAL C 1360 -78.02 22.90 39.72
C VAL C 1360 -77.15 21.87 39.03
N PHE C 1361 -76.76 22.18 37.79
CA PHE C 1361 -75.88 21.31 37.06
C PHE C 1361 -75.01 22.15 36.15
N ILE C 1362 -74.02 21.49 35.56
CA ILE C 1362 -73.16 22.11 34.56
C ILE C 1362 -73.17 21.14 33.38
N TYR C 1363 -74.11 21.31 32.47
CA TYR C 1363 -74.15 20.39 31.36
C TYR C 1363 -72.92 20.59 30.50
N ARG C 1364 -72.40 19.50 29.96
CA ARG C 1364 -71.20 19.58 29.15
C ARG C 1364 -71.59 20.08 27.77
N GLY C 1365 -70.97 21.18 27.33
CA GLY C 1365 -71.23 21.72 26.00
C GLY C 1365 -70.25 21.17 24.97
N LYS C 1366 -70.80 20.77 23.82
CA LYS C 1366 -70.05 19.97 22.87
C LYS C 1366 -68.91 20.78 22.29
N GLU C 1367 -68.16 20.13 21.40
CA GLU C 1367 -66.87 20.66 20.98
C GLU C 1367 -67.04 22.05 20.40
N TYR C 1368 -66.51 23.04 21.12
CA TYR C 1368 -66.64 24.46 20.77
C TYR C 1368 -68.08 24.89 20.69
N GLU C 1369 -68.99 24.14 21.31
CA GLU C 1369 -70.40 24.44 21.20
C GLU C 1369 -70.67 25.79 21.84
N ARG C 1370 -70.95 26.80 21.00
CA ARG C 1370 -71.25 28.14 21.50
C ARG C 1370 -72.31 28.07 22.58
N ARG C 1371 -72.18 28.94 23.58
CA ARG C 1371 -73.18 28.99 24.64
C ARG C 1371 -74.58 29.04 24.09
N GLU C 1372 -74.76 29.69 22.95
CA GLU C 1372 -76.03 29.70 22.27
C GLU C 1372 -76.29 28.36 21.59
N ASP C 1373 -75.24 27.76 21.03
CA ASP C 1373 -75.38 26.44 20.45
C ASP C 1373 -75.78 25.42 21.49
N PHE C 1374 -75.74 25.80 22.76
CA PHE C 1374 -76.19 24.92 23.82
C PHE C 1374 -77.51 25.41 24.38
N GLN C 1375 -77.74 26.72 24.34
CA GLN C 1375 -79.04 27.27 24.67
C GLN C 1375 -80.11 26.64 23.80
N MET C 1376 -79.77 26.33 22.56
CA MET C 1376 -80.73 25.65 21.69
C MET C 1376 -81.03 24.25 22.20
N GLN C 1377 -80.01 23.49 22.57
CA GLN C 1377 -80.25 22.18 23.16
C GLN C 1377 -81.07 22.29 24.42
N LEU C 1378 -80.92 23.40 25.15
CA LEU C 1378 -81.75 23.62 26.32
C LEU C 1378 -83.20 23.79 25.93
N MET C 1379 -83.47 24.84 25.17
CA MET C 1379 -84.83 25.12 24.73
C MET C 1379 -85.45 23.90 24.07
N THR C 1380 -84.61 22.99 23.58
CA THR C 1380 -85.05 21.74 22.98
C THR C 1380 -86.08 21.02 23.84
N GLN C 1381 -85.78 20.79 25.11
CA GLN C 1381 -86.72 19.96 25.83
C GLN C 1381 -87.98 20.71 26.25
N PHE C 1382 -87.89 22.00 26.55
CA PHE C 1382 -89.02 22.72 27.13
C PHE C 1382 -89.01 24.18 26.70
N PRO C 1383 -89.97 24.59 25.87
CA PRO C 1383 -90.05 26.01 25.47
C PRO C 1383 -90.84 26.88 26.43
N ASN C 1384 -91.85 26.32 27.09
CA ASN C 1384 -92.78 27.08 27.92
C ASN C 1384 -92.10 27.80 29.07
N ALA C 1385 -90.93 27.33 29.48
CA ALA C 1385 -90.31 27.84 30.69
C ALA C 1385 -90.17 29.35 30.65
N GLU C 1386 -90.31 29.96 31.81
CA GLU C 1386 -89.97 31.35 31.98
C GLU C 1386 -88.46 31.38 32.18
N LYS C 1387 -87.75 31.73 31.11
CA LYS C 1387 -86.31 31.92 31.18
C LYS C 1387 -86.04 33.16 32.02
N MET C 1388 -85.30 33.00 33.10
CA MET C 1388 -85.31 34.07 34.09
C MET C 1388 -84.39 35.22 33.69
N ASN C 1389 -84.86 36.42 34.02
CA ASN C 1389 -84.07 37.63 33.81
C ASN C 1389 -82.73 37.52 34.52
N THR C 1390 -82.76 37.32 35.83
CA THR C 1390 -81.56 36.88 36.48
C THR C 1390 -81.25 35.48 36.00
N THR C 1391 -80.03 35.32 35.51
CA THR C 1391 -79.43 34.02 35.55
C THR C 1391 -78.89 33.82 36.95
N SER C 1392 -79.13 34.79 37.82
CA SER C 1392 -78.65 34.90 39.19
C SER C 1392 -79.79 34.65 40.17
N ALA C 1393 -79.44 34.49 41.45
CA ALA C 1393 -80.30 33.92 42.48
C ALA C 1393 -81.70 34.50 42.45
N PRO C 1394 -82.67 33.71 42.07
CA PRO C 1394 -84.04 34.20 42.03
C PRO C 1394 -84.79 33.89 43.31
N GLY C 1395 -86.06 34.28 43.34
CA GLY C 1395 -86.87 34.05 44.52
C GLY C 1395 -87.15 32.58 44.73
N ASP C 1396 -87.85 32.31 45.82
CA ASP C 1396 -88.32 30.95 46.05
C ASP C 1396 -89.63 30.71 45.35
N ASP C 1397 -90.46 31.76 45.23
CA ASP C 1397 -91.55 31.73 44.26
C ASP C 1397 -91.06 31.23 42.91
N VAL C 1398 -89.80 31.50 42.60
CA VAL C 1398 -89.17 30.88 41.45
C VAL C 1398 -89.04 29.38 41.68
N LYS C 1399 -88.48 28.99 42.82
CA LYS C 1399 -88.55 27.58 43.19
C LYS C 1399 -89.99 27.12 43.33
N ASN C 1400 -90.90 28.05 43.60
CA ASN C 1400 -92.33 27.78 43.60
C ASN C 1400 -92.96 28.09 42.26
N ALA C 1401 -92.16 28.13 41.20
CA ALA C 1401 -92.67 28.61 39.92
C ALA C 1401 -93.93 27.82 39.57
N PRO C 1402 -95.05 28.50 39.35
CA PRO C 1402 -96.17 27.84 38.69
C PRO C 1402 -95.72 27.17 37.40
N GLY C 1403 -95.14 27.93 36.48
CA GLY C 1403 -94.44 27.31 35.39
C GLY C 1403 -93.13 26.78 35.92
N GLN C 1404 -92.06 26.94 35.16
CA GLN C 1404 -90.72 26.61 35.63
C GLN C 1404 -89.79 27.71 35.14
N TYR C 1405 -88.95 28.23 36.05
CA TYR C 1405 -88.10 29.38 35.77
C TYR C 1405 -86.64 28.94 35.76
N ILE C 1406 -85.93 29.33 34.70
CA ILE C 1406 -84.60 28.80 34.43
C ILE C 1406 -83.56 29.92 34.50
N GLN C 1407 -82.35 29.58 34.98
CA GLN C 1407 -81.22 30.49 35.02
C GLN C 1407 -79.96 29.77 34.56
N CYS C 1408 -79.08 30.49 33.88
CA CYS C 1408 -78.03 29.79 33.16
C CYS C 1408 -76.90 30.74 32.77
N PHE C 1409 -75.71 30.17 32.68
CA PHE C 1409 -74.54 30.83 32.11
C PHE C 1409 -73.50 29.75 31.87
N THR C 1410 -72.24 30.14 31.80
CA THR C 1410 -71.16 29.18 31.81
C THR C 1410 -70.28 29.41 33.03
N VAL C 1411 -69.61 28.36 33.50
CA VAL C 1411 -68.80 28.43 34.70
C VAL C 1411 -67.35 28.12 34.34
N GLN C 1412 -66.46 28.36 35.31
CA GLN C 1412 -65.03 28.21 35.04
C GLN C 1412 -64.38 27.26 36.03
N PRO C 1413 -63.59 26.29 35.55
CA PRO C 1413 -63.05 25.25 36.43
C PRO C 1413 -61.97 25.79 37.35
N VAL C 1414 -61.39 24.86 38.11
CA VAL C 1414 -60.25 25.14 38.97
C VAL C 1414 -59.32 23.94 38.84
N LEU C 1415 -58.30 24.06 37.99
CA LEU C 1415 -57.49 22.91 37.63
C LEU C 1415 -56.57 22.51 38.77
N ASP C 1416 -56.41 21.20 38.98
CA ASP C 1416 -55.47 20.69 39.94
C ASP C 1416 -54.10 20.49 39.30
N GLU C 1417 -53.07 20.52 40.13
CA GLU C 1417 -51.76 20.03 39.75
C GLU C 1417 -51.81 18.52 39.52
N HIS C 1418 -50.66 17.93 39.28
CA HIS C 1418 -50.69 16.49 39.10
C HIS C 1418 -49.48 15.82 39.70
N PRO C 1419 -49.61 14.54 40.04
CA PRO C 1419 -48.42 13.71 40.25
C PRO C 1419 -47.42 13.91 39.16
N ARG C 1420 -47.88 14.19 37.95
CA ARG C 1420 -46.99 14.60 36.89
C ARG C 1420 -46.85 16.11 36.79
N PHE C 1421 -47.84 16.85 37.27
CA PHE C 1421 -47.93 18.24 36.90
C PHE C 1421 -48.11 19.14 38.09
N LYS C 1422 -47.24 18.97 39.07
CA LYS C 1422 -47.01 20.03 40.04
C LYS C 1422 -46.36 21.23 39.35
N ASN C 1423 -45.16 21.05 38.79
CA ASN C 1423 -44.41 22.20 38.29
C ASN C 1423 -43.69 21.99 36.98
N LYS C 1424 -43.57 20.73 36.53
CA LYS C 1424 -42.56 20.39 35.53
C LYS C 1424 -42.64 21.30 34.30
N PRO C 1425 -41.52 21.52 33.66
CA PRO C 1425 -41.55 22.10 32.32
C PRO C 1425 -42.14 21.09 31.38
N VAL C 1426 -43.37 21.31 30.98
CA VAL C 1426 -44.18 20.29 30.33
C VAL C 1426 -44.51 20.74 28.91
N PRO C 1427 -44.12 19.99 27.90
CA PRO C 1427 -44.71 20.20 26.57
C PRO C 1427 -46.21 20.12 26.62
N ASP C 1428 -46.85 21.08 25.96
CA ASP C 1428 -48.16 21.52 26.43
C ASP C 1428 -49.28 20.58 26.04
N GLN C 1429 -49.33 20.14 24.78
CA GLN C 1429 -50.54 19.52 24.27
C GLN C 1429 -51.02 18.44 25.22
N ILE C 1430 -50.11 17.87 26.01
CA ILE C 1430 -50.54 17.02 27.11
C ILE C 1430 -50.97 17.86 28.31
N ILE C 1431 -50.27 18.94 28.60
CA ILE C 1431 -50.59 19.72 29.79
C ILE C 1431 -51.95 20.35 29.68
N ASN C 1432 -52.46 20.46 28.48
CA ASN C 1432 -53.63 21.28 28.27
C ASN C 1432 -54.93 20.53 28.48
N PHE C 1433 -54.88 19.20 28.32
CA PHE C 1433 -56.09 18.40 28.43
C PHE C 1433 -56.65 18.46 29.83
N TYR C 1434 -55.78 18.40 30.81
CA TYR C 1434 -56.18 18.41 32.20
C TYR C 1434 -56.84 19.71 32.60
N LYS C 1435 -56.54 20.81 31.92
CA LYS C 1435 -57.00 22.12 32.35
C LYS C 1435 -58.49 22.13 32.66
N SER C 1436 -59.27 21.39 31.90
CA SER C 1436 -60.70 21.37 32.17
C SER C 1436 -61.33 19.99 31.96
N ASN C 1437 -60.56 18.96 31.63
CA ASN C 1437 -61.11 17.62 31.55
C ASN C 1437 -60.81 16.87 32.82
N TYR C 1438 -61.74 15.98 33.20
CA TYR C 1438 -61.69 15.27 34.47
C TYR C 1438 -61.62 16.25 35.64
N VAL C 1439 -62.28 17.41 35.54
CA VAL C 1439 -62.18 18.44 36.57
C VAL C 1439 -63.48 18.56 37.35
N GLN C 1440 -63.37 19.08 38.57
CA GLN C 1440 -64.47 19.09 39.52
C GLN C 1440 -64.80 20.47 40.07
N ARG C 1441 -63.79 21.26 40.42
CA ARG C 1441 -64.01 22.54 41.07
C ARG C 1441 -64.20 23.63 40.02
N PHE C 1442 -65.10 24.56 40.30
CA PHE C 1442 -65.48 25.52 39.28
C PHE C 1442 -65.80 26.87 39.89
N HIS C 1443 -65.79 27.90 39.03
CA HIS C 1443 -66.15 29.24 39.45
C HIS C 1443 -67.07 29.88 38.42
N TYR C 1444 -67.54 31.08 38.76
CA TYR C 1444 -68.29 31.91 37.82
C TYR C 1444 -68.41 33.33 38.33
N SER C 1445 -68.05 34.28 37.50
CA SER C 1445 -67.89 35.67 37.89
C SER C 1445 -69.17 36.48 37.68
N ARG C 1446 -69.29 37.58 38.44
CA ARG C 1446 -70.24 38.66 38.19
C ARG C 1446 -69.92 39.85 39.09
N PRO C 1447 -69.76 41.05 38.56
CA PRO C 1447 -69.37 42.19 39.39
C PRO C 1447 -70.53 43.00 39.94
N VAL C 1448 -70.16 44.09 40.62
CA VAL C 1448 -71.08 45.04 41.24
C VAL C 1448 -70.44 46.42 41.16
N ARG C 1449 -71.23 47.43 41.49
CA ARG C 1449 -70.83 48.83 41.41
C ARG C 1449 -71.03 49.44 42.78
N ARG C 1450 -69.97 49.50 43.59
CA ARG C 1450 -70.13 49.92 44.98
C ARG C 1450 -69.59 51.32 45.24
N GLY C 1451 -68.31 51.55 45.04
CA GLY C 1451 -67.73 52.83 45.37
C GLY C 1451 -67.76 53.79 44.20
N THR C 1452 -67.84 55.08 44.51
CA THR C 1452 -67.48 56.10 43.55
C THR C 1452 -65.97 56.17 43.49
N VAL C 1453 -65.41 55.86 42.32
CA VAL C 1453 -64.01 55.46 42.22
C VAL C 1453 -63.22 56.55 41.51
N ASP C 1454 -61.89 56.45 41.62
CA ASP C 1454 -61.02 57.33 40.85
C ASP C 1454 -61.37 57.21 39.38
N PRO C 1455 -61.90 58.26 38.77
CA PRO C 1455 -62.54 58.11 37.45
C PRO C 1455 -61.63 57.49 36.40
N GLU C 1456 -60.35 57.82 36.36
CA GLU C 1456 -59.44 57.06 35.53
C GLU C 1456 -58.72 56.00 36.33
N ASN C 1457 -58.19 56.36 37.49
CA ASN C 1457 -57.46 55.45 38.35
C ASN C 1457 -58.47 54.50 39.00
N GLU C 1458 -59.24 53.85 38.14
CA GLU C 1458 -60.47 53.22 38.57
C GLU C 1458 -60.25 51.99 39.43
N PHE C 1459 -59.01 51.67 39.75
CA PHE C 1459 -58.79 50.46 40.50
C PHE C 1459 -59.27 50.53 41.94
N ALA C 1460 -59.71 51.69 42.40
CA ALA C 1460 -59.97 51.87 43.82
C ALA C 1460 -61.07 50.95 44.33
N SER C 1461 -62.26 51.02 43.74
CA SER C 1461 -63.44 50.40 44.34
C SER C 1461 -64.12 49.47 43.34
N MET C 1462 -63.35 48.55 42.78
CA MET C 1462 -63.84 47.53 41.86
C MET C 1462 -64.26 46.29 42.66
N TRP C 1463 -65.55 45.96 42.62
CA TRP C 1463 -66.06 44.83 43.39
C TRP C 1463 -66.79 43.85 42.49
N ILE C 1464 -66.60 42.56 42.78
CA ILE C 1464 -67.19 41.49 41.99
C ILE C 1464 -67.34 40.21 42.79
N GLU C 1465 -68.54 39.66 42.78
CA GLU C 1465 -68.75 38.32 43.30
C GLU C 1465 -68.62 37.32 42.16
N ARG C 1466 -67.62 36.48 42.24
CA ARG C 1466 -67.65 35.27 41.47
C ARG C 1466 -68.52 34.27 42.19
N THR C 1467 -68.95 33.26 41.48
CA THR C 1467 -69.68 32.15 42.07
C THR C 1467 -68.81 30.92 41.90
N SER C 1468 -68.43 30.31 43.01
CA SER C 1468 -67.60 29.11 43.01
C SER C 1468 -68.41 27.89 43.42
N PHE C 1469 -67.89 26.73 43.05
CA PHE C 1469 -68.64 25.49 43.18
C PHE C 1469 -67.67 24.37 43.55
N VAL C 1470 -67.88 23.79 44.71
CA VAL C 1470 -67.23 22.55 45.09
C VAL C 1470 -68.19 21.43 44.71
N THR C 1471 -67.82 20.61 43.75
CA THR C 1471 -68.80 19.84 42.99
C THR C 1471 -68.62 18.34 43.19
N ALA C 1472 -69.55 17.59 42.59
CA ALA C 1472 -69.65 16.16 42.85
C ALA C 1472 -68.46 15.40 42.29
N TYR C 1473 -68.18 15.57 41.00
CA TYR C 1473 -67.23 14.68 40.37
C TYR C 1473 -66.47 15.43 39.31
N LYS C 1474 -65.83 14.67 38.44
CA LYS C 1474 -65.11 15.16 37.28
C LYS C 1474 -66.02 15.02 36.05
N LEU C 1475 -65.46 15.26 34.85
CA LEU C 1475 -66.26 15.23 33.63
C LEU C 1475 -65.34 15.21 32.43
N PRO C 1476 -65.68 14.51 31.34
CA PRO C 1476 -66.91 13.77 31.01
C PRO C 1476 -67.09 12.61 31.94
N GLY C 1477 -68.32 12.16 32.13
CA GLY C 1477 -68.53 11.12 33.09
C GLY C 1477 -69.36 9.98 32.54
N ILE C 1478 -70.28 9.48 33.37
CA ILE C 1478 -71.35 8.67 32.84
C ILE C 1478 -72.45 9.58 32.33
N LEU C 1479 -72.26 10.88 32.45
CA LEU C 1479 -73.14 11.86 31.86
C LEU C 1479 -72.30 13.03 31.37
N ARG C 1480 -72.95 13.95 30.67
CA ARG C 1480 -72.44 15.26 30.36
C ARG C 1480 -72.59 16.25 31.50
N TRP C 1481 -72.96 15.79 32.71
CA TRP C 1481 -72.90 16.58 33.94
C TRP C 1481 -73.43 15.73 35.08
N PHE C 1482 -73.37 16.31 36.27
CA PHE C 1482 -74.05 15.83 37.47
C PHE C 1482 -74.35 17.07 38.32
N GLU C 1483 -74.63 16.89 39.61
CA GLU C 1483 -75.03 17.99 40.49
C GLU C 1483 -73.84 18.54 41.27
N VAL C 1484 -73.77 19.86 41.34
CA VAL C 1484 -72.75 20.54 42.15
C VAL C 1484 -73.03 20.23 43.61
N VAL C 1485 -71.99 19.84 44.35
CA VAL C 1485 -72.16 19.70 45.79
C VAL C 1485 -72.48 21.05 46.43
N HIS C 1486 -71.90 22.11 45.92
CA HIS C 1486 -71.94 23.38 46.62
C HIS C 1486 -71.65 24.56 45.72
N MET C 1487 -72.45 25.61 45.86
CA MET C 1487 -72.32 26.85 45.16
C MET C 1487 -72.15 28.00 46.14
N SER C 1488 -71.55 29.10 45.68
CA SER C 1488 -71.16 30.17 46.59
C SER C 1488 -70.92 31.46 45.84
N GLN C 1489 -71.39 32.57 46.39
CA GLN C 1489 -71.06 33.88 45.87
C GLN C 1489 -69.98 34.54 46.71
N THR C 1490 -69.11 35.33 46.07
CA THR C 1490 -68.00 35.96 46.78
C THR C 1490 -67.52 37.19 46.03
N THR C 1491 -67.70 38.38 46.61
CA THR C 1491 -67.17 39.61 46.04
C THR C 1491 -65.78 39.88 46.60
N ILE C 1492 -64.88 40.25 45.71
CA ILE C 1492 -63.50 40.44 46.05
C ILE C 1492 -63.23 41.92 46.20
N SER C 1493 -62.11 42.24 46.77
CA SER C 1493 -61.57 43.58 46.66
C SER C 1493 -61.01 43.77 45.26
N PRO C 1494 -61.03 45.00 44.73
CA PRO C 1494 -60.32 45.24 43.47
C PRO C 1494 -58.88 44.85 43.58
N LEU C 1495 -58.39 44.79 44.82
CA LEU C 1495 -57.08 44.25 45.08
C LEU C 1495 -56.98 42.80 44.63
N GLU C 1496 -57.97 41.98 44.97
CA GLU C 1496 -57.95 40.61 44.47
C GLU C 1496 -57.88 40.61 42.97
N ASN C 1497 -58.75 41.40 42.34
CA ASN C 1497 -58.68 41.68 40.92
C ASN C 1497 -57.23 41.86 40.48
N ALA C 1498 -56.58 42.86 41.04
CA ALA C 1498 -55.23 43.21 40.63
C ALA C 1498 -54.27 42.05 40.79
N ILE C 1499 -54.07 41.63 42.04
CA ILE C 1499 -53.01 40.67 42.36
C ILE C 1499 -53.22 39.39 41.61
N GLU C 1500 -54.45 38.90 41.60
CA GLU C 1500 -54.71 37.59 41.06
C GLU C 1500 -54.57 37.62 39.54
N THR C 1501 -55.02 38.71 38.90
CA THR C 1501 -54.75 38.87 37.47
C THR C 1501 -53.27 38.78 37.18
N MET C 1502 -52.48 39.58 37.90
CA MET C 1502 -51.04 39.59 37.66
C MET C 1502 -50.44 38.21 37.89
N SER C 1503 -50.91 37.50 38.91
CA SER C 1503 -50.33 36.22 39.27
C SER C 1503 -50.59 35.18 38.20
N THR C 1504 -51.81 35.16 37.67
CA THR C 1504 -52.10 34.30 36.54
C THR C 1504 -51.16 34.57 35.39
N ALA C 1505 -51.08 35.84 35.00
CA ALA C 1505 -50.19 36.18 33.89
C ALA C 1505 -48.79 35.66 34.15
N ASN C 1506 -48.33 35.77 35.39
CA ASN C 1506 -46.93 35.53 35.68
C ASN C 1506 -46.61 34.04 35.79
N GLU C 1507 -47.53 33.23 36.31
CA GLU C 1507 -47.27 31.79 36.24
C GLU C 1507 -47.47 31.25 34.83
N LYS C 1508 -48.47 31.76 34.13
CA LYS C 1508 -48.57 31.57 32.70
C LYS C 1508 -47.21 31.72 32.04
N ILE C 1509 -46.52 32.80 32.36
CA ILE C 1509 -45.22 32.99 31.73
C ILE C 1509 -44.16 32.14 32.42
N LEU C 1510 -44.38 31.80 33.69
CA LEU C 1510 -43.46 30.88 34.36
C LEU C 1510 -43.35 29.58 33.60
N MET C 1511 -44.42 29.20 32.92
CA MET C 1511 -44.30 28.07 32.01
C MET C 1511 -43.92 28.51 30.61
N MET C 1512 -44.27 29.75 30.24
CA MET C 1512 -43.82 30.27 28.96
C MET C 1512 -42.31 30.17 28.83
N ILE C 1513 -41.61 30.29 29.96
CA ILE C 1513 -40.15 30.20 29.93
C ILE C 1513 -39.72 28.77 29.68
N ASN C 1514 -40.35 27.80 30.34
CA ASN C 1514 -40.04 26.41 30.06
C ASN C 1514 -40.22 26.10 28.58
N GLN C 1515 -41.20 26.74 27.94
CA GLN C 1515 -41.46 26.43 26.53
C GLN C 1515 -40.21 26.58 25.70
N TYR C 1516 -39.70 27.81 25.59
CA TYR C 1516 -38.48 27.99 24.84
C TYR C 1516 -37.24 27.54 25.63
N GLN C 1517 -37.44 27.01 26.84
CA GLN C 1517 -36.35 26.32 27.51
C GLN C 1517 -36.08 24.96 26.88
N SER C 1518 -37.14 24.23 26.55
CA SER C 1518 -37.02 22.86 26.06
C SER C 1518 -36.89 22.79 24.53
N ASP C 1519 -37.89 23.28 23.81
CA ASP C 1519 -38.00 23.06 22.38
C ASP C 1519 -37.81 24.34 21.59
N GLU C 1520 -37.95 24.24 20.28
CA GLU C 1520 -37.50 25.25 19.36
C GLU C 1520 -38.53 25.68 18.32
N THR C 1521 -39.39 24.78 17.86
CA THR C 1521 -40.30 25.10 16.75
C THR C 1521 -41.42 26.03 17.16
N LEU C 1522 -41.31 26.62 18.34
CA LEU C 1522 -42.32 27.53 18.84
C LEU C 1522 -42.31 28.83 18.04
N PRO C 1523 -43.44 29.23 17.48
CA PRO C 1523 -43.47 30.44 16.66
C PRO C 1523 -43.14 31.69 17.46
N ILE C 1524 -42.85 32.76 16.72
CA ILE C 1524 -42.61 34.06 17.32
C ILE C 1524 -43.90 34.70 17.78
N ASN C 1525 -45.02 34.37 17.14
CA ASN C 1525 -46.32 34.95 17.51
C ASN C 1525 -46.54 34.99 19.02
N PRO C 1526 -46.47 33.86 19.76
CA PRO C 1526 -46.84 33.90 21.18
C PRO C 1526 -46.02 34.89 21.99
N LEU C 1527 -44.70 34.68 22.03
CA LEU C 1527 -43.85 35.46 22.91
C LEU C 1527 -43.84 36.93 22.54
N SER C 1528 -43.52 37.25 21.29
CA SER C 1528 -43.39 38.66 20.94
C SER C 1528 -44.73 39.35 21.02
N MET C 1529 -45.81 38.64 20.72
CA MET C 1529 -47.12 39.28 20.79
C MET C 1529 -47.54 39.51 22.24
N LEU C 1530 -47.22 38.57 23.13
CA LEU C 1530 -47.54 38.80 24.53
C LEU C 1530 -46.67 39.90 25.11
N LEU C 1531 -45.47 40.09 24.54
CA LEU C 1531 -44.70 41.25 24.93
C LEU C 1531 -45.31 42.53 24.38
N ASN C 1532 -45.87 42.47 23.17
CA ASN C 1532 -46.70 43.56 22.69
C ASN C 1532 -47.81 43.87 23.67
N GLY C 1533 -48.33 42.83 24.33
CA GLY C 1533 -49.39 43.02 25.29
C GLY C 1533 -48.92 43.62 26.59
N ILE C 1534 -48.17 42.83 27.38
CA ILE C 1534 -47.74 43.31 28.69
C ILE C 1534 -46.81 44.50 28.53
N VAL C 1535 -45.80 44.35 27.69
CA VAL C 1535 -44.79 45.38 27.54
C VAL C 1535 -45.38 46.63 26.91
N ASP C 1536 -46.31 46.47 25.96
CA ASP C 1536 -46.93 47.64 25.37
C ASP C 1536 -48.40 47.73 25.79
N PRO C 1537 -48.73 48.54 26.79
CA PRO C 1537 -50.14 48.85 27.02
C PRO C 1537 -50.63 49.69 25.86
N ALA C 1538 -50.83 49.04 24.71
CA ALA C 1538 -51.01 49.77 23.45
C ALA C 1538 -51.98 50.92 23.59
N VAL C 1539 -52.94 50.80 24.50
CA VAL C 1539 -53.90 51.88 24.71
C VAL C 1539 -53.55 52.69 25.95
N MET C 1540 -52.97 52.05 26.96
CA MET C 1540 -52.85 52.62 28.28
C MET C 1540 -51.38 52.85 28.63
N GLY C 1541 -51.14 53.30 29.85
CA GLY C 1541 -49.79 53.25 30.40
C GLY C 1541 -49.47 51.91 31.01
N GLY C 1542 -50.49 51.08 31.27
CA GLY C 1542 -50.29 49.78 31.86
C GLY C 1542 -51.03 49.66 33.18
N PHE C 1543 -50.49 48.82 34.07
CA PHE C 1543 -51.12 48.60 35.38
C PHE C 1543 -50.63 49.65 36.37
N ALA C 1544 -50.32 50.83 35.87
CA ALA C 1544 -49.89 51.94 36.72
C ALA C 1544 -50.95 52.34 37.72
N LYS C 1545 -52.22 52.07 37.45
CA LYS C 1545 -53.23 52.39 38.44
C LYS C 1545 -53.29 51.36 39.55
N TYR C 1546 -52.56 50.25 39.40
CA TYR C 1546 -52.19 49.50 40.60
C TYR C 1546 -51.33 50.35 41.51
N GLU C 1547 -50.66 51.36 40.97
CA GLU C 1547 -50.07 52.35 41.84
C GLU C 1547 -51.09 53.43 42.18
N LYS C 1548 -51.57 54.14 41.16
CA LYS C 1548 -52.40 55.31 41.34
C LYS C 1548 -53.61 55.05 42.22
N ALA C 1549 -54.11 53.82 42.26
CA ALA C 1549 -55.12 53.41 43.23
C ALA C 1549 -54.56 52.47 44.27
N PHE C 1550 -54.01 51.33 43.88
CA PHE C 1550 -53.61 50.35 44.88
C PHE C 1550 -52.27 50.70 45.53
N PHE C 1551 -51.21 50.90 44.75
CA PHE C 1551 -49.92 51.16 45.37
C PHE C 1551 -49.78 52.58 45.88
N THR C 1552 -50.67 53.50 45.49
CA THR C 1552 -50.69 54.78 46.19
C THR C 1552 -51.00 54.58 47.67
N GLU C 1553 -50.47 55.49 48.47
CA GLU C 1553 -50.66 55.50 49.91
C GLU C 1553 -52.08 55.22 50.33
N GLU C 1554 -53.05 55.54 49.46
CA GLU C 1554 -54.44 55.58 49.86
C GLU C 1554 -54.97 54.19 50.22
N TYR C 1555 -54.53 53.16 49.50
CA TYR C 1555 -54.82 51.80 49.96
C TYR C 1555 -53.93 51.42 51.12
N VAL C 1556 -52.67 51.82 51.05
CA VAL C 1556 -51.69 51.58 52.08
C VAL C 1556 -52.27 52.01 53.43
N ARG C 1557 -53.26 52.89 53.42
CA ARG C 1557 -53.87 53.44 54.64
C ARG C 1557 -55.32 53.03 54.87
N ASP C 1558 -56.19 53.13 53.87
CA ASP C 1558 -57.56 52.68 54.06
C ASP C 1558 -57.61 51.19 54.37
N HIS C 1559 -56.69 50.44 53.78
CA HIS C 1559 -56.61 49.01 54.01
C HIS C 1559 -55.15 48.60 54.01
N PRO C 1560 -54.43 49.00 55.05
CA PRO C 1560 -53.03 48.62 55.14
C PRO C 1560 -52.81 47.13 55.13
N GLU C 1561 -53.81 46.36 55.53
CA GLU C 1561 -53.66 44.95 55.83
C GLU C 1561 -53.16 44.15 54.64
N ASP C 1562 -52.94 44.81 53.51
CA ASP C 1562 -52.57 44.12 52.29
C ASP C 1562 -51.37 44.75 51.60
N GLN C 1563 -50.54 45.48 52.33
CA GLN C 1563 -49.32 45.99 51.74
C GLN C 1563 -48.31 44.87 51.52
N ASP C 1564 -48.23 43.93 52.47
CA ASP C 1564 -47.70 42.61 52.14
C ASP C 1564 -48.26 42.14 50.83
N LYS C 1565 -49.55 42.33 50.65
CA LYS C 1565 -50.18 42.08 49.37
C LYS C 1565 -49.76 43.11 48.34
N LEU C 1566 -49.74 44.40 48.69
CA LEU C 1566 -49.17 45.39 47.79
C LEU C 1566 -47.80 44.93 47.33
N THR C 1567 -46.86 44.81 48.27
CA THR C 1567 -45.53 44.38 47.87
C THR C 1567 -45.56 43.02 47.22
N HIS C 1568 -46.57 42.20 47.55
CA HIS C 1568 -46.73 40.93 46.86
C HIS C 1568 -46.81 41.16 45.35
N LEU C 1569 -47.72 42.03 44.93
CA LEU C 1569 -47.72 42.52 43.57
C LEU C 1569 -46.34 43.00 43.17
N LYS C 1570 -45.74 43.85 44.00
CA LYS C 1570 -44.32 44.15 43.86
C LYS C 1570 -43.50 42.88 43.79
N ASP C 1571 -43.60 42.02 44.82
CA ASP C 1571 -42.94 40.72 44.77
C ASP C 1571 -43.20 40.03 43.45
N LEU C 1572 -44.40 40.18 42.93
CA LEU C 1572 -44.68 39.75 41.57
C LEU C 1572 -43.96 40.62 40.57
N ILE C 1573 -44.31 41.91 40.53
CA ILE C 1573 -43.78 42.80 39.51
C ILE C 1573 -42.27 42.69 39.45
N ALA C 1574 -41.62 42.77 40.62
CA ALA C 1574 -40.18 42.55 40.68
C ALA C 1574 -39.81 41.23 40.05
N TRP C 1575 -40.31 40.12 40.60
CA TRP C 1575 -40.06 38.82 39.99
C TRP C 1575 -40.67 38.71 38.60
N GLN C 1576 -41.58 39.61 38.25
CA GLN C 1576 -42.06 39.68 36.86
C GLN C 1576 -40.92 39.98 35.91
N ILE C 1577 -39.99 40.80 36.33
CA ILE C 1577 -38.99 41.39 35.45
C ILE C 1577 -37.79 40.50 35.13
N PRO C 1578 -37.15 39.86 36.11
CA PRO C 1578 -35.79 39.34 35.85
C PRO C 1578 -35.77 38.31 34.75
N PHE C 1579 -36.60 37.29 34.86
CA PHE C 1579 -36.63 36.28 33.82
C PHE C 1579 -37.21 36.84 32.54
N LEU C 1580 -38.17 37.76 32.63
CA LEU C 1580 -38.42 38.63 31.50
C LEU C 1580 -37.13 39.30 31.07
N GLY C 1581 -36.53 40.07 31.98
CA GLY C 1581 -35.19 40.57 31.75
C GLY C 1581 -34.22 39.51 31.28
N ALA C 1582 -34.50 38.23 31.60
CA ALA C 1582 -33.84 37.16 30.88
C ALA C 1582 -34.56 36.85 29.57
N GLY C 1583 -35.79 36.34 29.69
CA GLY C 1583 -36.51 35.89 28.51
C GLY C 1583 -36.77 36.98 27.49
N ILE C 1584 -37.22 38.15 27.94
CA ILE C 1584 -37.31 39.28 27.02
C ILE C 1584 -35.97 39.51 26.37
N LYS C 1585 -34.91 39.52 27.17
CA LYS C 1585 -33.56 39.41 26.65
C LYS C 1585 -33.47 38.26 25.66
N ILE C 1586 -33.74 37.04 26.14
CA ILE C 1586 -33.71 35.89 25.25
C ILE C 1586 -34.69 36.08 24.10
N HIS C 1587 -35.73 36.91 24.29
CA HIS C 1587 -36.68 37.17 23.23
C HIS C 1587 -35.99 37.68 21.97
N GLU C 1588 -34.98 38.55 22.14
CA GLU C 1588 -34.28 39.09 20.98
C GLU C 1588 -33.63 37.99 20.16
N LYS C 1589 -33.28 36.88 20.79
CA LYS C 1589 -32.70 35.76 20.06
C LYS C 1589 -33.60 35.23 18.96
N ARG C 1590 -34.85 35.70 18.88
CA ARG C 1590 -35.75 35.20 17.86
C ARG C 1590 -36.63 36.30 17.26
N VAL C 1591 -36.15 37.54 17.23
CA VAL C 1591 -37.00 38.66 16.81
C VAL C 1591 -36.92 38.84 15.31
N SER C 1592 -38.07 39.18 14.71
CA SER C 1592 -38.13 39.48 13.30
C SER C 1592 -37.53 40.85 13.00
N ASP C 1593 -37.50 41.19 11.71
CA ASP C 1593 -36.76 42.37 11.29
C ASP C 1593 -37.68 43.57 11.09
N ASN C 1594 -38.94 43.36 10.71
CA ASN C 1594 -39.90 44.45 10.87
C ASN C 1594 -40.10 44.77 12.34
N LEU C 1595 -40.06 43.75 13.19
CA LEU C 1595 -40.17 43.94 14.62
C LEU C 1595 -38.89 44.49 15.23
N ARG C 1596 -37.74 44.05 14.74
CA ARG C 1596 -36.45 44.45 15.31
C ARG C 1596 -36.33 45.94 15.64
N PRO C 1597 -36.77 46.88 14.79
CA PRO C 1597 -36.70 48.29 15.21
C PRO C 1597 -37.67 48.54 16.34
N PHE C 1598 -38.93 48.18 16.10
CA PHE C 1598 -39.91 48.33 17.16
C PHE C 1598 -39.60 47.40 18.32
N HIS C 1599 -38.82 46.36 18.08
CA HIS C 1599 -38.40 45.51 19.19
C HIS C 1599 -37.31 46.17 20.02
N ASP C 1600 -36.43 46.94 19.38
CA ASP C 1600 -35.49 47.73 20.17
C ASP C 1600 -36.21 48.80 20.93
N ARG C 1601 -37.24 49.38 20.32
CA ARG C 1601 -38.11 50.31 21.05
C ARG C 1601 -38.78 49.60 22.21
N MET C 1602 -39.10 48.33 22.01
CA MET C 1602 -39.63 47.51 23.08
C MET C 1602 -38.61 47.37 24.20
N GLU C 1603 -37.39 46.99 23.86
CA GLU C 1603 -36.30 46.93 24.82
C GLU C 1603 -36.14 48.26 25.51
N GLU C 1604 -36.39 49.33 24.78
CA GLU C 1604 -36.36 50.67 25.34
C GLU C 1604 -37.41 50.83 26.43
N CYS C 1605 -38.68 50.75 26.04
CA CYS C 1605 -39.74 50.90 27.03
C CYS C 1605 -39.55 49.88 28.14
N PHE C 1606 -38.92 48.77 27.82
CA PHE C 1606 -38.58 47.76 28.80
C PHE C 1606 -37.59 48.28 29.80
N LYS C 1607 -36.51 48.89 29.31
CA LYS C 1607 -35.59 49.54 30.22
C LYS C 1607 -36.32 50.57 31.05
N ASN C 1608 -37.23 51.31 30.43
CA ASN C 1608 -38.01 52.33 31.14
C ASN C 1608 -38.71 51.70 32.32
N LEU C 1609 -39.63 50.80 32.02
CA LEU C 1609 -40.43 50.16 33.06
C LEU C 1609 -39.57 49.34 34.02
N LYS C 1610 -38.48 48.78 33.52
CA LYS C 1610 -37.69 47.85 34.31
C LYS C 1610 -36.90 48.60 35.36
N MET C 1611 -36.33 49.74 35.00
CA MET C 1611 -35.80 50.61 36.02
C MET C 1611 -36.91 51.16 36.90
N LYS C 1612 -38.06 51.47 36.30
CA LYS C 1612 -39.13 52.07 37.10
C LYS C 1612 -39.55 51.15 38.23
N VAL C 1613 -39.71 49.87 37.95
CA VAL C 1613 -39.91 48.91 39.02
C VAL C 1613 -38.62 48.75 39.82
N GLU C 1614 -37.47 48.83 39.16
CA GLU C 1614 -36.21 48.89 39.89
C GLU C 1614 -36.08 50.20 40.65
N LYS C 1615 -36.83 51.22 40.26
CA LYS C 1615 -37.05 52.39 41.08
C LYS C 1615 -38.24 52.21 42.02
N GLU C 1616 -39.01 51.15 41.84
CA GLU C 1616 -40.18 50.89 42.66
C GLU C 1616 -40.04 49.62 43.49
N TYR C 1617 -39.80 48.48 42.86
CA TYR C 1617 -39.77 47.19 43.54
C TYR C 1617 -38.48 46.42 43.29
N GLY C 1618 -37.57 46.97 42.49
CA GLY C 1618 -36.33 46.27 42.25
C GLY C 1618 -36.54 45.03 41.39
N VAL C 1619 -35.50 44.21 41.36
CA VAL C 1619 -35.48 42.96 40.61
C VAL C 1619 -35.35 41.82 41.61
N ARG C 1620 -35.94 40.67 41.26
CA ARG C 1620 -35.89 39.50 42.13
C ARG C 1620 -35.95 38.22 41.31
#